data_7UH8
#
_entry.id   7UH8
#
_cell.length_a   258.690
_cell.length_b   144.040
_cell.length_c   104.810
_cell.angle_alpha   90.000
_cell.angle_beta   90.000
_cell.angle_gamma   90.000
#
_symmetry.space_group_name_H-M   'P 21 21 2'
#
loop_
_entity.id
_entity.type
_entity.pdbx_description
1 polymer 'Integrin alpha-IIb heavy chain'
2 polymer 'Isoform Beta-3C of Integrin beta-3'
3 polymer '10E5 Fab heavy chain'
4 polymer '10E5 Fab light chain'
5 branched alpha-D-mannopyranose-(1-3)-[alpha-D-mannopyranose-(1-6)]beta-D-mannopyranose-(1-4)-2-acetamido-2-deoxy-beta-D-glucopyranose-(1-4)-2-acetamido-2-deoxy-beta-D-glucopyranose
6 branched 2-acetamido-2-deoxy-beta-D-glucopyranose-(1-4)-2-acetamido-2-deoxy-beta-D-glucopyranose
7 branched alpha-D-mannopyranose-(1-3)-beta-D-mannopyranose-(1-4)-2-acetamido-2-deoxy-beta-D-glucopyranose-(1-4)-2-acetamido-2-deoxy-beta-D-glucopyranose
8 non-polymer 'SULFATE ION'
9 non-polymer 'CALCIUM ION'
10 non-polymer 'MANGANESE (II) ION'
11 non-polymer 2-acetamido-2-deoxy-beta-D-glucopyranose
12 non-polymer Roxifiban
13 non-polymer 'CHLORIDE ION'
14 water water
#
loop_
_entity_poly.entity_id
_entity_poly.type
_entity_poly.pdbx_seq_one_letter_code
_entity_poly.pdbx_strand_id
1 'polypeptide(L)'
;LNLDPVQLTFYAGPNGSQFGFSLDFHKDSHGRVAIVVGAPRTLGPSQEETGGVFLCPWRAEGGQCPSLLFDLRDETRNVG
SQTLQTFKARQGLGASVVSWSDVIVACAPWQHWNVLEKTEEAEKTPVGSCFLAQPESGRRAEYSPCRGNTLSRIYVENDF
SWDKRYCEAGFSSVVTQAGELVLGAPGGYYFLGLLAQAPVADIFSSYRPGILLWHVSSQSLSFDSSNPEYFDGYWGYSVA
VGEFDGDLNTTEYVVGAPTWSWTLGAVEILDSYYQRLHRLRGEQMASYFGHSVAVTDVNGDGRHDLLVGAPLYMESRADR
KLAEVGRVYLFLQPRGPHALGAPSLLLTGTQLYGRFGSAIAPLGDLDRDGYNDIAVAAPYGGPSGRGQVLVFLGQSEGLR
SRPSQVLDSPFPTGSAFGFSLRGAVDIDDNGYPDLIVGAYGANQVAVYRAQPVVKAS
;
A,C
2 'polypeptide(L)'
;GPNICTTRGVSSCQQCLAVSPMCAWCSDEALPLGSPRCDLKENLLKDNCAPESIEFPVSEARVLEDRPLSDKGSGDSSQV
TQVSPQRIALRLRPDDSKNFSIQVRQVEDYPVDIYYLMDLSYSMKDDLWSIQNLGTKLATQMRKLTSNLRIGFGAFVDKP
VSPYMYISPPEALENPCYDMKTTCLPMFGYKHVLTLTDQVTRFNEEVKKQSVSRNRDAPEGGFDAIMQATVCDEKIGWRN
DASHLLVFTTDAKTHIALDGRLAGIVQPNDGQCHVGSDNHYSASTTMDYPSLGLMTEKLSQKNINLIFAVTENVVNLYQN
YSELIPGTTVGVLSMDSSNVLQLIVDAYGKIRSKVELEVRDLPEELSLSFNATCLNNEVIPGLKSCMGLKIGDTVSFSIE
AKVRGCPQEKEKSFTIKPVGFKDSLIVQVTFDCDCACQAQAEPNSHRCNNGNGTFECGVCRCGPGWLGSQCE
;
B,D
3 'polypeptide(L)'
;EVQLQQSGAELVKPGASVKLSCTASGFNIKDTYVHWVKQRPEQGLEWIGRIDPANGYTKYDPKFQGKATITADTSSNTAY
LQLSSLTSEDTAVYYCVRPLYDYYAMDYWGQGTSVTVSSAKTTAPSVYPLAPVCGDTTGSSVTLGCLVKGYFPEPVTLTW
NSGSLSSGVHTFPAVLQSDLYTLSSSVTVTSSTWPSQSITCNVAHPASSTKVDKKIEPRGP
;
E,H
4 'polypeptide(L)'
;DILMTQSPSSMSVSLGDTVSITCHASQGISSNIGWLQQKPGKSFMGLIYYGTNLVDGVPSRFSGSGSGADYSLTISSLDS
EDFADYYCVQYAQLPYTFGGGTKLEIKRADAAPTVSIFPPSSEQLTSGGASVVCFLNNFYPKDINVKWKIDGSERQNGVL
NSWTDQDSKDSTYSMSSTLTLTKDEYERHNSYTCEATHKTSTSPIVKSFNRNEC
;
F,L
#
loop_
_chem_comp.id
_chem_comp.type
_chem_comp.name
_chem_comp.formula
BMA D-saccharide, beta linking beta-D-mannopyranose 'C6 H12 O6'
CA non-polymer 'CALCIUM ION' 'Ca 2'
CL non-polymer 'CHLORIDE ION' 'Cl -1'
MAN D-saccharide, alpha linking alpha-D-mannopyranose 'C6 H12 O6'
MN non-polymer 'MANGANESE (II) ION' 'Mn 2'
N9U non-polymer Roxifiban 'C20 H27 N5 O6'
NAG D-saccharide, beta linking 2-acetamido-2-deoxy-beta-D-glucopyranose 'C8 H15 N O6'
SO4 non-polymer 'SULFATE ION' 'O4 S -2'
#
# COMPACT_ATOMS: atom_id res chain seq x y z
N LEU A 1 -17.53 5.68 44.84
CA LEU A 1 -18.41 6.54 45.65
C LEU A 1 -18.51 6.02 47.07
N ASN A 2 -18.88 4.74 47.20
CA ASN A 2 -19.24 4.14 48.47
C ASN A 2 -18.27 3.03 48.88
N LEU A 3 -17.01 3.13 48.48
CA LEU A 3 -15.98 2.28 49.04
C LEU A 3 -15.48 2.90 50.34
N ASP A 4 -15.21 2.07 51.33
CA ASP A 4 -14.80 2.52 52.66
C ASP A 4 -13.29 2.72 52.70
N PRO A 5 -12.81 3.96 52.64
CA PRO A 5 -11.35 4.21 52.64
C PRO A 5 -10.74 4.39 54.01
N VAL A 6 -11.46 4.05 55.08
CA VAL A 6 -10.98 4.23 56.45
C VAL A 6 -10.58 2.91 57.08
N GLN A 7 -11.45 1.91 57.01
CA GLN A 7 -11.21 0.60 57.62
C GLN A 7 -10.92 -0.40 56.52
N LEU A 8 -9.67 -0.47 56.12
CA LEU A 8 -9.22 -1.40 55.09
C LEU A 8 -8.78 -2.72 55.74
N THR A 9 -8.73 -3.76 54.92
CA THR A 9 -8.17 -5.04 55.31
C THR A 9 -6.87 -5.24 54.54
N PHE A 10 -5.84 -5.70 55.24
CA PHE A 10 -4.52 -5.87 54.65
C PHE A 10 -4.09 -7.33 54.75
N TYR A 11 -3.78 -7.93 53.61
CA TYR A 11 -3.10 -9.21 53.53
C TYR A 11 -1.66 -8.97 53.10
N ALA A 12 -0.76 -9.86 53.51
CA ALA A 12 0.66 -9.65 53.27
C ALA A 12 1.38 -10.98 53.12
N GLY A 13 2.50 -10.94 52.39
CA GLY A 13 3.31 -12.11 52.18
C GLY A 13 4.77 -11.86 52.47
N PRO A 14 5.65 -12.77 52.05
CA PRO A 14 7.06 -12.65 52.40
C PRO A 14 7.70 -11.42 51.78
N ASN A 15 8.78 -10.97 52.42
CA ASN A 15 9.53 -9.82 51.93
C ASN A 15 10.14 -10.15 50.57
N GLY A 16 9.83 -9.32 49.58
CA GLY A 16 10.44 -9.46 48.27
C GLY A 16 9.82 -10.50 47.37
N SER A 17 8.71 -11.12 47.76
CA SER A 17 8.07 -12.11 46.92
C SER A 17 7.17 -11.50 45.85
N GLN A 18 7.02 -10.18 45.84
CA GLN A 18 6.09 -9.49 44.94
C GLN A 18 4.66 -10.00 45.10
N PHE A 19 4.33 -10.39 46.34
CA PHE A 19 2.96 -10.75 46.72
C PHE A 19 2.01 -9.63 46.35
N GLY A 20 1.00 -9.94 45.54
CA GLY A 20 0.08 -8.94 45.03
C GLY A 20 0.26 -8.56 43.58
N PHE A 21 1.17 -9.21 42.85
CA PHE A 21 1.32 -8.97 41.43
C PHE A 21 0.05 -9.29 40.66
N SER A 22 -0.70 -10.30 41.11
CA SER A 22 -1.93 -10.71 40.46
C SER A 22 -2.87 -11.24 41.54
N LEU A 23 -4.17 -11.05 41.33
CA LEU A 23 -5.15 -11.48 42.32
C LEU A 23 -6.49 -11.71 41.65
N ASP A 24 -7.33 -12.49 42.35
CA ASP A 24 -8.70 -12.75 41.92
C ASP A 24 -9.46 -13.33 43.10
N PHE A 25 -10.79 -13.23 43.03
CA PHE A 25 -11.65 -13.86 44.02
C PHE A 25 -11.83 -15.34 43.68
N HIS A 26 -12.02 -16.16 44.70
CA HIS A 26 -12.24 -17.60 44.51
C HIS A 26 -13.34 -18.08 45.43
N LYS A 27 -14.43 -18.55 44.85
CA LYS A 27 -15.52 -19.16 45.61
C LYS A 27 -15.33 -20.67 45.61
N ASP A 28 -15.27 -21.26 46.79
CA ASP A 28 -15.18 -22.71 46.87
C ASP A 28 -16.54 -23.32 46.51
N SER A 29 -16.61 -24.66 46.57
CA SER A 29 -17.82 -25.37 46.16
C SER A 29 -19.05 -24.92 46.92
N HIS A 30 -18.89 -24.35 48.11
CA HIS A 30 -20.01 -23.88 48.91
C HIS A 30 -20.27 -22.39 48.76
N GLY A 31 -19.45 -21.68 47.98
CA GLY A 31 -19.68 -20.27 47.74
C GLY A 31 -18.93 -19.32 48.64
N ARG A 32 -18.09 -19.84 49.52
CA ARG A 32 -17.34 -18.98 50.44
C ARG A 32 -16.20 -18.29 49.69
N VAL A 33 -16.27 -16.98 49.58
CA VAL A 33 -15.31 -16.23 48.79
C VAL A 33 -13.97 -16.16 49.51
N ALA A 34 -12.91 -16.51 48.80
CA ALA A 34 -11.53 -16.31 49.23
C ALA A 34 -10.80 -15.47 48.19
N ILE A 35 -9.56 -15.09 48.51
CA ILE A 35 -8.71 -14.32 47.61
C ILE A 35 -7.50 -15.16 47.28
N VAL A 36 -7.25 -15.35 45.98
CA VAL A 36 -6.04 -16.00 45.51
C VAL A 36 -5.08 -14.91 45.04
N VAL A 37 -3.83 -15.01 45.51
CA VAL A 37 -2.83 -13.98 45.26
C VAL A 37 -1.59 -14.62 44.67
N GLY A 38 -1.05 -14.01 43.61
CA GLY A 38 0.17 -14.49 42.99
C GLY A 38 1.36 -13.70 43.48
N ALA A 39 2.42 -14.43 43.83
CA ALA A 39 3.67 -13.85 44.31
C ALA A 39 4.80 -14.40 43.44
N PRO A 40 5.11 -13.74 42.32
CA PRO A 40 5.96 -14.36 41.30
C PRO A 40 7.44 -14.44 41.65
N ARG A 41 7.87 -13.93 42.80
CA ARG A 41 9.26 -14.05 43.21
C ARG A 41 9.39 -14.73 44.56
N THR A 42 8.46 -15.61 44.89
CA THR A 42 8.56 -16.40 46.11
C THR A 42 9.71 -17.39 46.00
N LEU A 43 10.44 -17.58 47.10
CA LEU A 43 11.54 -18.53 47.11
C LEU A 43 11.02 -19.97 47.08
N GLY A 44 11.77 -20.83 46.42
CA GLY A 44 11.40 -22.22 46.30
C GLY A 44 12.12 -23.10 47.30
N PRO A 45 12.43 -24.34 46.90
CA PRO A 45 13.17 -25.24 47.79
C PRO A 45 14.67 -24.93 47.80
N SER A 46 15.25 -24.78 46.61
CA SER A 46 16.66 -24.46 46.40
C SER A 46 17.05 -23.05 46.82
N GLN A 47 16.18 -22.36 47.56
CA GLN A 47 16.37 -20.95 47.92
C GLN A 47 16.50 -20.07 46.69
N GLU A 48 15.79 -20.42 45.62
CA GLU A 48 15.84 -19.68 44.37
C GLU A 48 14.45 -19.15 44.04
N GLU A 49 14.41 -17.97 43.42
CA GLU A 49 13.14 -17.36 43.07
C GLU A 49 12.37 -18.22 42.07
N THR A 50 11.23 -18.75 42.49
CA THR A 50 10.37 -19.52 41.62
C THR A 50 8.95 -18.96 41.52
N GLY A 51 8.54 -18.11 42.44
CA GLY A 51 7.17 -17.68 42.49
C GLY A 51 6.29 -18.66 43.26
N GLY A 52 5.14 -18.16 43.70
CA GLY A 52 4.22 -18.98 44.47
C GLY A 52 2.85 -18.36 44.51
N VAL A 53 1.89 -19.15 44.97
CA VAL A 53 0.49 -18.76 44.99
C VAL A 53 -0.05 -18.97 46.40
N PHE A 54 -0.83 -17.99 46.87
CA PHE A 54 -1.44 -18.03 48.19
C PHE A 54 -2.95 -17.96 48.05
N LEU A 55 -3.66 -18.67 48.92
CA LEU A 55 -5.12 -18.68 48.95
C LEU A 55 -5.57 -18.10 50.28
N CYS A 56 -6.07 -16.87 50.25
CA CYS A 56 -6.34 -16.12 51.47
C CYS A 56 -7.80 -16.24 51.86
N PRO A 57 -8.12 -16.79 53.03
CA PRO A 57 -9.51 -16.77 53.50
C PRO A 57 -9.91 -15.37 53.93
N TRP A 58 -11.21 -15.08 53.84
CA TRP A 58 -11.70 -13.75 54.17
C TRP A 58 -11.71 -13.54 55.67
N ARG A 59 -10.92 -12.56 56.14
CA ARG A 59 -10.93 -12.13 57.53
C ARG A 59 -10.79 -10.62 57.55
N ALA A 60 -11.68 -9.94 58.27
CA ALA A 60 -11.64 -8.48 58.31
C ALA A 60 -10.31 -7.96 58.84
N GLU A 61 -9.63 -8.73 59.67
CA GLU A 61 -8.32 -8.32 60.15
C GLU A 61 -7.22 -8.58 59.13
N GLY A 62 -7.37 -9.59 58.29
CA GLY A 62 -6.35 -9.89 57.30
C GLY A 62 -5.19 -10.68 57.89
N GLY A 63 -4.00 -10.47 57.34
CA GLY A 63 -2.78 -11.04 57.88
C GLY A 63 -2.09 -11.93 56.86
N GLN A 64 -1.49 -13.01 57.36
CA GLN A 64 -0.77 -13.97 56.53
C GLN A 64 -1.74 -15.00 55.96
N CYS A 65 -1.34 -15.61 54.86
CA CYS A 65 -2.15 -16.59 54.15
C CYS A 65 -1.38 -17.89 53.99
N PRO A 66 -2.07 -19.01 53.82
CA PRO A 66 -1.38 -20.27 53.52
C PRO A 66 -1.06 -20.39 52.05
N SER A 67 0.00 -21.14 51.76
CA SER A 67 0.39 -21.36 50.38
C SER A 67 -0.56 -22.33 49.69
N LEU A 68 -0.70 -22.15 48.38
CA LEU A 68 -1.33 -23.15 47.51
C LEU A 68 -0.18 -23.89 46.82
N LEU A 69 0.11 -25.08 47.29
CA LEU A 69 1.36 -25.76 46.95
C LEU A 69 1.34 -26.28 45.52
N PHE A 70 2.46 -26.10 44.82
CA PHE A 70 2.70 -26.68 43.51
C PHE A 70 4.09 -27.31 43.48
N ASP A 71 4.29 -28.23 42.54
CA ASP A 71 5.60 -28.83 42.36
C ASP A 71 6.56 -27.81 41.79
N LEU A 72 7.73 -27.68 42.43
CA LEU A 72 8.74 -26.73 42.00
C LEU A 72 10.04 -27.40 41.58
N ARG A 73 10.03 -28.73 41.42
CA ARG A 73 11.22 -29.45 41.02
C ARG A 73 11.34 -29.44 39.50
N ASP A 74 12.54 -29.18 39.00
CA ASP A 74 12.79 -29.30 37.57
C ASP A 74 12.58 -30.75 37.14
N GLU A 75 12.04 -30.93 35.95
CA GLU A 75 11.67 -32.25 35.44
C GLU A 75 12.54 -32.63 34.25
N THR A 76 12.77 -33.94 34.10
CA THR A 76 13.59 -34.48 33.03
C THR A 76 13.01 -35.81 32.59
N ARG A 77 12.80 -35.98 31.29
CA ARG A 77 12.29 -37.22 30.73
C ARG A 77 13.12 -37.59 29.51
N ASN A 78 13.65 -38.81 29.51
CA ASN A 78 14.42 -39.34 28.38
C ASN A 78 13.50 -40.27 27.60
N VAL A 79 12.91 -39.77 26.52
CA VAL A 79 11.90 -40.50 25.77
C VAL A 79 12.12 -40.22 24.29
N GLY A 80 11.85 -41.23 23.47
CA GLY A 80 11.96 -41.08 22.02
C GLY A 80 13.34 -40.65 21.55
N SER A 81 14.39 -41.18 22.17
CA SER A 81 15.78 -40.83 21.89
C SER A 81 16.03 -39.33 22.01
N GLN A 82 15.20 -38.64 22.79
CA GLN A 82 15.34 -37.22 23.09
C GLN A 82 15.39 -37.04 24.60
N THR A 83 15.62 -35.80 25.02
CA THR A 83 15.64 -35.45 26.44
C THR A 83 14.83 -34.18 26.63
N LEU A 84 13.76 -34.29 27.41
CA LEU A 84 12.86 -33.17 27.70
C LEU A 84 13.23 -32.57 29.05
N GLN A 85 13.26 -31.24 29.12
CA GLN A 85 13.69 -30.54 30.32
C GLN A 85 12.77 -29.35 30.59
N THR A 86 12.33 -29.23 31.83
CA THR A 86 11.64 -28.03 32.30
C THR A 86 12.49 -27.37 33.36
N PHE A 87 12.56 -26.04 33.32
CA PHE A 87 13.37 -25.26 34.26
C PHE A 87 12.48 -24.23 34.92
N LYS A 88 12.25 -24.39 36.22
CA LYS A 88 11.34 -23.55 36.98
C LYS A 88 12.03 -22.41 37.70
N ALA A 89 13.34 -22.28 37.54
CA ALA A 89 14.06 -21.16 38.15
C ALA A 89 13.62 -19.85 37.53
N ARG A 90 13.23 -18.89 38.36
CA ARG A 90 12.78 -17.58 37.93
C ARG A 90 11.63 -17.67 36.92
N GLN A 91 10.76 -18.67 37.11
CA GLN A 91 9.64 -18.88 36.20
C GLN A 91 8.51 -17.89 36.42
N GLY A 92 8.44 -17.25 37.59
CA GLY A 92 7.40 -16.27 37.84
C GLY A 92 6.03 -16.85 38.10
N LEU A 93 5.94 -17.99 38.77
CA LEU A 93 4.65 -18.58 39.11
C LEU A 93 3.83 -17.59 39.93
N GLY A 94 2.63 -17.30 39.47
CA GLY A 94 1.81 -16.27 40.06
C GLY A 94 1.88 -14.92 39.40
N ALA A 95 2.54 -14.80 38.25
CA ALA A 95 2.54 -13.55 37.51
C ALA A 95 1.16 -13.20 36.97
N SER A 96 0.29 -14.20 36.84
CA SER A 96 -1.13 -13.96 36.62
C SER A 96 -1.90 -15.10 37.28
N VAL A 97 -3.05 -14.77 37.85
CA VAL A 97 -3.94 -15.77 38.44
C VAL A 97 -5.37 -15.44 38.04
N VAL A 98 -6.22 -16.46 38.05
CA VAL A 98 -7.62 -16.31 37.71
C VAL A 98 -8.36 -17.51 38.27
N SER A 99 -9.61 -17.27 38.69
CA SER A 99 -10.45 -18.33 39.24
C SER A 99 -11.68 -18.53 38.36
N TRP A 100 -12.13 -19.77 38.29
CA TRP A 100 -13.37 -20.11 37.61
C TRP A 100 -13.93 -21.37 38.26
N SER A 101 -15.18 -21.28 38.70
CA SER A 101 -15.79 -22.32 39.54
C SER A 101 -14.90 -22.56 40.75
N ASP A 102 -14.70 -23.83 41.13
CA ASP A 102 -13.83 -24.17 42.25
C ASP A 102 -12.42 -24.53 41.80
N VAL A 103 -11.92 -23.89 40.74
CA VAL A 103 -10.61 -24.17 40.18
C VAL A 103 -9.81 -22.88 40.11
N ILE A 104 -8.51 -22.98 40.41
CA ILE A 104 -7.59 -21.85 40.35
C ILE A 104 -6.56 -22.12 39.28
N VAL A 105 -6.29 -21.10 38.45
CA VAL A 105 -5.27 -21.18 37.41
C VAL A 105 -4.21 -20.13 37.71
N ALA A 106 -2.98 -20.59 37.97
CA ALA A 106 -1.83 -19.73 38.15
C ALA A 106 -0.77 -20.11 37.13
N CYS A 107 -0.06 -19.10 36.62
CA CYS A 107 0.83 -19.31 35.48
C CYS A 107 2.23 -18.79 35.77
N ALA A 108 3.22 -19.42 35.12
CA ALA A 108 4.63 -19.07 35.22
C ALA A 108 5.11 -18.68 33.82
N PRO A 109 4.89 -17.44 33.43
CA PRO A 109 5.15 -17.04 32.03
C PRO A 109 6.59 -17.23 31.58
N TRP A 110 7.50 -17.38 32.54
CA TRP A 110 8.91 -17.49 32.21
C TRP A 110 9.49 -18.83 32.64
N GLN A 111 8.66 -19.88 32.66
CA GLN A 111 9.19 -21.23 32.82
C GLN A 111 9.91 -21.65 31.55
N HIS A 112 11.18 -22.00 31.67
CA HIS A 112 11.97 -22.33 30.49
C HIS A 112 11.85 -23.81 30.14
N TRP A 113 12.22 -24.13 28.90
CA TRP A 113 12.04 -25.46 28.34
C TRP A 113 13.10 -25.67 27.27
N ASN A 114 13.62 -26.89 27.19
CA ASN A 114 14.59 -27.25 26.17
C ASN A 114 14.51 -28.74 25.90
N VAL A 115 14.91 -29.12 24.69
CA VAL A 115 14.92 -30.51 24.26
C VAL A 115 16.30 -30.82 23.72
N LEU A 116 16.86 -31.95 24.14
CA LEU A 116 18.21 -32.35 23.75
C LEU A 116 18.13 -33.65 22.94
N GLU A 117 18.76 -33.65 21.77
CA GLU A 117 18.91 -34.84 20.95
C GLU A 117 20.37 -34.90 20.49
N LYS A 118 21.15 -35.74 21.17
CA LYS A 118 22.58 -35.89 20.92
C LYS A 118 23.30 -34.56 21.12
N THR A 119 23.74 -33.95 20.03
CA THR A 119 24.47 -32.69 20.07
C THR A 119 23.60 -31.47 19.79
N GLU A 120 22.44 -31.65 19.16
CA GLU A 120 21.54 -30.56 18.86
C GLU A 120 20.64 -30.27 20.05
N GLU A 121 19.79 -29.25 19.91
CA GLU A 121 18.85 -28.90 20.97
C GLU A 121 17.74 -28.04 20.37
N ALA A 122 16.64 -27.94 21.12
CA ALA A 122 15.54 -27.08 20.73
C ALA A 122 15.77 -25.62 21.14
N GLU A 123 16.79 -25.37 21.97
CA GLU A 123 17.11 -24.09 22.62
C GLU A 123 16.30 -23.93 23.90
N LYS A 124 16.99 -23.54 24.98
CA LYS A 124 16.37 -23.28 26.27
C LYS A 124 15.64 -21.95 26.22
N THR A 125 14.31 -21.97 26.23
CA THR A 125 13.51 -20.80 25.96
C THR A 125 12.29 -20.78 26.87
N PRO A 126 11.72 -19.59 27.14
CA PRO A 126 10.55 -19.48 28.05
C PRO A 126 9.21 -19.73 27.37
N VAL A 127 8.84 -21.01 27.26
CA VAL A 127 7.53 -21.34 26.70
C VAL A 127 6.40 -20.97 27.64
N GLY A 128 6.67 -20.86 28.94
CA GLY A 128 5.63 -20.65 29.92
C GLY A 128 4.90 -21.94 30.25
N SER A 129 4.18 -21.90 31.37
CA SER A 129 3.38 -23.03 31.82
C SER A 129 2.38 -22.52 32.85
N CYS A 130 1.19 -23.10 32.85
CA CYS A 130 0.17 -22.77 33.84
C CYS A 130 -0.14 -23.99 34.69
N PHE A 131 -0.37 -23.75 35.97
CA PHE A 131 -0.70 -24.78 36.94
C PHE A 131 -2.16 -24.62 37.35
N LEU A 132 -2.86 -25.74 37.49
CA LEU A 132 -4.27 -25.73 37.82
C LEU A 132 -4.51 -26.56 39.07
N ALA A 133 -5.36 -26.06 39.96
CA ALA A 133 -5.60 -26.70 41.24
C ALA A 133 -7.07 -26.61 41.60
N GLN A 134 -7.57 -27.67 42.25
CA GLN A 134 -8.88 -27.70 42.87
C GLN A 134 -8.65 -27.79 44.37
N PRO A 135 -8.59 -26.65 45.08
CA PRO A 135 -8.06 -26.66 46.46
C PRO A 135 -8.76 -27.63 47.40
N GLU A 136 -10.07 -27.83 47.24
CA GLU A 136 -10.79 -28.69 48.16
C GLU A 136 -10.41 -30.15 47.97
N SER A 137 -10.18 -30.56 46.73
CA SER A 137 -9.91 -31.96 46.44
C SER A 137 -8.43 -32.27 46.36
N GLY A 138 -7.58 -31.28 46.17
CA GLY A 138 -6.17 -31.56 46.01
C GLY A 138 -5.77 -31.97 44.62
N ARG A 139 -6.69 -31.98 43.67
CA ARG A 139 -6.34 -32.30 42.29
C ARG A 139 -5.38 -31.24 41.73
N ARG A 140 -4.45 -31.69 40.90
CA ARG A 140 -3.48 -30.81 40.27
C ARG A 140 -3.33 -31.18 38.81
N ALA A 141 -2.90 -30.22 38.00
CA ALA A 141 -2.70 -30.43 36.57
C ALA A 141 -1.92 -29.25 36.00
N GLU A 142 -1.28 -29.49 34.87
CA GLU A 142 -0.50 -28.47 34.18
C GLU A 142 -1.01 -28.32 32.75
N TYR A 143 -0.66 -27.20 32.13
CA TYR A 143 -1.00 -26.95 30.73
C TYR A 143 0.09 -26.08 30.14
N SER A 144 0.74 -26.56 29.08
CA SER A 144 1.89 -25.88 28.49
C SER A 144 1.86 -26.10 26.99
N PRO A 145 0.99 -25.37 26.27
CA PRO A 145 0.73 -25.71 24.86
C PRO A 145 1.88 -25.35 23.92
N CYS A 146 2.79 -24.48 24.33
CA CYS A 146 3.86 -24.04 23.44
C CYS A 146 5.11 -24.89 23.54
N ARG A 147 5.15 -25.86 24.46
CA ARG A 147 6.24 -26.83 24.46
C ARG A 147 6.28 -27.56 23.14
N GLY A 148 7.49 -27.73 22.60
CA GLY A 148 7.68 -28.48 21.39
C GLY A 148 8.90 -29.37 21.50
N ASN A 149 9.04 -30.26 20.52
CA ASN A 149 10.22 -31.11 20.42
C ASN A 149 10.92 -30.96 19.08
N THR A 150 10.68 -29.86 18.37
CA THR A 150 11.37 -29.57 17.13
C THR A 150 12.73 -28.95 17.42
N LEU A 151 13.74 -29.37 16.66
CA LEU A 151 15.11 -28.97 16.93
C LEU A 151 15.42 -27.60 16.33
N SER A 152 16.51 -27.01 16.80
CA SER A 152 16.85 -25.63 16.44
C SER A 152 17.05 -25.48 14.94
N ARG A 153 17.73 -26.44 14.32
CA ARG A 153 18.08 -26.34 12.91
C ARG A 153 16.83 -26.24 12.03
N ILE A 154 15.76 -26.93 12.42
CA ILE A 154 14.55 -26.95 11.61
C ILE A 154 13.96 -25.55 11.50
N TYR A 155 13.80 -24.87 12.65
CA TYR A 155 13.24 -23.52 12.65
C TYR A 155 14.02 -22.59 11.73
N VAL A 156 15.32 -22.79 11.61
CA VAL A 156 16.14 -21.94 10.74
C VAL A 156 15.78 -22.18 9.28
N GLU A 157 15.60 -23.44 8.89
CA GLU A 157 15.30 -23.76 7.50
C GLU A 157 14.00 -23.11 7.05
N ASN A 158 12.97 -23.14 7.90
CA ASN A 158 11.65 -22.63 7.56
C ASN A 158 11.48 -21.16 7.94
N ASP A 159 12.58 -20.45 8.21
CA ASP A 159 12.54 -19.02 8.51
C ASP A 159 11.68 -18.72 9.73
N PHE A 160 11.82 -19.55 10.77
CA PHE A 160 11.19 -19.32 12.07
C PHE A 160 9.68 -19.14 11.96
N SER A 161 9.07 -19.80 10.99
CA SER A 161 7.62 -19.84 10.94
C SER A 161 7.09 -20.79 12.00
N TRP A 162 6.03 -20.36 12.69
CA TRP A 162 5.36 -21.17 13.70
C TRP A 162 6.31 -21.53 14.84
N ASP A 163 7.02 -20.52 15.34
CA ASP A 163 8.00 -20.69 16.41
C ASP A 163 7.32 -20.37 17.73
N LYS A 164 6.93 -21.42 18.47
CA LYS A 164 6.27 -21.26 19.77
C LYS A 164 7.24 -21.38 20.93
N ARG A 165 8.54 -21.15 20.71
CA ARG A 165 9.52 -21.42 21.74
C ARG A 165 9.57 -20.32 22.81
N TYR A 166 9.09 -19.12 22.52
CA TYR A 166 9.14 -18.01 23.48
C TYR A 166 7.76 -17.47 23.81
N CYS A 167 6.72 -18.30 23.70
CA CYS A 167 5.35 -17.88 23.94
C CYS A 167 5.18 -17.05 25.20
N GLU A 168 5.75 -17.55 26.31
CA GLU A 168 5.42 -17.07 27.63
C GLU A 168 3.93 -17.21 27.89
N ALA A 169 3.42 -18.42 27.71
CA ALA A 169 2.01 -18.68 27.94
C ALA A 169 1.64 -18.41 29.38
N GLY A 170 0.45 -17.86 29.60
CA GLY A 170 0.02 -17.48 30.93
C GLY A 170 0.41 -16.07 31.34
N PHE A 171 1.12 -15.34 30.48
CA PHE A 171 1.38 -13.92 30.70
C PHE A 171 0.11 -13.19 31.11
N SER A 172 -0.96 -13.41 30.35
CA SER A 172 -2.29 -12.96 30.70
C SER A 172 -3.25 -14.14 30.52
N SER A 173 -4.38 -14.09 31.23
CA SER A 173 -5.28 -15.24 31.23
C SER A 173 -6.70 -14.79 31.51
N VAL A 174 -7.64 -15.68 31.19
CA VAL A 174 -9.06 -15.46 31.43
C VAL A 174 -9.76 -16.79 31.18
N VAL A 175 -10.94 -16.97 31.76
CA VAL A 175 -11.72 -18.19 31.59
C VAL A 175 -13.14 -17.81 31.21
N THR A 176 -13.65 -18.42 30.15
CA THR A 176 -15.03 -18.19 29.76
C THR A 176 -15.99 -18.86 30.73
N GLN A 177 -17.23 -18.38 30.76
CA GLN A 177 -18.23 -18.95 31.66
C GLN A 177 -18.45 -20.43 31.37
N ALA A 178 -18.25 -20.85 30.12
CA ALA A 178 -18.38 -22.25 29.75
C ALA A 178 -17.22 -23.10 30.27
N GLY A 179 -16.16 -22.49 30.77
CA GLY A 179 -15.04 -23.22 31.30
C GLY A 179 -13.85 -23.38 30.37
N GLU A 180 -13.67 -22.49 29.41
CA GLU A 180 -12.56 -22.57 28.48
C GLU A 180 -11.47 -21.59 28.93
N LEU A 181 -10.31 -22.12 29.27
CA LEU A 181 -9.16 -21.29 29.64
C LEU A 181 -8.54 -20.71 28.38
N VAL A 182 -8.20 -19.43 28.45
CA VAL A 182 -7.62 -18.70 27.32
C VAL A 182 -6.34 -18.04 27.80
N LEU A 183 -5.21 -18.43 27.23
CA LEU A 183 -3.91 -17.93 27.64
C LEU A 183 -3.38 -16.95 26.60
N GLY A 184 -2.96 -15.77 27.07
CA GLY A 184 -2.23 -14.85 26.23
C GLY A 184 -0.74 -15.17 26.26
N ALA A 185 -0.13 -15.21 25.07
CA ALA A 185 1.29 -15.53 24.95
C ALA A 185 1.95 -14.52 24.04
N PRO A 186 2.45 -13.41 24.61
CA PRO A 186 2.93 -12.30 23.76
C PRO A 186 4.20 -12.61 23.00
N GLY A 187 4.85 -13.73 23.27
CA GLY A 187 6.09 -14.05 22.60
C GLY A 187 5.95 -15.14 21.56
N GLY A 188 4.76 -15.70 21.44
CA GLY A 188 4.55 -16.76 20.47
C GLY A 188 4.74 -16.27 19.05
N TYR A 189 5.21 -17.18 18.19
CA TYR A 189 5.44 -16.90 16.77
C TYR A 189 6.45 -15.77 16.60
N TYR A 190 7.58 -15.90 17.29
CA TYR A 190 8.67 -14.93 17.27
C TYR A 190 8.17 -13.52 17.58
N PHE A 191 7.54 -13.40 18.75
CA PHE A 191 7.10 -12.15 19.34
C PHE A 191 5.99 -11.47 18.54
N LEU A 192 5.35 -12.18 17.62
CA LEU A 192 4.06 -11.72 17.11
C LEU A 192 3.00 -11.83 18.18
N GLY A 193 2.99 -12.93 18.93
CA GLY A 193 2.01 -13.16 19.96
C GLY A 193 0.93 -14.14 19.51
N LEU A 194 0.49 -15.03 20.39
CA LEU A 194 -0.56 -15.98 20.07
C LEU A 194 -1.47 -16.16 21.26
N LEU A 195 -2.60 -16.83 21.03
CA LEU A 195 -3.53 -17.23 22.06
C LEU A 195 -3.66 -18.74 22.07
N ALA A 196 -3.95 -19.30 23.24
CA ALA A 196 -4.18 -20.72 23.39
C ALA A 196 -5.44 -20.93 24.20
N GLN A 197 -6.36 -21.74 23.66
CA GLN A 197 -7.62 -22.05 24.32
C GLN A 197 -7.73 -23.56 24.50
N ALA A 198 -8.34 -23.97 25.62
CA ALA A 198 -8.59 -25.38 25.90
C ALA A 198 -9.55 -25.50 27.08
N PRO A 199 -10.54 -26.38 27.01
CA PRO A 199 -11.45 -26.55 28.14
C PRO A 199 -10.71 -27.05 29.37
N VAL A 200 -11.05 -26.46 30.52
CA VAL A 200 -10.40 -26.84 31.78
C VAL A 200 -10.59 -28.33 32.05
N ALA A 201 -11.80 -28.85 31.80
CA ALA A 201 -12.08 -30.24 32.09
C ALA A 201 -11.18 -31.18 31.32
N ASP A 202 -10.86 -30.83 30.07
CA ASP A 202 -9.98 -31.67 29.26
C ASP A 202 -8.52 -31.46 29.59
N ILE A 203 -8.18 -30.36 30.27
CA ILE A 203 -6.81 -30.19 30.77
C ILE A 203 -6.54 -31.20 31.88
N PHE A 204 -7.53 -31.43 32.75
CA PHE A 204 -7.36 -32.35 33.86
C PHE A 204 -7.37 -33.80 33.39
N SER A 205 -8.31 -34.15 32.52
CA SER A 205 -8.44 -35.54 32.10
C SER A 205 -7.31 -36.00 31.19
N SER A 206 -6.59 -35.06 30.56
CA SER A 206 -5.51 -35.43 29.67
C SER A 206 -4.12 -35.24 30.27
N TYR A 207 -4.01 -34.65 31.45
CA TYR A 207 -2.71 -34.44 32.09
C TYR A 207 -2.34 -35.65 32.95
N ARG A 208 -1.11 -36.10 32.81
CA ARG A 208 -0.49 -37.04 33.73
C ARG A 208 0.90 -36.54 34.06
N PRO A 209 1.35 -36.71 35.30
CA PRO A 209 2.66 -36.17 35.68
C PRO A 209 3.81 -36.94 35.03
N GLY A 210 4.90 -36.23 34.79
CA GLY A 210 6.06 -36.82 34.17
C GLY A 210 6.03 -36.90 32.67
N ILE A 211 4.87 -36.67 32.04
CA ILE A 211 4.75 -36.80 30.60
C ILE A 211 5.41 -35.62 29.89
N LEU A 212 5.23 -34.41 30.41
CA LEU A 212 5.91 -33.21 29.94
C LEU A 212 5.44 -32.76 28.55
N LEU A 213 5.29 -33.70 27.62
CA LEU A 213 4.78 -33.40 26.29
C LEU A 213 3.58 -34.31 26.03
N TRP A 214 2.38 -33.74 26.06
CA TRP A 214 1.17 -34.50 25.83
C TRP A 214 0.19 -33.67 25.02
N HIS A 215 -0.80 -34.35 24.44
CA HIS A 215 -1.77 -33.72 23.56
C HIS A 215 -3.03 -33.35 24.32
N VAL A 216 -3.64 -32.24 23.94
CA VAL A 216 -4.97 -31.84 24.41
C VAL A 216 -5.78 -31.54 23.15
N SER A 217 -6.52 -32.54 22.66
CA SER A 217 -7.07 -32.46 21.30
C SER A 217 -8.09 -31.35 21.16
N SER A 218 -8.81 -31.03 22.22
CA SER A 218 -9.83 -30.00 22.17
C SER A 218 -9.26 -28.58 22.24
N GLN A 219 -7.94 -28.43 22.14
CA GLN A 219 -7.33 -27.11 22.26
C GLN A 219 -7.30 -26.42 20.90
N SER A 220 -7.06 -25.11 20.93
CA SER A 220 -7.09 -24.30 19.72
C SER A 220 -6.10 -23.14 19.89
N LEU A 221 -5.15 -23.04 18.96
CA LEU A 221 -4.16 -21.99 18.98
C LEU A 221 -4.39 -21.01 17.84
N SER A 222 -4.04 -19.75 18.07
CA SER A 222 -4.15 -18.73 17.02
C SER A 222 -3.05 -18.98 15.99
N PHE A 223 -2.91 -18.07 15.03
CA PHE A 223 -2.14 -18.36 13.83
C PHE A 223 -1.00 -17.37 13.65
N ASP A 224 0.08 -17.87 13.07
CA ASP A 224 1.24 -17.07 12.68
C ASP A 224 0.83 -16.11 11.56
N SER A 225 1.76 -15.26 11.13
CA SER A 225 1.48 -14.32 10.05
C SER A 225 2.80 -13.91 9.42
N SER A 226 2.70 -13.48 8.17
CA SER A 226 3.82 -12.86 7.46
C SER A 226 3.67 -11.34 7.38
N ASN A 227 2.60 -10.80 7.96
CA ASN A 227 2.35 -9.37 7.87
C ASN A 227 3.25 -8.63 8.86
N PRO A 228 4.08 -7.68 8.41
CA PRO A 228 4.96 -6.96 9.34
C PRO A 228 4.21 -6.07 10.33
N GLU A 229 2.92 -5.79 10.11
CA GLU A 229 2.15 -5.04 11.10
C GLU A 229 2.11 -5.77 12.44
N TYR A 230 2.14 -7.10 12.41
CA TYR A 230 2.05 -7.90 13.62
C TYR A 230 3.40 -8.20 14.26
N PHE A 231 4.51 -7.79 13.65
CA PHE A 231 5.82 -8.12 14.18
C PHE A 231 6.08 -7.38 15.48
N ASP A 232 6.55 -8.12 16.49
CA ASP A 232 6.90 -7.53 17.78
C ASP A 232 5.74 -6.73 18.36
N GLY A 233 4.52 -7.24 18.14
CA GLY A 233 3.32 -6.56 18.59
C GLY A 233 2.83 -7.05 19.93
N TYR A 234 3.39 -8.16 20.41
CA TYR A 234 3.05 -8.74 21.71
C TYR A 234 1.54 -8.98 21.83
N TRP A 235 1.01 -9.68 20.83
CA TRP A 235 -0.42 -9.99 20.74
C TRP A 235 -0.78 -11.02 21.80
N GLY A 236 -1.52 -10.60 22.83
CA GLY A 236 -1.76 -11.42 24.00
C GLY A 236 -1.22 -10.84 25.30
N TYR A 237 -0.65 -9.63 25.25
CA TYR A 237 -0.20 -8.95 26.47
C TYR A 237 -1.31 -8.87 27.51
N SER A 238 -2.55 -8.70 27.06
CA SER A 238 -3.71 -8.69 27.92
C SER A 238 -4.86 -9.36 27.17
N VAL A 239 -5.78 -9.95 27.91
CA VAL A 239 -6.89 -10.70 27.31
CA VAL A 239 -6.89 -10.71 27.32
C VAL A 239 -8.13 -10.51 28.16
N ALA A 240 -9.30 -10.66 27.52
CA ALA A 240 -10.60 -10.60 28.17
C ALA A 240 -11.60 -11.28 27.24
N VAL A 241 -12.82 -11.48 27.76
CA VAL A 241 -13.89 -12.10 27.00
C VAL A 241 -15.16 -11.27 27.14
N GLY A 242 -16.07 -11.45 26.18
CA GLY A 242 -17.32 -10.74 26.20
C GLY A 242 -18.26 -11.26 25.12
N GLU A 243 -19.36 -10.53 24.93
CA GLU A 243 -20.34 -10.86 23.91
C GLU A 243 -20.47 -9.66 22.98
N PHE A 244 -19.94 -9.80 21.75
CA PHE A 244 -19.86 -8.68 20.83
C PHE A 244 -20.44 -8.94 19.44
N ASP A 245 -20.89 -10.15 19.12
CA ASP A 245 -21.43 -10.45 17.81
C ASP A 245 -22.92 -10.73 17.82
N GLY A 246 -23.60 -10.51 18.94
CA GLY A 246 -25.03 -10.76 19.04
C GLY A 246 -25.42 -12.21 19.22
N ASP A 247 -24.54 -13.16 18.89
CA ASP A 247 -24.82 -14.58 19.04
C ASP A 247 -24.42 -15.01 20.45
N LEU A 248 -25.41 -15.26 21.29
CA LEU A 248 -25.14 -15.60 22.68
C LEU A 248 -24.53 -16.98 22.85
N ASN A 249 -24.66 -17.85 21.86
CA ASN A 249 -24.03 -19.17 21.94
C ASN A 249 -22.53 -19.11 21.72
N THR A 250 -22.05 -18.09 21.02
CA THR A 250 -20.63 -17.90 20.77
C THR A 250 -20.04 -16.94 21.80
N THR A 251 -18.86 -17.28 22.30
CA THR A 251 -18.08 -16.37 23.14
C THR A 251 -16.99 -15.74 22.29
N GLU A 252 -16.81 -14.43 22.46
CA GLU A 252 -15.81 -13.68 21.71
C GLU A 252 -14.62 -13.35 22.61
N TYR A 253 -13.47 -13.16 21.98
CA TYR A 253 -12.22 -12.88 22.66
C TYR A 253 -11.76 -11.46 22.35
N VAL A 254 -11.24 -10.78 23.36
CA VAL A 254 -10.62 -9.47 23.21
C VAL A 254 -9.14 -9.62 23.55
N VAL A 255 -8.28 -9.08 22.69
CA VAL A 255 -6.84 -9.25 22.80
C VAL A 255 -6.18 -7.89 22.69
N GLY A 256 -5.23 -7.60 23.59
CA GLY A 256 -4.44 -6.39 23.53
C GLY A 256 -3.09 -6.67 22.89
N ALA A 257 -2.70 -5.80 21.97
CA ALA A 257 -1.40 -5.87 21.29
C ALA A 257 -0.80 -4.47 21.35
N PRO A 258 -0.09 -4.14 22.43
CA PRO A 258 0.29 -2.75 22.69
C PRO A 258 1.48 -2.24 21.90
N THR A 259 2.17 -3.09 21.14
CA THR A 259 3.22 -2.64 20.24
C THR A 259 2.90 -2.98 18.79
N TRP A 260 1.63 -3.19 18.49
CA TRP A 260 1.20 -3.52 17.14
C TRP A 260 1.47 -2.38 16.17
N SER A 261 1.90 -2.73 14.96
CA SER A 261 2.18 -1.79 13.88
C SER A 261 3.21 -0.74 14.32
N TRP A 262 4.41 -1.22 14.65
CA TRP A 262 5.54 -0.38 15.03
C TRP A 262 5.16 0.53 16.20
N THR A 263 4.79 -0.12 17.30
CA THR A 263 4.47 0.52 18.58
C THR A 263 3.28 1.47 18.49
N LEU A 264 2.39 1.30 17.51
CA LEU A 264 1.14 2.04 17.52
C LEU A 264 0.14 1.46 18.51
N GLY A 265 0.20 0.14 18.73
CA GLY A 265 -0.69 -0.51 19.67
C GLY A 265 -2.06 -0.74 19.10
N ALA A 266 -2.66 -1.89 19.41
CA ALA A 266 -3.98 -2.20 18.87
C ALA A 266 -4.67 -3.19 19.79
N VAL A 267 -5.99 -3.24 19.64
CA VAL A 267 -6.85 -4.20 20.34
C VAL A 267 -7.80 -4.79 19.31
N GLU A 268 -7.93 -6.12 19.31
CA GLU A 268 -8.77 -6.82 18.35
C GLU A 268 -9.83 -7.65 19.07
N ILE A 269 -11.00 -7.75 18.45
CA ILE A 269 -12.09 -8.58 18.95
C ILE A 269 -12.31 -9.71 17.94
N LEU A 270 -12.31 -10.94 18.43
CA LEU A 270 -12.31 -12.12 17.57
C LEU A 270 -13.40 -13.08 18.02
N ASP A 271 -13.73 -14.02 17.13
CA ASP A 271 -14.59 -15.12 17.51
C ASP A 271 -13.73 -16.23 18.10
N SER A 272 -14.37 -17.31 18.56
CA SER A 272 -13.63 -18.43 19.14
C SER A 272 -12.72 -19.12 18.13
N TYR A 273 -12.83 -18.79 16.85
CA TYR A 273 -11.96 -19.32 15.80
C TYR A 273 -10.90 -18.32 15.37
N TYR A 274 -10.68 -17.27 16.17
CA TYR A 274 -9.62 -16.29 15.96
C TYR A 274 -9.79 -15.55 14.64
N GLN A 275 -11.03 -15.41 14.16
CA GLN A 275 -11.32 -14.57 13.01
C GLN A 275 -11.66 -13.16 13.50
N ARG A 276 -11.15 -12.15 12.80
CA ARG A 276 -11.15 -10.79 13.30
C ARG A 276 -12.47 -10.10 12.98
N LEU A 277 -13.10 -9.54 14.01
CA LEU A 277 -14.37 -8.83 13.90
C LEU A 277 -14.18 -7.33 13.89
N HIS A 278 -13.38 -6.79 14.82
CA HIS A 278 -13.04 -5.39 14.79
CA HIS A 278 -13.08 -5.38 14.93
C HIS A 278 -11.60 -5.20 15.22
N ARG A 279 -11.10 -3.98 15.01
CA ARG A 279 -9.75 -3.62 15.42
C ARG A 279 -9.74 -2.16 15.81
N LEU A 280 -9.42 -1.88 17.07
CA LEU A 280 -9.22 -0.53 17.55
C LEU A 280 -7.72 -0.25 17.54
N ARG A 281 -7.32 0.76 16.79
CA ARG A 281 -5.91 1.13 16.70
C ARG A 281 -5.58 2.18 17.76
N GLY A 282 -4.30 2.24 18.11
CA GLY A 282 -3.85 3.22 19.08
C GLY A 282 -3.89 4.62 18.52
N GLU A 283 -3.95 5.59 19.44
CA GLU A 283 -3.97 7.00 19.06
C GLU A 283 -2.57 7.59 18.93
N GLN A 284 -1.61 7.04 19.67
CA GLN A 284 -0.28 7.62 19.78
C GLN A 284 0.75 6.51 19.98
N MET A 285 1.90 6.65 19.33
CA MET A 285 2.89 5.60 19.36
C MET A 285 3.58 5.52 20.71
N ALA A 286 3.91 4.30 21.11
CA ALA A 286 4.55 3.99 22.38
C ALA A 286 3.68 4.32 23.58
N SER A 287 2.42 4.68 23.36
CA SER A 287 1.49 4.89 24.47
C SER A 287 1.09 3.58 25.12
N TYR A 288 1.43 2.43 24.51
CA TYR A 288 1.06 1.11 24.98
C TYR A 288 -0.46 0.94 25.06
N PHE A 289 -1.15 1.48 24.06
CA PHE A 289 -2.58 1.23 23.88
C PHE A 289 -2.82 -0.26 23.76
N GLY A 290 -3.58 -0.84 24.70
CA GLY A 290 -3.76 -2.27 24.75
C GLY A 290 -3.04 -2.94 25.90
N HIS A 291 -2.33 -2.17 26.74
CA HIS A 291 -1.69 -2.74 27.92
C HIS A 291 -2.69 -3.46 28.81
N SER A 292 -3.92 -2.97 28.87
CA SER A 292 -4.95 -3.58 29.69
C SER A 292 -6.29 -3.39 29.00
N VAL A 293 -7.12 -4.42 29.04
CA VAL A 293 -8.44 -4.41 28.44
C VAL A 293 -9.46 -4.89 29.48
N ALA A 294 -10.65 -4.31 29.44
CA ALA A 294 -11.72 -4.66 30.36
C ALA A 294 -13.05 -4.64 29.61
N VAL A 295 -13.93 -5.57 29.98
CA VAL A 295 -15.20 -5.76 29.31
C VAL A 295 -16.31 -5.74 30.35
N THR A 296 -17.26 -4.82 30.20
CA THR A 296 -18.40 -4.70 31.09
C THR A 296 -19.40 -3.73 30.48
N ASP A 297 -20.68 -3.94 30.77
CA ASP A 297 -21.75 -3.08 30.25
C ASP A 297 -21.93 -1.90 31.22
N VAL A 298 -21.40 -0.74 30.83
CA VAL A 298 -21.42 0.42 31.72
C VAL A 298 -22.70 1.25 31.63
N ASN A 299 -23.41 1.20 30.49
CA ASN A 299 -24.56 2.07 30.27
C ASN A 299 -25.88 1.32 30.33
N GLY A 300 -25.89 0.12 30.90
CA GLY A 300 -27.10 -0.62 31.17
C GLY A 300 -28.00 -0.86 29.98
N ASP A 301 -27.43 -1.29 28.86
CA ASP A 301 -28.22 -1.70 27.70
C ASP A 301 -28.02 -3.17 27.38
N GLY A 302 -27.47 -3.96 28.29
CA GLY A 302 -27.25 -5.37 28.07
C GLY A 302 -26.12 -5.71 27.13
N ARG A 303 -25.54 -4.73 26.45
CA ARG A 303 -24.44 -4.96 25.51
C ARG A 303 -23.13 -4.62 26.19
N HIS A 304 -22.22 -5.60 26.26
CA HIS A 304 -20.90 -5.37 26.82
C HIS A 304 -20.21 -4.21 26.13
N ASP A 305 -19.48 -3.42 26.89
CA ASP A 305 -18.68 -2.32 26.37
C ASP A 305 -17.20 -2.61 26.62
N LEU A 306 -16.35 -1.93 25.87
CA LEU A 306 -14.92 -2.19 25.87
C LEU A 306 -14.16 -1.00 26.45
N LEU A 307 -13.19 -1.29 27.31
CA LEU A 307 -12.30 -0.28 27.86
C LEU A 307 -10.86 -0.71 27.61
N VAL A 308 -10.02 0.24 27.21
CA VAL A 308 -8.65 -0.03 26.82
C VAL A 308 -7.73 0.98 27.49
N GLY A 309 -6.65 0.49 28.08
CA GLY A 309 -5.71 1.35 28.79
C GLY A 309 -4.47 1.61 27.96
N ALA A 310 -4.06 2.88 27.91
CA ALA A 310 -2.80 3.30 27.28
C ALA A 310 -2.00 4.06 28.32
N PRO A 311 -1.36 3.35 29.26
CA PRO A 311 -0.78 4.02 30.44
C PRO A 311 0.33 4.99 30.12
N LEU A 312 0.81 5.05 28.88
CA LEU A 312 1.91 5.94 28.53
C LEU A 312 1.50 7.03 27.55
N TYR A 313 0.20 7.28 27.40
CA TYR A 313 -0.24 8.34 26.49
C TYR A 313 0.30 9.68 26.96
N MET A 314 0.83 10.47 26.04
CA MET A 314 1.37 11.78 26.35
C MET A 314 0.36 12.85 25.95
N GLU A 315 -0.18 13.56 26.94
CA GLU A 315 -1.21 14.57 26.67
C GLU A 315 -0.58 15.84 26.15
N SER A 316 -1.25 16.47 25.19
CA SER A 316 -0.79 17.74 24.64
CA SER A 316 -0.79 17.74 24.64
C SER A 316 -1.10 18.87 25.62
N ARG A 317 -0.11 19.72 25.86
CA ARG A 317 -0.27 20.86 26.76
C ARG A 317 0.23 22.11 26.07
N ALA A 318 0.21 23.23 26.81
CA ALA A 318 0.61 24.50 26.27
C ALA A 318 2.06 24.47 25.81
N ASP A 319 2.38 25.38 24.88
CA ASP A 319 3.76 25.57 24.39
C ASP A 319 4.28 24.31 23.70
N ARG A 320 3.39 23.56 23.05
CA ARG A 320 3.77 22.41 22.21
C ARG A 320 4.44 21.30 23.02
N LYS A 321 4.19 21.24 24.33
CA LYS A 321 4.85 20.26 25.18
C LYS A 321 3.92 19.08 25.48
N LEU A 322 4.54 17.93 25.75
CA LEU A 322 3.84 16.68 26.00
C LEU A 322 4.15 16.17 27.40
N ALA A 323 3.17 15.50 28.00
CA ALA A 323 3.30 15.00 29.37
C ALA A 323 2.73 13.59 29.44
N GLU A 324 3.58 12.61 29.74
CA GLU A 324 3.12 11.24 29.90
C GLU A 324 2.26 11.13 31.14
N VAL A 325 0.99 10.78 30.97
CA VAL A 325 0.06 10.70 32.09
C VAL A 325 -0.78 9.43 32.00
N GLY A 326 -0.98 8.93 30.80
CA GLY A 326 -1.83 7.78 30.55
C GLY A 326 -3.24 8.18 30.14
N ARG A 327 -3.94 7.23 29.53
CA ARG A 327 -5.28 7.49 29.02
C ARG A 327 -6.07 6.19 28.94
N VAL A 328 -7.39 6.31 29.15
CA VAL A 328 -8.33 5.20 29.07
C VAL A 328 -9.39 5.54 28.03
N TYR A 329 -9.73 4.55 27.19
CA TYR A 329 -10.68 4.73 26.11
C TYR A 329 -11.91 3.86 26.36
N LEU A 330 -13.08 4.46 26.14
CA LEU A 330 -14.36 3.77 26.29
C LEU A 330 -15.01 3.59 24.93
N PHE A 331 -15.38 2.36 24.60
CA PHE A 331 -16.06 2.05 23.36
C PHE A 331 -17.40 1.40 23.68
N LEU A 332 -18.49 2.05 23.29
CA LEU A 332 -19.83 1.55 23.57
C LEU A 332 -20.30 0.71 22.41
N GLN A 333 -20.68 -0.54 22.69
CA GLN A 333 -21.14 -1.43 21.65
C GLN A 333 -22.44 -0.92 21.05
N PRO A 334 -22.55 -0.80 19.74
CA PRO A 334 -23.77 -0.25 19.14
C PRO A 334 -24.85 -1.32 18.99
N ARG A 335 -26.04 -0.86 18.63
CA ARG A 335 -27.19 -1.73 18.54
C ARG A 335 -27.05 -2.66 17.34
N GLY A 336 -27.12 -3.97 17.58
CA GLY A 336 -27.08 -4.94 16.53
C GLY A 336 -25.74 -5.03 15.83
N PRO A 337 -25.73 -5.61 14.62
CA PRO A 337 -24.45 -5.87 13.93
C PRO A 337 -23.86 -4.62 13.29
N HIS A 338 -23.05 -3.88 14.07
CA HIS A 338 -22.36 -2.71 13.55
C HIS A 338 -20.99 -2.61 14.22
N ALA A 339 -20.08 -1.91 13.55
CA ALA A 339 -18.73 -1.77 14.06
C ALA A 339 -18.69 -0.84 15.25
N LEU A 340 -17.74 -1.09 16.15
CA LEU A 340 -17.51 -0.19 17.28
C LEU A 340 -16.80 1.06 16.76
N GLY A 341 -17.49 2.21 16.86
CA GLY A 341 -17.01 3.43 16.26
C GLY A 341 -15.90 4.11 17.04
N ALA A 342 -15.91 5.44 17.01
CA ALA A 342 -14.95 6.26 17.72
C ALA A 342 -15.15 6.09 19.23
N PRO A 343 -14.19 6.50 20.06
CA PRO A 343 -14.39 6.40 21.50
C PRO A 343 -15.53 7.31 21.96
N SER A 344 -16.39 6.77 22.82
CA SER A 344 -17.43 7.57 23.43
C SER A 344 -16.87 8.53 24.47
N LEU A 345 -15.72 8.21 25.07
CA LEU A 345 -15.21 8.96 26.20
C LEU A 345 -13.70 8.79 26.29
N LEU A 346 -13.00 9.87 26.62
CA LEU A 346 -11.56 9.85 26.83
C LEU A 346 -11.27 10.24 28.27
N LEU A 347 -10.65 9.34 29.02
CA LEU A 347 -10.24 9.59 30.40
C LEU A 347 -8.73 9.68 30.44
N THR A 348 -8.22 10.85 30.84
CA THR A 348 -6.81 11.14 30.81
C THR A 348 -6.30 11.39 32.21
N GLY A 349 -5.16 10.81 32.54
CA GLY A 349 -4.54 11.01 33.83
C GLY A 349 -4.09 12.45 34.02
N THR A 350 -3.67 12.72 35.26
CA THR A 350 -3.21 14.05 35.65
CA THR A 350 -3.22 14.04 35.68
C THR A 350 -1.76 14.08 36.11
N GLN A 351 -1.34 13.09 36.91
CA GLN A 351 0.01 13.09 37.45
C GLN A 351 1.01 12.60 36.42
N LEU A 352 2.15 13.29 36.33
CA LEU A 352 3.20 12.90 35.39
C LEU A 352 3.77 11.54 35.77
N TYR A 353 3.94 10.68 34.76
CA TYR A 353 4.48 9.32 34.95
C TYR A 353 3.61 8.50 35.88
N GLY A 354 2.32 8.83 35.98
CA GLY A 354 1.42 8.15 36.88
C GLY A 354 0.84 6.87 36.30
N ARG A 355 0.91 6.75 34.97
CA ARG A 355 0.46 5.55 34.27
C ARG A 355 -1.01 5.25 34.51
N PHE A 356 -1.82 6.30 34.41
CA PHE A 356 -3.28 6.16 34.46
C PHE A 356 -3.73 5.21 33.36
N GLY A 357 -4.41 4.14 33.75
CA GLY A 357 -4.87 3.15 32.81
C GLY A 357 -4.05 1.89 32.76
N SER A 358 -3.09 1.75 33.67
CA SER A 358 -2.30 0.53 33.71
C SER A 358 -3.15 -0.69 34.06
N ALA A 359 -4.18 -0.50 34.87
CA ALA A 359 -5.11 -1.55 35.24
C ALA A 359 -6.53 -0.99 35.23
N ILE A 360 -7.47 -1.79 34.75
CA ILE A 360 -8.88 -1.39 34.64
C ILE A 360 -9.72 -2.56 35.13
N ALA A 361 -10.45 -2.36 36.22
CA ALA A 361 -11.23 -3.43 36.81
C ALA A 361 -12.71 -3.12 36.74
N PRO A 362 -13.52 -3.97 36.12
CA PRO A 362 -14.97 -3.87 36.31
C PRO A 362 -15.31 -4.03 37.79
N LEU A 363 -16.17 -3.13 38.28
CA LEU A 363 -16.55 -3.15 39.69
C LEU A 363 -17.93 -3.72 39.93
N GLY A 364 -18.70 -3.99 38.88
CA GLY A 364 -20.11 -4.25 39.06
C GLY A 364 -20.84 -2.93 39.28
N ASP A 365 -22.03 -3.02 39.87
CA ASP A 365 -22.79 -1.84 40.25
C ASP A 365 -22.45 -1.51 41.69
N LEU A 366 -21.66 -0.45 41.89
CA LEU A 366 -21.11 -0.15 43.21
C LEU A 366 -22.12 0.60 44.08
N ASP A 367 -22.73 1.64 43.53
CA ASP A 367 -23.73 2.42 44.27
C ASP A 367 -25.15 1.90 44.08
N ARG A 368 -25.32 0.84 43.29
CA ARG A 368 -26.61 0.18 43.10
C ARG A 368 -27.64 1.12 42.45
N ASP A 369 -27.21 1.81 41.40
CA ASP A 369 -28.09 2.70 40.65
C ASP A 369 -28.51 2.13 39.31
N GLY A 370 -28.11 0.91 38.97
CA GLY A 370 -28.49 0.29 37.72
C GLY A 370 -27.48 0.38 36.60
N TYR A 371 -26.31 0.97 36.85
CA TYR A 371 -25.26 1.09 35.84
C TYR A 371 -23.95 0.56 36.43
N ASN A 372 -23.33 -0.38 35.73
CA ASN A 372 -22.06 -0.92 36.18
C ASN A 372 -20.99 0.16 36.17
N ASP A 373 -19.99 -0.02 37.03
CA ASP A 373 -18.95 0.98 37.24
C ASP A 373 -17.59 0.30 37.09
N ILE A 374 -16.53 1.12 37.07
CA ILE A 374 -15.17 0.62 36.90
C ILE A 374 -14.24 1.32 37.87
N ALA A 375 -13.03 0.78 37.99
CA ALA A 375 -11.94 1.41 38.70
C ALA A 375 -10.72 1.45 37.78
N VAL A 376 -10.00 2.57 37.81
CA VAL A 376 -8.83 2.77 36.97
C VAL A 376 -7.64 3.03 37.88
N ALA A 377 -6.54 2.33 37.61
CA ALA A 377 -5.34 2.46 38.44
C ALA A 377 -4.36 3.44 37.82
N ALA A 378 -3.72 4.24 38.68
CA ALA A 378 -2.60 5.11 38.31
C ALA A 378 -1.46 4.81 39.27
N PRO A 379 -0.75 3.70 39.06
CA PRO A 379 0.09 3.13 40.14
C PRO A 379 1.23 4.03 40.58
N TYR A 380 1.55 5.07 39.83
CA TYR A 380 2.52 6.06 40.28
C TYR A 380 1.91 7.45 40.22
N GLY A 381 0.59 7.53 40.35
CA GLY A 381 -0.12 8.79 40.34
C GLY A 381 -0.40 9.31 41.74
N GLY A 382 -1.28 10.30 41.80
CA GLY A 382 -1.53 11.00 43.03
C GLY A 382 -0.47 12.07 43.24
N PRO A 383 -0.77 13.05 44.11
CA PRO A 383 0.19 14.15 44.30
C PRO A 383 1.54 13.70 44.83
N SER A 384 1.58 12.61 45.60
CA SER A 384 2.84 12.11 46.16
C SER A 384 3.54 11.09 45.27
N GLY A 385 2.90 10.64 44.20
CA GLY A 385 3.52 9.61 43.38
C GLY A 385 3.49 8.24 43.99
N ARG A 386 2.66 8.02 45.00
CA ARG A 386 2.57 6.73 45.66
C ARG A 386 1.56 5.79 45.00
N GLY A 387 0.61 6.33 44.24
CA GLY A 387 -0.38 5.50 43.56
C GLY A 387 -1.79 5.91 43.90
N GLN A 388 -2.70 5.71 42.94
CA GLN A 388 -4.09 6.07 43.11
C GLN A 388 -4.97 5.11 42.33
N VAL A 389 -6.16 4.85 42.85
CA VAL A 389 -7.20 4.08 42.17
C VAL A 389 -8.42 4.98 42.08
N LEU A 390 -8.90 5.20 40.86
CA LEU A 390 -10.00 6.13 40.61
C LEU A 390 -11.24 5.35 40.20
N VAL A 391 -12.38 5.69 40.81
CA VAL A 391 -13.66 5.06 40.51
C VAL A 391 -14.45 5.97 39.57
N PHE A 392 -15.00 5.39 38.51
CA PHE A 392 -15.90 6.11 37.62
C PHE A 392 -17.20 5.34 37.53
N LEU A 393 -18.32 6.06 37.57
CA LEU A 393 -19.63 5.45 37.65
C LEU A 393 -20.30 5.42 36.28
N GLY A 394 -21.09 4.37 36.06
CA GLY A 394 -21.85 4.25 34.83
C GLY A 394 -23.02 5.20 34.78
N GLN A 395 -23.53 5.38 33.56
CA GLN A 395 -24.69 6.24 33.33
C GLN A 395 -25.27 5.87 31.96
N SER A 396 -26.43 6.45 31.67
CA SER A 396 -27.13 6.12 30.43
C SER A 396 -26.27 6.39 29.20
N GLU A 397 -25.42 7.41 29.25
CA GLU A 397 -24.61 7.80 28.11
C GLU A 397 -23.18 7.28 28.19
N GLY A 398 -22.91 6.30 29.04
CA GLY A 398 -21.56 5.77 29.17
C GLY A 398 -21.02 5.82 30.57
N LEU A 399 -20.04 6.70 30.81
CA LEU A 399 -19.43 6.86 32.11
C LEU A 399 -19.35 8.33 32.46
N ARG A 400 -19.32 8.62 33.75
CA ARG A 400 -19.04 9.97 34.21
C ARG A 400 -17.59 10.33 33.87
N SER A 401 -17.38 11.56 33.41
CA SER A 401 -16.05 12.00 33.03
C SER A 401 -15.17 12.32 34.23
N ARG A 402 -15.75 12.53 35.41
CA ARG A 402 -15.00 12.81 36.63
C ARG A 402 -15.19 11.68 37.63
N PRO A 403 -14.19 11.42 38.46
CA PRO A 403 -14.30 10.30 39.41
C PRO A 403 -15.27 10.61 40.53
N SER A 404 -15.90 9.56 41.03
CA SER A 404 -16.77 9.67 42.19
C SER A 404 -16.02 9.48 43.50
N GLN A 405 -14.87 8.82 43.45
CA GLN A 405 -14.09 8.50 44.64
C GLN A 405 -12.66 8.21 44.20
N VAL A 406 -11.71 8.57 45.04
CA VAL A 406 -10.29 8.38 44.75
C VAL A 406 -9.65 7.67 45.92
N LEU A 407 -8.94 6.57 45.65
CA LEU A 407 -8.31 5.77 46.68
C LEU A 407 -6.80 6.04 46.68
N ASP A 408 -6.33 6.72 47.72
CA ASP A 408 -4.90 6.99 47.85
C ASP A 408 -4.19 5.79 48.45
N SER A 409 -2.97 5.54 48.01
CA SER A 409 -2.23 4.37 48.45
C SER A 409 -1.94 4.46 49.94
N PRO A 410 -2.31 3.47 50.74
CA PRO A 410 -1.88 3.42 52.14
C PRO A 410 -0.49 2.81 52.34
N PHE A 411 0.26 2.60 51.28
CA PHE A 411 1.57 1.97 51.30
C PHE A 411 2.66 3.00 51.05
N PRO A 412 3.94 2.65 51.28
CA PRO A 412 5.01 3.64 51.05
C PRO A 412 5.24 3.87 49.55
N THR A 413 6.23 4.71 49.24
CA THR A 413 6.56 4.97 47.84
C THR A 413 7.08 3.71 47.18
N GLY A 414 6.72 3.51 45.93
CA GLY A 414 7.22 2.36 45.18
C GLY A 414 6.44 1.09 45.36
N SER A 415 5.24 1.15 45.92
CA SER A 415 4.47 -0.07 46.14
C SER A 415 3.76 -0.55 44.88
N ALA A 416 3.69 0.28 43.84
CA ALA A 416 2.93 0.00 42.63
C ALA A 416 1.46 -0.26 42.95
N PHE A 417 0.92 0.48 43.91
CA PHE A 417 -0.46 0.35 44.34
C PHE A 417 -1.41 0.50 43.16
N GLY A 418 -2.19 -0.54 42.89
CA GLY A 418 -3.12 -0.54 41.79
C GLY A 418 -2.67 -1.33 40.57
N PHE A 419 -1.41 -1.78 40.56
CA PHE A 419 -0.90 -2.51 39.40
C PHE A 419 -1.78 -3.70 39.03
N SER A 420 -2.48 -4.28 40.00
CA SER A 420 -3.45 -5.33 39.75
C SER A 420 -4.74 -4.98 40.48
N LEU A 421 -5.87 -5.28 39.85
CA LEU A 421 -7.17 -4.97 40.42
C LEU A 421 -8.13 -6.12 40.16
N ARG A 422 -9.20 -6.15 40.93
CA ARG A 422 -10.31 -7.08 40.70
C ARG A 422 -11.50 -6.67 41.54
N GLY A 423 -12.67 -6.52 40.92
CA GLY A 423 -13.85 -6.14 41.65
C GLY A 423 -15.07 -7.01 41.33
N ALA A 424 -16.26 -6.47 41.57
CA ALA A 424 -17.53 -7.09 41.20
C ALA A 424 -17.83 -8.38 41.95
N VAL A 425 -17.28 -8.57 43.14
CA VAL A 425 -17.58 -9.72 43.97
C VAL A 425 -17.83 -9.26 45.40
N ASP A 426 -18.88 -9.81 46.01
CA ASP A 426 -19.26 -9.45 47.38
C ASP A 426 -18.58 -10.43 48.33
N ILE A 427 -17.55 -9.97 49.04
CA ILE A 427 -16.73 -10.88 49.82
C ILE A 427 -17.22 -11.03 51.27
N ASP A 428 -17.80 -9.99 51.85
CA ASP A 428 -18.35 -10.07 53.20
C ASP A 428 -19.85 -10.32 53.21
N ASP A 429 -20.45 -10.48 52.03
CA ASP A 429 -21.87 -10.83 51.88
C ASP A 429 -22.77 -9.78 52.52
N ASN A 430 -22.46 -8.51 52.25
CA ASN A 430 -23.30 -7.41 52.70
C ASN A 430 -24.14 -6.82 51.58
N GLY A 431 -24.26 -7.51 50.45
CA GLY A 431 -25.07 -7.06 49.33
C GLY A 431 -24.35 -6.16 48.33
N TYR A 432 -23.21 -5.60 48.70
CA TYR A 432 -22.50 -4.67 47.82
C TYR A 432 -21.18 -5.28 47.36
N PRO A 433 -20.80 -5.07 46.10
CA PRO A 433 -19.57 -5.67 45.58
C PRO A 433 -18.34 -4.87 45.99
N ASP A 434 -17.23 -5.59 46.13
CA ASP A 434 -16.04 -5.05 46.78
C ASP A 434 -14.84 -5.09 45.83
N LEU A 435 -13.74 -4.48 46.28
CA LEU A 435 -12.56 -4.29 45.46
C LEU A 435 -11.32 -4.73 46.22
N ILE A 436 -10.41 -5.40 45.52
CA ILE A 436 -9.11 -5.79 46.06
C ILE A 436 -8.04 -5.16 45.18
N VAL A 437 -7.02 -4.57 45.81
CA VAL A 437 -5.95 -3.86 45.13
C VAL A 437 -4.63 -4.49 45.51
N GLY A 438 -3.74 -4.60 44.54
CA GLY A 438 -2.43 -5.21 44.74
C GLY A 438 -1.32 -4.17 44.72
N ALA A 439 -0.39 -4.30 45.65
CA ALA A 439 0.80 -3.46 45.73
C ALA A 439 2.00 -4.39 45.92
N TYR A 440 2.44 -5.01 44.82
CA TYR A 440 3.53 -5.97 44.89
C TYR A 440 4.83 -5.32 45.37
N GLY A 441 4.99 -4.00 45.21
CA GLY A 441 6.18 -3.34 45.72
C GLY A 441 6.26 -3.38 47.23
N ALA A 442 5.11 -3.36 47.90
CA ALA A 442 5.06 -3.50 49.35
C ALA A 442 4.66 -4.90 49.79
N ASN A 443 4.48 -5.83 48.85
CA ASN A 443 4.17 -7.23 49.16
C ASN A 443 2.86 -7.36 49.93
N GLN A 444 1.87 -6.54 49.59
CA GLN A 444 0.61 -6.52 50.33
C GLN A 444 -0.56 -6.33 49.37
N VAL A 445 -1.74 -6.69 49.87
CA VAL A 445 -3.00 -6.55 49.14
C VAL A 445 -3.99 -5.86 50.06
N ALA A 446 -4.65 -4.81 49.55
CA ALA A 446 -5.61 -4.04 50.32
C ALA A 446 -7.02 -4.38 49.84
N VAL A 447 -7.92 -4.62 50.78
CA VAL A 447 -9.31 -4.95 50.47
C VAL A 447 -10.18 -3.76 50.88
N TYR A 448 -10.87 -3.19 49.91
CA TYR A 448 -11.82 -2.11 50.16
C TYR A 448 -13.23 -2.67 50.15
N ARG A 449 -13.96 -2.48 51.24
CA ARG A 449 -15.34 -2.94 51.32
C ARG A 449 -16.30 -1.81 50.92
N ALA A 450 -17.30 -2.17 50.14
CA ALA A 450 -18.34 -1.22 49.76
C ALA A 450 -19.44 -1.19 50.81
N GLN A 451 -19.89 0.00 51.15
CA GLN A 451 -20.90 0.22 52.17
C GLN A 451 -22.10 0.94 51.55
N PRO A 452 -23.26 0.93 52.24
CA PRO A 452 -24.41 1.72 51.75
C PRO A 452 -24.05 3.17 51.46
N VAL A 453 -24.80 3.79 50.56
CA VAL A 453 -24.44 5.10 50.04
C VAL A 453 -24.77 6.18 51.06
N VAL A 454 -23.83 7.12 51.23
CA VAL A 454 -24.02 8.25 52.14
C VAL A 454 -24.28 9.52 51.33
N GLY B 1 -11.70 69.01 31.91
CA GLY B 1 -12.97 68.49 32.38
C GLY B 1 -12.84 67.24 33.23
N PRO B 2 -13.97 66.67 33.65
CA PRO B 2 -13.92 65.45 34.46
C PRO B 2 -13.59 64.23 33.62
N ASN B 3 -12.71 63.38 34.16
CA ASN B 3 -12.30 62.15 33.50
C ASN B 3 -12.50 60.95 34.43
N ILE B 4 -11.98 59.79 34.03
CA ILE B 4 -12.12 58.61 34.87
C ILE B 4 -11.38 58.79 36.19
N CYS B 5 -10.32 59.62 36.23
CA CYS B 5 -9.57 59.80 37.46
C CYS B 5 -10.39 60.52 38.53
N THR B 6 -11.25 61.47 38.11
CA THR B 6 -12.08 62.21 39.05
C THR B 6 -13.46 61.57 39.22
N THR B 7 -14.11 61.20 38.12
CA THR B 7 -15.47 60.66 38.19
C THR B 7 -15.55 59.34 38.95
N ARG B 8 -14.42 58.66 39.14
CA ARG B 8 -14.42 57.47 39.98
C ARG B 8 -14.53 57.82 41.46
N GLY B 9 -14.06 59.00 41.85
CA GLY B 9 -14.13 59.44 43.23
C GLY B 9 -13.28 58.60 44.16
N VAL B 10 -11.96 58.70 44.01
CA VAL B 10 -11.06 57.88 44.81
C VAL B 10 -10.93 58.45 46.22
N SER B 11 -10.43 57.62 47.13
CA SER B 11 -10.31 57.99 48.53
C SER B 11 -8.88 58.18 49.00
N SER B 12 -7.90 57.61 48.30
CA SER B 12 -6.51 57.69 48.72
C SER B 12 -5.60 57.76 47.50
N CYS B 13 -4.30 57.96 47.76
CA CYS B 13 -3.33 58.00 46.68
C CYS B 13 -3.21 56.63 46.01
N GLN B 14 -3.28 55.56 46.80
CA GLN B 14 -3.13 54.22 46.25
C GLN B 14 -4.28 53.87 45.32
N GLN B 15 -5.51 54.20 45.72
CA GLN B 15 -6.65 53.95 44.84
C GLN B 15 -6.63 54.83 43.61
N CYS B 16 -6.09 56.04 43.72
CA CYS B 16 -6.02 56.95 42.58
C CYS B 16 -5.20 56.35 41.45
N LEU B 17 -3.98 55.90 41.76
CA LEU B 17 -3.13 55.31 40.74
C LEU B 17 -3.75 54.03 40.17
N ALA B 18 -4.56 53.33 40.98
CA ALA B 18 -5.14 52.07 40.53
C ALA B 18 -6.22 52.27 39.47
N VAL B 19 -6.69 53.50 39.29
CA VAL B 19 -7.75 53.75 38.30
C VAL B 19 -7.23 53.51 36.89
N SER B 20 -6.16 54.22 36.51
CA SER B 20 -5.64 54.18 35.15
C SER B 20 -4.20 54.65 35.16
N PRO B 21 -3.37 54.17 34.23
CA PRO B 21 -1.95 54.59 34.21
C PRO B 21 -1.75 56.07 33.90
N MET B 22 -2.79 56.79 33.51
CA MET B 22 -2.69 58.21 33.24
C MET B 22 -3.06 59.07 34.45
N CYS B 23 -3.51 58.48 35.54
CA CYS B 23 -3.93 59.25 36.70
C CYS B 23 -2.73 59.65 37.56
N ALA B 24 -2.90 60.74 38.30
CA ALA B 24 -1.89 61.26 39.21
C ALA B 24 -2.58 61.76 40.47
N TRP B 25 -1.78 61.92 41.52
CA TRP B 25 -2.29 62.30 42.83
C TRP B 25 -1.54 63.52 43.35
N CYS B 26 -2.27 64.43 43.99
CA CYS B 26 -1.70 65.64 44.58
C CYS B 26 -1.79 65.54 46.09
N SER B 27 -0.62 65.61 46.76
CA SER B 27 -0.52 65.47 48.21
C SER B 27 -0.32 66.80 48.91
N ASP B 28 -0.76 67.89 48.29
CA ASP B 28 -0.55 69.23 48.81
C ASP B 28 -1.64 69.60 49.82
N GLU B 29 -1.27 70.48 50.76
CA GLU B 29 -2.24 70.98 51.72
C GLU B 29 -3.12 72.07 51.11
N ALA B 30 -2.49 73.05 50.45
CA ALA B 30 -3.21 74.20 49.89
C ALA B 30 -3.87 73.78 48.57
N LEU B 31 -4.98 73.06 48.70
CA LEU B 31 -5.80 72.64 47.58
C LEU B 31 -7.26 72.88 47.92
N PRO B 32 -8.04 73.44 46.99
CA PRO B 32 -9.44 73.73 47.27
C PRO B 32 -10.22 72.49 47.68
N LEU B 33 -11.30 72.71 48.43
CA LEU B 33 -12.13 71.61 48.90
C LEU B 33 -12.84 70.91 47.75
N GLY B 34 -13.44 71.68 46.83
CA GLY B 34 -14.15 71.09 45.72
C GLY B 34 -13.25 70.50 44.66
N SER B 35 -12.00 70.93 44.58
CA SER B 35 -11.12 70.43 43.54
C SER B 35 -10.68 68.99 43.87
N PRO B 36 -10.62 68.11 42.88
CA PRO B 36 -10.17 66.74 43.13
C PRO B 36 -8.66 66.63 43.13
N ARG B 37 -8.15 65.74 43.99
CA ARG B 37 -6.73 65.46 44.08
C ARG B 37 -6.26 64.44 43.06
N CYS B 38 -7.17 63.79 42.34
CA CYS B 38 -6.86 62.67 41.45
C CYS B 38 -7.31 63.06 40.05
N ASP B 39 -6.37 63.60 39.27
CA ASP B 39 -6.65 64.05 37.92
C ASP B 39 -5.43 63.74 37.06
N LEU B 40 -5.46 64.20 35.81
CA LEU B 40 -4.27 64.13 34.97
C LEU B 40 -3.17 65.00 35.56
N LYS B 41 -1.92 64.70 35.19
CA LYS B 41 -0.81 65.52 35.65
C LYS B 41 -0.89 66.93 35.08
N GLU B 42 -1.53 67.11 33.92
CA GLU B 42 -1.71 68.44 33.36
C GLU B 42 -2.73 69.25 34.17
N ASN B 43 -3.83 68.62 34.56
CA ASN B 43 -4.90 69.35 35.25
C ASN B 43 -4.50 69.76 36.66
N LEU B 44 -3.68 68.96 37.33
CA LEU B 44 -3.30 69.27 38.71
C LEU B 44 -2.35 70.47 38.76
N LEU B 45 -1.32 70.46 37.90
CA LEU B 45 -0.48 71.63 37.76
C LEU B 45 -1.29 72.86 37.37
N LYS B 46 -2.33 72.65 36.56
CA LYS B 46 -3.24 73.74 36.19
C LYS B 46 -3.96 74.31 37.40
N ASP B 47 -4.18 73.49 38.44
CA ASP B 47 -4.85 73.93 39.66
C ASP B 47 -3.86 74.26 40.79
N ASN B 48 -2.64 74.63 40.43
CA ASN B 48 -1.65 75.15 41.37
C ASN B 48 -1.27 74.12 42.43
N CYS B 49 -1.01 72.89 42.00
CA CYS B 49 -0.54 71.84 42.90
C CYS B 49 0.98 71.90 42.93
N ALA B 50 1.55 71.80 44.14
CA ALA B 50 2.99 71.83 44.29
C ALA B 50 3.62 70.66 43.56
N PRO B 51 4.56 70.89 42.64
CA PRO B 51 5.08 69.77 41.82
C PRO B 51 5.72 68.66 42.65
N GLU B 52 6.28 68.97 43.82
CA GLU B 52 6.91 67.95 44.64
C GLU B 52 5.89 67.00 45.26
N SER B 53 4.63 67.43 45.38
CA SER B 53 3.58 66.61 45.97
C SER B 53 2.82 65.77 44.95
N ILE B 54 3.27 65.75 43.70
CA ILE B 54 2.57 65.02 42.64
C ILE B 54 3.12 63.60 42.57
N GLU B 55 2.26 62.62 42.83
CA GLU B 55 2.60 61.21 42.71
C GLU B 55 2.13 60.72 41.34
N PHE B 56 3.06 60.64 40.40
CA PHE B 56 2.76 60.19 39.04
C PHE B 56 3.87 59.29 38.54
N PRO B 57 3.81 58.01 38.87
CA PRO B 57 4.79 57.05 38.34
C PRO B 57 4.57 56.75 36.87
N VAL B 58 5.68 56.57 36.16
CA VAL B 58 5.68 56.26 34.73
C VAL B 58 6.31 54.88 34.54
N SER B 59 5.57 53.99 33.87
CA SER B 59 6.12 52.69 33.53
C SER B 59 7.29 52.85 32.56
N GLU B 60 8.43 52.23 32.89
CA GLU B 60 9.64 52.38 32.10
C GLU B 60 10.33 51.02 31.96
N ALA B 61 11.50 51.04 31.33
CA ALA B 61 12.25 49.82 31.06
C ALA B 61 13.69 50.17 30.71
N ARG B 62 14.61 49.98 31.65
CA ARG B 62 16.02 50.31 31.44
C ARG B 62 16.88 49.06 31.57
N VAL B 63 17.96 49.03 30.81
CA VAL B 63 18.85 47.87 30.81
C VAL B 63 19.84 47.99 31.97
N LEU B 64 20.32 46.84 32.42
CA LEU B 64 21.37 46.76 33.44
C LEU B 64 22.61 46.03 32.96
N GLU B 65 22.46 45.03 32.11
CA GLU B 65 23.58 44.35 31.45
C GLU B 65 23.31 44.32 29.96
N ASP B 66 24.16 44.97 29.17
CA ASP B 66 24.00 45.04 27.73
C ASP B 66 25.34 44.74 27.05
N ARG B 67 25.88 43.55 27.33
CA ARG B 67 27.10 43.12 26.67
C ARG B 67 26.84 43.00 25.17
N PRO B 68 27.81 43.34 24.32
CA PRO B 68 27.63 43.18 22.88
C PRO B 68 27.70 41.72 22.49
N LEU B 69 26.87 41.34 21.52
CA LEU B 69 26.90 39.98 21.00
C LEU B 69 28.28 39.65 20.45
N SER B 70 28.77 38.46 20.79
CA SER B 70 30.11 38.07 20.34
C SER B 70 30.11 37.73 18.86
N ASP B 71 31.23 38.05 18.21
CA ASP B 71 31.41 37.65 16.82
C ASP B 71 31.88 36.20 16.69
N LYS B 72 32.63 35.71 17.67
CA LYS B 72 33.19 34.37 17.63
C LYS B 72 33.02 33.69 18.97
N GLY B 73 32.49 32.47 18.95
CA GLY B 73 32.46 31.63 20.13
C GLY B 73 33.73 30.87 20.39
N SER B 74 34.68 30.92 19.46
CA SER B 74 36.00 30.38 19.68
C SER B 74 36.71 31.16 20.78
N GLY B 75 37.74 30.54 21.34
CA GLY B 75 38.45 31.19 22.40
C GLY B 75 37.56 31.46 23.61
N ASP B 76 38.15 32.24 24.52
CA ASP B 76 37.49 32.65 25.77
C ASP B 76 37.18 31.46 26.67
N SER B 77 37.12 31.71 27.97
CA SER B 77 36.66 30.72 28.93
C SER B 77 35.13 30.74 28.96
N SER B 78 34.55 30.58 27.77
CA SER B 78 33.11 30.68 27.54
C SER B 78 32.59 32.06 27.95
N GLN B 79 33.37 33.10 27.63
CA GLN B 79 32.91 34.49 27.77
C GLN B 79 32.16 34.93 26.52
N VAL B 80 31.35 34.03 25.97
CA VAL B 80 30.62 34.29 24.73
C VAL B 80 29.22 34.78 25.08
N THR B 81 28.75 35.79 24.35
CA THR B 81 27.43 36.36 24.54
C THR B 81 26.56 36.02 23.34
N GLN B 82 25.43 35.35 23.57
CA GLN B 82 24.47 35.04 22.52
C GLN B 82 23.17 35.82 22.64
N VAL B 83 22.91 36.43 23.79
CA VAL B 83 21.66 37.16 24.05
C VAL B 83 22.01 38.56 24.54
N SER B 84 21.34 39.56 23.99
CA SER B 84 21.52 40.94 24.42
C SER B 84 20.15 41.63 24.39
N PRO B 85 19.80 42.38 25.44
CA PRO B 85 20.59 42.50 26.67
C PRO B 85 20.49 41.24 27.52
N GLN B 86 21.35 41.12 28.54
CA GLN B 86 21.36 39.96 29.42
C GLN B 86 20.52 40.17 30.67
N ARG B 87 20.14 41.40 30.98
CA ARG B 87 19.35 41.71 32.17
C ARG B 87 18.77 43.12 32.06
N ILE B 88 17.49 43.27 32.38
CA ILE B 88 16.85 44.59 32.36
C ILE B 88 16.03 44.75 33.64
N ALA B 89 15.80 46.01 33.99
CA ALA B 89 14.92 46.38 35.09
C ALA B 89 13.62 46.90 34.51
N LEU B 90 12.50 46.37 34.99
CA LEU B 90 11.19 46.72 34.48
C LEU B 90 10.34 47.29 35.61
N ARG B 91 9.63 48.37 35.31
CA ARG B 91 8.76 49.02 36.29
C ARG B 91 7.39 49.24 35.68
N LEU B 92 6.34 48.80 36.37
CA LEU B 92 4.98 48.89 35.87
C LEU B 92 4.07 49.42 36.97
N ARG B 93 3.02 50.12 36.56
CA ARG B 93 1.95 50.55 37.44
C ARG B 93 0.66 49.82 37.07
N PRO B 94 -0.34 49.78 37.95
CA PRO B 94 -1.49 48.88 37.75
C PRO B 94 -2.15 49.04 36.39
N ASP B 95 -2.33 47.91 35.70
CA ASP B 95 -3.04 47.81 34.42
C ASP B 95 -2.32 48.52 33.28
N ASP B 96 -1.03 48.78 33.43
CA ASP B 96 -0.23 49.43 32.39
C ASP B 96 0.56 48.38 31.62
N SER B 97 1.32 48.82 30.63
CA SER B 97 2.16 47.92 29.85
C SER B 97 3.33 48.70 29.28
N LYS B 98 4.51 48.08 29.32
CA LYS B 98 5.73 48.63 28.73
C LYS B 98 6.33 47.61 27.77
N ASN B 99 7.14 48.10 26.83
CA ASN B 99 7.72 47.25 25.79
C ASN B 99 9.24 47.34 25.78
N PHE B 100 9.89 46.20 25.53
CA PHE B 100 11.34 46.11 25.48
C PHE B 100 11.74 45.09 24.42
N SER B 101 13.02 45.08 24.08
CA SER B 101 13.54 44.26 22.99
C SER B 101 14.57 43.26 23.49
N ILE B 102 14.86 42.27 22.63
CA ILE B 102 15.85 41.24 22.93
C ILE B 102 16.47 40.80 21.61
N GLN B 103 17.79 40.57 21.63
CA GLN B 103 18.53 40.13 20.45
C GLN B 103 19.10 38.74 20.69
N VAL B 104 19.03 37.89 19.66
CA VAL B 104 19.57 36.54 19.69
C VAL B 104 20.43 36.32 18.47
N ARG B 105 21.60 35.71 18.67
CA ARG B 105 22.52 35.41 17.57
C ARG B 105 23.02 33.98 17.70
N GLN B 106 23.02 33.26 16.58
CA GLN B 106 23.63 31.93 16.50
C GLN B 106 25.10 32.13 16.17
N VAL B 107 25.93 32.14 17.22
CA VAL B 107 27.31 32.59 17.08
C VAL B 107 28.11 31.62 16.23
N GLU B 108 29.06 32.16 15.46
CA GLU B 108 29.95 31.37 14.63
C GLU B 108 31.07 30.78 15.48
N ASP B 109 31.58 29.62 15.04
CA ASP B 109 32.74 28.96 15.66
C ASP B 109 32.45 28.58 17.11
N TYR B 110 31.25 28.08 17.37
CA TYR B 110 30.86 27.63 18.71
C TYR B 110 31.26 26.18 18.89
N PRO B 111 31.83 25.83 20.06
CA PRO B 111 32.28 24.45 20.28
C PRO B 111 31.12 23.45 20.22
N VAL B 112 31.47 22.20 19.92
CA VAL B 112 30.50 21.15 19.64
C VAL B 112 30.98 19.84 20.25
N ASP B 113 30.05 19.11 20.88
CA ASP B 113 30.28 17.74 21.34
C ASP B 113 29.43 16.78 20.52
N ILE B 114 30.01 15.65 20.12
CA ILE B 114 29.31 14.63 19.35
C ILE B 114 29.62 13.27 19.97
N TYR B 115 28.61 12.63 20.55
CA TYR B 115 28.75 11.29 21.10
C TYR B 115 28.05 10.30 20.16
N TYR B 116 28.85 9.47 19.50
CA TYR B 116 28.32 8.50 18.54
C TYR B 116 27.85 7.25 19.29
N LEU B 117 26.55 6.99 19.26
CA LEU B 117 25.94 5.86 19.95
C LEU B 117 25.50 4.84 18.90
N MET B 118 26.11 3.66 18.93
CA MET B 118 26.03 2.74 17.79
C MET B 118 25.40 1.42 18.19
N ASP B 119 24.37 1.03 17.44
CA ASP B 119 23.87 -0.35 17.47
C ASP B 119 24.97 -1.28 17.01
N LEU B 120 25.28 -2.29 17.83
CA LEU B 120 26.23 -3.33 17.47
C LEU B 120 25.60 -4.72 17.59
N SER B 121 24.31 -4.81 17.33
CA SER B 121 23.70 -6.11 17.13
C SER B 121 24.19 -6.71 15.81
N TYR B 122 23.88 -8.00 15.60
CA TYR B 122 24.42 -8.70 14.44
C TYR B 122 23.97 -8.08 13.11
N SER B 123 22.87 -7.33 13.10
CA SER B 123 22.40 -6.69 11.88
C SER B 123 23.34 -5.58 11.37
N MET B 124 24.44 -5.29 12.08
CA MET B 124 25.25 -4.11 11.82
C MET B 124 26.72 -4.45 11.54
N LYS B 125 27.00 -5.64 10.99
CA LYS B 125 28.38 -5.98 10.67
C LYS B 125 28.91 -5.12 9.54
N ASP B 126 28.17 -5.07 8.42
CA ASP B 126 28.58 -4.29 7.26
C ASP B 126 28.89 -2.85 7.60
N ASP B 127 28.28 -2.32 8.66
CA ASP B 127 28.40 -0.89 8.95
C ASP B 127 29.66 -0.55 9.72
N LEU B 128 30.14 -1.47 10.56
CA LEU B 128 31.30 -1.19 11.41
C LEU B 128 32.55 -0.88 10.60
N TRP B 129 32.64 -1.41 9.37
CA TRP B 129 33.83 -1.26 8.55
C TRP B 129 33.90 0.09 7.84
N SER B 130 32.75 0.68 7.52
CA SER B 130 32.71 1.93 6.78
C SER B 130 33.03 3.14 7.64
N ILE B 131 32.92 3.03 8.96
CA ILE B 131 33.17 4.13 9.86
C ILE B 131 34.52 3.99 10.58
N GLN B 132 35.42 3.15 10.04
CA GLN B 132 36.72 2.99 10.69
C GLN B 132 37.57 4.23 10.56
N ASN B 133 37.43 4.98 9.47
CA ASN B 133 38.11 6.25 9.28
C ASN B 133 37.20 7.44 9.59
N LEU B 134 36.09 7.19 10.28
CA LEU B 134 35.07 8.21 10.48
C LEU B 134 35.60 9.42 11.24
N GLY B 135 36.07 9.20 12.47
CA GLY B 135 36.54 10.31 13.29
C GLY B 135 37.60 11.17 12.63
N THR B 136 38.45 10.55 11.81
CA THR B 136 39.43 11.31 11.02
C THR B 136 38.73 12.17 9.98
N LYS B 137 37.92 11.55 9.12
CA LYS B 137 37.21 12.30 8.09
C LYS B 137 36.22 13.29 8.69
N LEU B 138 35.68 12.98 9.87
CA LEU B 138 34.68 13.86 10.49
C LEU B 138 35.31 15.15 11.00
N ALA B 139 36.48 15.05 11.64
CA ALA B 139 37.17 16.26 12.08
C ALA B 139 37.59 17.14 10.91
N THR B 140 37.73 16.56 9.72
CA THR B 140 38.08 17.36 8.54
C THR B 140 36.94 18.29 8.14
N GLN B 141 35.70 17.79 8.20
CA GLN B 141 34.56 18.54 7.71
C GLN B 141 33.97 19.50 8.74
N MET B 142 34.06 19.16 10.04
CA MET B 142 33.58 20.05 11.08
C MET B 142 34.55 21.18 11.38
N ARG B 143 35.82 21.04 10.97
CA ARG B 143 36.78 22.11 11.12
C ARG B 143 36.36 23.38 10.39
N LYS B 144 35.44 23.26 9.43
CA LYS B 144 34.92 24.41 8.68
C LYS B 144 33.84 25.16 9.45
N LEU B 145 33.39 24.65 10.59
CA LEU B 145 32.35 25.30 11.38
C LEU B 145 32.74 25.54 12.83
N THR B 146 33.74 24.82 13.36
CA THR B 146 34.15 25.01 14.75
C THR B 146 35.61 24.62 14.88
N SER B 147 36.32 25.31 15.77
CA SER B 147 37.69 24.96 16.10
C SER B 147 37.79 24.11 17.36
N ASN B 148 36.70 23.98 18.12
CA ASN B 148 36.67 23.16 19.33
C ASN B 148 35.69 22.01 19.09
N LEU B 149 36.22 20.85 18.74
CA LEU B 149 35.42 19.64 18.54
C LEU B 149 35.88 18.54 19.48
N ARG B 150 34.92 17.87 20.10
CA ARG B 150 35.18 16.68 20.91
C ARG B 150 34.20 15.59 20.49
N ILE B 151 34.69 14.36 20.36
CA ILE B 151 33.86 13.24 19.93
C ILE B 151 34.06 12.06 20.86
N GLY B 152 33.03 11.22 20.96
CA GLY B 152 33.08 10.02 21.78
C GLY B 152 32.23 8.92 21.17
N PHE B 153 32.30 7.74 21.76
CA PHE B 153 31.67 6.57 21.18
C PHE B 153 31.11 5.66 22.25
N GLY B 154 29.88 5.19 22.02
CA GLY B 154 29.29 4.16 22.86
C GLY B 154 28.55 3.17 21.98
N ALA B 155 28.27 2.00 22.56
CA ALA B 155 27.64 0.92 21.82
C ALA B 155 26.58 0.24 22.68
N PHE B 156 25.57 -0.31 22.01
CA PHE B 156 24.48 -1.02 22.66
C PHE B 156 24.05 -2.20 21.81
N VAL B 157 23.40 -3.17 22.45
CA VAL B 157 22.70 -4.23 21.75
C VAL B 157 21.29 -4.33 22.31
N ASP B 158 21.13 -5.08 23.39
CA ASP B 158 19.83 -5.27 24.03
C ASP B 158 20.10 -5.79 25.45
N LYS B 159 19.03 -5.97 26.21
CA LYS B 159 19.14 -6.44 27.58
C LYS B 159 19.69 -7.86 27.62
N PRO B 160 20.89 -8.06 28.15
CA PRO B 160 21.48 -9.40 28.17
C PRO B 160 20.77 -10.34 29.13
N VAL B 161 19.54 -10.72 28.76
CA VAL B 161 18.75 -11.63 29.57
C VAL B 161 17.76 -12.33 28.64
N SER B 162 17.40 -13.55 28.99
CA SER B 162 16.38 -14.28 28.24
C SER B 162 15.08 -13.47 28.25
N PRO B 163 14.33 -13.44 27.12
CA PRO B 163 14.56 -14.18 25.88
C PRO B 163 15.35 -13.41 24.83
N TYR B 164 15.75 -12.17 25.12
CA TYR B 164 16.55 -11.42 24.16
C TYR B 164 17.90 -12.08 23.92
N MET B 165 18.44 -12.77 24.93
CA MET B 165 19.75 -13.37 24.86
C MET B 165 19.63 -14.88 24.70
N TYR B 166 20.44 -15.45 23.83
CA TYR B 166 20.54 -16.90 23.75
C TYR B 166 21.24 -17.41 25.00
N ILE B 167 20.63 -18.39 25.68
CA ILE B 167 21.14 -18.90 26.94
C ILE B 167 21.48 -20.38 26.87
N SER B 168 21.52 -20.96 25.69
CA SER B 168 21.90 -22.37 25.55
C SER B 168 22.54 -22.55 24.18
N PRO B 169 23.58 -23.40 24.07
CA PRO B 169 24.30 -24.13 25.12
C PRO B 169 25.21 -23.19 25.91
N PRO B 170 25.92 -23.69 26.95
CA PRO B 170 26.83 -22.81 27.68
C PRO B 170 27.83 -22.10 26.78
N GLU B 171 28.25 -22.74 25.70
CA GLU B 171 29.11 -22.08 24.70
C GLU B 171 28.46 -20.81 24.17
N ALA B 172 27.13 -20.77 24.10
CA ALA B 172 26.46 -19.64 23.47
C ALA B 172 26.57 -18.36 24.28
N LEU B 173 26.75 -18.49 25.61
CA LEU B 173 26.87 -17.30 26.44
C LEU B 173 28.20 -16.59 26.20
N GLU B 174 29.26 -17.36 25.99
CA GLU B 174 30.53 -16.76 25.60
C GLU B 174 30.54 -16.37 24.12
N ASN B 175 29.83 -17.12 23.28
CA ASN B 175 29.81 -16.87 21.83
C ASN B 175 28.40 -17.08 21.34
N PRO B 176 27.62 -15.99 21.22
CA PRO B 176 26.23 -16.13 20.75
C PRO B 176 26.11 -16.69 19.35
N CYS B 177 27.16 -16.52 18.53
CA CYS B 177 27.12 -16.94 17.14
C CYS B 177 27.61 -18.37 16.95
N TYR B 178 27.56 -19.18 18.01
CA TYR B 178 28.21 -20.49 17.96
C TYR B 178 27.57 -21.39 16.90
N ASP B 179 26.24 -21.34 16.77
CA ASP B 179 25.55 -22.28 15.89
C ASP B 179 25.68 -21.90 14.43
N MET B 180 26.44 -20.86 14.11
CA MET B 180 26.86 -20.50 12.78
C MET B 180 28.35 -20.84 12.64
N LYS B 181 29.07 -20.15 11.77
CA LYS B 181 30.48 -20.41 11.56
C LYS B 181 31.35 -19.21 11.90
N THR B 182 30.98 -18.46 12.94
CA THR B 182 31.72 -17.27 13.32
C THR B 182 31.72 -17.14 14.84
N THR B 183 32.45 -16.15 15.32
CA THR B 183 32.45 -15.74 16.71
C THR B 183 31.86 -14.33 16.80
N CYS B 184 31.20 -14.04 17.92
CA CYS B 184 30.82 -12.66 18.22
C CYS B 184 30.96 -12.44 19.71
N LEU B 185 30.90 -11.17 20.11
CA LEU B 185 31.05 -10.82 21.51
C LEU B 185 29.87 -11.35 22.31
N PRO B 186 30.08 -11.64 23.60
CA PRO B 186 28.94 -11.91 24.48
C PRO B 186 28.01 -10.72 24.47
N MET B 187 26.72 -10.99 24.71
N MET B 187 26.72 -11.00 24.71
CA MET B 187 25.74 -9.93 24.66
CA MET B 187 25.71 -9.95 24.74
C MET B 187 25.99 -8.91 25.78
C MET B 187 26.07 -8.88 25.77
N PHE B 188 25.65 -7.66 25.49
CA PHE B 188 25.82 -6.57 26.45
C PHE B 188 24.72 -5.54 26.19
N GLY B 189 24.25 -4.93 27.28
CA GLY B 189 23.23 -3.90 27.17
C GLY B 189 23.74 -2.65 26.50
N TYR B 190 24.53 -1.87 27.24
CA TYR B 190 25.16 -0.66 26.73
C TYR B 190 26.53 -0.52 27.39
N LYS B 191 27.53 -0.16 26.59
CA LYS B 191 28.87 0.02 27.11
C LYS B 191 29.44 1.35 26.61
N HIS B 192 29.98 2.13 27.53
CA HIS B 192 30.72 3.34 27.19
C HIS B 192 32.12 2.95 26.74
N VAL B 193 32.55 3.51 25.62
CA VAL B 193 33.82 3.15 25.00
C VAL B 193 34.82 4.30 25.04
N LEU B 194 34.39 5.51 24.71
CA LEU B 194 35.32 6.63 24.56
C LEU B 194 34.68 7.90 25.08
N THR B 195 35.29 8.49 26.11
CA THR B 195 34.85 9.79 26.61
C THR B 195 35.14 10.88 25.57
N LEU B 196 34.28 11.91 25.56
CA LEU B 196 34.42 13.01 24.61
C LEU B 196 35.81 13.64 24.70
N THR B 197 36.54 13.57 23.60
CA THR B 197 37.92 14.04 23.53
C THR B 197 38.15 14.73 22.20
N ASP B 198 39.21 15.55 22.14
CA ASP B 198 39.58 16.24 20.91
C ASP B 198 40.58 15.47 20.07
N GLN B 199 41.14 14.37 20.59
CA GLN B 199 42.06 13.53 19.84
C GLN B 199 41.24 12.56 18.99
N VAL B 200 41.01 12.94 17.73
CA VAL B 200 40.07 12.19 16.90
C VAL B 200 40.61 10.80 16.55
N THR B 201 41.94 10.62 16.55
CA THR B 201 42.48 9.30 16.25
C THR B 201 42.17 8.28 17.33
N ARG B 202 41.73 8.72 18.52
CA ARG B 202 41.25 7.78 19.52
C ARG B 202 39.90 7.20 19.13
N PHE B 203 39.10 7.96 18.38
CA PHE B 203 37.84 7.43 17.85
C PHE B 203 38.11 6.33 16.85
N ASN B 204 38.98 6.59 15.88
CA ASN B 204 39.29 5.61 14.85
C ASN B 204 39.73 4.28 15.45
N GLU B 205 40.67 4.34 16.40
CA GLU B 205 41.29 3.12 16.91
C GLU B 205 40.41 2.38 17.91
N GLU B 206 39.49 3.08 18.60
CA GLU B 206 38.51 2.37 19.41
C GLU B 206 37.42 1.75 18.54
N VAL B 207 37.10 2.38 17.41
CA VAL B 207 36.15 1.79 16.46
C VAL B 207 36.73 0.51 15.86
N LYS B 208 38.00 0.55 15.47
CA LYS B 208 38.63 -0.60 14.83
C LYS B 208 38.68 -1.82 15.75
N LYS B 209 38.68 -1.60 17.06
CA LYS B 209 38.67 -2.70 18.02
C LYS B 209 37.27 -3.21 18.34
N GLN B 210 36.23 -2.50 17.91
CA GLN B 210 34.86 -2.90 18.19
C GLN B 210 34.41 -4.02 17.26
N SER B 211 33.50 -4.84 17.77
CA SER B 211 32.89 -5.90 16.97
C SER B 211 31.45 -6.09 17.45
N VAL B 212 30.68 -6.87 16.69
CA VAL B 212 29.25 -6.98 16.91
C VAL B 212 28.95 -8.16 17.82
N SER B 213 27.75 -8.14 18.41
CA SER B 213 27.21 -9.27 19.15
C SER B 213 25.93 -9.75 18.47
N ARG B 214 25.12 -10.55 19.17
CA ARG B 214 23.94 -11.12 18.55
C ARG B 214 22.88 -11.39 19.61
N ASN B 215 21.66 -10.92 19.35
CA ASN B 215 20.52 -11.18 20.22
C ASN B 215 19.39 -11.78 19.39
N ARG B 216 18.27 -12.07 20.04
CA ARG B 216 17.22 -12.85 19.40
C ARG B 216 16.18 -11.99 18.68
N ASP B 217 15.74 -10.89 19.29
CA ASP B 217 14.59 -10.15 18.79
C ASP B 217 15.04 -8.86 18.09
N ALA B 218 14.43 -8.60 16.93
CA ALA B 218 14.81 -7.48 16.07
C ALA B 218 14.87 -6.13 16.78
N PRO B 219 13.88 -5.72 17.58
CA PRO B 219 14.03 -4.44 18.29
C PRO B 219 15.19 -4.51 19.27
N GLU B 220 15.90 -3.40 19.41
CA GLU B 220 17.08 -3.36 20.26
C GLU B 220 16.90 -2.34 21.37
N GLY B 221 17.74 -2.45 22.40
CA GLY B 221 17.63 -1.61 23.56
C GLY B 221 18.33 -0.28 23.45
N GLY B 222 18.19 0.38 22.31
CA GLY B 222 18.92 1.62 22.09
C GLY B 222 18.49 2.74 23.01
N PHE B 223 17.25 2.69 23.49
CA PHE B 223 16.77 3.78 24.33
C PHE B 223 17.40 3.74 25.72
N ASP B 224 17.64 2.54 26.24
CA ASP B 224 18.43 2.36 27.46
C ASP B 224 19.75 3.12 27.33
N ALA B 225 20.34 3.08 26.14
CA ALA B 225 21.62 3.73 25.91
C ALA B 225 21.48 5.23 25.72
N ILE B 226 20.36 5.69 25.14
CA ILE B 226 20.14 7.13 25.01
C ILE B 226 20.02 7.77 26.38
N MET B 227 19.31 7.11 27.29
CA MET B 227 19.15 7.61 28.65
C MET B 227 20.51 7.78 29.33
N GLN B 228 21.31 6.71 29.34
CA GLN B 228 22.55 6.73 30.10
C GLN B 228 23.55 7.72 29.51
N ALA B 229 23.66 7.75 28.18
CA ALA B 229 24.56 8.72 27.54
C ALA B 229 24.16 10.15 27.85
N THR B 230 22.95 10.38 28.33
CA THR B 230 22.45 11.71 28.65
C THR B 230 22.68 12.05 30.11
N VAL B 231 22.21 11.20 31.02
CA VAL B 231 22.25 11.53 32.45
C VAL B 231 23.59 11.24 33.09
N CYS B 232 24.50 10.56 32.39
CA CYS B 232 25.85 10.34 32.91
C CYS B 232 26.80 11.43 32.40
N ASP B 233 26.55 12.66 32.87
CA ASP B 233 27.28 13.83 32.41
C ASP B 233 28.79 13.60 32.46
N GLU B 234 29.28 13.15 33.61
CA GLU B 234 30.72 13.14 33.84
C GLU B 234 31.41 12.07 32.98
N LYS B 235 30.81 10.89 32.86
CA LYS B 235 31.48 9.81 32.15
C LYS B 235 31.53 10.08 30.66
N ILE B 236 30.44 10.61 30.09
CA ILE B 236 30.46 10.96 28.67
C ILE B 236 31.31 12.21 28.45
N GLY B 237 31.23 13.17 29.36
CA GLY B 237 32.07 14.35 29.30
C GLY B 237 31.50 15.50 28.53
N TRP B 238 30.18 15.69 28.54
CA TRP B 238 29.59 16.85 27.90
C TRP B 238 30.16 18.13 28.51
N ARG B 239 30.56 19.07 27.66
CA ARG B 239 31.08 20.34 28.14
C ARG B 239 29.92 21.29 28.44
N ASN B 240 30.15 22.18 29.41
CA ASN B 240 29.10 23.09 29.84
C ASN B 240 28.67 24.04 28.73
N ASP B 241 29.63 24.62 28.01
CA ASP B 241 29.36 25.60 26.97
C ASP B 241 29.73 25.00 25.62
N ALA B 242 28.82 24.22 25.06
CA ALA B 242 28.98 23.60 23.76
C ALA B 242 27.64 23.02 23.33
N SER B 243 27.44 22.92 22.02
CA SER B 243 26.26 22.27 21.49
C SER B 243 26.44 20.76 21.56
N HIS B 244 25.45 20.07 22.13
CA HIS B 244 25.56 18.65 22.43
C HIS B 244 24.79 17.84 21.40
N LEU B 245 25.51 16.97 20.67
CA LEU B 245 24.92 16.14 19.63
C LEU B 245 25.07 14.67 20.02
N LEU B 246 23.94 13.98 20.16
CA LEU B 246 23.90 12.55 20.46
C LEU B 246 23.43 11.82 19.21
N VAL B 247 24.36 11.18 18.52
CA VAL B 247 24.06 10.50 17.26
C VAL B 247 23.67 9.06 17.54
N PHE B 248 22.45 8.70 17.16
CA PHE B 248 21.90 7.37 17.40
C PHE B 248 21.74 6.67 16.05
N THR B 249 22.49 5.60 15.84
CA THR B 249 22.42 4.83 14.60
C THR B 249 21.91 3.43 14.90
N THR B 250 20.91 3.00 14.14
CA THR B 250 20.39 1.63 14.22
C THR B 250 19.72 1.32 12.89
N ASP B 251 19.52 0.02 12.65
CA ASP B 251 18.89 -0.45 11.42
C ASP B 251 17.65 -1.29 11.70
N ALA B 252 17.03 -1.08 12.86
CA ALA B 252 15.89 -1.89 13.27
C ALA B 252 14.99 -1.06 14.18
N LYS B 253 13.88 -1.68 14.59
CA LYS B 253 12.96 -1.08 15.56
C LYS B 253 13.65 -0.91 16.91
N THR B 254 12.93 -0.41 17.89
CA THR B 254 13.52 -0.21 19.22
C THR B 254 12.52 -0.67 20.27
N HIS B 255 13.06 -1.11 21.41
CA HIS B 255 12.22 -1.41 22.54
C HIS B 255 11.80 -0.12 23.24
N ILE B 256 10.59 -0.14 23.80
CA ILE B 256 10.04 1.02 24.49
C ILE B 256 9.66 0.61 25.91
N ALA B 257 9.21 1.59 26.68
CA ALA B 257 8.80 1.32 28.06
C ALA B 257 7.68 0.29 28.10
N LEU B 258 7.80 -0.64 29.05
CA LEU B 258 6.90 -1.76 29.34
C LEU B 258 7.16 -2.97 28.44
N ASP B 259 8.10 -2.87 27.49
CA ASP B 259 8.54 -4.08 26.79
C ASP B 259 9.28 -5.02 27.73
N GLY B 260 9.99 -4.48 28.71
CA GLY B 260 10.83 -5.26 29.60
C GLY B 260 10.09 -6.35 30.36
N ARG B 261 8.76 -6.25 30.41
CA ARG B 261 7.99 -7.24 31.16
C ARG B 261 8.15 -8.63 30.55
N LEU B 262 8.50 -8.71 29.27
CA LEU B 262 8.77 -10.00 28.66
C LEU B 262 10.07 -10.62 29.14
N ALA B 263 10.80 -9.98 30.05
CA ALA B 263 11.97 -10.58 30.67
C ALA B 263 11.81 -10.69 32.18
N GLY B 264 10.61 -10.41 32.70
CA GLY B 264 10.41 -10.33 34.13
C GLY B 264 10.75 -9.00 34.73
N ILE B 265 11.05 -7.99 33.91
CA ILE B 265 11.48 -6.68 34.39
C ILE B 265 10.26 -5.77 34.47
N VAL B 266 9.96 -5.29 35.67
CA VAL B 266 8.80 -4.43 35.88
C VAL B 266 9.14 -3.10 36.52
N GLN B 267 10.32 -2.94 37.13
CA GLN B 267 10.67 -1.69 37.78
C GLN B 267 10.83 -0.58 36.76
N PRO B 268 10.13 0.55 36.91
CA PRO B 268 10.29 1.64 35.95
C PRO B 268 11.71 2.18 35.92
N ASN B 269 12.07 2.75 34.77
CA ASN B 269 13.37 3.40 34.63
C ASN B 269 13.41 4.65 35.51
N ASP B 270 14.48 4.77 36.31
CA ASP B 270 14.58 5.86 37.27
C ASP B 270 15.24 7.11 36.71
N GLY B 271 15.80 7.04 35.50
CA GLY B 271 16.44 8.22 34.95
C GLY B 271 17.72 8.63 35.64
N GLN B 272 18.31 7.76 36.44
CA GLN B 272 19.58 8.02 37.09
C GLN B 272 20.70 7.28 36.37
N CYS B 273 21.93 7.72 36.62
CA CYS B 273 23.08 7.09 35.97
C CYS B 273 23.42 5.78 36.66
N HIS B 274 23.71 4.76 35.86
CA HIS B 274 24.03 3.43 36.36
C HIS B 274 25.20 2.81 35.61
N VAL B 275 26.11 3.64 35.11
CA VAL B 275 27.30 3.19 34.40
C VAL B 275 28.49 3.39 35.33
N GLY B 276 29.08 2.29 35.79
CA GLY B 276 30.13 2.34 36.78
C GLY B 276 31.52 2.41 36.20
N SER B 277 32.49 1.93 36.97
CA SER B 277 33.88 1.93 36.51
C SER B 277 34.09 0.96 35.36
N ASP B 278 33.25 -0.08 35.28
CA ASP B 278 33.36 -1.06 34.21
C ASP B 278 32.74 -0.60 32.90
N ASN B 279 32.19 0.61 32.86
CA ASN B 279 31.66 1.22 31.63
C ASN B 279 30.48 0.47 31.05
N HIS B 280 29.85 -0.43 31.81
CA HIS B 280 28.67 -1.15 31.36
C HIS B 280 27.46 -0.74 32.19
N TYR B 281 26.30 -0.71 31.53
CA TYR B 281 25.05 -0.38 32.20
C TYR B 281 24.63 -1.53 33.10
N SER B 282 24.64 -1.29 34.41
CA SER B 282 24.46 -2.36 35.38
C SER B 282 23.00 -2.65 35.72
N ALA B 283 22.08 -1.74 35.41
CA ALA B 283 20.66 -1.97 35.61
C ALA B 283 19.97 -2.47 34.34
N SER B 284 20.75 -2.98 33.38
CA SER B 284 20.17 -3.43 32.12
C SER B 284 19.22 -4.60 32.30
N THR B 285 19.51 -5.49 33.24
CA THR B 285 18.70 -6.68 33.46
C THR B 285 17.73 -6.56 34.64
N THR B 286 17.67 -5.40 35.29
CA THR B 286 16.79 -5.19 36.43
C THR B 286 15.84 -4.02 36.28
N MET B 287 16.06 -3.12 35.31
CA MET B 287 15.30 -1.90 35.18
C MET B 287 14.78 -1.77 33.76
N ASP B 288 13.54 -1.29 33.63
CA ASP B 288 12.85 -1.30 32.35
C ASP B 288 13.40 -0.24 31.41
N TYR B 289 13.07 -0.37 30.13
CA TYR B 289 13.43 0.64 29.15
C TYR B 289 12.76 1.96 29.50
N PRO B 290 13.38 3.10 29.15
CA PRO B 290 12.76 4.39 29.46
C PRO B 290 11.58 4.68 28.55
N SER B 291 10.77 5.63 28.99
CA SER B 291 9.68 6.13 28.17
C SER B 291 10.12 7.36 27.39
N LEU B 292 9.37 7.69 26.35
CA LEU B 292 9.70 8.86 25.54
C LEU B 292 9.65 10.13 26.37
N GLY B 293 8.65 10.25 27.24
CA GLY B 293 8.54 11.44 28.08
C GLY B 293 9.70 11.57 29.05
N LEU B 294 10.15 10.46 29.60
CA LEU B 294 11.30 10.51 30.50
C LEU B 294 12.58 10.84 29.74
N MET B 295 12.70 10.33 28.51
CA MET B 295 13.85 10.69 27.68
C MET B 295 13.84 12.17 27.34
N THR B 296 12.67 12.72 27.02
CA THR B 296 12.56 14.14 26.70
C THR B 296 12.98 15.00 27.88
N GLU B 297 12.56 14.62 29.08
CA GLU B 297 12.88 15.39 30.28
C GLU B 297 14.39 15.53 30.45
N LYS B 298 15.13 14.43 30.27
CA LYS B 298 16.57 14.45 30.47
C LYS B 298 17.28 15.12 29.30
N LEU B 299 16.86 14.85 28.07
CA LEU B 299 17.45 15.52 26.92
C LEU B 299 17.30 17.03 27.00
N SER B 300 16.19 17.50 27.57
CA SER B 300 16.00 18.93 27.77
C SER B 300 16.78 19.44 28.98
N GLN B 301 16.94 18.60 30.00
CA GLN B 301 17.66 19.01 31.20
C GLN B 301 19.15 19.19 30.91
N LYS B 302 19.71 18.36 30.02
CA LYS B 302 21.13 18.38 29.71
C LYS B 302 21.45 19.10 28.40
N ASN B 303 20.43 19.62 27.70
CA ASN B 303 20.61 20.31 26.43
C ASN B 303 21.24 19.40 25.38
N ILE B 304 20.76 18.17 25.30
CA ILE B 304 21.22 17.22 24.30
C ILE B 304 20.32 17.33 23.09
N ASN B 305 20.93 17.42 21.91
CA ASN B 305 20.21 17.34 20.64
C ASN B 305 20.35 15.92 20.10
N LEU B 306 19.25 15.18 20.09
CA LEU B 306 19.24 13.79 19.66
C LEU B 306 19.08 13.70 18.15
N ILE B 307 19.87 12.83 17.53
CA ILE B 307 19.91 12.70 16.08
C ILE B 307 19.70 11.22 15.74
N PHE B 308 18.55 10.91 15.15
CA PHE B 308 18.25 9.56 14.69
C PHE B 308 18.84 9.39 13.29
N ALA B 309 19.96 8.68 13.20
CA ALA B 309 20.61 8.37 11.93
C ALA B 309 20.37 6.90 11.62
N VAL B 310 19.25 6.63 10.95
CA VAL B 310 18.78 5.26 10.77
C VAL B 310 18.63 4.95 9.29
N THR B 311 18.39 3.67 9.01
CA THR B 311 18.24 3.18 7.65
C THR B 311 16.81 3.41 7.15
N GLU B 312 16.66 3.43 5.82
CA GLU B 312 15.40 3.82 5.20
C GLU B 312 14.26 2.88 5.57
N ASN B 313 14.57 1.65 5.98
CA ASN B 313 13.49 0.73 6.35
C ASN B 313 12.85 1.07 7.69
N VAL B 314 13.37 2.06 8.41
CA VAL B 314 12.77 2.49 9.68
C VAL B 314 12.82 4.01 9.81
N VAL B 315 12.92 4.72 8.69
CA VAL B 315 12.94 6.18 8.75
C VAL B 315 11.58 6.71 9.18
N ASN B 316 10.51 6.22 8.55
CA ASN B 316 9.15 6.61 8.94
C ASN B 316 8.96 6.42 10.44
N LEU B 317 9.44 5.30 10.97
CA LEU B 317 9.36 5.00 12.39
C LEU B 317 10.00 6.10 13.21
N TYR B 318 11.30 6.30 13.04
CA TYR B 318 12.01 7.27 13.85
C TYR B 318 11.64 8.70 13.52
N GLN B 319 11.05 8.95 12.34
CA GLN B 319 10.51 10.28 12.09
CA GLN B 319 10.48 10.27 12.06
C GLN B 319 9.29 10.55 12.96
N ASN B 320 8.50 9.52 13.24
CA ASN B 320 7.31 9.67 14.06
C ASN B 320 7.65 9.78 15.54
N TYR B 321 8.64 9.02 15.99
CA TYR B 321 9.18 9.22 17.34
C TYR B 321 9.70 10.64 17.50
N SER B 322 10.47 11.11 16.51
CA SER B 322 11.04 12.45 16.53
C SER B 322 9.99 13.54 16.69
N GLU B 323 8.75 13.27 16.28
CA GLU B 323 7.68 14.23 16.47
C GLU B 323 7.14 14.22 17.90
N LEU B 324 7.41 13.16 18.66
CA LEU B 324 7.03 13.09 20.07
C LEU B 324 8.17 13.50 20.99
N ILE B 325 9.34 13.83 20.44
CA ILE B 325 10.47 14.33 21.21
C ILE B 325 10.93 15.63 20.55
N PRO B 326 10.32 16.77 20.88
CA PRO B 326 10.64 18.01 20.15
C PRO B 326 12.13 18.35 20.21
N GLY B 327 12.62 18.91 19.11
CA GLY B 327 14.03 19.20 18.96
C GLY B 327 14.87 18.07 18.43
N THR B 328 14.25 16.95 18.07
CA THR B 328 14.96 15.79 17.53
C THR B 328 15.02 15.88 16.01
N THR B 329 16.15 15.46 15.44
CA THR B 329 16.39 15.53 14.01
C THR B 329 16.67 14.14 13.47
N VAL B 330 16.18 13.87 12.26
CA VAL B 330 16.33 12.58 11.62
C VAL B 330 17.13 12.74 10.34
N GLY B 331 18.06 11.81 10.12
CA GLY B 331 18.76 11.71 8.86
C GLY B 331 18.74 10.27 8.38
N VAL B 332 18.89 10.11 7.06
CA VAL B 332 18.76 8.81 6.42
C VAL B 332 20.14 8.21 6.24
N LEU B 333 20.36 7.03 6.81
CA LEU B 333 21.64 6.34 6.78
C LEU B 333 21.58 5.25 5.71
N SER B 334 22.63 5.16 4.89
CA SER B 334 22.72 4.06 3.94
C SER B 334 22.86 2.74 4.69
N MET B 335 22.69 1.64 3.95
CA MET B 335 22.75 0.31 4.55
C MET B 335 24.11 -0.01 5.17
N ASP B 336 25.15 0.78 4.86
CA ASP B 336 26.50 0.48 5.33
C ASP B 336 27.16 1.69 5.98
N SER B 337 26.36 2.61 6.52
CA SER B 337 26.85 3.76 7.28
C SER B 337 27.99 4.48 6.56
N SER B 338 27.90 4.60 5.24
CA SER B 338 28.95 5.26 4.47
C SER B 338 28.72 6.76 4.30
N ASN B 339 27.45 7.19 4.35
CA ASN B 339 27.10 8.60 4.27
C ASN B 339 26.87 9.22 5.65
N VAL B 340 27.23 8.52 6.72
CA VAL B 340 27.05 9.02 8.07
C VAL B 340 27.75 10.35 8.28
N LEU B 341 28.80 10.63 7.50
CA LEU B 341 29.57 11.85 7.68
C LEU B 341 28.79 13.07 7.22
N GLN B 342 28.26 13.03 5.99
CA GLN B 342 27.46 14.14 5.50
C GLN B 342 26.19 14.33 6.31
N LEU B 343 25.66 13.24 6.88
CA LEU B 343 24.39 13.31 7.61
C LEU B 343 24.52 14.21 8.84
N ILE B 344 25.59 14.02 9.61
CA ILE B 344 25.74 14.76 10.86
C ILE B 344 25.90 16.25 10.60
N VAL B 345 26.64 16.62 9.56
CA VAL B 345 26.84 18.03 9.23
C VAL B 345 25.52 18.68 8.85
N ASP B 346 24.72 17.99 8.03
CA ASP B 346 23.41 18.53 7.67
C ASP B 346 22.52 18.68 8.89
N ALA B 347 22.59 17.72 9.82
CA ALA B 347 21.78 17.81 11.03
C ALA B 347 22.24 18.96 11.92
N TYR B 348 23.56 19.16 12.04
CA TYR B 348 24.07 20.25 12.86
C TYR B 348 23.59 21.60 12.33
N GLY B 349 23.57 21.77 11.01
CA GLY B 349 23.03 23.00 10.45
C GLY B 349 21.55 23.14 10.71
N LYS B 350 20.80 22.06 10.51
CA LYS B 350 19.36 22.10 10.76
C LYS B 350 19.05 22.37 12.22
N ILE B 351 19.95 21.98 13.13
CA ILE B 351 19.73 22.22 14.55
C ILE B 351 19.87 23.70 14.87
N ARG B 352 20.93 24.33 14.38
CA ARG B 352 21.19 25.74 14.63
C ARG B 352 20.51 26.65 13.59
N SER B 353 19.47 26.17 12.91
CA SER B 353 18.70 26.97 11.97
C SER B 353 17.45 27.57 12.61
N LYS B 354 17.25 27.40 13.91
CA LYS B 354 16.04 27.83 14.58
C LYS B 354 16.38 28.54 15.89
N VAL B 355 15.67 29.64 16.14
CA VAL B 355 15.66 30.32 17.42
C VAL B 355 14.22 30.35 17.92
N GLU B 356 14.00 29.82 19.11
CA GLU B 356 12.65 29.66 19.65
C GLU B 356 12.68 30.08 21.11
N LEU B 357 12.04 31.21 21.42
CA LEU B 357 12.08 31.75 22.77
C LEU B 357 11.26 30.90 23.74
N GLU B 358 11.67 30.93 25.01
CA GLU B 358 10.98 30.24 26.08
C GLU B 358 10.98 31.13 27.31
N VAL B 359 9.94 30.98 28.13
CA VAL B 359 9.74 31.81 29.31
C VAL B 359 9.71 30.93 30.55
N ARG B 360 10.38 31.38 31.61
CA ARG B 360 10.44 30.66 32.87
C ARG B 360 10.08 31.60 34.01
N ASP B 361 9.37 31.06 35.00
CA ASP B 361 9.04 31.76 36.24
C ASP B 361 8.27 33.05 35.99
N LEU B 362 7.44 33.06 34.96
CA LEU B 362 6.61 34.22 34.67
C LEU B 362 5.47 34.30 35.69
N PRO B 363 5.33 35.40 36.42
CA PRO B 363 4.22 35.51 37.39
C PRO B 363 2.86 35.32 36.76
N GLU B 364 1.87 35.02 37.60
CA GLU B 364 0.51 34.79 37.10
C GLU B 364 -0.09 36.04 36.50
N GLU B 365 0.16 37.20 37.10
CA GLU B 365 -0.48 38.44 36.69
C GLU B 365 0.22 39.12 35.51
N LEU B 366 1.22 38.50 34.91
CA LEU B 366 1.90 39.05 33.75
C LEU B 366 1.55 38.25 32.50
N SER B 367 1.32 38.96 31.40
CA SER B 367 1.09 38.35 30.10
C SER B 367 1.99 39.03 29.07
N LEU B 368 2.52 38.23 28.15
CA LEU B 368 3.49 38.72 27.18
C LEU B 368 2.97 38.56 25.76
N SER B 369 3.55 39.35 24.86
CA SER B 369 3.27 39.25 23.43
C SER B 369 4.56 39.53 22.68
N PHE B 370 4.65 39.03 21.45
CA PHE B 370 5.93 38.98 20.75
C PHE B 370 5.76 39.36 19.29
N ASN B 371 6.79 40.02 18.76
CA ASN B 371 6.92 40.30 17.33
C ASN B 371 8.33 39.93 16.90
N ALA B 372 8.42 38.98 15.98
CA ALA B 372 9.71 38.45 15.52
C ALA B 372 10.23 39.24 14.33
N THR B 373 11.55 39.18 14.14
CA THR B 373 12.24 39.86 13.03
C THR B 373 13.29 38.89 12.48
N CYS B 374 12.82 37.88 11.75
CA CYS B 374 13.73 36.97 11.07
C CYS B 374 14.07 37.53 9.69
N LEU B 375 14.95 36.83 8.98
CA LEU B 375 15.34 37.18 7.60
C LEU B 375 15.90 38.61 7.63
N ASN B 376 15.44 39.50 6.75
CA ASN B 376 15.90 40.89 6.69
C ASN B 376 14.76 41.79 7.15
N ASN B 377 14.76 42.12 8.45
CA ASN B 377 13.93 43.20 8.99
C ASN B 377 12.45 43.01 8.71
N GLU B 378 12.02 41.76 8.52
CA GLU B 378 10.61 41.47 8.24
C GLU B 378 9.92 41.15 9.56
N VAL B 379 8.93 41.97 9.94
CA VAL B 379 8.25 41.83 11.21
C VAL B 379 7.15 40.78 11.08
N ILE B 380 7.02 39.93 12.09
CA ILE B 380 6.01 38.88 12.13
C ILE B 380 5.28 38.95 13.46
N PRO B 381 4.05 39.47 13.51
CA PRO B 381 3.39 39.68 14.81
C PRO B 381 2.93 38.36 15.44
N GLY B 382 2.96 38.35 16.77
CA GLY B 382 2.46 37.20 17.51
C GLY B 382 3.23 35.92 17.27
N LEU B 383 4.55 36.02 17.10
CA LEU B 383 5.39 34.86 16.86
C LEU B 383 6.68 34.98 17.66
N LYS B 384 7.08 33.87 18.28
CA LYS B 384 8.25 33.85 19.15
C LYS B 384 9.23 32.75 18.74
N SER B 385 9.35 32.48 17.44
CA SER B 385 10.22 31.40 16.96
C SER B 385 10.59 31.66 15.51
N CYS B 386 11.88 31.83 15.25
CA CYS B 386 12.40 31.97 13.89
C CYS B 386 12.85 30.63 13.34
N MET B 387 12.88 30.53 12.02
CA MET B 387 13.34 29.33 11.34
C MET B 387 14.05 29.73 10.06
N GLY B 388 14.85 28.81 9.53
CA GLY B 388 15.57 29.05 8.30
C GLY B 388 16.82 29.88 8.45
N LEU B 389 17.55 29.73 9.55
CA LEU B 389 18.69 30.56 9.88
C LEU B 389 20.00 29.85 9.54
N LYS B 390 21.06 30.63 9.48
CA LYS B 390 22.41 30.13 9.25
C LYS B 390 23.30 30.54 10.42
N ILE B 391 24.49 29.92 10.47
CA ILE B 391 25.46 30.24 11.51
C ILE B 391 25.96 31.66 11.29
N GLY B 392 25.77 32.51 12.30
CA GLY B 392 26.14 33.91 12.23
C GLY B 392 24.98 34.86 12.07
N ASP B 393 23.82 34.37 11.65
CA ASP B 393 22.64 35.21 11.50
C ASP B 393 22.20 35.73 12.86
N THR B 394 21.37 36.78 12.84
CA THR B 394 20.89 37.42 14.05
C THR B 394 19.44 37.84 13.87
N VAL B 395 18.63 37.59 14.90
CA VAL B 395 17.23 37.98 14.92
C VAL B 395 16.95 38.76 16.20
N SER B 396 15.80 39.43 16.21
CA SER B 396 15.38 40.18 17.38
C SER B 396 13.87 40.05 17.55
N PHE B 397 13.42 40.32 18.78
CA PHE B 397 12.01 40.27 19.12
C PHE B 397 11.64 41.49 19.95
N SER B 398 10.45 42.03 19.70
CA SER B 398 9.87 43.07 20.53
C SER B 398 8.81 42.47 21.42
N ILE B 399 8.85 42.81 22.71
CA ILE B 399 8.05 42.15 23.73
C ILE B 399 7.28 43.20 24.52
N GLU B 400 6.01 42.92 24.83
CA GLU B 400 5.17 43.81 25.62
C GLU B 400 4.61 43.04 26.81
N ALA B 401 4.90 43.53 28.01
CA ALA B 401 4.44 42.92 29.26
C ALA B 401 3.25 43.72 29.79
N LYS B 402 2.10 43.07 29.92
CA LYS B 402 0.86 43.70 30.36
C LYS B 402 0.45 43.09 31.69
N VAL B 403 0.41 43.92 32.74
CA VAL B 403 0.10 43.47 34.09
C VAL B 403 -1.37 43.71 34.37
N ARG B 404 -1.97 42.80 35.14
CA ARG B 404 -3.39 42.83 35.48
C ARG B 404 -3.53 43.19 36.95
N GLY B 405 -4.14 44.35 37.22
CA GLY B 405 -4.31 44.77 38.59
C GLY B 405 -2.98 45.08 39.25
N CYS B 406 -2.86 44.74 40.53
CA CYS B 406 -1.60 44.88 41.26
C CYS B 406 -1.42 43.64 42.13
N PRO B 407 -0.25 43.02 42.10
CA PRO B 407 0.00 41.83 42.91
C PRO B 407 0.45 42.19 44.33
N GLN B 408 0.59 41.14 45.16
CA GLN B 408 0.98 41.32 46.55
C GLN B 408 2.48 41.53 46.69
N GLU B 409 3.27 40.61 46.13
CA GLU B 409 4.73 40.78 46.13
C GLU B 409 5.10 41.84 45.09
N LYS B 410 5.87 42.84 45.54
CA LYS B 410 6.13 44.02 44.72
C LYS B 410 7.40 43.90 43.87
N GLU B 411 8.15 42.81 44.00
CA GLU B 411 9.36 42.63 43.19
C GLU B 411 9.52 41.16 42.88
N LYS B 412 9.34 40.78 41.61
CA LYS B 412 9.56 39.44 41.11
C LYS B 412 10.55 39.49 39.95
N SER B 413 10.86 38.33 39.39
CA SER B 413 11.78 38.24 38.26
C SER B 413 11.50 36.98 37.46
N PHE B 414 11.61 37.09 36.14
CA PHE B 414 11.43 35.96 35.23
C PHE B 414 12.48 36.02 34.14
N THR B 415 12.56 34.96 33.35
CA THR B 415 13.66 34.78 32.40
C THR B 415 13.12 34.52 31.00
N ILE B 416 13.83 35.06 30.01
CA ILE B 416 13.58 34.80 28.60
C ILE B 416 14.82 34.13 28.02
N LYS B 417 14.67 32.89 27.57
CA LYS B 417 15.82 32.13 27.08
C LYS B 417 15.47 31.38 25.80
N PRO B 418 16.36 31.39 24.82
CA PRO B 418 16.17 30.52 23.65
C PRO B 418 16.37 29.07 24.03
N VAL B 419 15.71 28.19 23.30
CA VAL B 419 15.81 26.76 23.56
C VAL B 419 17.21 26.29 23.19
N GLY B 420 17.88 25.61 24.13
CA GLY B 420 19.19 25.06 23.91
C GLY B 420 20.33 26.01 24.16
N PHE B 421 20.06 27.31 24.25
CA PHE B 421 21.12 28.30 24.41
C PHE B 421 21.57 28.39 25.87
N LYS B 422 22.80 28.86 26.06
CA LYS B 422 23.31 29.07 27.41
C LYS B 422 22.84 30.40 27.97
N ASP B 423 23.09 31.48 27.25
CA ASP B 423 22.76 32.83 27.72
C ASP B 423 21.25 33.02 27.79
N SER B 424 20.84 34.10 28.46
CA SER B 424 19.43 34.36 28.71
C SER B 424 19.25 35.82 29.10
N LEU B 425 18.00 36.28 28.98
CA LEU B 425 17.61 37.61 29.42
C LEU B 425 16.81 37.49 30.71
N ILE B 426 17.19 38.27 31.72
CA ILE B 426 16.54 38.28 33.02
C ILE B 426 15.81 39.61 33.17
N VAL B 427 14.54 39.55 33.57
CA VAL B 427 13.70 40.72 33.70
C VAL B 427 13.36 40.90 35.17
N GLN B 428 13.91 41.94 35.79
CA GLN B 428 13.64 42.26 37.19
C GLN B 428 12.47 43.25 37.22
N VAL B 429 11.29 42.74 37.54
CA VAL B 429 10.07 43.53 37.54
C VAL B 429 9.92 44.22 38.89
N THR B 430 9.42 45.46 38.87
CA THR B 430 9.05 46.19 40.07
C THR B 430 7.67 46.80 39.85
N PHE B 431 6.70 46.39 40.67
CA PHE B 431 5.33 46.87 40.56
C PHE B 431 5.15 48.11 41.43
N ASP B 432 5.20 49.29 40.82
CA ASP B 432 5.11 50.55 41.54
C ASP B 432 3.64 50.92 41.70
N CYS B 433 3.02 50.33 42.72
CA CYS B 433 1.61 50.58 43.00
C CYS B 433 1.40 51.60 44.11
N ASP B 434 2.35 51.69 45.05
CA ASP B 434 2.20 52.59 46.18
C ASP B 434 2.71 53.98 45.85
N CYS B 435 2.52 54.90 46.79
CA CYS B 435 2.99 56.28 46.67
C CYS B 435 4.09 56.53 47.69
N ALA B 436 5.03 57.42 47.31
CA ALA B 436 6.11 57.78 48.22
C ALA B 436 5.58 58.42 49.49
N CYS B 437 4.51 59.23 49.37
CA CYS B 437 3.93 59.91 50.52
C CYS B 437 3.34 58.96 51.55
N GLN B 438 3.13 57.68 51.21
CA GLN B 438 2.64 56.73 52.20
C GLN B 438 3.70 56.39 53.23
N ALA B 439 4.99 56.42 52.85
CA ALA B 439 6.07 56.14 53.79
C ALA B 439 6.16 57.14 54.93
N GLN B 440 5.49 58.28 54.82
CA GLN B 440 5.52 59.35 55.83
C GLN B 440 4.12 59.65 56.35
N ALA B 441 3.33 58.61 56.58
CA ALA B 441 1.96 58.77 57.03
C ALA B 441 1.90 59.06 58.52
N GLU B 442 0.81 59.71 58.94
CA GLU B 442 0.63 60.09 60.33
C GLU B 442 -0.49 59.25 60.96
N PRO B 443 -0.17 58.16 61.66
CA PRO B 443 -1.21 57.38 62.34
C PRO B 443 -1.67 58.06 63.61
N ASN B 444 -2.97 57.89 63.92
CA ASN B 444 -3.60 58.57 65.04
C ASN B 444 -3.42 60.08 64.95
N SER B 445 -3.47 60.62 63.74
CA SER B 445 -3.36 62.05 63.53
C SER B 445 -4.52 62.78 64.22
N HIS B 446 -4.21 63.95 64.76
CA HIS B 446 -5.22 64.80 65.36
C HIS B 446 -5.88 65.72 64.33
N ARG B 447 -5.63 65.49 63.05
CA ARG B 447 -6.39 66.11 61.97
C ARG B 447 -7.61 65.28 61.57
N CYS B 448 -7.71 64.04 62.05
CA CYS B 448 -8.69 63.07 61.53
C CYS B 448 -9.53 62.53 62.68
N ASN B 449 -10.66 63.19 62.96
CA ASN B 449 -11.72 62.64 63.80
C ASN B 449 -11.24 62.32 65.21
N ASN B 450 -10.39 63.19 65.76
CA ASN B 450 -9.92 63.09 67.15
C ASN B 450 -9.13 61.81 67.40
N GLY B 451 -8.15 61.54 66.54
CA GLY B 451 -7.27 60.40 66.68
C GLY B 451 -7.84 59.06 66.26
N ASN B 452 -8.97 59.03 65.56
CA ASN B 452 -9.58 57.79 65.10
C ASN B 452 -9.15 57.42 63.68
N GLY B 453 -8.23 58.18 63.08
CA GLY B 453 -7.81 57.94 61.72
C GLY B 453 -6.36 58.27 61.51
N THR B 454 -5.92 58.11 60.27
CA THR B 454 -4.55 58.31 59.86
C THR B 454 -4.49 59.34 58.74
N PHE B 455 -3.47 60.19 58.78
CA PHE B 455 -3.27 61.26 57.80
C PHE B 455 -2.10 60.90 56.90
N GLU B 456 -2.40 60.50 55.67
CA GLU B 456 -1.38 60.18 54.68
C GLU B 456 -1.70 60.88 53.36
N CYS B 457 -0.66 61.41 52.71
CA CYS B 457 -0.76 62.02 51.38
C CYS B 457 -1.80 63.14 51.35
N GLY B 458 -2.03 63.80 52.48
CA GLY B 458 -2.92 64.94 52.52
C GLY B 458 -4.39 64.65 52.68
N VAL B 459 -4.77 63.46 53.12
CA VAL B 459 -6.16 63.09 53.37
C VAL B 459 -6.25 62.24 54.63
N CYS B 460 -7.48 62.01 55.07
CA CYS B 460 -7.75 61.27 56.30
C CYS B 460 -8.27 59.87 55.96
N ARG B 461 -7.58 58.86 56.47
CA ARG B 461 -7.96 57.46 56.24
C ARG B 461 -8.38 56.81 57.56
N CYS B 462 -9.36 55.91 57.47
CA CYS B 462 -9.74 55.11 58.62
C CYS B 462 -8.61 54.14 58.96
N GLY B 463 -8.21 54.15 60.23
CA GLY B 463 -7.10 53.34 60.69
C GLY B 463 -7.43 51.87 60.86
N PRO B 464 -6.47 51.09 61.35
CA PRO B 464 -6.71 49.65 61.54
C PRO B 464 -7.78 49.42 62.60
N GLY B 465 -8.59 48.39 62.38
CA GLY B 465 -9.66 48.05 63.30
C GLY B 465 -11.01 48.64 62.96
N TRP B 466 -11.05 49.68 62.12
CA TRP B 466 -12.33 50.25 61.68
C TRP B 466 -12.75 49.64 60.34
N LEU C 1 -17.73 -1.71 -60.33
CA LEU C 1 -17.45 -1.45 -58.91
C LEU C 1 -17.41 0.05 -58.63
N ASN C 2 -17.14 0.40 -57.37
CA ASN C 2 -17.17 1.80 -56.95
C ASN C 2 -15.78 2.43 -57.02
N LEU C 3 -14.88 2.01 -56.13
CA LEU C 3 -13.51 2.52 -56.14
C LEU C 3 -12.67 1.69 -57.10
N ASP C 4 -11.99 2.37 -58.01
CA ASP C 4 -11.18 1.72 -59.04
C ASP C 4 -9.87 1.19 -58.44
N PRO C 5 -9.73 -0.12 -58.26
CA PRO C 5 -8.50 -0.67 -57.69
C PRO C 5 -7.43 -0.99 -58.72
N VAL C 6 -7.67 -0.63 -59.98
CA VAL C 6 -6.76 -0.95 -61.08
C VAL C 6 -5.81 0.20 -61.37
N GLN C 7 -6.33 1.40 -61.55
N GLN C 7 -6.33 1.40 -61.55
CA GLN C 7 -5.53 2.59 -61.87
CA GLN C 7 -5.52 2.58 -61.88
C GLN C 7 -5.52 3.51 -60.66
C GLN C 7 -5.51 3.51 -60.67
N LEU C 8 -4.57 3.27 -59.76
CA LEU C 8 -4.41 4.11 -58.58
C LEU C 8 -3.47 5.26 -58.89
N THR C 9 -3.41 6.22 -57.97
CA THR C 9 -2.44 7.30 -58.01
C THR C 9 -1.62 7.26 -56.74
N PHE C 10 -0.31 7.35 -56.87
CA PHE C 10 0.60 7.20 -55.74
C PHE C 10 1.39 8.49 -55.52
N TYR C 11 1.47 8.92 -54.27
CA TYR C 11 2.34 10.01 -53.85
C TYR C 11 3.34 9.47 -52.84
N ALA C 12 4.60 9.88 -52.98
CA ALA C 12 5.67 9.34 -52.15
C ALA C 12 6.43 10.46 -51.47
N GLY C 13 6.90 10.17 -50.26
CA GLY C 13 7.76 11.09 -49.53
C GLY C 13 9.11 10.46 -49.24
N PRO C 14 9.95 11.17 -48.49
CA PRO C 14 11.29 10.66 -48.21
C PRO C 14 11.26 9.39 -47.37
N ASN C 15 12.37 8.66 -47.40
CA ASN C 15 12.50 7.43 -46.64
C ASN C 15 12.51 7.72 -45.14
N GLY C 16 11.81 6.88 -44.37
CA GLY C 16 11.76 7.05 -42.94
C GLY C 16 11.10 8.31 -42.46
N SER C 17 10.34 8.99 -43.32
CA SER C 17 9.65 10.21 -42.94
C SER C 17 8.24 9.95 -42.42
N GLN C 18 7.75 8.72 -42.54
CA GLN C 18 6.37 8.39 -42.18
C GLN C 18 5.37 9.25 -42.95
N PHE C 19 5.74 9.61 -44.18
CA PHE C 19 4.84 10.26 -45.11
C PHE C 19 3.57 9.42 -45.27
N GLY C 20 2.44 9.99 -44.87
CA GLY C 20 1.19 9.27 -44.85
C GLY C 20 0.68 8.91 -43.48
N PHE C 21 1.32 9.40 -42.41
CA PHE C 21 0.81 9.19 -41.06
C PHE C 21 -0.53 9.90 -40.86
N SER C 22 -0.75 11.00 -41.58
CA SER C 22 -2.01 11.72 -41.53
C SER C 22 -2.16 12.50 -42.83
N LEU C 23 -3.42 12.72 -43.23
CA LEU C 23 -3.71 13.40 -44.49
C LEU C 23 -5.13 13.93 -44.46
N ASP C 24 -5.44 14.81 -45.40
CA ASP C 24 -6.76 15.41 -45.51
C ASP C 24 -6.86 16.19 -46.82
N PHE C 25 -8.09 16.43 -47.25
CA PHE C 25 -8.33 17.21 -48.46
C PHE C 25 -8.31 18.69 -48.15
N HIS C 26 -7.70 19.46 -49.05
CA HIS C 26 -7.54 20.91 -48.85
C HIS C 26 -8.02 21.65 -50.10
N LYS C 27 -9.11 22.39 -49.97
CA LYS C 27 -9.54 23.31 -51.02
C LYS C 27 -8.88 24.66 -50.80
N ASP C 28 -8.30 25.21 -51.87
CA ASP C 28 -7.76 26.56 -51.81
C ASP C 28 -8.92 27.55 -51.98
N SER C 29 -8.62 28.85 -52.08
CA SER C 29 -9.66 29.86 -52.21
C SER C 29 -10.45 29.74 -53.51
N HIS C 30 -9.89 29.07 -54.53
CA HIS C 30 -10.58 28.85 -55.79
C HIS C 30 -11.31 27.52 -55.86
N GLY C 31 -11.28 26.73 -54.78
CA GLY C 31 -11.96 25.45 -54.75
C GLY C 31 -11.19 24.28 -55.32
N ARG C 32 -9.96 24.50 -55.77
CA ARG C 32 -9.17 23.42 -56.34
C ARG C 32 -8.68 22.49 -55.24
N VAL C 33 -9.04 21.21 -55.33
CA VAL C 33 -8.74 20.26 -54.28
C VAL C 33 -7.30 19.79 -54.40
N ALA C 34 -6.60 19.79 -53.27
CA ALA C 34 -5.26 19.23 -53.15
C ALA C 34 -5.23 18.29 -51.95
N ILE C 35 -4.07 17.70 -51.68
CA ILE C 35 -3.89 16.78 -50.56
C ILE C 35 -2.74 17.27 -49.70
N VAL C 36 -3.00 17.44 -48.41
CA VAL C 36 -1.96 17.73 -47.43
C VAL C 36 -1.63 16.44 -46.71
N VAL C 37 -0.33 16.16 -46.56
CA VAL C 37 0.14 14.90 -45.98
C VAL C 37 1.07 15.21 -44.82
N GLY C 38 0.95 14.45 -43.74
CA GLY C 38 1.81 14.59 -42.59
C GLY C 38 2.93 13.57 -42.61
N ALA C 39 4.14 14.04 -42.33
CA ALA C 39 5.34 13.20 -42.32
C ALA C 39 6.11 13.50 -41.05
N PRO C 40 5.73 12.88 -39.93
CA PRO C 40 6.22 13.31 -38.61
C PRO C 40 7.63 12.86 -38.27
N ARG C 41 8.35 12.19 -39.16
CA ARG C 41 9.76 11.89 -38.94
C ARG C 41 10.64 12.50 -40.03
N THR C 42 10.13 13.53 -40.70
CA THR C 42 10.92 14.24 -41.69
C THR C 42 12.12 14.91 -41.03
N LEU C 43 13.28 14.80 -41.68
CA LEU C 43 14.45 15.50 -41.18
C LEU C 43 14.27 17.00 -41.28
N GLY C 44 14.75 17.71 -40.28
CA GLY C 44 14.75 19.16 -40.29
C GLY C 44 16.06 19.72 -40.79
N PRO C 45 16.44 20.89 -40.29
CA PRO C 45 17.71 21.50 -40.72
C PRO C 45 18.88 21.02 -39.86
N SER C 46 18.63 20.78 -38.58
CA SER C 46 19.62 20.28 -37.63
C SER C 46 19.92 18.82 -37.81
N GLN C 47 19.43 18.21 -38.90
CA GLN C 47 19.61 16.80 -39.20
C GLN C 47 19.06 15.90 -38.10
N GLU C 48 18.01 16.37 -37.41
CA GLU C 48 17.28 15.57 -36.44
C GLU C 48 15.81 15.54 -36.82
N GLU C 49 15.14 14.45 -36.45
CA GLU C 49 13.73 14.29 -36.79
C GLU C 49 12.90 15.41 -36.18
N THR C 50 12.22 16.17 -37.03
CA THR C 50 11.29 17.20 -36.58
C THR C 50 9.90 17.06 -37.17
N GLY C 51 9.72 16.24 -38.20
CA GLY C 51 8.46 16.18 -38.90
C GLY C 51 8.33 17.29 -39.92
N GLY C 52 7.43 17.07 -40.88
CA GLY C 52 7.18 18.05 -41.92
C GLY C 52 5.83 17.84 -42.52
N VAL C 53 5.43 18.79 -43.37
CA VAL C 53 4.13 18.77 -44.02
C VAL C 53 4.32 18.97 -45.52
N PHE C 54 3.56 18.24 -46.32
CA PHE C 54 3.62 18.32 -47.77
C PHE C 54 2.23 18.62 -48.32
N LEU C 55 2.16 19.54 -49.27
CA LEU C 55 0.92 19.92 -49.94
C LEU C 55 0.96 19.37 -51.37
N CYS C 56 0.24 18.28 -51.59
CA CYS C 56 0.29 17.58 -52.87
C CYS C 56 -0.80 18.11 -53.80
N PRO C 57 -0.45 18.72 -54.92
CA PRO C 57 -1.47 19.11 -55.90
C PRO C 57 -1.98 17.90 -56.66
N TRP C 58 -3.25 17.96 -57.06
CA TRP C 58 -3.88 16.81 -57.69
C TRP C 58 -3.29 16.57 -59.07
N ARG C 59 -2.69 15.40 -59.26
CA ARG C 59 -2.19 14.95 -60.55
C ARG C 59 -2.48 13.47 -60.66
N ALA C 60 -3.06 13.05 -61.79
CA ALA C 60 -3.44 11.65 -61.95
C ALA C 60 -2.26 10.70 -61.91
N GLU C 61 -1.04 11.20 -62.16
CA GLU C 61 0.16 10.38 -62.13
C GLU C 61 0.87 10.45 -60.79
N GLY C 62 0.54 11.42 -59.94
CA GLY C 62 1.16 11.49 -58.62
C GLY C 62 2.60 11.97 -58.68
N GLY C 63 3.41 11.48 -57.73
CA GLY C 63 4.82 11.86 -57.68
C GLY C 63 5.27 12.51 -56.40
N GLN C 64 6.28 13.37 -56.49
CA GLN C 64 6.77 14.10 -55.31
C GLN C 64 5.90 15.32 -55.06
N CYS C 65 5.98 15.84 -53.84
CA CYS C 65 5.17 16.99 -53.46
C CYS C 65 6.03 18.06 -52.81
N PRO C 66 5.64 19.33 -52.95
CA PRO C 66 6.40 20.41 -52.31
C PRO C 66 6.14 20.46 -50.81
N SER C 67 7.14 20.94 -50.08
CA SER C 67 7.04 21.07 -48.64
C SER C 67 6.20 22.28 -48.27
N LEU C 68 5.38 22.13 -47.23
CA LEU C 68 4.69 23.25 -46.60
C LEU C 68 5.57 23.70 -45.44
N LEU C 69 6.30 24.79 -45.63
CA LEU C 69 7.41 25.13 -44.75
C LEU C 69 6.90 25.78 -43.47
N PHE C 70 7.41 25.29 -42.34
CA PHE C 70 7.14 25.87 -41.03
C PHE C 70 8.46 26.19 -40.33
N ASP C 71 8.37 27.03 -39.31
CA ASP C 71 9.55 27.40 -38.54
C ASP C 71 9.94 26.25 -37.61
N LEU C 72 11.16 25.74 -37.77
CA LEU C 72 11.63 24.60 -36.99
C LEU C 72 12.74 25.00 -36.02
N ARG C 73 12.78 26.26 -35.59
CA ARG C 73 13.84 26.75 -34.72
C ARG C 73 13.48 26.59 -33.26
N ASP C 74 14.47 26.23 -32.44
CA ASP C 74 14.30 26.16 -31.00
C ASP C 74 14.29 27.57 -30.43
N GLU C 75 13.14 28.01 -29.95
CA GLU C 75 12.95 29.40 -29.52
C GLU C 75 13.23 29.56 -28.03
N THR C 76 13.73 30.74 -27.67
CA THR C 76 14.09 31.06 -26.30
C THR C 76 13.73 32.51 -26.00
N ARG C 77 13.21 32.75 -24.80
CA ARG C 77 12.85 34.10 -24.37
C ARG C 77 13.17 34.27 -22.89
N ASN C 78 13.93 35.31 -22.57
CA ASN C 78 14.22 35.68 -21.19
C ASN C 78 13.27 36.81 -20.82
N VAL C 79 12.21 36.49 -20.06
CA VAL C 79 11.18 37.45 -19.73
C VAL C 79 10.67 37.18 -18.32
N GLY C 80 10.33 38.25 -17.61
CA GLY C 80 9.74 38.13 -16.29
C GLY C 80 10.63 37.42 -15.28
N SER C 81 11.95 37.65 -15.36
CA SER C 81 12.95 36.91 -14.59
C SER C 81 12.84 35.40 -14.81
N GLN C 82 12.29 35.00 -15.95
CA GLN C 82 12.15 33.60 -16.31
C GLN C 82 12.74 33.38 -17.70
N THR C 83 12.98 32.11 -18.02
CA THR C 83 13.55 31.73 -19.30
C THR C 83 12.64 30.68 -19.94
N LEU C 84 12.02 31.04 -21.06
CA LEU C 84 11.11 30.17 -21.77
C LEU C 84 11.85 29.42 -22.87
N GLN C 85 11.49 28.15 -23.08
CA GLN C 85 12.18 27.30 -24.04
C GLN C 85 11.18 26.42 -24.78
N THR C 86 11.38 26.28 -26.08
CA THR C 86 10.67 25.31 -26.90
C THR C 86 11.70 24.35 -27.51
N PHE C 87 11.27 23.10 -27.70
CA PHE C 87 12.13 22.06 -28.25
C PHE C 87 11.35 21.31 -29.32
N LYS C 88 11.78 21.47 -30.57
CA LYS C 88 11.09 20.89 -31.72
C LYS C 88 11.77 19.63 -32.24
N ALA C 89 12.74 19.09 -31.50
CA ALA C 89 13.36 17.83 -31.87
C ALA C 89 12.42 16.67 -31.54
N ARG C 90 12.19 15.81 -32.54
CA ARG C 90 11.28 14.66 -32.40
C ARG C 90 9.89 15.10 -31.98
N GLN C 91 9.45 16.26 -32.48
CA GLN C 91 8.15 16.79 -32.11
C GLN C 91 7.01 16.13 -32.88
N GLY C 92 7.31 15.43 -33.96
CA GLY C 92 6.28 14.81 -34.76
C GLY C 92 5.35 15.78 -35.46
N LEU C 93 5.91 16.84 -36.04
CA LEU C 93 5.10 17.75 -36.85
C LEU C 93 4.51 17.00 -38.03
N GLY C 94 3.19 17.04 -38.14
CA GLY C 94 2.49 16.25 -39.13
C GLY C 94 1.94 14.94 -38.61
N ALA C 95 2.04 14.67 -37.31
CA ALA C 95 1.37 13.50 -36.74
C ALA C 95 -0.14 13.61 -36.87
N SER C 96 -0.67 14.80 -37.12
CA SER C 96 -2.07 15.00 -37.42
C SER C 96 -2.21 16.26 -38.25
N VAL C 97 -3.03 16.20 -39.29
CA VAL C 97 -3.33 17.36 -40.11
C VAL C 97 -4.83 17.41 -40.37
N VAL C 98 -5.35 18.62 -40.58
CA VAL C 98 -6.75 18.83 -40.88
C VAL C 98 -6.88 20.14 -41.62
N SER C 99 -7.82 20.22 -42.55
CA SER C 99 -8.02 21.42 -43.35
C SER C 99 -9.39 22.02 -43.07
N TRP C 100 -9.47 23.34 -43.23
CA TRP C 100 -10.71 24.08 -43.07
C TRP C 100 -10.56 25.39 -43.81
N SER C 101 -11.50 25.70 -44.70
CA SER C 101 -11.39 26.83 -45.60
C SER C 101 -10.04 26.78 -46.33
N ASP C 102 -9.38 27.92 -46.47
CA ASP C 102 -8.05 28.00 -47.06
C ASP C 102 -6.93 27.83 -46.04
N VAL C 103 -7.21 27.18 -44.91
CA VAL C 103 -6.27 27.09 -43.80
C VAL C 103 -5.93 25.62 -43.55
N ILE C 104 -4.69 25.38 -43.14
CA ILE C 104 -4.19 24.06 -42.78
C ILE C 104 -3.67 24.12 -41.36
N VAL C 105 -3.95 23.07 -40.58
CA VAL C 105 -3.52 22.98 -39.18
C VAL C 105 -2.74 21.67 -39.03
N ALA C 106 -1.42 21.78 -38.94
CA ALA C 106 -0.55 20.63 -38.73
C ALA C 106 0.05 20.74 -37.34
N CYS C 107 -0.02 19.64 -36.58
CA CYS C 107 0.30 19.66 -35.16
C CYS C 107 1.48 18.75 -34.84
N ALA C 108 2.21 19.14 -33.79
CA ALA C 108 3.37 18.39 -33.29
C ALA C 108 3.11 18.02 -31.83
N PRO C 109 2.46 16.89 -31.59
CA PRO C 109 2.02 16.57 -30.21
C PRO C 109 3.15 16.33 -29.24
N TRP C 110 4.37 16.05 -29.71
CA TRP C 110 5.48 15.77 -28.83
C TRP C 110 6.50 16.90 -28.79
N GLN C 111 6.09 18.12 -29.17
CA GLN C 111 6.95 19.28 -28.97
C GLN C 111 7.10 19.54 -27.48
N HIS C 112 8.33 19.74 -27.03
CA HIS C 112 8.61 19.90 -25.62
C HIS C 112 8.75 21.37 -25.23
N TRP C 113 8.66 21.62 -23.94
CA TRP C 113 8.55 22.98 -23.40
C TRP C 113 9.03 22.99 -21.97
N ASN C 114 9.73 24.05 -21.59
CA ASN C 114 10.31 24.15 -20.25
C ASN C 114 10.49 25.61 -19.87
N VAL C 115 10.25 25.92 -18.60
CA VAL C 115 10.40 27.26 -18.05
C VAL C 115 11.41 27.20 -16.92
N LEU C 116 12.47 27.98 -17.02
CA LEU C 116 13.52 28.01 -16.02
C LEU C 116 13.37 29.24 -15.12
N GLU C 117 13.83 29.09 -13.87
CA GLU C 117 13.90 30.22 -12.94
C GLU C 117 14.93 29.86 -11.88
N LYS C 118 16.13 30.42 -12.01
CA LYS C 118 17.25 30.16 -11.12
C LYS C 118 17.59 28.67 -11.10
N THR C 119 17.26 27.98 -10.03
CA THR C 119 17.51 26.54 -9.93
C THR C 119 16.25 25.70 -10.14
N GLU C 120 15.07 26.31 -10.11
CA GLU C 120 13.81 25.61 -10.27
C GLU C 120 13.35 25.67 -11.72
N GLU C 121 12.35 24.84 -12.03
CA GLU C 121 11.85 24.74 -13.40
C GLU C 121 10.43 24.20 -13.36
N ALA C 122 9.79 24.21 -14.53
CA ALA C 122 8.47 23.63 -14.71
C ALA C 122 8.53 22.19 -15.19
N GLU C 123 9.73 21.67 -15.44
CA GLU C 123 10.02 20.35 -16.02
C GLU C 123 9.81 20.36 -17.54
N LYS C 124 10.74 19.75 -18.26
CA LYS C 124 10.70 19.66 -19.72
C LYS C 124 9.69 18.58 -20.11
N THR C 125 8.56 18.99 -20.69
CA THR C 125 7.44 18.09 -20.89
C THR C 125 6.82 18.30 -22.26
N PRO C 126 6.21 17.27 -22.86
CA PRO C 126 5.62 17.44 -24.18
C PRO C 126 4.23 18.08 -24.14
N VAL C 127 4.14 19.40 -24.15
CA VAL C 127 2.85 20.07 -24.16
C VAL C 127 2.16 20.00 -25.53
N GLY C 128 2.91 19.76 -26.60
CA GLY C 128 2.35 19.79 -27.93
C GLY C 128 2.13 21.20 -28.44
N SER C 129 2.04 21.32 -29.76
CA SER C 129 1.83 22.61 -30.41
C SER C 129 1.36 22.37 -31.84
N CYS C 130 0.41 23.17 -32.29
CA CYS C 130 -0.08 23.11 -33.65
C CYS C 130 0.42 24.29 -34.46
N PHE C 131 0.71 24.04 -35.73
CA PHE C 131 1.14 25.07 -36.66
C PHE C 131 0.03 25.32 -37.67
N LEU C 132 -0.35 26.58 -37.85
CA LEU C 132 -1.39 26.95 -38.80
C LEU C 132 -0.77 27.68 -39.98
N ALA C 133 -1.37 27.48 -41.15
CA ALA C 133 -0.84 28.05 -42.38
C ALA C 133 -1.99 28.40 -43.32
N GLN C 134 -1.87 29.55 -43.97
CA GLN C 134 -2.72 29.93 -45.10
C GLN C 134 -1.82 29.95 -46.33
N PRO C 135 -1.71 28.85 -47.06
CA PRO C 135 -0.63 28.72 -48.06
C PRO C 135 -0.59 29.81 -49.12
N GLU C 136 -1.76 30.33 -49.53
CA GLU C 136 -1.78 31.28 -50.64
C GLU C 136 -1.17 32.63 -50.24
N SER C 137 -1.47 33.11 -49.02
CA SER C 137 -0.92 34.36 -48.56
C SER C 137 0.45 34.21 -47.91
N GLY C 138 0.81 33.01 -47.45
CA GLY C 138 2.04 32.82 -46.71
C GLY C 138 1.93 33.03 -45.23
N ARG C 139 0.79 33.51 -44.74
CA ARG C 139 0.63 33.78 -43.31
C ARG C 139 0.77 32.50 -42.50
N ARG C 140 1.31 32.65 -41.29
CA ARG C 140 1.51 31.53 -40.39
C ARG C 140 1.06 31.92 -39.00
N ALA C 141 0.87 30.90 -38.16
CA ALA C 141 0.52 31.09 -36.76
C ALA C 141 0.70 29.76 -36.05
N GLU C 142 0.85 29.84 -34.74
CA GLU C 142 0.95 28.66 -33.88
C GLU C 142 -0.13 28.72 -32.82
N TYR C 143 -0.30 27.60 -32.11
CA TYR C 143 -1.27 27.51 -31.03
C TYR C 143 -0.82 26.43 -30.07
N SER C 144 -0.57 26.82 -28.83
CA SER C 144 -0.05 25.91 -27.80
C SER C 144 -0.74 26.24 -26.48
N PRO C 145 -1.95 25.71 -26.29
CA PRO C 145 -2.75 26.13 -25.12
C PRO C 145 -2.30 25.53 -23.80
N CYS C 146 -1.50 24.47 -23.81
CA CYS C 146 -1.12 23.78 -22.58
C CYS C 146 0.22 24.23 -22.03
N ARG C 147 0.89 25.16 -22.70
CA ARG C 147 2.07 25.79 -22.10
C ARG C 147 1.67 26.52 -20.83
N GLY C 148 2.64 26.63 -19.92
CA GLY C 148 2.42 27.35 -18.68
C GLY C 148 3.73 27.84 -18.11
N ASN C 149 3.63 28.59 -17.02
CA ASN C 149 4.81 29.13 -16.34
C ASN C 149 4.86 28.75 -14.87
N THR C 150 4.03 27.80 -14.44
CA THR C 150 4.07 27.33 -13.06
C THR C 150 5.21 26.35 -12.86
N LEU C 151 5.95 26.52 -11.77
CA LEU C 151 7.13 25.70 -11.52
C LEU C 151 6.74 24.34 -10.95
N SER C 152 7.72 23.44 -10.89
CA SER C 152 7.47 22.06 -10.47
C SER C 152 6.95 22.00 -9.04
N ARG C 153 7.52 22.82 -8.16
CA ARG C 153 7.20 22.75 -6.74
C ARG C 153 5.71 22.95 -6.50
N ILE C 154 5.06 23.78 -7.31
CA ILE C 154 3.68 24.15 -7.04
C ILE C 154 2.73 23.00 -7.35
N TYR C 155 2.96 22.29 -8.46
CA TYR C 155 2.11 21.16 -8.82
C TYR C 155 2.10 20.09 -7.74
N VAL C 156 3.19 19.98 -6.98
CA VAL C 156 3.26 19.00 -5.90
C VAL C 156 2.41 19.44 -4.71
N GLU C 157 2.47 20.71 -4.34
CA GLU C 157 1.68 21.21 -3.22
C GLU C 157 0.19 20.99 -3.45
N ASN C 158 -0.25 20.99 -4.72
CA ASN C 158 -1.66 20.92 -5.07
C ASN C 158 -2.06 19.54 -5.58
N ASP C 159 -1.26 18.51 -5.30
CA ASP C 159 -1.59 17.13 -5.64
C ASP C 159 -1.81 16.93 -7.14
N PHE C 160 -1.09 17.71 -7.96
CA PHE C 160 -1.09 17.55 -9.41
C PHE C 160 -2.47 17.78 -10.02
N SER C 161 -3.21 18.75 -9.49
CA SER C 161 -4.45 19.17 -10.10
C SER C 161 -4.16 20.24 -11.15
N TRP C 162 -4.86 20.15 -12.29
CA TRP C 162 -4.69 21.08 -13.40
C TRP C 162 -3.25 21.09 -13.89
N ASP C 163 -2.76 19.91 -14.25
CA ASP C 163 -1.39 19.72 -14.73
C ASP C 163 -1.45 19.52 -16.24
N LYS C 164 -1.26 20.60 -16.99
CA LYS C 164 -1.33 20.59 -18.44
C LYS C 164 0.04 20.46 -19.09
N ARG C 165 1.02 19.92 -18.38
CA ARG C 165 2.38 19.87 -18.90
C ARG C 165 2.59 18.74 -19.90
N TYR C 166 1.76 17.69 -19.84
CA TYR C 166 1.93 16.54 -20.73
C TYR C 166 0.78 16.40 -21.70
N CYS C 167 0.08 17.50 -22.02
CA CYS C 167 -1.11 17.45 -22.87
C CYS C 167 -0.87 16.68 -24.16
N GLU C 168 0.23 17.01 -24.85
CA GLU C 168 0.42 16.61 -26.23
C GLU C 168 -0.74 17.10 -27.09
N ALA C 169 -1.00 18.41 -27.02
CA ALA C 169 -2.04 19.02 -27.82
C ALA C 169 -1.78 18.77 -29.30
N GLY C 170 -2.85 18.59 -30.06
CA GLY C 170 -2.73 18.21 -31.45
C GLY C 170 -2.46 16.74 -31.68
N PHE C 171 -2.53 15.91 -30.64
CA PHE C 171 -2.53 14.47 -30.83
C PHE C 171 -3.63 14.06 -31.81
N SER C 172 -4.83 14.58 -31.58
CA SER C 172 -5.93 14.52 -32.54
C SER C 172 -6.45 15.93 -32.77
N SER C 173 -7.22 16.12 -33.84
CA SER C 173 -7.69 17.46 -34.17
C SER C 173 -8.89 17.36 -35.08
N VAL C 174 -9.63 18.48 -35.15
CA VAL C 174 -10.83 18.58 -35.97
C VAL C 174 -11.27 20.04 -35.95
N VAL C 175 -11.97 20.48 -36.99
CA VAL C 175 -12.43 21.87 -37.10
C VAL C 175 -13.90 21.87 -37.47
N THR C 176 -14.69 22.68 -36.78
CA THR C 176 -16.12 22.77 -37.04
C THR C 176 -16.39 23.54 -38.32
N GLN C 177 -17.64 23.44 -38.80
N GLN C 177 -17.64 23.45 -38.79
CA GLN C 177 -18.05 24.19 -39.99
CA GLN C 177 -18.04 24.19 -39.99
C GLN C 177 -17.92 25.68 -39.77
C GLN C 177 -17.93 25.69 -39.77
N ALA C 178 -18.05 26.14 -38.52
CA ALA C 178 -17.90 27.56 -38.22
C ALA C 178 -16.44 27.99 -38.22
N GLY C 179 -15.54 27.13 -37.74
CA GLY C 179 -14.13 27.45 -37.71
C GLY C 179 -13.53 27.43 -36.33
N GLU C 180 -13.96 26.47 -35.51
CA GLU C 180 -13.48 26.32 -34.14
C GLU C 180 -12.52 25.14 -34.09
N LEU C 181 -11.23 25.43 -34.10
CA LEU C 181 -10.21 24.38 -33.94
C LEU C 181 -10.37 23.72 -32.58
N VAL C 182 -10.44 22.39 -32.58
CA VAL C 182 -10.62 21.61 -31.36
C VAL C 182 -9.50 20.58 -31.31
N LEU C 183 -8.62 20.70 -30.32
CA LEU C 183 -7.46 19.84 -30.17
C LEU C 183 -7.73 18.76 -29.14
N GLY C 184 -7.12 17.58 -29.37
CA GLY C 184 -7.18 16.49 -28.44
C GLY C 184 -5.85 16.34 -27.74
N ALA C 185 -5.88 16.40 -26.40
CA ALA C 185 -4.70 16.33 -25.57
C ALA C 185 -4.84 15.15 -24.61
N PRO C 186 -4.49 13.94 -25.06
CA PRO C 186 -4.71 12.77 -24.20
C PRO C 186 -3.86 12.74 -22.95
N GLY C 187 -2.69 13.39 -22.96
CA GLY C 187 -1.89 13.43 -21.76
C GLY C 187 -2.20 14.56 -20.80
N GLY C 188 -3.22 15.36 -21.11
CA GLY C 188 -3.57 16.47 -20.26
C GLY C 188 -4.06 16.04 -18.89
N TYR C 189 -3.88 16.94 -17.92
CA TYR C 189 -4.28 16.73 -16.53
C TYR C 189 -3.72 15.41 -16.00
N TYR C 190 -2.43 15.21 -16.23
CA TYR C 190 -1.70 14.01 -15.82
C TYR C 190 -2.33 12.75 -16.44
N PHE C 191 -2.36 12.76 -17.78
CA PHE C 191 -2.82 11.64 -18.59
C PHE C 191 -4.30 11.31 -18.37
N LEU C 192 -5.05 12.21 -17.75
CA LEU C 192 -6.50 12.09 -17.78
C LEU C 192 -7.05 12.50 -19.14
N GLY C 193 -6.37 13.41 -19.83
CA GLY C 193 -6.79 13.88 -21.13
C GLY C 193 -7.69 15.09 -21.07
N LEU C 194 -7.53 16.03 -22.00
CA LEU C 194 -8.37 17.21 -22.05
C LEU C 194 -8.58 17.62 -23.50
N LEU C 195 -9.44 18.62 -23.69
CA LEU C 195 -9.68 19.22 -24.99
C LEU C 195 -9.35 20.70 -24.94
N ALA C 196 -8.99 21.24 -26.10
CA ALA C 196 -8.72 22.67 -26.24
C ALA C 196 -9.44 23.17 -27.49
N GLN C 197 -10.30 24.16 -27.32
CA GLN C 197 -11.06 24.75 -28.41
C GLN C 197 -10.73 26.24 -28.51
N ALA C 198 -10.62 26.74 -29.74
CA ALA C 198 -10.32 28.14 -29.99
C ALA C 198 -10.61 28.49 -31.43
N PRO C 199 -11.20 29.66 -31.70
CA PRO C 199 -11.49 30.04 -33.09
C PRO C 199 -10.20 30.22 -33.89
N VAL C 200 -10.24 29.77 -35.15
CA VAL C 200 -9.05 29.84 -36.00
C VAL C 200 -8.62 31.28 -36.19
N ALA C 201 -9.57 32.15 -36.56
CA ALA C 201 -9.25 33.56 -36.79
C ALA C 201 -8.62 34.21 -35.57
N ASP C 202 -9.13 33.88 -34.37
CA ASP C 202 -8.59 34.43 -33.15
C ASP C 202 -7.22 33.87 -32.81
N ILE C 203 -6.84 32.73 -33.41
CA ILE C 203 -5.48 32.24 -33.26
C ILE C 203 -4.52 33.07 -34.09
N PHE C 204 -4.95 33.47 -35.30
CA PHE C 204 -4.08 34.24 -36.18
C PHE C 204 -3.92 35.67 -35.70
N SER C 205 -5.01 36.31 -35.27
CA SER C 205 -4.93 37.71 -34.86
C SER C 205 -4.26 37.90 -33.51
N SER C 206 -4.21 36.86 -32.68
CA SER C 206 -3.61 36.97 -31.35
C SER C 206 -2.19 36.43 -31.28
N TYR C 207 -1.65 35.93 -32.38
CA TYR C 207 -0.31 35.36 -32.41
C TYR C 207 0.69 36.39 -32.90
N ARG C 208 1.85 36.41 -32.26
CA ARG C 208 3.01 37.19 -32.70
C ARG C 208 4.25 36.35 -32.45
N PRO C 209 5.25 36.42 -33.33
CA PRO C 209 6.43 35.57 -33.17
C PRO C 209 7.31 36.05 -32.02
N GLY C 210 7.80 35.08 -31.25
CA GLY C 210 8.68 35.36 -30.13
C GLY C 210 7.99 35.63 -28.82
N ILE C 211 6.70 35.34 -28.70
CA ILE C 211 5.96 35.57 -27.48
C ILE C 211 5.84 34.30 -26.65
N LEU C 212 5.62 33.16 -27.32
CA LEU C 212 5.59 31.84 -26.69
C LEU C 212 4.41 31.67 -25.73
N LEU C 213 4.25 32.60 -24.79
CA LEU C 213 3.10 32.59 -23.89
C LEU C 213 2.24 33.81 -24.20
N TRP C 214 1.07 33.57 -24.80
CA TRP C 214 0.11 34.63 -25.07
C TRP C 214 -1.29 34.14 -24.72
N HIS C 215 -2.17 35.09 -24.42
CA HIS C 215 -3.54 34.77 -24.01
C HIS C 215 -4.45 34.74 -25.22
N VAL C 216 -5.23 33.66 -25.34
CA VAL C 216 -6.35 33.59 -26.26
C VAL C 216 -7.60 33.49 -25.39
N SER C 217 -8.29 34.61 -25.19
CA SER C 217 -9.42 34.65 -24.26
C SER C 217 -10.60 33.84 -24.77
N SER C 218 -10.78 33.76 -26.09
CA SER C 218 -11.88 33.02 -26.68
C SER C 218 -11.71 31.50 -26.60
N GLN C 219 -10.61 31.01 -26.03
CA GLN C 219 -10.38 29.58 -25.96
C GLN C 219 -11.09 28.98 -24.75
N SER C 220 -11.35 27.68 -24.82
CA SER C 220 -12.15 26.99 -23.81
C SER C 220 -11.61 25.57 -23.67
N LEU C 221 -11.06 25.26 -22.51
CA LEU C 221 -10.48 23.95 -22.24
C LEU C 221 -11.40 23.14 -21.34
N SER C 222 -11.39 21.82 -21.55
CA SER C 222 -12.16 20.93 -20.70
C SER C 222 -11.56 20.90 -19.29
N PHE C 223 -12.15 20.09 -18.41
CA PHE C 223 -11.89 20.19 -16.99
C PHE C 223 -11.18 18.95 -16.46
N ASP C 224 -10.69 19.07 -15.23
CA ASP C 224 -10.03 17.98 -14.52
C ASP C 224 -11.08 17.18 -13.74
N SER C 225 -10.63 16.14 -13.06
CA SER C 225 -11.55 15.29 -12.32
C SER C 225 -10.77 14.50 -11.27
N SER C 226 -11.42 14.28 -10.13
CA SER C 226 -10.89 13.45 -9.06
C SER C 226 -11.42 12.02 -9.13
N ASN C 227 -12.11 11.66 -10.20
CA ASN C 227 -12.74 10.35 -10.33
C ASN C 227 -11.73 9.35 -10.86
N PRO C 228 -11.40 8.28 -10.12
CA PRO C 228 -10.38 7.34 -10.60
C PRO C 228 -10.76 6.63 -11.89
N GLU C 229 -12.03 6.66 -12.29
CA GLU C 229 -12.42 6.13 -13.60
C GLU C 229 -11.65 6.82 -14.71
N TYR C 230 -11.61 8.15 -14.68
CA TYR C 230 -10.95 8.93 -15.71
C TYR C 230 -9.43 8.86 -15.66
N PHE C 231 -8.85 8.16 -14.69
CA PHE C 231 -7.41 8.14 -14.54
C PHE C 231 -6.76 7.33 -15.67
N ASP C 232 -5.80 7.93 -16.36
CA ASP C 232 -5.02 7.26 -17.39
C ASP C 232 -5.90 6.76 -18.54
N GLY C 233 -6.92 7.56 -18.89
CA GLY C 233 -7.87 7.22 -19.92
C GLY C 233 -7.59 7.81 -21.29
N TYR C 234 -6.60 8.70 -21.40
CA TYR C 234 -6.20 9.30 -22.67
C TYR C 234 -7.38 9.94 -23.39
N TRP C 235 -8.25 10.56 -22.59
CA TRP C 235 -9.36 11.37 -23.09
C TRP C 235 -8.86 12.37 -24.14
N GLY C 236 -9.30 12.21 -25.37
CA GLY C 236 -8.79 13.00 -26.47
C GLY C 236 -7.85 12.27 -27.39
N TYR C 237 -7.72 10.95 -27.24
CA TYR C 237 -6.93 10.16 -28.19
C TYR C 237 -7.47 10.33 -29.61
N SER C 238 -8.79 10.41 -29.76
CA SER C 238 -9.43 10.71 -31.02
C SER C 238 -10.55 11.71 -30.76
N VAL C 239 -11.01 12.37 -31.83
CA VAL C 239 -12.01 13.42 -31.68
C VAL C 239 -12.70 13.64 -33.02
N ALA C 240 -13.99 13.99 -32.95
CA ALA C 240 -14.78 14.34 -34.12
C ALA C 240 -15.83 15.36 -33.70
N VAL C 241 -16.73 15.72 -34.63
CA VAL C 241 -17.80 16.66 -34.37
C VAL C 241 -19.06 16.19 -35.09
N GLY C 242 -20.19 16.75 -34.67
CA GLY C 242 -21.46 16.40 -35.29
C GLY C 242 -22.59 17.17 -34.65
N GLU C 243 -23.81 16.72 -34.94
CA GLU C 243 -25.03 17.28 -34.37
C GLU C 243 -25.80 16.16 -33.67
N PHE C 244 -26.04 16.33 -32.37
CA PHE C 244 -26.68 15.28 -31.58
C PHE C 244 -27.71 15.78 -30.58
N ASP C 245 -27.75 17.07 -30.25
CA ASP C 245 -28.67 17.59 -29.24
C ASP C 245 -29.98 18.11 -29.82
N GLY C 246 -30.14 18.08 -31.14
CA GLY C 246 -31.30 18.63 -31.81
C GLY C 246 -31.21 20.12 -32.09
N ASP C 247 -30.42 20.84 -31.30
CA ASP C 247 -30.22 22.27 -31.51
C ASP C 247 -29.18 22.48 -32.61
N LEU C 248 -29.61 23.12 -33.69
CA LEU C 248 -28.70 23.36 -34.81
C LEU C 248 -27.74 24.51 -34.54
N ASN C 249 -28.15 25.49 -33.72
CA ASN C 249 -27.25 26.56 -33.34
C ASN C 249 -25.99 26.02 -32.69
N THR C 250 -26.12 24.98 -31.87
CA THR C 250 -25.01 24.41 -31.13
C THR C 250 -24.31 23.32 -31.95
N THR C 251 -23.09 23.01 -31.54
CA THR C 251 -22.29 21.95 -32.14
C THR C 251 -21.75 21.06 -31.04
N GLU C 252 -21.94 19.76 -31.18
CA GLU C 252 -21.54 18.79 -30.17
C GLU C 252 -20.25 18.11 -30.55
N TYR C 253 -19.44 17.80 -29.53
CA TYR C 253 -18.14 17.17 -29.72
C TYR C 253 -18.22 15.67 -29.41
N VAL C 254 -17.29 14.92 -29.97
CA VAL C 254 -17.17 13.49 -29.73
C VAL C 254 -15.71 13.19 -29.39
N VAL C 255 -15.49 12.57 -28.24
CA VAL C 255 -14.15 12.32 -27.72
C VAL C 255 -13.99 10.83 -27.45
N GLY C 256 -12.81 10.29 -27.79
CA GLY C 256 -12.48 8.92 -27.48
C GLY C 256 -11.49 8.86 -26.33
N ALA C 257 -11.81 8.01 -25.35
CA ALA C 257 -10.93 7.71 -24.22
C ALA C 257 -10.71 6.20 -24.22
N PRO C 258 -9.69 5.72 -24.93
CA PRO C 258 -9.54 4.28 -25.16
C PRO C 258 -9.01 3.49 -23.97
N THR C 259 -8.65 4.15 -22.87
CA THR C 259 -8.21 3.44 -21.66
C THR C 259 -9.03 3.84 -20.45
N TRP C 260 -10.18 4.47 -20.65
CA TRP C 260 -11.03 4.92 -19.56
C TRP C 260 -11.44 3.75 -18.66
N SER C 261 -11.62 4.06 -17.38
CA SER C 261 -12.08 3.10 -16.36
C SER C 261 -11.29 1.80 -16.41
N TRP C 262 -9.98 1.92 -16.20
CA TRP C 262 -9.07 0.78 -16.16
C TRP C 262 -9.10 0.01 -17.49
N THR C 263 -8.79 0.74 -18.56
CA THR C 263 -8.64 0.21 -19.91
C THR C 263 -9.90 -0.46 -20.45
N LEU C 264 -11.07 -0.20 -19.84
CA LEU C 264 -12.30 -0.63 -20.47
C LEU C 264 -12.59 0.16 -21.74
N GLY C 265 -12.15 1.41 -21.79
CA GLY C 265 -12.37 2.26 -22.94
C GLY C 265 -13.76 2.84 -22.99
N ALA C 266 -13.89 4.06 -23.50
CA ALA C 266 -15.19 4.70 -23.61
C ALA C 266 -15.10 5.87 -24.58
N VAL C 267 -16.28 6.31 -25.03
CA VAL C 267 -16.43 7.45 -25.93
C VAL C 267 -17.57 8.31 -25.38
N GLU C 268 -17.41 9.63 -25.45
CA GLU C 268 -18.34 10.56 -24.83
C GLU C 268 -18.77 11.64 -25.80
N ILE C 269 -20.06 11.94 -25.81
CA ILE C 269 -20.64 13.04 -26.58
C ILE C 269 -20.87 14.21 -25.63
N LEU C 270 -20.47 15.40 -26.04
CA LEU C 270 -20.52 16.58 -25.18
C LEU C 270 -21.09 17.76 -25.98
N ASP C 271 -21.44 18.81 -25.26
CA ASP C 271 -21.75 20.09 -25.89
C ASP C 271 -20.48 20.92 -26.02
N SER C 272 -20.60 22.12 -26.56
CA SER C 272 -19.44 22.99 -26.71
C SER C 272 -18.86 23.46 -25.38
N TYR C 273 -19.56 23.23 -24.26
CA TYR C 273 -19.10 23.60 -22.93
C TYR C 273 -18.51 22.43 -22.16
N TYR C 274 -18.30 21.29 -22.82
CA TYR C 274 -17.68 20.11 -22.23
C TYR C 274 -18.54 19.46 -21.14
N GLN C 275 -19.85 19.58 -21.27
CA GLN C 275 -20.78 18.85 -20.42
C GLN C 275 -21.16 17.54 -21.10
N ARG C 276 -21.21 16.47 -20.32
CA ARG C 276 -21.43 15.14 -20.88
C ARG C 276 -22.91 14.92 -21.19
N LEU C 277 -23.21 14.66 -22.46
CA LEU C 277 -24.56 14.32 -22.91
C LEU C 277 -24.82 12.82 -22.95
N HIS C 278 -23.87 12.03 -23.46
CA HIS C 278 -24.00 10.59 -23.41
CA HIS C 278 -23.99 10.59 -23.49
C HIS C 278 -22.61 9.98 -23.19
N ARG C 279 -22.61 8.72 -22.80
CA ARG C 279 -21.36 7.99 -22.61
C ARG C 279 -21.52 6.57 -23.15
N LEU C 280 -20.61 6.17 -24.02
CA LEU C 280 -20.59 4.83 -24.59
C LEU C 280 -19.40 4.07 -24.01
N ARG C 281 -19.68 3.00 -23.28
CA ARG C 281 -18.65 2.25 -22.60
C ARG C 281 -18.14 1.12 -23.48
N GLY C 282 -16.92 0.66 -23.19
CA GLY C 282 -16.35 -0.44 -23.92
C GLY C 282 -17.05 -1.75 -23.63
N GLU C 283 -16.82 -2.71 -24.52
CA GLU C 283 -17.29 -4.08 -24.33
C GLU C 283 -16.24 -5.00 -23.77
N GLN C 284 -14.97 -4.78 -24.12
CA GLN C 284 -13.87 -5.61 -23.66
C GLN C 284 -12.72 -4.72 -23.24
N MET C 285 -12.01 -5.11 -22.19
CA MET C 285 -10.87 -4.36 -21.72
C MET C 285 -9.66 -4.59 -22.62
N ALA C 286 -8.83 -3.55 -22.74
CA ALA C 286 -7.69 -3.45 -23.64
C ALA C 286 -8.09 -3.53 -25.12
N SER C 287 -9.38 -3.55 -25.44
CA SER C 287 -9.81 -3.50 -26.83
C SER C 287 -9.56 -2.14 -27.47
N TYR C 288 -9.08 -1.17 -26.69
CA TYR C 288 -8.86 0.20 -27.16
C TYR C 288 -10.11 0.77 -27.79
N PHE C 289 -11.27 0.45 -27.20
CA PHE C 289 -12.56 0.97 -27.62
C PHE C 289 -12.53 2.49 -27.60
N GLY C 290 -12.51 3.10 -28.79
CA GLY C 290 -12.40 4.53 -28.88
C GLY C 290 -11.10 4.99 -29.52
N HIS C 291 -10.35 4.04 -30.09
CA HIS C 291 -9.14 4.39 -30.81
C HIS C 291 -9.41 5.31 -31.99
N SER C 292 -10.63 5.28 -32.53
CA SER C 292 -11.00 6.14 -33.65
C SER C 292 -12.50 6.33 -33.63
N VAL C 293 -12.94 7.53 -34.02
CA VAL C 293 -14.35 7.86 -34.07
C VAL C 293 -14.64 8.53 -35.41
N ALA C 294 -15.85 8.28 -35.92
CA ALA C 294 -16.31 8.88 -37.16
C ALA C 294 -17.78 9.26 -37.01
N VAL C 295 -18.18 10.30 -37.72
CA VAL C 295 -19.54 10.83 -37.64
C VAL C 295 -20.08 11.03 -39.05
N THR C 296 -21.21 10.38 -39.35
CA THR C 296 -21.88 10.52 -40.63
C THR C 296 -23.25 9.86 -40.55
N ASP C 297 -24.17 10.33 -41.38
CA ASP C 297 -25.52 9.78 -41.43
C ASP C 297 -25.55 8.64 -42.45
N VAL C 298 -25.53 7.41 -41.96
CA VAL C 298 -25.43 6.27 -42.87
C VAL C 298 -26.80 5.89 -43.43
N ASN C 299 -27.89 6.17 -42.68
CA ASN C 299 -29.22 5.69 -43.05
C ASN C 299 -30.11 6.79 -43.58
N GLY C 300 -29.52 7.90 -44.05
CA GLY C 300 -30.26 8.95 -44.75
C GLY C 300 -31.49 9.50 -44.06
N ASP C 301 -31.47 9.56 -42.73
CA ASP C 301 -32.57 10.15 -41.98
C ASP C 301 -32.25 11.56 -41.47
N GLY C 302 -31.13 12.13 -41.89
CA GLY C 302 -30.77 13.48 -41.50
C GLY C 302 -30.06 13.60 -40.17
N ARG C 303 -29.97 12.53 -39.38
CA ARG C 303 -29.35 12.56 -38.07
C ARG C 303 -27.99 11.88 -38.15
N HIS C 304 -26.94 12.62 -37.79
CA HIS C 304 -25.59 12.07 -37.76
C HIS C 304 -25.53 10.82 -36.89
N ASP C 305 -24.94 9.76 -37.42
CA ASP C 305 -24.75 8.52 -36.68
C ASP C 305 -23.29 8.39 -36.26
N LEU C 306 -23.04 7.48 -35.32
CA LEU C 306 -21.73 7.36 -34.68
C LEU C 306 -21.12 5.98 -34.94
N LEU C 307 -19.83 5.98 -35.23
CA LEU C 307 -19.06 4.76 -35.44
C LEU C 307 -17.82 4.80 -34.55
N VAL C 308 -17.61 3.72 -33.79
CA VAL C 308 -16.52 3.60 -32.84
C VAL C 308 -15.71 2.36 -33.17
N GLY C 309 -14.39 2.48 -33.10
CA GLY C 309 -13.48 1.41 -33.44
C GLY C 309 -12.71 0.93 -32.22
N ALA C 310 -12.71 -0.38 -32.03
CA ALA C 310 -11.95 -1.08 -30.98
C ALA C 310 -11.01 -2.04 -31.69
N PRO C 311 -9.85 -1.55 -32.14
CA PRO C 311 -8.99 -2.35 -33.03
C PRO C 311 -8.33 -3.55 -32.37
N LEU C 312 -8.34 -3.64 -31.04
CA LEU C 312 -7.71 -4.77 -30.36
C LEU C 312 -8.73 -5.70 -29.73
N TYR C 313 -10.00 -5.59 -30.13
CA TYR C 313 -11.03 -6.50 -29.62
C TYR C 313 -10.69 -7.93 -29.98
N MET C 314 -10.80 -8.83 -29.00
CA MET C 314 -10.58 -10.25 -29.23
C MET C 314 -11.92 -10.96 -29.39
N GLU C 315 -12.03 -11.75 -30.46
CA GLU C 315 -13.29 -12.43 -30.78
C GLU C 315 -13.31 -13.82 -30.19
N SER C 316 -14.50 -14.27 -29.81
CA SER C 316 -14.66 -15.58 -29.18
C SER C 316 -14.66 -16.66 -30.25
N ARG C 317 -13.71 -17.58 -30.18
CA ARG C 317 -13.61 -18.72 -31.08
C ARG C 317 -14.05 -19.98 -30.34
N ALA C 318 -13.86 -21.14 -31.00
CA ALA C 318 -14.18 -22.40 -30.36
C ALA C 318 -13.15 -22.74 -29.30
N ASP C 319 -13.54 -23.63 -28.37
CA ASP C 319 -12.68 -24.08 -27.28
C ASP C 319 -12.26 -22.94 -26.37
N ARG C 320 -13.19 -22.00 -26.14
CA ARG C 320 -12.99 -20.89 -25.20
C ARG C 320 -11.80 -20.01 -25.59
N LYS C 321 -11.45 -19.98 -26.88
CA LYS C 321 -10.29 -19.23 -27.35
C LYS C 321 -10.66 -17.79 -27.65
N LEU C 322 -9.63 -16.96 -27.83
CA LEU C 322 -9.80 -15.55 -28.13
C LEU C 322 -8.80 -15.16 -29.22
N ALA C 323 -9.25 -14.29 -30.14
CA ALA C 323 -8.44 -13.90 -31.28
C ALA C 323 -8.58 -12.41 -31.52
N GLU C 324 -7.46 -11.70 -31.45
CA GLU C 324 -7.44 -10.26 -31.70
C GLU C 324 -7.69 -9.98 -33.18
N VAL C 325 -8.78 -9.28 -33.48
CA VAL C 325 -9.14 -8.98 -34.86
C VAL C 325 -9.59 -7.53 -34.98
N GLY C 326 -10.11 -6.96 -33.90
CA GLY C 326 -10.69 -5.64 -33.93
C GLY C 326 -12.17 -5.66 -34.26
N ARG C 327 -12.84 -4.57 -33.91
CA ARG C 327 -14.28 -4.48 -34.11
C ARG C 327 -14.70 -3.02 -34.21
N VAL C 328 -15.62 -2.74 -35.12
CA VAL C 328 -16.24 -1.42 -35.25
C VAL C 328 -17.68 -1.52 -34.77
N TYR C 329 -18.11 -0.53 -33.98
CA TYR C 329 -19.45 -0.45 -33.46
C TYR C 329 -20.22 0.67 -34.18
N LEU C 330 -21.49 0.44 -34.46
CA LEU C 330 -22.36 1.41 -35.11
C LEU C 330 -23.47 1.82 -34.15
N PHE C 331 -23.57 3.12 -33.88
CA PHE C 331 -24.64 3.67 -33.06
C PHE C 331 -25.43 4.65 -33.91
N LEU C 332 -26.70 4.32 -34.15
CA LEU C 332 -27.60 5.20 -34.88
C LEU C 332 -28.31 6.14 -33.91
N GLN C 333 -28.46 7.39 -34.32
CA GLN C 333 -29.13 8.36 -33.46
C GLN C 333 -30.65 8.17 -33.55
N PRO C 334 -31.33 8.05 -32.41
CA PRO C 334 -32.78 7.80 -32.43
C PRO C 334 -33.59 9.08 -32.57
N ARG C 335 -34.89 8.90 -32.74
CA ARG C 335 -35.82 10.02 -32.90
C ARG C 335 -35.86 10.83 -31.60
N GLY C 336 -35.47 12.11 -31.71
CA GLY C 336 -35.61 13.04 -30.60
C GLY C 336 -34.39 13.12 -29.71
N PRO C 337 -34.58 13.57 -28.47
CA PRO C 337 -33.47 13.75 -27.55
C PRO C 337 -33.04 12.49 -26.81
N HIS C 338 -33.56 11.33 -27.19
CA HIS C 338 -33.26 10.08 -26.48
C HIS C 338 -31.76 9.79 -26.50
N ALA C 339 -31.30 9.11 -25.46
CA ALA C 339 -29.90 8.72 -25.38
C ALA C 339 -29.57 7.67 -26.45
N LEU C 340 -28.30 7.64 -26.84
CA LEU C 340 -27.84 6.68 -27.83
C LEU C 340 -27.77 5.30 -27.19
N GLY C 341 -28.51 4.34 -27.74
CA GLY C 341 -28.68 3.05 -27.10
C GLY C 341 -27.58 2.05 -27.34
N ALA C 342 -27.96 0.80 -27.64
CA ALA C 342 -27.01 -0.26 -27.90
C ALA C 342 -26.58 -0.23 -29.36
N PRO C 343 -25.45 -0.88 -29.68
CA PRO C 343 -24.96 -0.83 -31.07
C PRO C 343 -25.98 -1.40 -32.05
N SER C 344 -26.32 -0.61 -33.07
CA SER C 344 -27.22 -1.10 -34.11
C SER C 344 -26.56 -2.21 -34.93
N LEU C 345 -25.23 -2.23 -34.97
CA LEU C 345 -24.50 -3.19 -35.79
C LEU C 345 -23.11 -3.37 -35.23
N LEU C 346 -22.56 -4.57 -35.40
CA LEU C 346 -21.20 -4.90 -34.98
C LEU C 346 -20.44 -5.42 -36.19
N LEU C 347 -19.37 -4.72 -36.57
CA LEU C 347 -18.48 -5.14 -37.64
C LEU C 347 -17.20 -5.67 -37.01
N THR C 348 -16.87 -6.93 -37.30
CA THR C 348 -15.74 -7.61 -36.69
C THR C 348 -14.77 -8.07 -37.77
N GLY C 349 -13.47 -7.84 -37.52
CA GLY C 349 -12.46 -8.26 -38.47
C GLY C 349 -12.27 -9.77 -38.48
N THR C 350 -11.47 -10.22 -39.44
CA THR C 350 -11.19 -11.63 -39.62
C THR C 350 -9.72 -11.99 -39.51
N GLN C 351 -8.80 -11.12 -39.92
CA GLN C 351 -7.39 -11.45 -39.88
C GLN C 351 -6.80 -11.20 -38.51
N LEU C 352 -5.98 -12.13 -38.04
CA LEU C 352 -5.35 -12.01 -36.74
C LEU C 352 -4.39 -10.82 -36.72
N TYR C 353 -4.45 -10.04 -35.64
CA TYR C 353 -3.61 -8.85 -35.45
C TYR C 353 -3.84 -7.81 -36.54
N GLY C 354 -4.98 -7.87 -37.23
CA GLY C 354 -5.23 -6.94 -38.32
C GLY C 354 -5.58 -5.54 -37.84
N ARG C 355 -6.10 -5.43 -36.62
CA ARG C 355 -6.49 -4.16 -36.04
C ARG C 355 -7.60 -3.50 -36.86
N PHE C 356 -8.59 -4.30 -37.22
CA PHE C 356 -9.78 -3.79 -37.92
C PHE C 356 -10.49 -2.78 -37.04
N GLY C 357 -10.64 -1.56 -37.55
CA GLY C 357 -11.14 -0.45 -36.78
C GLY C 357 -10.10 0.57 -36.39
N SER C 358 -8.86 0.42 -36.86
CA SER C 358 -7.82 1.39 -36.55
CA SER C 358 -7.82 1.39 -36.56
C SER C 358 -8.14 2.77 -37.14
N ALA C 359 -8.94 2.82 -38.19
CA ALA C 359 -9.38 4.07 -38.79
C ALA C 359 -10.74 3.86 -39.41
N ILE C 360 -11.59 4.87 -39.31
CA ILE C 360 -12.92 4.86 -39.92
C ILE C 360 -13.14 6.19 -40.60
N ALA C 361 -13.48 6.15 -41.89
CA ALA C 361 -13.60 7.37 -42.69
C ALA C 361 -14.97 7.39 -43.37
N PRO C 362 -15.76 8.44 -43.19
CA PRO C 362 -16.94 8.61 -44.03
C PRO C 362 -16.53 8.85 -45.47
N LEU C 363 -17.35 8.36 -46.39
CA LEU C 363 -17.11 8.52 -47.81
C LEU C 363 -18.15 9.39 -48.49
N GLY C 364 -19.13 9.88 -47.75
CA GLY C 364 -20.21 10.46 -48.52
C GLY C 364 -21.00 9.35 -49.19
N ASP C 365 -21.79 9.73 -50.19
CA ASP C 365 -22.55 8.76 -50.97
C ASP C 365 -21.68 8.29 -52.13
N LEU C 366 -21.22 7.05 -52.05
CA LEU C 366 -20.26 6.51 -53.02
C LEU C 366 -20.95 6.15 -54.33
N ASP C 367 -21.95 5.26 -54.27
CA ASP C 367 -22.69 4.85 -55.45
C ASP C 367 -23.81 5.81 -55.80
N ARG C 368 -23.96 6.90 -55.04
CA ARG C 368 -25.01 7.90 -55.27
C ARG C 368 -26.39 7.24 -55.32
N ASP C 369 -26.65 6.39 -54.34
CA ASP C 369 -27.95 5.76 -54.17
C ASP C 369 -28.83 6.46 -53.15
N GLY C 370 -28.28 7.35 -52.34
CA GLY C 370 -29.04 8.06 -51.33
C GLY C 370 -28.53 7.89 -49.91
N TYR C 371 -27.59 6.98 -49.68
CA TYR C 371 -27.08 6.70 -48.34
C TYR C 371 -25.57 6.90 -48.31
N ASN C 372 -25.09 7.53 -47.24
CA ASN C 372 -23.66 7.71 -47.07
C ASN C 372 -22.99 6.41 -46.66
N ASP C 373 -21.72 6.28 -47.01
CA ASP C 373 -20.99 5.03 -46.88
C ASP C 373 -19.67 5.29 -46.15
N ILE C 374 -19.09 4.23 -45.58
CA ILE C 374 -17.89 4.34 -44.78
C ILE C 374 -16.81 3.43 -45.34
N ALA C 375 -15.58 3.66 -44.87
CA ALA C 375 -14.44 2.79 -45.14
C ALA C 375 -13.75 2.51 -43.81
N VAL C 376 -13.46 1.24 -43.56
CA VAL C 376 -12.79 0.82 -42.34
C VAL C 376 -11.46 0.17 -42.69
N ALA C 377 -10.44 0.46 -41.90
CA ALA C 377 -9.08 0.02 -42.17
C ALA C 377 -8.69 -1.12 -41.24
N ALA C 378 -7.85 -2.03 -41.76
CA ALA C 378 -7.21 -3.08 -40.99
C ALA C 378 -5.74 -3.11 -41.39
N PRO C 379 -4.93 -2.19 -40.83
CA PRO C 379 -3.61 -1.91 -41.42
C PRO C 379 -2.65 -3.08 -41.44
N TYR C 380 -2.95 -4.17 -40.74
CA TYR C 380 -2.15 -5.39 -40.82
C TYR C 380 -3.04 -6.59 -41.11
N GLY C 381 -4.15 -6.36 -41.82
CA GLY C 381 -5.10 -7.39 -42.17
C GLY C 381 -5.00 -7.82 -43.62
N GLY C 382 -6.08 -8.40 -44.12
CA GLY C 382 -6.07 -9.10 -45.38
C GLY C 382 -5.46 -10.47 -45.18
N PRO C 383 -5.70 -11.38 -46.12
CA PRO C 383 -5.14 -12.73 -45.99
C PRO C 383 -3.62 -12.75 -45.94
N SER C 384 -2.95 -11.69 -46.40
CA SER C 384 -1.50 -11.60 -46.36
C SER C 384 -0.97 -10.85 -45.15
N GLY C 385 -1.81 -10.10 -44.44
CA GLY C 385 -1.32 -9.27 -43.36
C GLY C 385 -0.60 -8.03 -43.84
N ARG C 386 -0.91 -7.56 -45.05
CA ARG C 386 -0.25 -6.40 -45.62
C ARG C 386 -1.09 -5.13 -45.53
N GLY C 387 -2.35 -5.23 -45.12
CA GLY C 387 -3.21 -4.06 -45.05
C GLY C 387 -4.44 -4.20 -45.92
N GLN C 388 -5.59 -3.73 -45.43
CA GLN C 388 -6.85 -3.94 -46.14
C GLN C 388 -7.85 -2.87 -45.73
N VAL C 389 -8.46 -2.22 -46.72
CA VAL C 389 -9.52 -1.26 -46.50
C VAL C 389 -10.83 -1.87 -47.00
N LEU C 390 -11.85 -1.85 -46.15
CA LEU C 390 -13.14 -2.44 -46.46
C LEU C 390 -14.20 -1.34 -46.57
N VAL C 391 -14.96 -1.35 -47.65
CA VAL C 391 -16.00 -0.36 -47.89
C VAL C 391 -17.34 -0.96 -47.51
N PHE C 392 -18.05 -0.31 -46.60
CA PHE C 392 -19.39 -0.72 -46.19
C PHE C 392 -20.38 0.34 -46.64
N LEU C 393 -21.40 -0.09 -47.38
CA LEU C 393 -22.36 0.83 -47.99
C LEU C 393 -23.53 1.09 -47.05
N GLY C 394 -24.07 2.30 -47.13
CA GLY C 394 -25.20 2.66 -46.31
C GLY C 394 -26.50 2.07 -46.80
N GLN C 395 -27.44 1.95 -45.87
CA GLN C 395 -28.77 1.42 -46.18
C GLN C 395 -29.77 2.01 -45.18
N SER C 396 -31.06 1.74 -45.43
CA SER C 396 -32.10 2.30 -44.57
C SER C 396 -32.01 1.75 -43.15
N GLU C 397 -31.58 0.50 -42.99
CA GLU C 397 -31.43 -0.10 -41.67
C GLU C 397 -30.08 0.18 -41.04
N GLY C 398 -29.21 0.91 -41.72
CA GLY C 398 -27.89 1.22 -41.18
C GLY C 398 -26.78 0.95 -42.18
N LEU C 399 -26.01 -0.11 -41.94
CA LEU C 399 -24.93 -0.52 -42.83
C LEU C 399 -25.10 -1.98 -43.18
N ARG C 400 -24.55 -2.37 -44.33
CA ARG C 400 -24.55 -3.76 -44.73
C ARG C 400 -23.61 -4.56 -43.84
N SER C 401 -23.99 -5.81 -43.56
CA SER C 401 -23.15 -6.65 -42.71
C SER C 401 -21.83 -6.99 -43.37
N ARG C 402 -21.80 -7.08 -44.70
CA ARG C 402 -20.62 -7.46 -45.44
C ARG C 402 -20.19 -6.36 -46.39
N PRO C 403 -18.88 -6.18 -46.60
CA PRO C 403 -18.42 -5.07 -47.42
C PRO C 403 -18.77 -5.28 -48.89
N SER C 404 -19.03 -4.17 -49.57
CA SER C 404 -19.26 -4.23 -51.01
C SER C 404 -17.94 -4.44 -51.75
N GLN C 405 -16.88 -3.79 -51.27
CA GLN C 405 -15.60 -3.73 -51.95
C GLN C 405 -14.49 -3.85 -50.93
N VAL C 406 -13.34 -4.33 -51.38
CA VAL C 406 -12.18 -4.51 -50.52
C VAL C 406 -10.93 -4.07 -51.26
N LEU C 407 -10.19 -3.14 -50.68
CA LEU C 407 -8.95 -2.64 -51.26
C LEU C 407 -7.78 -3.27 -50.53
N ASP C 408 -7.13 -4.23 -51.16
CA ASP C 408 -5.92 -4.83 -50.59
C ASP C 408 -4.73 -3.91 -50.82
N SER C 409 -3.78 -3.99 -49.90
CA SER C 409 -2.66 -3.06 -49.91
C SER C 409 -1.81 -3.26 -51.17
N PRO C 410 -1.46 -2.20 -51.89
CA PRO C 410 -0.52 -2.33 -53.02
C PRO C 410 0.94 -2.23 -52.63
N PHE C 411 1.26 -2.21 -51.34
CA PHE C 411 2.58 -1.96 -50.82
C PHE C 411 3.16 -3.23 -50.21
N PRO C 412 4.49 -3.24 -49.93
CA PRO C 412 5.06 -4.41 -49.25
C PRO C 412 4.60 -4.52 -47.81
N THR C 413 5.00 -5.60 -47.14
CA THR C 413 4.58 -5.83 -45.77
C THR C 413 5.08 -4.72 -44.86
N GLY C 414 4.28 -4.38 -43.85
CA GLY C 414 4.69 -3.42 -42.86
C GLY C 414 4.48 -1.96 -43.22
N SER C 415 3.69 -1.69 -44.25
CA SER C 415 3.44 -0.31 -44.65
C SER C 415 2.37 0.36 -43.80
N ALA C 416 1.65 -0.40 -42.97
CA ALA C 416 0.52 0.11 -42.20
C ALA C 416 -0.50 0.79 -43.11
N PHE C 417 -0.72 0.19 -44.28
CA PHE C 417 -1.69 0.68 -45.25
C PHE C 417 -3.08 0.76 -44.64
N GLY C 418 -3.63 1.97 -44.61
CA GLY C 418 -4.93 2.21 -44.00
C GLY C 418 -4.90 2.90 -42.66
N PHE C 419 -3.71 2.99 -42.02
CA PHE C 419 -3.60 3.65 -40.73
C PHE C 419 -4.23 5.03 -40.73
N SER C 420 -4.25 5.71 -41.87
CA SER C 420 -4.90 7.00 -42.02
C SER C 420 -5.80 6.97 -43.23
N LEU C 421 -7.05 7.40 -43.05
CA LEU C 421 -8.05 7.41 -44.11
C LEU C 421 -8.72 8.78 -44.18
N ARG C 422 -9.33 9.06 -45.33
CA ARG C 422 -10.08 10.29 -45.55
C ARG C 422 -10.78 10.25 -46.90
N GLY C 423 -12.07 10.59 -46.92
CA GLY C 423 -12.82 10.55 -48.15
C GLY C 423 -13.85 11.66 -48.27
N ALA C 424 -14.96 11.36 -48.95
CA ALA C 424 -16.09 12.25 -49.16
C ALA C 424 -15.73 13.52 -49.93
N VAL C 425 -14.69 13.49 -50.76
CA VAL C 425 -14.26 14.65 -51.53
C VAL C 425 -13.96 14.22 -52.95
N ASP C 426 -14.54 14.92 -53.92
CA ASP C 426 -14.28 14.67 -55.33
C ASP C 426 -13.03 15.44 -55.71
N ILE C 427 -11.91 14.74 -55.87
CA ILE C 427 -10.65 15.42 -56.15
C ILE C 427 -10.42 15.62 -57.65
N ASP C 428 -10.91 14.70 -58.49
CA ASP C 428 -10.76 14.82 -59.94
C ASP C 428 -11.98 15.42 -60.61
N ASP C 429 -12.98 15.84 -59.83
CA ASP C 429 -14.15 16.56 -60.33
C ASP C 429 -14.92 15.73 -61.37
N ASN C 430 -15.10 14.44 -61.07
CA ASN C 430 -15.91 13.57 -61.90
C ASN C 430 -17.31 13.35 -61.34
N GLY C 431 -17.68 14.08 -60.28
CA GLY C 431 -18.97 13.93 -59.67
C GLY C 431 -19.07 12.85 -58.60
N TYR C 432 -17.97 12.15 -58.31
CA TYR C 432 -18.01 11.06 -57.38
C TYR C 432 -16.96 11.22 -56.29
N PRO C 433 -17.29 10.90 -55.04
CA PRO C 433 -16.35 11.13 -53.94
C PRO C 433 -15.24 10.09 -53.91
N ASP C 434 -14.01 10.55 -53.75
CA ASP C 434 -12.82 9.71 -53.83
C ASP C 434 -12.24 9.47 -52.44
N LEU C 435 -11.32 8.51 -52.36
CA LEU C 435 -10.74 8.05 -51.10
C LEU C 435 -9.22 8.09 -51.19
N ILE C 436 -8.59 8.61 -50.14
CA ILE C 436 -7.14 8.62 -50.01
C ILE C 436 -6.77 7.75 -48.81
N VAL C 437 -5.66 7.03 -48.95
CA VAL C 437 -5.18 6.10 -47.94
C VAL C 437 -3.70 6.38 -47.70
N GLY C 438 -3.31 6.42 -46.45
CA GLY C 438 -1.92 6.57 -46.12
C GLY C 438 -1.25 5.23 -45.84
N ALA C 439 0.08 5.25 -45.94
CA ALA C 439 0.91 4.09 -45.62
C ALA C 439 2.28 4.63 -45.19
N TYR C 440 2.34 5.15 -43.96
CA TYR C 440 3.57 5.75 -43.46
C TYR C 440 4.73 4.77 -43.43
N GLY C 441 4.47 3.46 -43.39
CA GLY C 441 5.57 2.51 -43.43
C GLY C 441 6.33 2.53 -44.73
N ALA C 442 5.61 2.64 -45.85
CA ALA C 442 6.24 2.75 -47.16
C ALA C 442 6.48 4.20 -47.56
N ASN C 443 6.08 5.17 -46.73
CA ASN C 443 6.23 6.59 -47.01
C ASN C 443 5.47 6.98 -48.28
N GLN C 444 4.27 6.46 -48.44
CA GLN C 444 3.49 6.70 -49.64
C GLN C 444 2.01 6.86 -49.29
N VAL C 445 1.28 7.45 -50.23
CA VAL C 445 -0.16 7.67 -50.13
C VAL C 445 -0.80 7.19 -51.42
N ALA C 446 -1.87 6.40 -51.30
CA ALA C 446 -2.57 5.85 -52.45
C ALA C 446 -3.94 6.49 -52.57
N VAL C 447 -4.27 6.93 -53.78
CA VAL C 447 -5.52 7.62 -54.06
C VAL C 447 -6.41 6.70 -54.90
N TYR C 448 -7.65 6.53 -54.47
CA TYR C 448 -8.63 5.70 -55.16
C TYR C 448 -9.75 6.57 -55.71
N ARG C 449 -9.87 6.60 -57.03
CA ARG C 449 -10.89 7.41 -57.69
C ARG C 449 -12.19 6.63 -57.83
N ALA C 450 -13.30 7.30 -57.55
CA ALA C 450 -14.60 6.65 -57.66
C ALA C 450 -15.10 6.73 -59.10
N GLN C 451 -15.53 5.58 -59.62
CA GLN C 451 -15.98 5.45 -61.00
C GLN C 451 -17.50 5.47 -61.07
N PRO C 452 -18.06 5.97 -62.19
CA PRO C 452 -19.52 6.06 -62.30
C PRO C 452 -20.18 4.69 -62.21
N VAL C 453 -21.41 4.69 -61.72
CA VAL C 453 -22.19 3.46 -61.61
C VAL C 453 -23.18 3.40 -62.76
N GLY D 1 -35.22 -60.84 -41.78
CA GLY D 1 -35.24 -60.95 -43.23
C GLY D 1 -34.96 -59.63 -43.94
N PRO D 2 -35.96 -58.76 -44.00
CA PRO D 2 -35.76 -57.45 -44.62
C PRO D 2 -35.15 -56.44 -43.65
N ASN D 3 -34.27 -55.61 -44.19
CA ASN D 3 -33.64 -54.52 -43.44
C ASN D 3 -33.06 -53.52 -44.43
N ILE D 4 -32.44 -52.46 -43.90
CA ILE D 4 -31.88 -51.40 -44.73
C ILE D 4 -30.74 -51.91 -45.62
N CYS D 5 -30.13 -53.05 -45.28
CA CYS D 5 -29.01 -53.56 -46.08
C CYS D 5 -29.48 -54.07 -47.43
N THR D 6 -30.53 -54.89 -47.45
CA THR D 6 -31.00 -55.49 -48.70
C THR D 6 -31.79 -54.49 -49.54
N THR D 7 -32.67 -53.71 -48.91
CA THR D 7 -33.59 -52.83 -49.60
C THR D 7 -32.91 -51.64 -50.28
N ARG D 8 -31.64 -51.37 -49.96
CA ARG D 8 -30.94 -50.28 -50.61
C ARG D 8 -30.66 -50.58 -52.08
N GLY D 9 -30.46 -51.85 -52.44
CA GLY D 9 -30.13 -52.20 -53.80
C GLY D 9 -28.72 -51.74 -54.17
N VAL D 10 -27.73 -52.20 -53.40
CA VAL D 10 -26.36 -51.74 -53.58
C VAL D 10 -25.73 -52.44 -54.78
N SER D 11 -24.86 -51.71 -55.47
CA SER D 11 -24.19 -52.21 -56.66
C SER D 11 -22.81 -52.79 -56.38
N SER D 12 -22.26 -52.55 -55.20
CA SER D 12 -20.87 -52.92 -54.92
C SER D 12 -20.69 -53.23 -53.44
N CYS D 13 -19.60 -53.93 -53.14
CA CYS D 13 -19.25 -54.18 -51.74
C CYS D 13 -18.93 -52.88 -51.02
N GLN D 14 -18.24 -51.97 -51.71
CA GLN D 14 -17.91 -50.68 -51.10
C GLN D 14 -19.18 -49.91 -50.75
N GLN D 15 -20.19 -49.99 -51.60
CA GLN D 15 -21.46 -49.30 -51.34
C GLN D 15 -22.25 -49.97 -50.22
N CYS D 16 -22.05 -51.27 -50.00
CA CYS D 16 -22.83 -51.98 -48.98
C CYS D 16 -22.35 -51.63 -47.58
N LEU D 17 -21.03 -51.61 -47.37
CA LEU D 17 -20.51 -51.17 -46.07
C LEU D 17 -20.84 -49.71 -45.80
N ALA D 18 -21.08 -48.91 -46.84
CA ALA D 18 -21.48 -47.52 -46.66
C ALA D 18 -22.90 -47.37 -46.16
N VAL D 19 -23.73 -48.41 -46.30
CA VAL D 19 -25.11 -48.34 -45.83
C VAL D 19 -25.15 -48.18 -44.31
N SER D 20 -24.40 -49.01 -43.60
CA SER D 20 -24.44 -49.06 -42.15
C SER D 20 -23.29 -49.90 -41.62
N PRO D 21 -22.78 -49.63 -40.43
CA PRO D 21 -21.82 -50.55 -39.81
C PRO D 21 -22.41 -51.93 -39.53
N MET D 22 -23.74 -52.06 -39.62
CA MET D 22 -24.41 -53.33 -39.36
C MET D 22 -24.34 -54.27 -40.55
N CYS D 23 -24.27 -53.74 -41.78
CA CYS D 23 -24.35 -54.58 -42.96
C CYS D 23 -23.05 -55.34 -43.20
N ALA D 24 -23.17 -56.43 -43.95
CA ALA D 24 -22.04 -57.23 -44.39
C ALA D 24 -22.23 -57.55 -45.86
N TRP D 25 -21.25 -58.24 -46.45
CA TRP D 25 -21.26 -58.53 -47.87
C TRP D 25 -20.70 -59.92 -48.13
N CYS D 26 -21.37 -60.67 -49.01
CA CYS D 26 -20.94 -61.99 -49.45
C CYS D 26 -20.47 -61.91 -50.90
N SER D 27 -19.24 -62.35 -51.14
CA SER D 27 -18.63 -62.30 -52.47
C SER D 27 -18.58 -63.66 -53.14
N ASP D 28 -19.16 -64.69 -52.53
CA ASP D 28 -19.11 -66.04 -53.09
C ASP D 28 -19.74 -66.07 -54.48
N GLU D 29 -18.96 -66.53 -55.46
CA GLU D 29 -19.47 -66.58 -56.84
C GLU D 29 -20.61 -67.58 -56.97
N ALA D 30 -20.68 -68.58 -56.10
CA ALA D 30 -21.70 -69.61 -56.15
C ALA D 30 -22.81 -69.34 -55.15
N LEU D 31 -23.31 -68.10 -55.12
CA LEU D 31 -24.47 -67.74 -54.31
C LEU D 31 -25.74 -67.87 -55.14
N PRO D 32 -26.86 -68.25 -54.52
CA PRO D 32 -28.14 -68.23 -55.24
C PRO D 32 -28.41 -66.86 -55.85
N LEU D 33 -28.93 -66.87 -57.08
CA LEU D 33 -29.29 -65.63 -57.74
C LEU D 33 -30.36 -64.87 -56.95
N GLY D 34 -31.39 -65.58 -56.50
CA GLY D 34 -32.38 -65.00 -55.62
C GLY D 34 -31.88 -64.94 -54.19
N SER D 35 -30.93 -64.05 -53.92
CA SER D 35 -30.34 -63.90 -52.60
C SER D 35 -29.54 -62.60 -52.53
N PRO D 36 -29.76 -61.77 -51.51
CA PRO D 36 -29.08 -60.48 -51.45
C PRO D 36 -27.63 -60.64 -51.01
N ARG D 37 -26.73 -59.96 -51.72
CA ARG D 37 -25.33 -59.96 -51.34
C ARG D 37 -25.04 -59.04 -50.16
N CYS D 38 -25.98 -58.16 -49.81
CA CYS D 38 -25.79 -57.17 -48.75
C CYS D 38 -26.83 -57.40 -47.67
N ASP D 39 -26.38 -57.87 -46.51
CA ASP D 39 -27.30 -58.21 -45.42
C ASP D 39 -26.49 -58.23 -44.12
N LEU D 40 -27.14 -58.67 -43.04
CA LEU D 40 -26.43 -58.89 -41.78
C LEU D 40 -25.54 -60.13 -41.90
N LYS D 41 -24.53 -60.20 -41.03
CA LYS D 41 -23.60 -61.33 -41.09
C LYS D 41 -24.31 -62.66 -40.84
N GLU D 42 -25.37 -62.65 -40.02
CA GLU D 42 -26.07 -63.89 -39.69
C GLU D 42 -26.90 -64.38 -40.88
N ASN D 43 -27.65 -63.48 -41.52
CA ASN D 43 -28.51 -63.87 -42.62
C ASN D 43 -27.71 -64.45 -43.80
N LEU D 44 -26.52 -63.89 -44.05
CA LEU D 44 -25.70 -64.40 -45.14
C LEU D 44 -25.22 -65.82 -44.86
N LEU D 45 -24.81 -66.09 -43.61
CA LEU D 45 -24.40 -67.44 -43.24
C LEU D 45 -25.53 -68.45 -43.35
N LYS D 46 -26.79 -67.99 -43.35
CA LYS D 46 -27.91 -68.89 -43.56
C LYS D 46 -28.01 -69.37 -45.00
N ASP D 47 -27.44 -68.64 -45.95
CA ASP D 47 -27.51 -68.98 -47.37
C ASP D 47 -26.27 -69.71 -47.87
N ASN D 48 -25.63 -70.50 -47.01
CA ASN D 48 -24.45 -71.30 -47.37
C ASN D 48 -23.33 -70.45 -47.94
N CYS D 49 -23.31 -69.16 -47.59
CA CYS D 49 -22.25 -68.28 -48.06
C CYS D 49 -20.93 -68.71 -47.43
N ALA D 50 -19.92 -68.91 -48.26
CA ALA D 50 -18.62 -69.37 -47.80
C ALA D 50 -18.09 -68.45 -46.70
N PRO D 51 -17.84 -68.98 -45.50
CA PRO D 51 -17.41 -68.11 -44.39
C PRO D 51 -16.20 -67.23 -44.70
N GLU D 52 -15.17 -67.78 -45.36
CA GLU D 52 -14.00 -67.00 -45.71
C GLU D 52 -14.31 -65.88 -46.70
N SER D 53 -15.39 -66.01 -47.48
CA SER D 53 -15.76 -65.00 -48.46
C SER D 53 -16.54 -63.83 -47.87
N ILE D 54 -16.82 -63.84 -46.57
CA ILE D 54 -17.67 -62.84 -45.95
C ILE D 54 -16.83 -61.61 -45.60
N GLU D 55 -17.29 -60.44 -46.05
CA GLU D 55 -16.63 -59.17 -45.75
C GLU D 55 -17.45 -58.43 -44.71
N PHE D 56 -16.86 -58.22 -43.54
CA PHE D 56 -17.56 -57.54 -42.45
C PHE D 56 -16.53 -56.90 -41.51
N PRO D 57 -15.98 -55.74 -41.87
CA PRO D 57 -15.00 -55.10 -40.99
C PRO D 57 -15.64 -54.61 -39.70
N VAL D 58 -14.89 -54.71 -38.62
CA VAL D 58 -15.35 -54.33 -37.29
C VAL D 58 -14.47 -53.20 -36.76
N SER D 59 -15.10 -52.10 -36.36
CA SER D 59 -14.36 -50.98 -35.79
C SER D 59 -13.68 -51.40 -34.49
N GLU D 60 -12.38 -51.18 -34.40
CA GLU D 60 -11.60 -51.65 -33.26
C GLU D 60 -10.57 -50.61 -32.86
N ALA D 61 -10.23 -50.63 -31.57
CA ALA D 61 -9.09 -49.91 -31.05
C ALA D 61 -8.03 -50.91 -30.59
N ARG D 62 -6.77 -50.50 -30.66
CA ARG D 62 -5.67 -51.38 -30.25
C ARG D 62 -4.53 -50.51 -29.74
N VAL D 63 -3.97 -50.90 -28.59
CA VAL D 63 -2.96 -50.10 -27.92
C VAL D 63 -1.58 -50.49 -28.44
N LEU D 64 -0.80 -49.49 -28.85
CA LEU D 64 0.52 -49.71 -29.45
C LEU D 64 1.65 -49.45 -28.45
N GLU D 65 1.64 -48.28 -27.82
CA GLU D 65 2.62 -47.92 -26.80
C GLU D 65 1.87 -47.67 -25.49
N ASP D 66 2.20 -48.44 -24.46
CA ASP D 66 1.45 -48.44 -23.21
C ASP D 66 2.41 -48.41 -22.02
N ARG D 67 3.29 -47.43 -21.99
CA ARG D 67 4.19 -47.30 -20.85
C ARG D 67 3.40 -46.96 -19.59
N PRO D 68 3.79 -47.48 -18.43
CA PRO D 68 3.09 -47.14 -17.20
C PRO D 68 3.42 -45.72 -16.75
N LEU D 69 2.43 -45.09 -16.11
CA LEU D 69 2.62 -43.76 -15.56
C LEU D 69 3.71 -43.77 -14.50
N SER D 70 4.64 -42.82 -14.60
CA SER D 70 5.72 -42.73 -13.64
C SER D 70 5.19 -42.36 -12.26
N ASP D 71 5.85 -42.88 -11.22
CA ASP D 71 5.50 -42.52 -9.86
C ASP D 71 6.28 -41.30 -9.38
N LYS D 72 7.49 -41.12 -9.89
CA LYS D 72 8.31 -39.96 -9.55
C LYS D 72 8.81 -39.30 -10.84
N GLY D 73 8.93 -37.97 -10.79
CA GLY D 73 9.39 -37.17 -11.90
C GLY D 73 10.85 -36.82 -11.92
N SER D 74 11.61 -37.20 -10.89
CA SER D 74 13.04 -36.89 -10.82
C SER D 74 13.81 -37.74 -11.83
N GLY D 75 15.13 -37.66 -11.77
CA GLY D 75 15.94 -38.49 -12.64
C GLY D 75 15.96 -37.98 -14.05
N ASP D 76 15.85 -38.90 -15.01
CA ASP D 76 15.85 -38.53 -16.42
C ASP D 76 14.46 -38.09 -16.84
N SER D 77 14.39 -36.97 -17.59
CA SER D 77 13.14 -36.48 -18.11
C SER D 77 12.62 -37.31 -19.29
N SER D 78 13.51 -38.06 -19.96
CA SER D 78 13.06 -38.95 -21.03
C SER D 78 12.21 -40.09 -20.49
N GLN D 79 12.45 -40.54 -19.26
CA GLN D 79 11.72 -41.65 -18.66
C GLN D 79 10.37 -41.23 -18.08
N VAL D 80 10.10 -39.94 -17.98
CA VAL D 80 8.87 -39.48 -17.33
C VAL D 80 7.69 -39.68 -18.26
N THR D 81 6.64 -40.32 -17.74
CA THR D 81 5.41 -40.57 -18.51
C THR D 81 4.23 -40.04 -17.72
N GLN D 82 3.60 -38.99 -18.24
CA GLN D 82 2.42 -38.40 -17.63
C GLN D 82 1.12 -38.84 -18.28
N VAL D 83 1.19 -39.48 -19.45
CA VAL D 83 0.01 -39.84 -20.23
C VAL D 83 0.06 -41.34 -20.54
N SER D 84 -1.07 -42.02 -20.36
CA SER D 84 -1.17 -43.44 -20.68
C SER D 84 -2.57 -43.71 -21.23
N PRO D 85 -2.68 -44.33 -22.41
CA PRO D 85 -1.56 -44.74 -23.27
C PRO D 85 -0.97 -43.60 -24.10
N GLN D 86 0.15 -43.86 -24.77
CA GLN D 86 0.82 -42.85 -25.58
C GLN D 86 0.48 -42.95 -27.06
N ARG D 87 0.07 -44.13 -27.54
CA ARG D 87 -0.23 -44.32 -28.95
C ARG D 87 -1.18 -45.49 -29.12
N ILE D 88 -2.29 -45.26 -29.80
CA ILE D 88 -3.26 -46.30 -30.12
C ILE D 88 -3.60 -46.19 -31.60
N ALA D 89 -4.06 -47.30 -32.16
CA ALA D 89 -4.50 -47.38 -33.54
C ALA D 89 -6.01 -47.60 -33.55
N LEU D 90 -6.73 -46.71 -34.23
CA LEU D 90 -8.18 -46.75 -34.28
C LEU D 90 -8.64 -47.16 -35.68
N ARG D 91 -9.62 -48.04 -35.74
CA ARG D 91 -10.20 -48.50 -36.99
C ARG D 91 -11.68 -48.16 -37.01
N LEU D 92 -12.14 -47.52 -38.07
CA LEU D 92 -13.53 -47.11 -38.19
C LEU D 92 -14.03 -47.38 -39.60
N ARG D 93 -15.17 -48.02 -39.70
CA ARG D 93 -15.89 -48.15 -40.96
C ARG D 93 -16.91 -47.03 -41.08
N PRO D 94 -17.44 -46.77 -42.28
CA PRO D 94 -18.24 -45.55 -42.49
C PRO D 94 -19.38 -45.40 -41.49
N ASP D 95 -19.51 -44.19 -40.94
CA ASP D 95 -20.61 -43.77 -40.07
C ASP D 95 -20.65 -44.54 -38.76
N ASP D 96 -19.55 -45.19 -38.37
CA ASP D 96 -19.47 -45.95 -37.14
C ASP D 96 -18.82 -45.09 -36.05
N SER D 97 -18.64 -45.69 -34.86
CA SER D 97 -18.00 -45.01 -33.75
C SER D 97 -17.45 -46.04 -32.77
N LYS D 98 -16.18 -45.91 -32.42
CA LYS D 98 -15.52 -46.73 -31.42
C LYS D 98 -15.06 -45.83 -30.27
N ASN D 99 -14.75 -46.44 -29.13
CA ASN D 99 -14.36 -45.70 -27.94
C ASN D 99 -13.08 -46.28 -27.34
N PHE D 100 -12.34 -45.42 -26.64
CA PHE D 100 -11.09 -45.77 -25.99
C PHE D 100 -10.95 -44.93 -24.73
N SER D 101 -9.80 -45.06 -24.07
CA SER D 101 -9.59 -44.42 -22.77
C SER D 101 -8.17 -43.87 -22.68
N ILE D 102 -7.98 -42.94 -21.74
CA ILE D 102 -6.69 -42.30 -21.52
C ILE D 102 -6.56 -41.97 -20.04
N GLN D 103 -5.34 -42.06 -19.53
CA GLN D 103 -5.02 -41.69 -18.15
C GLN D 103 -3.94 -40.63 -18.14
N VAL D 104 -4.14 -39.61 -17.32
CA VAL D 104 -3.21 -38.50 -17.16
C VAL D 104 -2.87 -38.37 -15.67
N ARG D 105 -1.63 -38.00 -15.38
CA ARG D 105 -1.16 -37.91 -14.00
C ARG D 105 -0.33 -36.64 -13.79
N GLN D 106 -0.71 -35.84 -12.80
CA GLN D 106 0.13 -34.77 -12.31
C GLN D 106 1.28 -35.38 -11.50
N VAL D 107 2.38 -35.69 -12.19
CA VAL D 107 3.43 -36.50 -11.59
C VAL D 107 4.08 -35.77 -10.43
N GLU D 108 4.35 -36.51 -9.36
CA GLU D 108 5.03 -35.97 -8.19
C GLU D 108 6.51 -35.76 -8.49
N ASP D 109 7.07 -34.71 -7.87
CA ASP D 109 8.50 -34.39 -7.98
C ASP D 109 8.90 -34.05 -9.42
N TYR D 110 8.11 -33.17 -10.05
CA TYR D 110 8.39 -32.68 -11.39
C TYR D 110 9.23 -31.41 -11.29
N PRO D 111 10.26 -31.29 -12.13
CA PRO D 111 11.12 -30.10 -12.07
C PRO D 111 10.33 -28.81 -12.25
N VAL D 112 10.84 -27.73 -11.63
CA VAL D 112 10.13 -26.46 -11.58
C VAL D 112 11.10 -25.33 -11.89
N ASP D 113 10.68 -24.41 -12.76
CA ASP D 113 11.39 -23.17 -13.03
C ASP D 113 10.54 -22.00 -12.53
N ILE D 114 11.20 -21.01 -11.92
CA ILE D 114 10.51 -19.84 -11.38
C ILE D 114 11.32 -18.60 -11.76
N TYR D 115 10.78 -17.78 -12.64
CA TYR D 115 11.39 -16.49 -12.98
C TYR D 115 10.63 -15.39 -12.25
N TYR D 116 11.34 -14.61 -11.45
CA TYR D 116 10.75 -13.55 -10.65
C TYR D 116 10.85 -12.23 -11.42
N LEU D 117 9.72 -11.77 -11.93
CA LEU D 117 9.63 -10.52 -12.69
C LEU D 117 9.04 -9.45 -11.77
N MET D 118 9.84 -8.41 -11.48
CA MET D 118 9.56 -7.51 -10.37
C MET D 118 9.45 -6.07 -10.85
N ASP D 119 8.32 -5.44 -10.57
CA ASP D 119 8.19 -3.99 -10.71
C ASP D 119 9.19 -3.30 -9.78
N LEU D 120 9.99 -2.41 -10.35
CA LEU D 120 10.96 -1.62 -9.59
C LEU D 120 10.75 -0.12 -9.82
N SER D 121 9.48 0.29 -9.98
CA SER D 121 9.17 1.70 -9.83
C SER D 121 9.23 2.08 -8.35
N TYR D 122 8.97 3.35 -8.05
CA TYR D 122 9.31 3.86 -6.72
C TYR D 122 8.46 3.25 -5.62
N SER D 123 7.20 2.90 -5.93
CA SER D 123 6.31 2.36 -4.90
C SER D 123 6.67 0.93 -4.50
N MET D 124 7.72 0.35 -5.08
CA MET D 124 8.17 -0.99 -4.74
C MET D 124 9.47 -0.97 -3.94
N LYS D 125 9.82 0.17 -3.36
CA LYS D 125 11.08 0.30 -2.62
C LYS D 125 11.03 -0.49 -1.32
N ASP D 126 9.91 -0.41 -0.60
CA ASP D 126 9.76 -1.19 0.62
C ASP D 126 9.63 -2.68 0.36
N ASP D 127 9.24 -3.07 -0.87
CA ASP D 127 9.13 -4.48 -1.19
C ASP D 127 10.48 -5.16 -1.25
N LEU D 128 11.54 -4.42 -1.60
CA LEU D 128 12.87 -5.02 -1.71
C LEU D 128 13.37 -5.52 -0.36
N TRP D 129 13.07 -4.78 0.72
CA TRP D 129 13.54 -5.17 2.05
C TRP D 129 13.01 -6.54 2.46
N SER D 130 11.86 -6.94 1.92
CA SER D 130 11.25 -8.19 2.33
C SER D 130 11.88 -9.40 1.64
N ILE D 131 12.23 -9.24 0.37
CA ILE D 131 12.70 -10.35 -0.44
C ILE D 131 14.23 -10.45 -0.45
N GLN D 132 14.90 -9.92 0.57
CA GLN D 132 16.36 -9.94 0.59
C GLN D 132 16.91 -11.37 0.63
N ASN D 133 16.17 -12.30 1.23
CA ASN D 133 16.60 -13.70 1.32
C ASN D 133 15.54 -14.64 0.76
N LEU D 134 14.77 -14.17 -0.23
CA LEU D 134 13.69 -14.98 -0.78
C LEU D 134 14.22 -16.24 -1.47
N GLY D 135 15.42 -16.17 -2.05
CA GLY D 135 15.96 -17.33 -2.74
C GLY D 135 16.11 -18.54 -1.84
N THR D 136 16.61 -18.32 -0.62
CA THR D 136 16.83 -19.43 0.30
C THR D 136 15.53 -19.90 0.93
N LYS D 137 14.69 -18.96 1.39
CA LYS D 137 13.43 -19.32 2.02
C LYS D 137 12.50 -20.03 1.04
N LEU D 138 12.44 -19.55 -0.21
CA LEU D 138 11.60 -20.19 -1.21
C LEU D 138 12.15 -21.57 -1.59
N ALA D 139 13.48 -21.70 -1.67
CA ALA D 139 14.07 -23.00 -1.99
C ALA D 139 13.74 -24.04 -0.92
N THR D 140 13.72 -23.62 0.34
CA THR D 140 13.40 -24.56 1.42
C THR D 140 12.02 -25.16 1.25
N GLN D 141 11.02 -24.32 0.95
CA GLN D 141 9.66 -24.80 0.82
C GLN D 141 9.42 -25.55 -0.49
N MET D 142 10.07 -25.15 -1.58
CA MET D 142 9.88 -25.84 -2.85
C MET D 142 10.59 -27.19 -2.89
N ARG D 143 11.67 -27.37 -2.12
CA ARG D 143 12.31 -28.68 -2.08
C ARG D 143 11.48 -29.74 -1.37
N LYS D 144 10.40 -29.33 -0.69
CA LYS D 144 9.42 -30.30 -0.22
C LYS D 144 8.65 -30.89 -1.40
N LEU D 145 8.38 -30.08 -2.42
CA LEU D 145 7.57 -30.50 -3.56
C LEU D 145 8.41 -31.07 -4.70
N THR D 146 9.60 -30.53 -4.94
CA THR D 146 10.42 -30.98 -6.06
C THR D 146 11.86 -31.15 -5.63
N SER D 147 12.60 -31.92 -6.44
CA SER D 147 14.04 -32.10 -6.29
C SER D 147 14.84 -31.19 -7.20
N ASN D 148 14.35 -30.92 -8.40
CA ASN D 148 15.02 -30.06 -9.37
C ASN D 148 14.32 -28.71 -9.39
N LEU D 149 14.94 -27.71 -8.76
CA LEU D 149 14.43 -26.35 -8.74
C LEU D 149 15.46 -25.42 -9.36
N ARG D 150 14.97 -24.43 -10.11
CA ARG D 150 15.79 -23.36 -10.66
C ARG D 150 15.03 -22.05 -10.56
N ILE D 151 15.73 -20.97 -10.21
CA ILE D 151 15.12 -19.66 -10.07
C ILE D 151 16.00 -18.60 -10.71
N GLY D 152 15.37 -17.51 -11.15
CA GLY D 152 16.05 -16.40 -11.76
C GLY D 152 15.28 -15.12 -11.52
N PHE D 153 15.91 -14.00 -11.89
CA PHE D 153 15.38 -12.69 -11.52
C PHE D 153 15.48 -11.72 -12.68
N GLY D 154 14.42 -10.94 -12.86
CA GLY D 154 14.42 -9.83 -13.80
C GLY D 154 13.48 -8.75 -13.29
N ALA D 155 13.70 -7.53 -13.77
CA ALA D 155 12.97 -6.38 -13.25
C ALA D 155 12.62 -5.42 -14.38
N PHE D 156 11.58 -4.61 -14.13
CA PHE D 156 11.07 -3.67 -15.12
C PHE D 156 10.61 -2.40 -14.43
N VAL D 157 10.42 -1.35 -15.23
CA VAL D 157 9.80 -0.10 -14.78
C VAL D 157 8.82 0.38 -15.84
N ASP D 158 9.34 0.98 -16.92
CA ASP D 158 8.55 1.54 -18.00
C ASP D 158 9.51 1.98 -19.10
N LYS D 159 8.96 2.40 -20.23
CA LYS D 159 9.76 2.75 -21.39
C LYS D 159 10.61 3.98 -21.11
N PRO D 160 11.95 3.89 -21.20
CA PRO D 160 12.79 5.05 -20.88
C PRO D 160 12.75 6.13 -21.93
N VAL D 161 11.65 6.88 -22.00
CA VAL D 161 11.51 7.96 -22.96
C VAL D 161 10.39 8.87 -22.47
N SER D 162 10.55 10.16 -22.73
CA SER D 162 9.50 11.12 -22.40
C SER D 162 8.20 10.70 -23.09
N PRO D 163 7.04 10.88 -22.45
CA PRO D 163 6.81 11.48 -21.13
C PRO D 163 6.83 10.51 -19.97
N TYR D 164 7.24 9.26 -20.21
CA TYR D 164 7.34 8.29 -19.13
C TYR D 164 8.54 8.58 -18.23
N MET D 165 9.60 9.14 -18.79
CA MET D 165 10.85 9.39 -18.09
C MET D 165 11.01 10.89 -17.83
N TYR D 166 11.63 11.22 -16.70
CA TYR D 166 12.01 12.60 -16.41
C TYR D 166 13.28 12.92 -17.18
N ILE D 167 13.24 14.01 -17.96
CA ILE D 167 14.33 14.34 -18.88
C ILE D 167 14.99 15.67 -18.55
N SER D 168 14.60 16.32 -17.44
CA SER D 168 15.23 17.58 -17.09
C SER D 168 15.26 17.73 -15.57
N PRO D 169 16.35 18.27 -15.00
CA PRO D 169 17.62 18.66 -15.64
C PRO D 169 18.48 17.44 -15.99
N PRO D 170 19.69 17.64 -16.59
CA PRO D 170 20.56 16.49 -16.89
C PRO D 170 20.86 15.63 -15.67
N GLU D 171 20.75 16.24 -14.49
CA GLU D 171 20.88 15.50 -13.24
C GLU D 171 19.81 14.41 -13.11
N ALA D 172 18.61 14.66 -13.65
CA ALA D 172 17.52 13.71 -13.52
C ALA D 172 17.69 12.48 -14.42
N LEU D 173 18.50 12.57 -15.48
CA LEU D 173 18.76 11.42 -16.34
C LEU D 173 19.72 10.44 -15.70
N GLU D 174 20.58 10.90 -14.78
CA GLU D 174 21.42 10.00 -14.00
C GLU D 174 20.79 9.64 -12.67
N ASN D 175 19.91 10.50 -12.16
CA ASN D 175 19.28 10.29 -10.85
C ASN D 175 17.88 10.87 -10.91
N PRO D 176 16.89 10.06 -11.27
CA PRO D 176 15.52 10.59 -11.39
C PRO D 176 14.96 11.10 -10.08
N CYS D 177 15.58 10.77 -8.95
CA CYS D 177 15.13 11.19 -7.62
C CYS D 177 15.92 12.39 -7.10
N TYR D 178 16.34 13.29 -8.00
CA TYR D 178 17.21 14.39 -7.58
C TYR D 178 16.48 15.41 -6.73
N ASP D 179 15.22 15.75 -7.09
CA ASP D 179 14.50 16.79 -6.37
C ASP D 179 14.10 16.35 -4.97
N MET D 180 14.03 15.04 -4.73
CA MET D 180 13.92 14.50 -3.38
C MET D 180 15.33 14.30 -2.83
N LYS D 181 15.46 14.41 -1.51
CA LYS D 181 16.76 14.26 -0.87
C LYS D 181 17.19 12.80 -0.84
N THR D 182 17.42 12.21 -2.02
CA THR D 182 17.82 10.81 -2.09
C THR D 182 18.43 10.54 -3.47
N THR D 183 18.55 9.26 -3.81
CA THR D 183 19.14 8.82 -5.06
C THR D 183 18.50 7.50 -5.45
N CYS D 184 18.29 7.30 -6.76
CA CYS D 184 17.76 6.07 -7.30
C CYS D 184 18.47 5.76 -8.61
N LEU D 185 18.17 4.58 -9.18
CA LEU D 185 18.81 4.18 -10.42
C LEU D 185 18.27 4.98 -11.60
N PRO D 186 19.04 5.11 -12.67
CA PRO D 186 18.48 5.65 -13.92
C PRO D 186 17.40 4.71 -14.44
N MET D 187 16.43 5.28 -15.14
CA MET D 187 15.28 4.51 -15.58
C MET D 187 15.70 3.46 -16.60
N PHE D 188 15.02 2.31 -16.56
CA PHE D 188 15.28 1.22 -17.49
C PHE D 188 13.97 0.53 -17.82
N GLY D 189 13.84 0.08 -19.07
CA GLY D 189 12.65 -0.63 -19.50
C GLY D 189 12.52 -2.00 -18.87
N TYR D 190 13.41 -2.91 -19.27
CA TYR D 190 13.46 -4.25 -18.70
C TYR D 190 14.89 -4.75 -18.75
N LYS D 191 15.36 -5.31 -17.63
CA LYS D 191 16.71 -5.84 -17.56
C LYS D 191 16.69 -7.25 -16.98
N HIS D 192 17.38 -8.17 -17.67
CA HIS D 192 17.59 -9.50 -17.13
C HIS D 192 18.77 -9.51 -16.18
N VAL D 193 18.57 -10.04 -14.97
CA VAL D 193 19.57 -10.04 -13.92
C VAL D 193 20.23 -11.40 -13.78
N LEU D 194 19.44 -12.43 -13.47
CA LEU D 194 19.97 -13.75 -13.16
C LEU D 194 19.28 -14.82 -14.00
N THR D 195 20.08 -15.58 -14.75
CA THR D 195 19.56 -16.74 -15.45
C THR D 195 19.11 -17.81 -14.44
N LEU D 196 18.06 -18.54 -14.79
CA LEU D 196 17.58 -19.63 -13.95
C LEU D 196 18.72 -20.59 -13.63
N THR D 197 18.91 -20.85 -12.34
CA THR D 197 20.00 -21.70 -11.87
C THR D 197 19.55 -22.47 -10.64
N ASP D 198 20.22 -23.59 -10.37
CA ASP D 198 19.95 -24.39 -9.19
C ASP D 198 20.70 -23.89 -7.95
N GLN D 199 21.53 -22.86 -8.09
CA GLN D 199 22.24 -22.26 -6.96
C GLN D 199 21.40 -21.10 -6.44
N VAL D 200 20.61 -21.37 -5.40
CA VAL D 200 19.66 -20.38 -4.90
C VAL D 200 20.30 -19.25 -4.10
N THR D 201 21.60 -19.34 -3.81
CA THR D 201 22.28 -18.20 -3.20
C THR D 201 22.56 -17.08 -4.19
N ARG D 202 22.80 -17.43 -5.46
CA ARG D 202 22.96 -16.42 -6.50
C ARG D 202 21.75 -15.48 -6.56
N PHE D 203 20.57 -16.00 -6.24
CA PHE D 203 19.36 -15.18 -6.22
C PHE D 203 19.47 -14.08 -5.16
N ASN D 204 19.81 -14.46 -3.92
CA ASN D 204 19.92 -13.48 -2.85
C ASN D 204 21.09 -12.53 -3.06
N GLU D 205 22.16 -13.00 -3.69
CA GLU D 205 23.30 -12.13 -3.97
C GLU D 205 22.92 -11.00 -4.92
N GLU D 206 22.16 -11.32 -5.98
CA GLU D 206 21.81 -10.31 -6.97
C GLU D 206 20.64 -9.44 -6.53
N VAL D 207 19.77 -9.95 -5.66
CA VAL D 207 18.63 -9.17 -5.20
C VAL D 207 19.10 -8.01 -4.32
N LYS D 208 20.06 -8.27 -3.44
CA LYS D 208 20.56 -7.22 -2.55
C LYS D 208 21.20 -6.08 -3.32
N LYS D 209 21.72 -6.36 -4.52
CA LYS D 209 22.35 -5.34 -5.36
C LYS D 209 21.34 -4.47 -6.10
N GLN D 210 20.05 -4.76 -6.00
CA GLN D 210 19.04 -4.04 -6.75
C GLN D 210 18.57 -2.79 -6.00
N SER D 211 18.06 -1.82 -6.76
CA SER D 211 17.52 -0.59 -6.20
C SER D 211 16.49 -0.02 -7.17
N VAL D 212 15.44 0.58 -6.61
CA VAL D 212 14.32 1.00 -7.46
C VAL D 212 14.72 2.21 -8.30
N SER D 213 13.90 2.48 -9.32
CA SER D 213 13.97 3.70 -10.11
C SER D 213 12.61 4.40 -10.03
N ARG D 214 12.43 5.43 -10.85
CA ARG D 214 11.25 6.29 -10.71
C ARG D 214 10.82 6.79 -12.08
N ASN D 215 9.52 6.70 -12.36
CA ASN D 215 8.93 7.21 -13.59
C ASN D 215 7.77 8.12 -13.24
N ARG D 216 7.15 8.70 -14.26
CA ARG D 216 6.17 9.76 -14.06
C ARG D 216 4.74 9.25 -13.92
N ASP D 217 4.32 8.32 -14.78
CA ASP D 217 2.92 7.91 -14.83
C ASP D 217 2.70 6.56 -14.14
N ALA D 218 1.58 6.45 -13.43
CA ALA D 218 1.27 5.29 -12.61
C ALA D 218 1.34 3.96 -13.36
N PRO D 219 0.75 3.79 -14.54
CA PRO D 219 0.85 2.50 -15.23
C PRO D 219 2.29 2.23 -15.66
N GLU D 220 2.69 0.96 -15.57
CA GLU D 220 4.08 0.59 -15.75
C GLU D 220 4.25 -0.37 -16.92
N GLY D 221 5.50 -0.51 -17.36
CA GLY D 221 5.79 -1.30 -18.53
C GLY D 221 6.07 -2.76 -18.25
N GLY D 222 5.17 -3.41 -17.53
CA GLY D 222 5.37 -4.81 -17.18
C GLY D 222 5.18 -5.75 -18.34
N PHE D 223 4.22 -5.45 -19.21
CA PHE D 223 3.89 -6.38 -20.28
C PHE D 223 5.04 -6.54 -21.27
N ASP D 224 5.76 -5.45 -21.55
CA ASP D 224 6.98 -5.55 -22.33
C ASP D 224 7.94 -6.56 -21.70
N ALA D 225 8.04 -6.56 -20.38
CA ALA D 225 8.98 -7.45 -19.70
C ALA D 225 8.49 -8.89 -19.72
N ILE D 226 7.17 -9.10 -19.54
CA ILE D 226 6.61 -10.44 -19.65
C ILE D 226 6.95 -11.05 -21.01
N MET D 227 6.74 -10.26 -22.07
CA MET D 227 7.05 -10.73 -23.42
C MET D 227 8.50 -11.16 -23.53
N GLN D 228 9.42 -10.34 -23.03
CA GLN D 228 10.84 -10.67 -23.13
C GLN D 228 11.19 -11.85 -22.23
N ALA D 229 10.55 -11.94 -21.06
CA ALA D 229 10.78 -13.09 -20.19
C ALA D 229 10.21 -14.37 -20.78
N THR D 230 9.34 -14.27 -21.78
CA THR D 230 8.70 -15.43 -22.38
C THR D 230 9.47 -15.95 -23.60
N VAL D 231 9.86 -15.05 -24.49
CA VAL D 231 10.38 -15.46 -25.80
C VAL D 231 11.90 -15.54 -25.86
N CYS D 232 12.62 -14.98 -24.89
CA CYS D 232 14.08 -15.07 -24.89
C CYS D 232 14.49 -16.38 -24.19
N ASP D 233 14.28 -17.48 -24.92
CA ASP D 233 14.45 -18.81 -24.36
C ASP D 233 15.81 -19.01 -23.71
N GLU D 234 16.86 -18.51 -24.35
CA GLU D 234 18.22 -18.82 -23.90
C GLU D 234 18.57 -18.03 -22.64
N LYS D 235 18.32 -16.72 -22.65
CA LYS D 235 18.79 -15.88 -21.54
C LYS D 235 18.05 -16.18 -20.25
N ILE D 236 16.72 -16.22 -20.31
CA ILE D 236 15.95 -16.61 -19.14
C ILE D 236 16.35 -18.00 -18.69
N GLY D 237 16.64 -18.89 -19.64
CA GLY D 237 17.10 -20.21 -19.31
C GLY D 237 16.01 -21.19 -18.94
N TRP D 238 14.80 -21.01 -19.48
CA TRP D 238 13.74 -21.98 -19.26
C TRP D 238 14.21 -23.37 -19.67
N ARG D 239 13.78 -24.38 -18.92
CA ARG D 239 14.13 -25.76 -19.23
C ARG D 239 13.00 -26.43 -20.02
N ASN D 240 13.36 -27.48 -20.76
CA ASN D 240 12.39 -28.17 -21.60
C ASN D 240 11.35 -28.91 -20.75
N ASP D 241 11.80 -29.80 -19.87
CA ASP D 241 10.91 -30.69 -19.15
C ASP D 241 10.73 -30.21 -17.71
N ALA D 242 10.05 -29.08 -17.58
CA ALA D 242 9.80 -28.49 -16.27
C ALA D 242 8.57 -27.60 -16.33
N SER D 243 7.97 -27.37 -15.17
CA SER D 243 6.87 -26.43 -15.05
C SER D 243 7.44 -25.01 -14.98
N HIS D 244 6.97 -24.15 -15.88
CA HIS D 244 7.52 -22.80 -16.02
C HIS D 244 6.57 -21.82 -15.35
N LEU D 245 7.05 -21.21 -14.26
CA LEU D 245 6.29 -20.20 -13.53
C LEU D 245 6.92 -18.84 -13.77
N LEU D 246 6.09 -17.86 -14.13
CA LEU D 246 6.50 -16.48 -14.30
C LEU D 246 5.72 -15.64 -13.29
N VAL D 247 6.41 -15.15 -12.26
CA VAL D 247 5.79 -14.39 -11.19
C VAL D 247 5.89 -12.91 -11.54
N PHE D 248 4.74 -12.26 -11.68
CA PHE D 248 4.65 -10.87 -12.11
C PHE D 248 4.10 -10.03 -10.96
N THR D 249 4.95 -9.24 -10.34
CA THR D 249 4.58 -8.43 -9.18
C THR D 249 4.53 -6.96 -9.57
N THR D 250 3.49 -6.26 -9.10
CA THR D 250 3.34 -4.83 -9.31
C THR D 250 2.20 -4.34 -8.42
N ASP D 251 2.23 -3.04 -8.13
CA ASP D 251 1.18 -2.40 -7.33
C ASP D 251 0.49 -1.28 -8.10
N ALA D 252 0.40 -1.41 -9.42
CA ALA D 252 -0.14 -0.33 -10.23
C ALA D 252 -0.75 -0.91 -11.51
N LYS D 253 -1.35 -0.02 -12.29
CA LYS D 253 -1.86 -0.37 -13.61
C LYS D 253 -0.72 -0.81 -14.52
N THR D 254 -1.08 -1.25 -15.71
CA THR D 254 -0.11 -1.67 -16.71
C THR D 254 -0.43 -1.02 -18.05
N HIS D 255 0.61 -0.71 -18.80
CA HIS D 255 0.42 -0.21 -20.15
C HIS D 255 0.06 -1.36 -21.07
N ILE D 256 -0.91 -1.11 -21.95
CA ILE D 256 -1.34 -2.09 -22.93
C ILE D 256 -0.95 -1.60 -24.32
N ALA D 257 -1.19 -2.45 -25.32
CA ALA D 257 -0.85 -2.08 -26.68
C ALA D 257 -1.58 -0.82 -27.10
N LEU D 258 -0.92 -0.03 -27.94
CA LEU D 258 -1.34 1.26 -28.48
C LEU D 258 -1.20 2.39 -27.46
N ASP D 259 -0.75 2.10 -26.23
CA ASP D 259 -0.43 3.18 -25.30
C ASP D 259 0.83 3.92 -25.71
N GLY D 260 1.78 3.22 -26.34
CA GLY D 260 3.07 3.78 -26.69
C GLY D 260 3.02 4.98 -27.62
N ARG D 261 1.88 5.24 -28.24
CA ARG D 261 1.78 6.39 -29.14
C ARG D 261 1.98 7.71 -28.38
N LEU D 262 1.69 7.73 -27.08
CA LEU D 262 2.00 8.90 -26.27
C LEU D 262 3.50 9.16 -26.14
N ALA D 263 4.35 8.28 -26.67
CA ALA D 263 5.79 8.50 -26.71
C ALA D 263 6.34 8.49 -28.12
N GLY D 264 5.47 8.58 -29.12
CA GLY D 264 5.91 8.53 -30.50
C GLY D 264 6.21 7.14 -31.01
N ILE D 265 5.77 6.11 -30.30
CA ILE D 265 5.99 4.72 -30.68
C ILE D 265 4.73 4.21 -31.37
N VAL D 266 4.89 3.71 -32.60
CA VAL D 266 3.75 3.25 -33.38
C VAL D 266 3.99 1.85 -33.93
N GLN D 267 5.23 1.38 -33.87
CA GLN D 267 5.55 0.07 -34.40
C GLN D 267 4.89 -1.02 -33.53
N PRO D 268 4.17 -1.97 -34.13
CA PRO D 268 3.55 -3.03 -33.33
C PRO D 268 4.61 -3.92 -32.71
N ASN D 269 4.24 -4.51 -31.57
CA ASN D 269 5.14 -5.47 -30.93
C ASN D 269 5.29 -6.70 -31.80
N ASP D 270 6.53 -7.08 -32.09
CA ASP D 270 6.80 -8.18 -33.00
C ASP D 270 6.93 -9.53 -32.29
N GLY D 271 6.87 -9.56 -30.96
CA GLY D 271 6.92 -10.82 -30.25
C GLY D 271 8.22 -11.58 -30.41
N GLN D 272 9.33 -10.88 -30.63
CA GLN D 272 10.64 -11.50 -30.75
C GLN D 272 11.56 -10.98 -29.65
N CYS D 273 12.69 -11.66 -29.48
CA CYS D 273 13.62 -11.31 -28.43
C CYS D 273 14.50 -10.14 -28.84
N HIS D 274 14.74 -9.22 -27.90
CA HIS D 274 15.59 -8.06 -28.15
C HIS D 274 16.36 -7.69 -26.90
N VAL D 275 16.85 -8.70 -26.18
CA VAL D 275 17.69 -8.51 -25.00
C VAL D 275 19.08 -9.00 -25.36
N GLY D 276 20.00 -8.07 -25.57
CA GLY D 276 21.35 -8.38 -25.97
C GLY D 276 22.28 -8.63 -24.80
N SER D 277 23.58 -8.66 -25.11
CA SER D 277 24.60 -8.94 -24.11
C SER D 277 24.45 -8.03 -22.89
N ASP D 278 24.10 -6.76 -23.10
CA ASP D 278 23.91 -5.83 -22.00
C ASP D 278 22.71 -6.17 -21.12
N ASN D 279 21.96 -7.23 -21.44
CA ASN D 279 20.85 -7.71 -20.62
C ASN D 279 19.73 -6.69 -20.45
N HIS D 280 19.63 -5.72 -21.37
CA HIS D 280 18.55 -4.76 -21.39
C HIS D 280 17.70 -4.94 -22.64
N TYR D 281 16.40 -4.72 -22.49
CA TYR D 281 15.45 -4.76 -23.60
C TYR D 281 15.76 -3.60 -24.54
N SER D 282 16.45 -3.88 -25.65
CA SER D 282 17.01 -2.83 -26.50
C SER D 282 15.96 -2.17 -27.39
N ALA D 283 14.76 -2.75 -27.51
CA ALA D 283 13.71 -2.17 -28.34
C ALA D 283 12.63 -1.49 -27.51
N SER D 284 12.97 -1.01 -26.31
CA SER D 284 11.96 -0.44 -25.42
C SER D 284 11.43 0.88 -25.96
N THR D 285 12.28 1.67 -26.60
CA THR D 285 11.91 3.00 -27.07
C THR D 285 11.64 3.03 -28.57
N THR D 286 11.50 1.87 -29.21
CA THR D 286 11.18 1.80 -30.64
C THR D 286 10.00 0.89 -30.96
N MET D 287 9.46 0.16 -29.98
CA MET D 287 8.45 -0.86 -30.23
C MET D 287 7.39 -0.80 -29.14
N ASP D 288 6.14 -0.75 -29.57
CA ASP D 288 5.01 -0.52 -28.67
C ASP D 288 4.84 -1.69 -27.70
N TYR D 289 3.97 -1.48 -26.72
CA TYR D 289 3.67 -2.53 -25.76
C TYR D 289 2.96 -3.68 -26.46
N PRO D 290 3.20 -4.92 -26.04
CA PRO D 290 2.49 -6.05 -26.66
C PRO D 290 1.01 -6.02 -26.32
N SER D 291 0.24 -6.73 -27.14
CA SER D 291 -1.19 -6.86 -26.94
C SER D 291 -1.50 -8.11 -26.12
N LEU D 292 -2.71 -8.15 -25.57
CA LEU D 292 -3.14 -9.30 -24.78
C LEU D 292 -3.09 -10.57 -25.60
N GLY D 293 -3.65 -10.54 -26.81
CA GLY D 293 -3.65 -11.72 -27.66
C GLY D 293 -2.25 -12.19 -27.99
N LEU D 294 -1.34 -11.25 -28.23
CA LEU D 294 0.04 -11.63 -28.56
C LEU D 294 0.71 -12.30 -27.37
N MET D 295 0.46 -11.80 -26.16
CA MET D 295 1.02 -12.42 -24.96
C MET D 295 0.49 -13.85 -24.79
N THR D 296 -0.81 -14.04 -25.00
CA THR D 296 -1.39 -15.37 -24.90
C THR D 296 -0.73 -16.34 -25.88
N GLU D 297 -0.44 -15.87 -27.08
CA GLU D 297 0.21 -16.72 -28.08
C GLU D 297 1.57 -17.20 -27.60
N LYS D 298 2.41 -16.29 -27.12
CA LYS D 298 3.77 -16.66 -26.78
C LYS D 298 3.83 -17.46 -25.49
N LEU D 299 2.98 -17.13 -24.51
CA LEU D 299 2.92 -17.91 -23.28
C LEU D 299 2.56 -19.36 -23.58
N SER D 300 1.61 -19.58 -24.50
CA SER D 300 1.22 -20.93 -24.87
C SER D 300 2.29 -21.62 -25.71
N GLN D 301 3.00 -20.86 -26.55
CA GLN D 301 4.04 -21.45 -27.39
C GLN D 301 5.24 -21.90 -26.56
N LYS D 302 5.56 -21.17 -25.49
CA LYS D 302 6.70 -21.49 -24.64
C LYS D 302 6.31 -22.23 -23.38
N ASN D 303 5.02 -22.50 -23.18
CA ASN D 303 4.50 -23.18 -21.99
C ASN D 303 4.93 -22.44 -20.71
N ILE D 304 4.33 -21.27 -20.53
CA ILE D 304 4.61 -20.40 -19.39
C ILE D 304 3.32 -20.18 -18.62
N ASN D 305 3.38 -20.34 -17.30
CA ASN D 305 2.25 -20.08 -16.42
C ASN D 305 2.44 -18.70 -15.80
N LEU D 306 1.80 -17.70 -16.39
CA LEU D 306 1.88 -16.34 -15.88
C LEU D 306 1.08 -16.20 -14.60
N ILE D 307 1.71 -15.65 -13.57
CA ILE D 307 1.09 -15.48 -12.25
C ILE D 307 1.07 -14.00 -11.94
N PHE D 308 -0.13 -13.43 -11.85
CA PHE D 308 -0.30 -12.02 -11.53
C PHE D 308 -0.31 -11.88 -10.01
N ALA D 309 0.80 -11.37 -9.46
CA ALA D 309 0.92 -11.15 -8.01
C ALA D 309 0.79 -9.64 -7.78
N VAL D 310 -0.45 -9.18 -7.68
CA VAL D 310 -0.76 -7.76 -7.63
C VAL D 310 -1.37 -7.42 -6.27
N THR D 311 -1.37 -6.13 -5.96
CA THR D 311 -1.83 -5.61 -4.68
C THR D 311 -3.34 -5.37 -4.71
N GLU D 312 -3.88 -5.16 -3.50
CA GLU D 312 -5.33 -5.12 -3.30
C GLU D 312 -6.02 -4.16 -4.25
N ASN D 313 -5.35 -3.06 -4.60
CA ASN D 313 -6.00 -2.00 -5.36
C ASN D 313 -6.18 -2.33 -6.83
N VAL D 314 -5.57 -3.42 -7.33
CA VAL D 314 -5.64 -3.71 -8.76
C VAL D 314 -5.87 -5.20 -9.00
N VAL D 315 -6.30 -5.93 -7.97
CA VAL D 315 -6.59 -7.35 -8.14
C VAL D 315 -7.74 -7.53 -9.14
N ASN D 316 -8.80 -6.72 -8.99
CA ASN D 316 -9.91 -6.77 -9.94
C ASN D 316 -9.43 -6.54 -11.37
N LEU D 317 -8.48 -5.63 -11.54
CA LEU D 317 -7.91 -5.37 -12.86
C LEU D 317 -7.27 -6.63 -13.43
N TYR D 318 -6.25 -7.16 -12.74
CA TYR D 318 -5.51 -8.30 -13.25
C TYR D 318 -6.31 -9.60 -13.16
N GLN D 319 -7.39 -9.64 -12.40
CA GLN D 319 -8.30 -10.78 -12.47
C GLN D 319 -9.08 -10.78 -13.77
N ASN D 320 -9.42 -9.59 -14.27
CA ASN D 320 -10.13 -9.47 -15.53
C ASN D 320 -9.22 -9.72 -16.72
N TYR D 321 -7.97 -9.25 -16.65
CA TYR D 321 -6.98 -9.64 -17.64
C TYR D 321 -6.74 -11.14 -17.64
N SER D 322 -6.84 -11.77 -16.46
CA SER D 322 -6.64 -13.21 -16.35
C SER D 322 -7.72 -14.00 -17.07
N GLU D 323 -8.91 -13.43 -17.25
CA GLU D 323 -9.95 -14.10 -18.00
C GLU D 323 -9.75 -13.99 -19.51
N LEU D 324 -9.00 -12.99 -19.96
CA LEU D 324 -8.66 -12.83 -21.37
C LEU D 324 -7.37 -13.53 -21.75
N ILE D 325 -6.56 -13.93 -20.76
CA ILE D 325 -5.37 -14.75 -21.00
C ILE D 325 -5.54 -16.07 -20.24
N PRO D 326 -6.26 -17.04 -20.81
CA PRO D 326 -6.50 -18.29 -20.09
C PRO D 326 -5.20 -18.96 -19.65
N GLY D 327 -5.25 -19.64 -18.52
CA GLY D 327 -4.09 -20.28 -17.95
C GLY D 327 -3.36 -19.47 -16.89
N THR D 328 -3.64 -18.16 -16.80
CA THR D 328 -2.96 -17.33 -15.82
C THR D 328 -3.60 -17.43 -14.45
N THR D 329 -2.86 -16.99 -13.44
CA THR D 329 -3.28 -17.08 -12.05
C THR D 329 -3.10 -15.74 -11.37
N VAL D 330 -4.03 -15.39 -10.49
CA VAL D 330 -4.00 -14.11 -9.78
C VAL D 330 -3.90 -14.38 -8.29
N GLY D 331 -2.91 -13.76 -7.66
CA GLY D 331 -2.77 -13.83 -6.21
C GLY D 331 -2.58 -12.45 -5.62
N VAL D 332 -3.06 -12.29 -4.40
CA VAL D 332 -3.08 -10.97 -3.75
C VAL D 332 -1.73 -10.72 -3.09
N LEU D 333 -1.03 -9.69 -3.56
CA LEU D 333 0.26 -9.31 -3.01
C LEU D 333 0.07 -8.19 -1.99
N SER D 334 0.93 -8.20 -0.97
CA SER D 334 0.91 -7.14 0.03
C SER D 334 1.63 -5.90 -0.50
N MET D 335 1.49 -4.79 0.21
CA MET D 335 2.18 -3.56 -0.16
C MET D 335 3.68 -3.63 0.11
N ASP D 336 4.18 -4.72 0.70
CA ASP D 336 5.59 -4.92 0.93
C ASP D 336 6.08 -6.29 0.45
N SER D 337 5.26 -7.01 -0.31
CA SER D 337 5.60 -8.33 -0.85
C SER D 337 5.99 -9.30 0.26
N SER D 338 5.41 -9.11 1.44
CA SER D 338 5.77 -9.96 2.57
C SER D 338 5.19 -11.37 2.45
N ASN D 339 4.17 -11.56 1.61
CA ASN D 339 3.52 -12.85 1.45
C ASN D 339 3.80 -13.49 0.10
N VAL D 340 4.84 -13.04 -0.60
CA VAL D 340 5.08 -13.50 -1.96
C VAL D 340 5.46 -14.98 -1.96
N LEU D 341 6.15 -15.44 -0.92
CA LEU D 341 6.55 -16.84 -0.85
C LEU D 341 5.32 -17.76 -0.87
N GLN D 342 4.36 -17.49 0.02
CA GLN D 342 3.17 -18.32 0.10
C GLN D 342 2.27 -18.13 -1.12
N LEU D 343 2.27 -16.94 -1.72
CA LEU D 343 1.52 -16.73 -2.96
C LEU D 343 2.05 -17.61 -4.09
N ILE D 344 3.36 -17.83 -4.14
CA ILE D 344 3.94 -18.67 -5.17
C ILE D 344 3.58 -20.13 -4.94
N VAL D 345 3.78 -20.61 -3.71
CA VAL D 345 3.46 -22.01 -3.39
C VAL D 345 1.97 -22.27 -3.62
N ASP D 346 1.11 -21.34 -3.20
CA ASP D 346 -0.33 -21.49 -3.46
C ASP D 346 -0.61 -21.56 -4.95
N ALA D 347 0.05 -20.71 -5.74
CA ALA D 347 -0.17 -20.69 -7.18
C ALA D 347 0.27 -22.00 -7.82
N TYR D 348 1.45 -22.50 -7.44
CA TYR D 348 1.94 -23.75 -8.00
C TYR D 348 0.97 -24.91 -7.75
N GLY D 349 0.28 -24.91 -6.61
CA GLY D 349 -0.74 -25.93 -6.39
C GLY D 349 -1.97 -25.71 -7.24
N LYS D 350 -2.41 -24.46 -7.37
CA LYS D 350 -3.55 -24.16 -8.21
C LYS D 350 -3.24 -24.38 -9.69
N ILE D 351 -1.98 -24.24 -10.08
CA ILE D 351 -1.60 -24.44 -11.48
C ILE D 351 -1.61 -25.92 -11.84
N ARG D 352 -1.19 -26.78 -10.91
CA ARG D 352 -1.19 -28.22 -11.13
C ARG D 352 -2.45 -28.90 -10.58
N SER D 353 -3.45 -28.13 -10.19
CA SER D 353 -4.74 -28.68 -9.77
C SER D 353 -5.69 -28.92 -10.93
N LYS D 354 -5.29 -28.59 -12.14
CA LYS D 354 -6.15 -28.67 -13.31
C LYS D 354 -5.52 -29.55 -14.37
N VAL D 355 -6.36 -30.31 -15.06
CA VAL D 355 -5.97 -31.12 -16.22
C VAL D 355 -7.04 -30.92 -17.27
N GLU D 356 -6.70 -30.22 -18.35
CA GLU D 356 -7.63 -29.93 -19.43
C GLU D 356 -7.08 -30.48 -20.74
N LEU D 357 -7.95 -31.14 -21.50
CA LEU D 357 -7.54 -31.77 -22.75
C LEU D 357 -7.79 -30.83 -23.93
N GLU D 358 -6.81 -30.76 -24.82
CA GLU D 358 -6.98 -30.14 -26.13
C GLU D 358 -6.61 -31.15 -27.20
N VAL D 359 -7.23 -30.99 -28.38
CA VAL D 359 -7.06 -31.93 -29.48
C VAL D 359 -6.46 -31.19 -30.66
N ARG D 360 -5.36 -31.72 -31.19
CA ARG D 360 -4.63 -31.11 -32.29
C ARG D 360 -4.70 -32.01 -33.52
N ASP D 361 -4.91 -31.41 -34.68
CA ASP D 361 -4.86 -32.08 -35.97
C ASP D 361 -6.02 -33.06 -36.16
N LEU D 362 -7.20 -32.70 -35.67
CA LEU D 362 -8.36 -33.57 -35.84
C LEU D 362 -8.97 -33.35 -37.21
N PRO D 363 -9.30 -34.42 -37.95
CA PRO D 363 -9.85 -34.24 -39.30
C PRO D 363 -11.25 -33.67 -39.27
N GLU D 364 -11.66 -33.13 -40.43
CA GLU D 364 -12.94 -32.45 -40.54
C GLU D 364 -14.10 -33.38 -40.22
N GLU D 365 -13.98 -34.65 -40.60
CA GLU D 365 -15.09 -35.60 -40.52
C GLU D 365 -15.19 -36.30 -39.17
N LEU D 366 -14.24 -36.08 -38.27
CA LEU D 366 -14.27 -36.70 -36.95
C LEU D 366 -14.88 -35.75 -35.93
N SER D 367 -15.66 -36.32 -35.01
CA SER D 367 -16.20 -35.60 -33.86
C SER D 367 -15.99 -36.44 -32.62
N LEU D 368 -15.64 -35.79 -31.51
CA LEU D 368 -15.30 -36.49 -30.28
C LEU D 368 -16.25 -36.11 -29.16
N SER D 369 -16.39 -37.01 -28.19
CA SER D 369 -17.17 -36.79 -26.99
C SER D 369 -16.41 -37.39 -25.81
N PHE D 370 -16.40 -36.66 -24.70
CA PHE D 370 -15.57 -36.99 -23.54
C PHE D 370 -16.44 -37.24 -22.31
N ASN D 371 -16.03 -38.22 -21.50
CA ASN D 371 -16.55 -38.40 -20.15
C ASN D 371 -15.38 -38.46 -19.19
N ALA D 372 -15.36 -37.55 -18.23
CA ALA D 372 -14.27 -37.40 -17.29
C ALA D 372 -14.56 -38.15 -16.00
N THR D 373 -13.50 -38.67 -15.38
CA THR D 373 -13.56 -39.30 -14.06
C THR D 373 -12.54 -38.56 -13.20
N CYS D 374 -12.98 -37.48 -12.56
CA CYS D 374 -12.08 -36.63 -11.80
C CYS D 374 -11.91 -37.14 -10.38
N LEU D 375 -12.32 -36.33 -9.40
CA LEU D 375 -12.18 -36.67 -8.00
C LEU D 375 -12.99 -37.93 -7.67
N ASN D 376 -12.35 -38.88 -7.01
CA ASN D 376 -12.94 -40.20 -6.71
C ASN D 376 -13.25 -40.88 -8.05
N ASN D 377 -14.34 -41.65 -8.14
CA ASN D 377 -14.78 -42.21 -9.41
C ASN D 377 -16.12 -41.60 -9.80
N GLU D 378 -16.17 -40.28 -9.89
CA GLU D 378 -17.39 -39.55 -10.24
C GLU D 378 -17.32 -39.20 -11.72
N VAL D 379 -18.10 -39.91 -12.53
CA VAL D 379 -18.07 -39.75 -13.98
C VAL D 379 -18.90 -38.54 -14.37
N ILE D 380 -18.30 -37.64 -15.15
CA ILE D 380 -18.93 -36.37 -15.50
C ILE D 380 -19.16 -36.32 -17.01
N PRO D 381 -20.40 -36.38 -17.48
CA PRO D 381 -20.66 -36.44 -18.93
C PRO D 381 -20.49 -35.09 -19.61
N GLY D 382 -19.96 -35.12 -20.83
CA GLY D 382 -19.76 -33.91 -21.60
C GLY D 382 -18.73 -32.95 -21.06
N LEU D 383 -17.58 -33.47 -20.60
CA LEU D 383 -16.55 -32.64 -20.01
C LEU D 383 -15.19 -33.25 -20.31
N LYS D 384 -14.23 -32.40 -20.62
CA LYS D 384 -12.87 -32.81 -20.98
C LYS D 384 -11.84 -32.11 -20.10
N SER D 385 -12.20 -31.84 -18.83
CA SER D 385 -11.35 -31.06 -17.94
C SER D 385 -11.69 -31.40 -16.50
N CYS D 386 -10.67 -31.39 -15.63
CA CYS D 386 -10.85 -31.63 -14.21
C CYS D 386 -10.33 -30.45 -13.41
N MET D 387 -10.87 -30.29 -12.20
CA MET D 387 -10.48 -29.24 -11.29
C MET D 387 -10.44 -29.80 -9.87
N GLY D 388 -9.80 -29.06 -8.97
CA GLY D 388 -9.72 -29.46 -7.58
C GLY D 388 -8.78 -30.61 -7.30
N LEU D 389 -7.75 -30.79 -8.11
CA LEU D 389 -6.84 -31.92 -7.97
C LEU D 389 -5.64 -31.55 -7.10
N LYS D 390 -4.91 -32.57 -6.67
CA LYS D 390 -3.68 -32.41 -5.91
C LYS D 390 -2.55 -33.12 -6.65
N ILE D 391 -1.32 -32.76 -6.29
CA ILE D 391 -0.16 -33.36 -6.93
C ILE D 391 -0.12 -34.85 -6.63
N GLY D 392 0.04 -35.66 -7.68
CA GLY D 392 0.14 -37.10 -7.56
C GLY D 392 -1.11 -37.85 -7.98
N ASP D 393 -2.27 -37.21 -7.88
CA ASP D 393 -3.52 -37.85 -8.24
C ASP D 393 -3.53 -38.22 -9.72
N THR D 394 -4.53 -39.03 -10.09
CA THR D 394 -4.69 -39.48 -11.47
C THR D 394 -6.16 -39.42 -11.84
N VAL D 395 -6.44 -38.98 -13.07
CA VAL D 395 -7.78 -38.95 -13.61
C VAL D 395 -7.79 -39.72 -14.92
N SER D 396 -9.00 -39.92 -15.45
CA SER D 396 -9.16 -40.67 -16.69
C SER D 396 -10.34 -40.10 -17.46
N PHE D 397 -10.24 -40.19 -18.79
CA PHE D 397 -11.33 -39.81 -19.68
C PHE D 397 -11.65 -40.98 -20.60
N SER D 398 -12.95 -41.22 -20.80
CA SER D 398 -13.40 -42.08 -21.88
C SER D 398 -13.73 -41.19 -23.06
N ILE D 399 -13.38 -41.65 -24.26
CA ILE D 399 -13.52 -40.85 -25.48
C ILE D 399 -14.17 -41.70 -26.55
N GLU D 400 -15.13 -41.10 -27.28
CA GLU D 400 -15.87 -41.76 -28.33
C GLU D 400 -15.66 -41.00 -29.63
N ALA D 401 -15.05 -41.66 -30.62
CA ALA D 401 -14.76 -41.06 -31.92
C ALA D 401 -15.81 -41.49 -32.93
N LYS D 402 -16.51 -40.53 -33.52
CA LYS D 402 -17.56 -40.79 -34.50
C LYS D 402 -17.21 -40.11 -35.81
N VAL D 403 -17.02 -40.90 -36.85
CA VAL D 403 -16.71 -40.40 -38.20
C VAL D 403 -18.01 -40.24 -38.97
N ARG D 404 -18.05 -39.21 -39.82
CA ARG D 404 -19.19 -38.94 -40.70
C ARG D 404 -18.78 -39.27 -42.13
N GLY D 405 -19.19 -40.44 -42.61
CA GLY D 405 -18.90 -40.83 -43.96
C GLY D 405 -17.53 -41.48 -44.11
N CYS D 406 -17.08 -41.55 -45.34
CA CYS D 406 -15.75 -42.08 -45.66
C CYS D 406 -14.87 -40.97 -46.24
N PRO D 407 -13.85 -40.52 -45.53
CA PRO D 407 -12.98 -39.47 -46.06
C PRO D 407 -12.09 -40.00 -47.19
N GLN D 408 -11.59 -39.06 -48.00
CA GLN D 408 -10.78 -39.41 -49.16
C GLN D 408 -9.48 -40.10 -48.76
N GLU D 409 -8.81 -39.59 -47.73
CA GLU D 409 -7.60 -40.21 -47.22
C GLU D 409 -7.97 -41.34 -46.24
N LYS D 410 -7.39 -42.51 -46.44
CA LYS D 410 -7.70 -43.67 -45.62
C LYS D 410 -6.84 -43.76 -44.37
N GLU D 411 -5.83 -42.92 -44.22
CA GLU D 411 -4.93 -42.96 -43.06
C GLU D 411 -4.63 -41.55 -42.60
N LYS D 412 -4.92 -41.27 -41.34
CA LYS D 412 -4.60 -39.99 -40.71
C LYS D 412 -4.14 -40.26 -39.29
N SER D 413 -3.82 -39.18 -38.56
CA SER D 413 -3.40 -39.29 -37.17
C SER D 413 -3.49 -37.93 -36.52
N PHE D 414 -4.02 -37.89 -35.29
CA PHE D 414 -4.13 -36.66 -34.51
C PHE D 414 -3.54 -36.88 -33.12
N THR D 415 -3.52 -35.80 -32.33
CA THR D 415 -2.90 -35.80 -31.02
C THR D 415 -3.91 -35.34 -29.97
N ILE D 416 -3.91 -36.03 -28.82
CA ILE D 416 -4.62 -35.59 -27.63
C ILE D 416 -3.57 -35.31 -26.57
N LYS D 417 -3.49 -34.05 -26.13
CA LYS D 417 -2.49 -33.61 -25.17
C LYS D 417 -3.13 -32.74 -24.12
N PRO D 418 -2.78 -32.92 -22.85
CA PRO D 418 -3.26 -32.01 -21.81
C PRO D 418 -2.49 -30.70 -21.84
N VAL D 419 -3.20 -29.62 -21.48
CA VAL D 419 -2.62 -28.29 -21.54
C VAL D 419 -1.40 -28.22 -20.64
N GLY D 420 -0.26 -27.81 -21.20
CA GLY D 420 0.96 -27.68 -20.46
C GLY D 420 1.78 -28.95 -20.34
N PHE D 421 1.21 -30.11 -20.66
CA PHE D 421 1.91 -31.37 -20.50
C PHE D 421 2.80 -31.66 -21.70
N LYS D 422 3.82 -32.47 -21.49
CA LYS D 422 4.74 -32.84 -22.56
C LYS D 422 4.23 -34.06 -23.32
N ASP D 423 3.99 -35.16 -22.61
CA ASP D 423 3.53 -36.39 -23.23
C ASP D 423 2.14 -36.19 -23.84
N SER D 424 1.79 -37.07 -24.77
CA SER D 424 0.54 -36.93 -25.51
C SER D 424 0.15 -38.27 -26.11
N LEU D 425 -1.16 -38.43 -26.32
CA LEU D 425 -1.70 -39.63 -26.95
C LEU D 425 -1.82 -39.39 -28.45
N ILE D 426 -0.95 -40.02 -29.23
CA ILE D 426 -1.05 -39.95 -30.68
C ILE D 426 -1.98 -41.05 -31.15
N VAL D 427 -3.09 -40.66 -31.77
CA VAL D 427 -4.09 -41.59 -32.27
C VAL D 427 -3.86 -41.76 -33.77
N GLN D 428 -3.63 -43.01 -34.20
CA GLN D 428 -3.38 -43.32 -35.61
C GLN D 428 -4.65 -43.97 -36.16
N VAL D 429 -5.38 -43.20 -36.97
CA VAL D 429 -6.69 -43.60 -37.48
C VAL D 429 -6.51 -44.33 -38.81
N THR D 430 -7.36 -45.34 -39.03
CA THR D 430 -7.43 -46.04 -40.30
C THR D 430 -8.90 -46.26 -40.63
N PHE D 431 -9.36 -45.64 -41.71
CA PHE D 431 -10.76 -45.78 -42.13
C PHE D 431 -10.93 -47.01 -43.00
N ASP D 432 -11.86 -47.88 -42.60
CA ASP D 432 -12.09 -49.15 -43.30
C ASP D 432 -13.30 -48.99 -44.20
N CYS D 433 -13.10 -48.32 -45.34
CA CYS D 433 -14.18 -48.10 -46.30
C CYS D 433 -14.26 -49.18 -47.36
N ASP D 434 -13.12 -49.74 -47.76
CA ASP D 434 -13.04 -50.67 -48.88
C ASP D 434 -13.00 -52.10 -48.39
N CYS D 435 -13.45 -53.01 -49.24
CA CYS D 435 -13.47 -54.44 -48.94
C CYS D 435 -12.15 -55.08 -49.38
N ALA D 436 -11.79 -56.19 -48.71
CA ALA D 436 -10.54 -56.86 -49.02
C ALA D 436 -10.57 -57.50 -50.40
N CYS D 437 -11.74 -57.97 -50.85
CA CYS D 437 -11.88 -58.58 -52.17
C CYS D 437 -11.57 -57.62 -53.32
N GLN D 438 -11.46 -56.31 -53.06
CA GLN D 438 -11.14 -55.35 -54.10
C GLN D 438 -9.70 -55.47 -54.60
N ALA D 439 -8.84 -56.22 -53.92
CA ALA D 439 -7.48 -56.44 -54.41
C ALA D 439 -7.43 -57.50 -55.51
N GLN D 440 -8.29 -58.52 -55.43
CA GLN D 440 -8.39 -59.55 -56.47
C GLN D 440 -9.30 -59.12 -57.62
N ALA D 441 -9.59 -57.82 -57.73
CA ALA D 441 -10.42 -57.32 -58.81
C ALA D 441 -9.77 -57.61 -60.15
N GLU D 442 -10.57 -58.11 -61.08
CA GLU D 442 -10.09 -58.50 -62.41
C GLU D 442 -10.53 -57.47 -63.44
N PRO D 443 -9.67 -56.53 -63.82
CA PRO D 443 -10.08 -55.53 -64.82
C PRO D 443 -10.26 -56.16 -66.19
N ASN D 444 -11.24 -55.63 -66.93
CA ASN D 444 -11.54 -56.07 -68.29
C ASN D 444 -11.77 -57.58 -68.34
N SER D 445 -12.79 -58.02 -67.61
CA SER D 445 -13.05 -59.44 -67.44
C SER D 445 -13.93 -59.98 -68.57
N HIS D 446 -13.69 -61.24 -68.95
CA HIS D 446 -14.57 -61.93 -69.88
C HIS D 446 -15.98 -62.08 -69.31
N ARG D 447 -16.09 -62.23 -67.99
CA ARG D 447 -17.35 -62.52 -67.32
C ARG D 447 -18.33 -61.36 -67.35
N CYS D 448 -17.86 -60.15 -67.64
CA CYS D 448 -18.70 -58.95 -67.62
C CYS D 448 -18.66 -58.28 -68.99
N ASN D 449 -19.73 -58.49 -69.78
CA ASN D 449 -19.92 -57.82 -71.07
C ASN D 449 -18.79 -58.10 -72.06
N ASN D 450 -18.24 -59.32 -72.03
CA ASN D 450 -17.23 -59.82 -72.94
C ASN D 450 -15.85 -59.17 -72.71
N GLY D 451 -15.76 -58.12 -71.90
CA GLY D 451 -14.47 -57.48 -71.66
C GLY D 451 -14.56 -55.98 -71.42
N ASN D 452 -15.77 -55.50 -71.11
CA ASN D 452 -15.99 -54.08 -70.93
C ASN D 452 -16.00 -53.64 -69.47
N GLY D 453 -16.24 -54.57 -68.54
CA GLY D 453 -16.37 -54.19 -67.14
C GLY D 453 -15.32 -54.82 -66.24
N THR D 454 -15.49 -54.63 -64.93
CA THR D 454 -14.54 -55.11 -63.92
C THR D 454 -15.26 -56.03 -62.95
N PHE D 455 -14.66 -57.19 -62.68
CA PHE D 455 -15.25 -58.20 -61.80
C PHE D 455 -14.56 -58.11 -60.44
N GLU D 456 -15.25 -57.51 -59.47
CA GLU D 456 -14.76 -57.44 -58.11
C GLU D 456 -15.82 -57.98 -57.16
N CYS D 457 -15.38 -58.80 -56.20
CA CYS D 457 -16.23 -59.26 -55.10
C CYS D 457 -17.49 -59.96 -55.60
N GLY D 458 -17.42 -60.62 -56.75
CA GLY D 458 -18.53 -61.42 -57.22
C GLY D 458 -19.59 -60.68 -58.03
N VAL D 459 -19.37 -59.41 -58.36
CA VAL D 459 -20.32 -58.65 -59.17
C VAL D 459 -19.54 -57.82 -60.19
N CYS D 460 -20.26 -57.40 -61.24
CA CYS D 460 -19.67 -56.69 -62.37
C CYS D 460 -19.94 -55.19 -62.22
N ARG D 461 -18.90 -54.43 -61.92
CA ARG D 461 -18.97 -52.98 -61.92
C ARG D 461 -18.65 -52.45 -63.31
N CYS D 462 -19.32 -51.36 -63.69
CA CYS D 462 -18.95 -50.67 -64.92
C CYS D 462 -17.62 -49.96 -64.71
N GLY D 463 -16.69 -50.15 -65.65
CA GLY D 463 -15.32 -49.73 -65.46
C GLY D 463 -15.09 -48.24 -65.62
N PRO D 464 -13.82 -47.85 -65.73
CA PRO D 464 -13.49 -46.42 -65.86
C PRO D 464 -13.71 -45.92 -67.29
N GLY D 465 -14.26 -44.72 -67.39
CA GLY D 465 -14.56 -44.11 -68.67
C GLY D 465 -16.00 -44.23 -69.11
N TRP D 466 -16.78 -45.12 -68.48
CA TRP D 466 -18.18 -45.33 -68.82
C TRP D 466 -19.08 -44.55 -67.86
N LEU D 467 -20.19 -44.06 -68.38
CA LEU D 467 -21.20 -43.36 -67.59
C LEU D 467 -22.42 -44.25 -67.39
N GLY D 468 -23.04 -44.11 -66.22
CA GLY D 468 -24.20 -44.91 -65.86
C GLY D 468 -23.83 -46.02 -64.89
N SER D 469 -24.87 -46.59 -64.26
CA SER D 469 -24.70 -47.73 -63.37
C SER D 469 -24.83 -49.07 -64.08
N GLN D 470 -25.40 -49.09 -65.28
CA GLN D 470 -25.49 -50.30 -66.09
C GLN D 470 -24.96 -50.08 -67.50
N CYS D 471 -24.34 -48.92 -67.75
CA CYS D 471 -23.66 -48.64 -69.01
C CYS D 471 -24.66 -48.69 -70.17
N GLU E 1 -15.93 43.56 -24.35
CA GLU E 1 -14.88 44.57 -24.26
C GLU E 1 -14.20 44.55 -22.89
N VAL E 2 -12.88 44.75 -22.89
CA VAL E 2 -12.09 44.75 -21.66
C VAL E 2 -12.06 46.15 -21.08
N GLN E 3 -12.26 46.23 -19.75
CA GLN E 3 -12.19 47.50 -19.04
C GLN E 3 -12.04 47.28 -17.54
N LEU E 4 -11.11 48.00 -16.90
CA LEU E 4 -10.83 47.85 -15.47
C LEU E 4 -11.44 49.03 -14.72
N GLN E 5 -12.40 48.74 -13.84
CA GLN E 5 -13.08 49.76 -13.05
C GLN E 5 -12.56 49.67 -11.62
N GLN E 6 -11.87 50.73 -11.19
CA GLN E 6 -11.33 50.80 -9.85
C GLN E 6 -12.27 51.57 -8.94
N SER E 7 -11.84 51.78 -7.70
CA SER E 7 -12.65 52.44 -6.68
C SER E 7 -12.56 53.95 -6.83
N GLY E 8 -13.32 54.67 -6.02
CA GLY E 8 -13.27 56.12 -6.02
C GLY E 8 -12.11 56.66 -5.20
N ALA E 9 -11.92 57.98 -5.31
CA ALA E 9 -10.81 58.63 -4.63
C ALA E 9 -10.93 58.47 -3.12
N GLU E 10 -9.83 58.09 -2.48
CA GLU E 10 -9.79 57.84 -1.04
C GLU E 10 -8.97 58.92 -0.34
N LEU E 11 -9.45 59.36 0.82
CA LEU E 11 -8.78 60.37 1.62
C LEU E 11 -8.70 59.87 3.05
N VAL E 12 -7.48 59.76 3.57
CA VAL E 12 -7.24 59.12 4.86
C VAL E 12 -6.12 59.87 5.59
N LYS E 13 -5.99 59.59 6.88
CA LYS E 13 -4.99 60.21 7.74
C LYS E 13 -3.77 59.32 7.84
N PRO E 14 -2.61 59.89 8.20
CA PRO E 14 -1.40 59.06 8.31
C PRO E 14 -1.54 58.01 9.40
N GLY E 15 -0.91 56.86 9.18
CA GLY E 15 -1.01 55.72 10.08
C GLY E 15 -2.18 54.81 9.82
N ALA E 16 -3.14 55.23 9.00
CA ALA E 16 -4.30 54.42 8.69
C ALA E 16 -3.95 53.37 7.63
N SER E 17 -4.96 52.64 7.18
CA SER E 17 -4.78 51.59 6.19
C SER E 17 -6.03 51.53 5.31
N VAL E 18 -5.86 51.79 4.02
CA VAL E 18 -6.95 51.82 3.05
C VAL E 18 -6.81 50.62 2.13
N LYS E 19 -7.95 50.11 1.66
CA LYS E 19 -8.01 48.98 0.75
C LYS E 19 -8.61 49.46 -0.58
N LEU E 20 -7.78 49.49 -1.62
CA LEU E 20 -8.26 49.86 -2.95
C LEU E 20 -8.84 48.65 -3.66
N SER E 21 -9.59 48.91 -4.73
CA SER E 21 -10.35 47.88 -5.42
C SER E 21 -10.19 48.02 -6.92
N CYS E 22 -10.16 46.89 -7.63
CA CYS E 22 -10.01 46.86 -9.08
C CYS E 22 -10.92 45.76 -9.63
N THR E 23 -12.11 46.15 -10.06
CA THR E 23 -13.11 45.19 -10.55
C THR E 23 -13.03 45.06 -12.07
N ALA E 24 -13.08 43.82 -12.53
CA ALA E 24 -13.05 43.52 -13.96
C ALA E 24 -14.45 43.60 -14.56
N SER E 25 -14.51 44.00 -15.83
CA SER E 25 -15.76 44.22 -16.52
C SER E 25 -15.64 43.68 -17.95
N GLY E 26 -16.39 42.64 -18.26
CA GLY E 26 -16.36 42.02 -19.57
C GLY E 26 -15.44 40.83 -19.68
N PHE E 27 -14.83 40.38 -18.59
CA PHE E 27 -13.93 39.24 -18.61
C PHE E 27 -13.74 38.72 -17.19
N ASN E 28 -13.38 37.44 -17.09
CA ASN E 28 -13.12 36.83 -15.79
C ASN E 28 -11.71 37.19 -15.33
N ILE E 29 -11.61 37.69 -14.09
CA ILE E 29 -10.33 38.17 -13.57
C ILE E 29 -9.32 37.03 -13.47
N LYS E 30 -9.78 35.79 -13.47
CA LYS E 30 -8.89 34.64 -13.40
C LYS E 30 -7.98 34.52 -14.63
N ASP E 31 -8.24 35.29 -15.69
CA ASP E 31 -7.61 35.04 -16.98
C ASP E 31 -6.11 35.31 -16.95
N THR E 32 -5.69 36.45 -16.36
CA THR E 32 -4.31 36.91 -16.52
C THR E 32 -3.76 37.39 -15.19
N TYR E 33 -2.46 37.73 -15.22
CA TYR E 33 -1.84 38.48 -14.14
C TYR E 33 -2.51 39.83 -13.98
N VAL E 34 -2.42 40.39 -12.77
CA VAL E 34 -2.92 41.73 -12.48
C VAL E 34 -1.84 42.47 -11.72
N HIS E 35 -1.38 43.59 -12.28
CA HIS E 35 -0.34 44.41 -11.67
C HIS E 35 -0.94 45.67 -11.04
N TRP E 36 -0.20 46.23 -10.09
CA TRP E 36 -0.54 47.50 -9.46
C TRP E 36 0.62 48.47 -9.68
N VAL E 37 0.29 49.70 -10.07
CA VAL E 37 1.29 50.70 -10.45
C VAL E 37 1.00 52.00 -9.71
N LYS E 38 2.06 52.58 -9.14
CA LYS E 38 1.99 53.86 -8.42
C LYS E 38 2.54 54.97 -9.29
N GLN E 39 1.84 56.11 -9.31
CA GLN E 39 2.25 57.26 -10.12
C GLN E 39 2.27 58.52 -9.27
N ARG E 40 3.43 59.15 -9.18
CA ARG E 40 3.61 60.46 -8.57
C ARG E 40 4.08 61.46 -9.62
N PRO E 41 3.86 62.76 -9.39
CA PRO E 41 4.31 63.75 -10.37
C PRO E 41 5.82 63.84 -10.48
N GLU E 42 6.55 63.83 -9.36
CA GLU E 42 7.99 64.01 -9.41
C GLU E 42 8.72 62.70 -9.65
N GLN E 43 8.50 61.73 -8.76
CA GLN E 43 9.27 60.48 -8.83
C GLN E 43 9.00 59.72 -10.13
N GLY E 44 7.74 59.67 -10.54
CA GLY E 44 7.35 58.94 -11.73
C GLY E 44 6.58 57.67 -11.40
N LEU E 45 6.59 56.76 -12.37
CA LEU E 45 5.84 55.52 -12.28
C LEU E 45 6.66 54.46 -11.53
N GLU E 46 5.98 53.69 -10.68
CA GLU E 46 6.61 52.67 -9.87
C GLU E 46 5.74 51.42 -9.82
N TRP E 47 6.34 50.29 -10.17
CA TRP E 47 5.64 49.00 -10.17
C TRP E 47 5.58 48.47 -8.74
N ILE E 48 4.37 48.19 -8.25
CA ILE E 48 4.21 47.70 -6.88
C ILE E 48 4.37 46.19 -6.83
N GLY E 49 3.57 45.48 -7.62
CA GLY E 49 3.60 44.03 -7.61
C GLY E 49 2.54 43.47 -8.53
N ARG E 50 2.30 42.17 -8.38
CA ARG E 50 1.33 41.48 -9.22
C ARG E 50 0.68 40.34 -8.44
N ILE E 51 -0.35 39.76 -9.05
CA ILE E 51 -1.04 38.61 -8.46
C ILE E 51 -1.60 37.76 -9.60
N ASP E 52 -1.60 36.45 -9.40
CA ASP E 52 -2.28 35.52 -10.28
C ASP E 52 -3.61 35.13 -9.63
N PRO E 53 -4.73 35.72 -10.05
CA PRO E 53 -6.01 35.45 -9.37
C PRO E 53 -6.45 34.00 -9.44
N ALA E 54 -5.83 33.19 -10.31
CA ALA E 54 -6.17 31.77 -10.40
C ALA E 54 -5.63 30.94 -9.24
N ASN E 55 -4.78 31.51 -8.39
CA ASN E 55 -4.17 30.73 -7.31
C ASN E 55 -3.78 31.63 -6.14
N GLY E 56 -3.74 32.94 -6.35
CA GLY E 56 -3.43 33.88 -5.31
C GLY E 56 -1.96 34.14 -5.06
N TYR E 57 -1.06 33.51 -5.81
CA TYR E 57 0.37 33.73 -5.63
C TYR E 57 0.75 35.15 -6.05
N THR E 58 1.74 35.72 -5.34
CA THR E 58 2.05 37.13 -5.45
C THR E 58 3.53 37.36 -5.68
N LYS E 59 3.84 38.51 -6.28
CA LYS E 59 5.19 39.03 -6.43
C LYS E 59 5.15 40.51 -6.12
N TYR E 60 6.24 41.03 -5.54
CA TYR E 60 6.32 42.42 -5.14
C TYR E 60 7.67 43.01 -5.48
N ASP E 61 7.69 44.33 -5.66
CA ASP E 61 8.94 45.08 -5.61
C ASP E 61 9.35 45.24 -4.15
N PRO E 62 10.57 44.83 -3.78
CA PRO E 62 10.96 44.83 -2.36
C PRO E 62 10.82 46.16 -1.65
N LYS E 63 10.67 47.25 -2.40
CA LYS E 63 10.53 48.56 -1.78
C LYS E 63 9.20 48.71 -1.06
N PHE E 64 8.16 48.04 -1.54
CA PHE E 64 6.82 48.16 -0.97
C PHE E 64 6.49 47.02 -0.02
N GLN E 65 7.52 46.36 0.51
CA GLN E 65 7.29 45.27 1.46
C GLN E 65 6.76 45.80 2.78
N GLY E 66 5.83 45.06 3.38
CA GLY E 66 5.21 45.46 4.62
C GLY E 66 4.10 46.46 4.41
N LYS E 67 4.27 47.34 3.42
CA LYS E 67 3.27 48.36 3.13
C LYS E 67 2.17 47.81 2.22
N ALA E 68 2.55 47.30 1.05
CA ALA E 68 1.59 46.85 0.05
C ALA E 68 1.26 45.38 0.25
N THR E 69 -0.02 45.05 0.05
CA THR E 69 -0.49 43.67 0.13
C THR E 69 -1.59 43.49 -0.91
N ILE E 70 -1.30 42.70 -1.94
CA ILE E 70 -2.23 42.49 -3.06
C ILE E 70 -3.01 41.20 -2.81
N THR E 71 -4.32 41.25 -3.00
CA THR E 71 -5.21 40.11 -2.80
C THR E 71 -6.20 40.06 -3.95
N ALA E 72 -7.07 39.05 -3.94
CA ALA E 72 -8.07 38.89 -4.98
C ALA E 72 -9.14 37.91 -4.50
N ASP E 73 -10.36 38.10 -5.00
CA ASP E 73 -11.50 37.24 -4.70
C ASP E 73 -12.24 36.99 -6.00
N THR E 74 -12.15 35.75 -6.51
CA THR E 74 -12.75 35.42 -7.80
C THR E 74 -14.27 35.55 -7.77
N SER E 75 -14.90 35.37 -6.61
CA SER E 75 -16.34 35.57 -6.51
C SER E 75 -16.71 37.01 -6.82
N SER E 76 -16.09 37.97 -6.12
CA SER E 76 -16.30 39.39 -6.40
C SER E 76 -15.79 39.79 -7.78
N ASN E 77 -14.89 38.99 -8.37
CA ASN E 77 -14.24 39.32 -9.64
C ASN E 77 -13.50 40.65 -9.52
N THR E 78 -12.62 40.73 -8.53
CA THR E 78 -11.95 41.97 -8.17
C THR E 78 -10.63 41.66 -7.51
N ALA E 79 -9.62 42.48 -7.79
CA ALA E 79 -8.33 42.43 -7.13
C ALA E 79 -8.15 43.66 -6.26
N TYR E 80 -7.54 43.48 -5.09
CA TYR E 80 -7.38 44.54 -4.11
C TYR E 80 -5.90 44.86 -3.89
N LEU E 81 -5.64 46.08 -3.45
CA LEU E 81 -4.31 46.51 -3.01
C LEU E 81 -4.48 47.16 -1.64
N GLN E 82 -4.07 46.45 -0.59
CA GLN E 82 -4.16 46.96 0.77
C GLN E 82 -2.84 47.65 1.13
N LEU E 83 -2.94 48.94 1.45
CA LEU E 83 -1.81 49.73 1.91
C LEU E 83 -1.98 49.99 3.40
N SER E 84 -0.92 49.75 4.17
CA SER E 84 -0.92 49.94 5.61
C SER E 84 0.21 50.87 6.01
N SER E 85 0.03 51.54 7.15
CA SER E 85 1.00 52.46 7.73
C SER E 85 1.37 53.56 6.74
N LEU E 86 0.37 54.39 6.44
CA LEU E 86 0.49 55.38 5.39
C LEU E 86 1.30 56.59 5.85
N THR E 87 1.93 57.24 4.88
CA THR E 87 2.69 58.47 5.10
C THR E 87 2.31 59.47 4.02
N SER E 88 2.93 60.66 4.10
CA SER E 88 2.75 61.67 3.06
C SER E 88 3.40 61.26 1.76
N GLU E 89 4.38 60.36 1.80
CA GLU E 89 5.04 59.90 0.59
C GLU E 89 4.21 58.87 -0.18
N ASP E 90 3.23 58.26 0.46
CA ASP E 90 2.32 57.32 -0.20
C ASP E 90 1.15 58.03 -0.88
N THR E 91 1.16 59.37 -0.92
CA THR E 91 0.13 60.13 -1.63
C THR E 91 0.42 60.07 -3.12
N ALA E 92 -0.44 59.39 -3.88
CA ALA E 92 -0.21 59.18 -5.30
C ALA E 92 -1.49 58.63 -5.93
N VAL E 93 -1.44 58.44 -7.25
CA VAL E 93 -2.48 57.75 -8.01
C VAL E 93 -2.02 56.32 -8.26
N TYR E 94 -2.93 55.37 -8.09
CA TYR E 94 -2.62 53.96 -8.23
C TYR E 94 -3.47 53.35 -9.34
N TYR E 95 -2.84 52.55 -10.19
CA TYR E 95 -3.48 51.91 -11.34
C TYR E 95 -3.32 50.41 -11.25
N CYS E 96 -4.37 49.68 -11.61
CA CYS E 96 -4.27 48.24 -11.84
C CYS E 96 -4.16 47.97 -13.33
N VAL E 97 -3.32 47.00 -13.69
CA VAL E 97 -2.91 46.78 -15.07
C VAL E 97 -2.99 45.28 -15.37
N ARG E 98 -3.33 44.97 -16.62
CA ARG E 98 -3.30 43.61 -17.14
C ARG E 98 -2.83 43.64 -18.57
N PRO E 99 -2.19 42.58 -19.05
CA PRO E 99 -1.73 42.55 -20.43
C PRO E 99 -2.86 42.21 -21.40
N LEU E 100 -2.59 42.47 -22.68
CA LEU E 100 -3.53 42.10 -23.76
C LEU E 100 -3.28 40.65 -24.16
N TYR E 101 -2.18 40.40 -24.87
CA TYR E 101 -1.81 39.07 -25.33
C TYR E 101 -0.60 38.53 -24.58
N ASP E 102 0.55 39.19 -24.72
CA ASP E 102 1.78 38.77 -24.05
C ASP E 102 1.56 38.66 -22.54
N TYR E 103 1.73 37.45 -22.02
CA TYR E 103 1.54 37.13 -20.61
C TYR E 103 2.12 38.17 -19.66
N TYR E 104 3.25 38.77 -20.04
CA TYR E 104 4.02 39.64 -19.15
C TYR E 104 3.87 41.12 -19.45
N ALA E 105 3.05 41.50 -20.44
CA ALA E 105 3.00 42.88 -20.90
C ALA E 105 2.14 43.74 -19.99
N MET E 106 2.11 45.04 -20.29
CA MET E 106 1.33 46.03 -19.54
C MET E 106 0.57 46.86 -20.58
N ASP E 107 -0.69 46.51 -20.83
CA ASP E 107 -1.38 47.10 -21.98
C ASP E 107 -2.74 47.68 -21.63
N TYR E 108 -3.52 47.02 -20.77
CA TYR E 108 -4.82 47.52 -20.34
C TYR E 108 -4.70 48.08 -18.93
N TRP E 109 -5.20 49.30 -18.73
CA TRP E 109 -5.07 50.00 -17.45
C TRP E 109 -6.43 50.47 -16.98
N GLY E 110 -6.56 50.61 -15.65
CA GLY E 110 -7.73 51.23 -15.07
C GLY E 110 -7.62 52.76 -15.05
N GLN E 111 -8.72 53.40 -14.67
CA GLN E 111 -8.76 54.86 -14.66
C GLN E 111 -7.92 55.47 -13.53
N GLY E 112 -7.53 54.68 -12.53
CA GLY E 112 -6.68 55.18 -11.47
C GLY E 112 -7.43 55.72 -10.27
N THR E 113 -6.91 55.46 -9.07
CA THR E 113 -7.52 55.91 -7.83
C THR E 113 -6.54 56.83 -7.11
N SER E 114 -6.93 58.10 -6.94
CA SER E 114 -6.10 59.06 -6.23
C SER E 114 -6.26 58.83 -4.73
N VAL E 115 -5.14 58.61 -4.05
CA VAL E 115 -5.12 58.40 -2.61
C VAL E 115 -4.41 59.59 -1.97
N THR E 116 -5.12 60.31 -1.11
CA THR E 116 -4.59 61.47 -0.42
C THR E 116 -4.47 61.17 1.06
N VAL E 117 -3.27 61.38 1.61
CA VAL E 117 -2.99 61.15 3.03
C VAL E 117 -2.69 62.50 3.66
N SER E 118 -3.47 62.86 4.69
CA SER E 118 -3.31 64.16 5.33
C SER E 118 -3.97 64.12 6.69
N SER E 119 -3.41 64.90 7.62
CA SER E 119 -3.94 65.01 8.96
C SER E 119 -5.04 66.05 9.10
N ALA E 120 -4.99 67.12 8.30
CA ALA E 120 -5.92 68.23 8.47
C ALA E 120 -7.36 67.79 8.24
N LYS E 121 -8.28 68.46 8.94
CA LYS E 121 -9.70 68.18 8.84
C LYS E 121 -10.32 69.07 7.76
N THR E 122 -11.64 69.02 7.63
CA THR E 122 -12.33 69.85 6.65
C THR E 122 -12.15 71.32 7.00
N THR E 123 -11.81 72.13 6.00
CA THR E 123 -11.49 73.54 6.23
C THR E 123 -12.01 74.35 5.06
N ALA E 124 -12.71 75.48 5.36
CA ALA E 124 -13.24 76.37 4.35
C ALA E 124 -12.19 77.39 3.92
N PRO E 125 -12.18 77.78 2.65
CA PRO E 125 -11.13 78.68 2.16
C PRO E 125 -11.41 80.14 2.44
N SER E 126 -10.33 80.91 2.50
CA SER E 126 -10.40 82.37 2.53
C SER E 126 -10.42 82.91 1.10
N VAL E 127 -10.74 84.20 0.98
CA VAL E 127 -10.76 84.89 -0.31
C VAL E 127 -10.19 86.29 -0.12
N TYR E 128 -9.18 86.63 -0.92
CA TYR E 128 -8.46 87.91 -0.82
C TYR E 128 -8.38 88.54 -2.20
N PRO E 129 -8.92 89.74 -2.39
CA PRO E 129 -8.83 90.40 -3.70
C PRO E 129 -7.45 91.01 -3.94
N LEU E 130 -7.11 91.12 -5.22
CA LEU E 130 -5.79 91.60 -5.63
C LEU E 130 -5.96 92.61 -6.76
N ALA E 131 -5.65 93.86 -6.47
CA ALA E 131 -5.74 94.97 -7.42
C ALA E 131 -4.37 95.59 -7.64
N PRO E 132 -4.17 96.30 -8.76
CA PRO E 132 -2.84 96.81 -9.09
C PRO E 132 -2.34 97.84 -8.09
N VAL E 133 -1.06 98.20 -8.25
CA VAL E 133 -0.37 99.11 -7.34
C VAL E 133 -0.64 100.55 -7.76
N CYS E 134 -0.81 101.42 -6.77
CA CYS E 134 -1.07 102.85 -6.98
C CYS E 134 -0.06 103.48 -7.93
N SER E 140 -3.40 100.54 -21.31
CA SER E 140 -4.28 100.00 -22.36
C SER E 140 -4.94 98.70 -21.93
N SER E 141 -4.40 98.10 -20.87
CA SER E 141 -4.93 96.84 -20.33
C SER E 141 -4.58 96.76 -18.85
N VAL E 142 -5.19 95.78 -18.18
CA VAL E 142 -5.03 95.63 -16.74
C VAL E 142 -5.29 94.17 -16.37
N THR E 143 -4.59 93.70 -15.34
CA THR E 143 -4.72 92.34 -14.84
C THR E 143 -5.17 92.39 -13.38
N LEU E 144 -6.11 91.52 -13.02
CA LEU E 144 -6.65 91.40 -11.68
C LEU E 144 -6.15 90.11 -11.03
N GLY E 145 -6.64 89.83 -9.83
CA GLY E 145 -6.19 88.68 -9.07
C GLY E 145 -7.18 88.29 -8.01
N CYS E 146 -7.16 87.00 -7.64
CA CYS E 146 -8.15 86.43 -6.71
C CYS E 146 -7.48 85.25 -5.99
N LEU E 147 -6.83 85.54 -4.86
CA LEU E 147 -6.13 84.52 -4.10
C LEU E 147 -7.08 83.80 -3.16
N VAL E 148 -6.89 82.48 -3.04
CA VAL E 148 -7.71 81.63 -2.18
C VAL E 148 -6.77 80.69 -1.44
N LYS E 149 -6.93 80.62 -0.11
CA LYS E 149 -5.95 79.92 0.71
C LYS E 149 -6.60 79.34 1.95
N GLY E 150 -6.07 78.19 2.40
CA GLY E 150 -6.48 77.58 3.65
C GLY E 150 -7.74 76.76 3.53
N TYR E 151 -7.67 75.63 2.86
CA TYR E 151 -8.85 74.79 2.68
C TYR E 151 -8.42 73.35 2.47
N PHE E 152 -9.36 72.44 2.70
CA PHE E 152 -9.15 71.00 2.59
C PHE E 152 -10.51 70.30 2.68
N PRO E 153 -10.76 69.27 1.84
CA PRO E 153 -9.88 68.78 0.78
C PRO E 153 -10.10 69.45 -0.58
N GLU E 154 -9.48 68.89 -1.63
CA GLU E 154 -9.76 69.32 -2.98
C GLU E 154 -11.14 68.83 -3.42
N PRO E 155 -11.75 69.49 -4.43
CA PRO E 155 -11.33 70.67 -5.16
C PRO E 155 -12.21 71.90 -4.88
N VAL E 156 -12.11 72.93 -5.73
CA VAL E 156 -12.85 74.17 -5.58
C VAL E 156 -13.24 74.69 -6.98
N THR E 157 -14.20 75.60 -6.99
CA THR E 157 -14.74 76.17 -8.22
C THR E 157 -14.58 77.68 -8.17
N LEU E 158 -13.63 78.21 -8.94
CA LEU E 158 -13.38 79.64 -9.04
C LEU E 158 -13.94 80.15 -10.37
N THR E 159 -14.79 81.17 -10.29
CA THR E 159 -15.35 81.83 -11.46
C THR E 159 -15.31 83.34 -11.24
N TRP E 160 -15.50 84.09 -12.33
CA TRP E 160 -15.49 85.54 -12.31
C TRP E 160 -16.86 86.05 -12.74
N ASN E 161 -17.50 86.85 -11.88
CA ASN E 161 -18.88 87.27 -12.07
C ASN E 161 -19.78 86.06 -12.30
N SER E 162 -19.54 85.02 -11.51
CA SER E 162 -20.37 83.82 -11.48
C SER E 162 -20.41 83.13 -12.84
N GLY E 163 -19.23 82.80 -13.35
CA GLY E 163 -19.10 82.09 -14.61
C GLY E 163 -19.26 82.93 -15.86
N SER E 164 -19.47 84.24 -15.70
CA SER E 164 -19.71 85.14 -16.84
C SER E 164 -18.54 85.09 -17.82
N LEU E 165 -17.45 85.76 -17.47
CA LEU E 165 -16.27 85.80 -18.33
C LEU E 165 -15.42 84.54 -18.11
N SER E 166 -15.06 83.89 -19.19
CA SER E 166 -14.19 82.72 -19.16
C SER E 166 -12.98 82.85 -20.07
N SER E 167 -13.14 83.53 -21.20
CA SER E 167 -12.05 83.69 -22.17
C SER E 167 -10.99 84.62 -21.59
N GLY E 168 -9.83 84.06 -21.25
CA GLY E 168 -8.73 84.83 -20.69
C GLY E 168 -8.62 84.72 -19.19
N VAL E 169 -8.88 83.52 -18.66
CA VAL E 169 -8.85 83.25 -17.23
C VAL E 169 -7.86 82.11 -17.00
N HIS E 170 -6.69 82.43 -16.45
CA HIS E 170 -5.64 81.46 -16.16
C HIS E 170 -5.79 81.06 -14.69
N THR E 171 -6.55 80.00 -14.44
CA THR E 171 -6.70 79.45 -13.09
C THR E 171 -5.59 78.43 -12.85
N PHE E 172 -4.77 78.68 -11.84
CA PHE E 172 -3.59 77.87 -11.58
C PHE E 172 -3.91 76.70 -10.66
N PRO E 173 -3.21 75.58 -10.85
CA PRO E 173 -3.45 74.41 -9.99
C PRO E 173 -3.16 74.69 -8.53
N ALA E 174 -3.88 73.98 -7.66
CA ALA E 174 -3.68 74.14 -6.23
C ALA E 174 -2.37 73.47 -5.79
N VAL E 175 -1.71 74.09 -4.82
CA VAL E 175 -0.43 73.61 -4.30
C VAL E 175 -0.61 73.29 -2.82
N LEU E 176 0.14 72.29 -2.35
CA LEU E 176 0.08 71.83 -0.97
C LEU E 176 0.98 72.68 -0.08
N GLN E 177 0.45 73.10 1.07
CA GLN E 177 1.16 73.98 1.99
C GLN E 177 0.79 73.57 3.42
N SER E 178 1.61 72.70 4.02
CA SER E 178 1.48 72.26 5.41
C SER E 178 0.06 71.77 5.69
N ASP E 179 -0.33 70.72 4.96
CA ASP E 179 -1.63 70.06 5.08
C ASP E 179 -2.80 70.96 4.70
N LEU E 180 -2.56 72.00 3.89
CA LEU E 180 -3.61 72.89 3.41
C LEU E 180 -3.22 73.41 2.03
N TYR E 181 -4.23 73.64 1.19
CA TYR E 181 -3.99 74.01 -0.21
C TYR E 181 -4.03 75.52 -0.40
N THR E 182 -3.55 75.96 -1.56
CA THR E 182 -3.52 77.39 -1.89
C THR E 182 -3.63 77.55 -3.41
N LEU E 183 -4.78 78.01 -3.87
CA LEU E 183 -5.04 78.19 -5.30
C LEU E 183 -5.16 79.68 -5.62
N SER E 184 -4.73 80.04 -6.84
CA SER E 184 -4.70 81.44 -7.28
C SER E 184 -5.06 81.52 -8.75
N SER E 185 -5.91 82.48 -9.10
CA SER E 185 -6.37 82.70 -10.47
C SER E 185 -6.19 84.15 -10.86
N SER E 186 -6.39 84.43 -12.15
CA SER E 186 -6.17 85.76 -12.69
C SER E 186 -7.07 85.97 -13.91
N VAL E 187 -7.22 87.24 -14.30
CA VAL E 187 -8.02 87.62 -15.46
C VAL E 187 -7.50 88.95 -15.98
N THR E 188 -7.59 89.15 -17.29
CA THR E 188 -7.08 90.33 -17.96
C THR E 188 -8.16 90.97 -18.83
N VAL E 189 -8.26 92.29 -18.78
CA VAL E 189 -9.23 93.06 -19.55
C VAL E 189 -8.58 94.37 -20.01
N THR E 190 -9.32 95.14 -20.80
CA THR E 190 -8.84 96.44 -21.23
C THR E 190 -9.11 97.50 -20.15
N SER E 191 -8.45 98.65 -20.30
CA SER E 191 -8.63 99.75 -19.35
C SER E 191 -10.06 100.29 -19.35
N SER E 192 -10.85 100.01 -20.39
CA SER E 192 -12.23 100.44 -20.49
C SER E 192 -13.21 99.38 -19.98
N THR E 193 -12.77 98.53 -19.05
CA THR E 193 -13.63 97.56 -18.39
C THR E 193 -13.52 97.60 -16.87
N TRP E 194 -12.41 98.10 -16.31
CA TRP E 194 -12.17 98.18 -14.88
C TRP E 194 -11.25 99.39 -14.66
N PRO E 195 -11.57 100.27 -13.70
CA PRO E 195 -12.73 100.24 -12.81
C PRO E 195 -13.96 100.97 -13.37
N SER E 196 -14.36 100.63 -14.60
CA SER E 196 -15.58 101.16 -15.19
C SER E 196 -16.78 100.26 -15.01
N GLN E 197 -16.56 98.98 -14.66
CA GLN E 197 -17.62 98.02 -14.44
C GLN E 197 -17.29 97.19 -13.22
N SER E 198 -18.31 96.90 -12.41
CA SER E 198 -18.11 96.16 -11.17
C SER E 198 -17.68 94.73 -11.47
N ILE E 199 -16.66 94.25 -10.76
CA ILE E 199 -16.10 92.92 -10.99
C ILE E 199 -15.85 92.25 -9.63
N THR E 200 -16.33 91.01 -9.49
CA THR E 200 -16.17 90.22 -8.28
C THR E 200 -15.71 88.82 -8.67
N CYS E 201 -14.92 88.20 -7.79
CA CYS E 201 -14.41 86.85 -8.00
C CYS E 201 -15.19 85.86 -7.14
N ASN E 202 -15.81 84.86 -7.78
CA ASN E 202 -16.60 83.85 -7.11
C ASN E 202 -15.78 82.60 -6.81
N VAL E 203 -16.00 82.03 -5.62
CA VAL E 203 -15.29 80.84 -5.17
C VAL E 203 -16.29 79.90 -4.50
N ALA E 204 -16.11 78.60 -4.67
CA ALA E 204 -17.01 77.62 -4.09
C ALA E 204 -16.23 76.37 -3.69
N HIS E 205 -16.53 75.84 -2.51
CA HIS E 205 -15.84 74.68 -1.94
C HIS E 205 -16.87 73.63 -1.55
N PRO E 206 -17.11 72.61 -2.38
CA PRO E 206 -18.20 71.67 -2.11
C PRO E 206 -17.99 70.80 -0.87
N ALA E 207 -16.80 70.80 -0.27
CA ALA E 207 -16.56 69.95 0.90
C ALA E 207 -17.20 70.53 2.15
N SER E 208 -16.96 71.80 2.44
CA SER E 208 -17.58 72.50 3.58
C SER E 208 -18.84 73.27 3.18
N SER E 209 -19.21 73.23 1.91
CA SER E 209 -20.48 73.81 1.41
C SER E 209 -20.53 75.32 1.67
N THR E 210 -19.65 76.03 0.96
CA THR E 210 -19.54 77.48 1.09
C THR E 210 -19.37 78.11 -0.28
N LYS E 211 -19.81 79.36 -0.39
CA LYS E 211 -19.87 80.05 -1.68
C LYS E 211 -19.60 81.54 -1.50
N VAL E 212 -18.45 81.89 -0.89
CA VAL E 212 -18.12 83.28 -0.61
C VAL E 212 -17.40 83.88 -1.83
N ASP E 213 -17.53 85.20 -1.99
CA ASP E 213 -16.88 85.91 -3.08
C ASP E 213 -16.52 87.32 -2.62
N LYS E 214 -15.43 87.85 -3.17
CA LYS E 214 -14.89 89.16 -2.79
C LYS E 214 -14.78 90.05 -4.02
N LYS E 215 -15.23 91.29 -3.87
CA LYS E 215 -15.27 92.27 -4.96
C LYS E 215 -13.95 93.02 -5.05
N ILE E 216 -13.38 93.08 -6.26
CA ILE E 216 -12.08 93.71 -6.47
C ILE E 216 -12.24 95.23 -6.38
N GLU E 217 -11.47 95.86 -5.47
CA GLU E 217 -11.48 97.30 -5.26
C GLU E 217 -10.15 97.92 -5.70
N PRO E 218 -10.18 99.08 -6.34
CA PRO E 218 -8.92 99.76 -6.68
C PRO E 218 -8.20 100.24 -5.43
N ARG E 219 -6.91 100.48 -5.59
CA ARG E 219 -6.08 100.94 -4.48
C ARG E 219 -5.81 102.44 -4.58
N ASP F 1 17.85 46.35 -9.98
CA ASP F 1 16.80 46.70 -10.93
C ASP F 1 17.39 47.29 -12.21
N ILE F 2 16.60 47.28 -13.27
CA ILE F 2 17.01 47.84 -14.55
C ILE F 2 16.59 49.29 -14.61
N LEU F 3 17.51 50.17 -15.01
CA LEU F 3 17.24 51.59 -15.14
C LEU F 3 16.84 51.90 -16.57
N MET F 4 15.69 52.56 -16.74
CA MET F 4 15.19 52.95 -18.05
C MET F 4 15.37 54.45 -18.20
N THR F 5 16.24 54.86 -19.11
CA THR F 5 16.50 56.27 -19.40
C THR F 5 15.72 56.67 -20.65
N GLN F 6 14.75 57.56 -20.47
CA GLN F 6 13.89 57.99 -21.57
C GLN F 6 14.20 59.44 -21.89
N SER F 7 14.60 59.71 -23.13
CA SER F 7 14.95 61.03 -23.60
C SER F 7 14.25 61.33 -24.92
N PRO F 8 13.89 62.60 -25.18
CA PRO F 8 14.09 63.76 -24.28
C PRO F 8 13.04 63.86 -23.17
N SER F 9 13.31 64.72 -22.18
CA SER F 9 12.33 64.92 -21.12
C SER F 9 11.09 65.65 -21.65
N SER F 10 11.25 66.45 -22.69
CA SER F 10 10.16 67.22 -23.29
C SER F 10 10.63 67.77 -24.63
N MET F 11 9.71 67.86 -25.59
CA MET F 11 10.02 68.38 -26.90
C MET F 11 8.86 69.23 -27.39
N SER F 12 9.19 70.28 -28.15
CA SER F 12 8.21 71.20 -28.71
C SER F 12 8.14 70.95 -30.21
N VAL F 13 6.97 70.51 -30.69
CA VAL F 13 6.77 70.12 -32.07
C VAL F 13 5.38 70.58 -32.52
N SER F 14 5.10 70.39 -33.80
CA SER F 14 3.86 70.84 -34.42
C SER F 14 3.14 69.65 -35.08
N LEU F 15 1.96 69.92 -35.63
CA LEU F 15 1.17 68.90 -36.30
C LEU F 15 1.83 68.48 -37.61
N GLY F 16 1.58 67.23 -38.00
CA GLY F 16 2.16 66.67 -39.20
C GLY F 16 3.61 66.26 -39.11
N ASP F 17 4.29 66.58 -38.01
CA ASP F 17 5.70 66.25 -37.86
C ASP F 17 5.87 64.76 -37.62
N THR F 18 7.11 64.29 -37.83
CA THR F 18 7.49 62.90 -37.60
C THR F 18 8.59 62.91 -36.53
N VAL F 19 8.24 62.46 -35.33
CA VAL F 19 9.13 62.53 -34.18
C VAL F 19 9.47 61.11 -33.71
N SER F 20 10.44 61.03 -32.80
CA SER F 20 10.89 59.76 -32.25
C SER F 20 11.31 59.96 -30.81
N ILE F 21 10.98 58.99 -29.96
CA ILE F 21 11.36 58.99 -28.55
C ILE F 21 12.27 57.80 -28.32
N THR F 22 13.46 58.06 -27.78
CA THR F 22 14.40 57.00 -27.47
C THR F 22 14.21 56.53 -26.03
N CYS F 23 14.62 55.29 -25.77
CA CYS F 23 14.58 54.70 -24.43
C CYS F 23 15.78 53.77 -24.32
N HIS F 24 16.64 54.01 -23.32
CA HIS F 24 17.85 53.24 -23.14
C HIS F 24 17.79 52.50 -21.82
N ALA F 25 18.17 51.23 -21.83
CA ALA F 25 18.16 50.39 -20.64
C ALA F 25 19.58 50.14 -20.17
N SER F 26 19.73 49.95 -18.84
CA SER F 26 21.04 49.69 -18.26
C SER F 26 21.66 48.40 -18.79
N GLN F 27 20.86 47.53 -19.39
CA GLN F 27 21.34 46.28 -19.96
C GLN F 27 20.43 45.93 -21.14
N GLY F 28 20.86 44.94 -21.91
CA GLY F 28 19.98 44.42 -22.95
C GLY F 28 18.73 43.81 -22.36
N ILE F 29 17.61 43.97 -23.07
CA ILE F 29 16.34 43.38 -22.65
C ILE F 29 15.68 42.56 -23.76
N SER F 30 16.27 42.51 -24.96
CA SER F 30 15.81 41.64 -26.04
C SER F 30 14.33 41.85 -26.35
N SER F 31 13.97 43.12 -26.57
CA SER F 31 12.66 43.54 -27.05
C SER F 31 11.54 43.33 -26.03
N ASN F 32 11.86 43.13 -24.75
CA ASN F 32 10.82 42.96 -23.73
C ASN F 32 10.42 44.31 -23.15
N ILE F 33 9.90 45.18 -24.02
CA ILE F 33 9.60 46.56 -23.67
C ILE F 33 8.19 46.89 -24.15
N GLY F 34 7.56 47.84 -23.45
CA GLY F 34 6.27 48.36 -23.87
C GLY F 34 6.28 49.87 -23.85
N TRP F 35 5.33 50.44 -24.61
CA TRP F 35 5.17 51.88 -24.72
C TRP F 35 3.75 52.27 -24.30
N LEU F 36 3.62 53.43 -23.65
CA LEU F 36 2.37 53.85 -23.05
C LEU F 36 2.06 55.29 -23.43
N GLN F 37 0.79 55.66 -23.29
CA GLN F 37 0.31 57.01 -23.56
C GLN F 37 -0.64 57.44 -22.45
N GLN F 38 -0.51 58.68 -22.02
CA GLN F 38 -1.34 59.26 -20.97
C GLN F 38 -1.83 60.62 -21.44
N LYS F 39 -3.07 60.66 -21.96
CA LYS F 39 -3.65 61.91 -22.42
C LYS F 39 -3.92 62.84 -21.23
N PRO F 40 -3.96 64.16 -21.46
CA PRO F 40 -4.10 65.12 -20.35
C PRO F 40 -5.27 64.81 -19.43
N GLY F 41 -4.97 64.52 -18.17
CA GLY F 41 -5.99 64.22 -17.19
C GLY F 41 -6.47 62.79 -17.25
N LYS F 42 -6.48 62.19 -18.44
CA LYS F 42 -6.98 60.85 -18.63
C LYS F 42 -5.94 59.83 -18.17
N SER F 43 -6.32 58.55 -18.23
CA SER F 43 -5.43 57.49 -17.75
C SER F 43 -4.51 56.99 -18.86
N PHE F 44 -4.06 55.75 -18.74
CA PHE F 44 -3.08 55.17 -19.64
C PHE F 44 -3.72 54.32 -20.72
N MET F 45 -3.18 54.40 -21.93
CA MET F 45 -3.53 53.53 -23.04
C MET F 45 -2.29 52.80 -23.51
N GLY F 46 -2.44 51.53 -23.85
CA GLY F 46 -1.32 50.76 -24.37
C GLY F 46 -1.05 51.10 -25.83
N LEU F 47 0.23 51.25 -26.16
CA LEU F 47 0.66 51.51 -27.53
C LEU F 47 1.39 50.31 -28.14
N ILE F 48 2.46 49.86 -27.49
CA ILE F 48 3.32 48.79 -28.01
C ILE F 48 3.49 47.74 -26.92
N TYR F 49 3.65 46.49 -27.35
CA TYR F 49 4.13 45.42 -26.49
C TYR F 49 5.15 44.59 -27.25
N TYR F 50 6.18 44.14 -26.54
CA TYR F 50 7.29 43.40 -27.14
C TYR F 50 7.97 44.22 -28.24
N GLY F 51 8.15 45.51 -28.00
CA GLY F 51 9.01 46.34 -28.84
C GLY F 51 8.41 46.90 -30.12
N THR F 52 7.71 46.06 -30.88
CA THR F 52 7.22 46.47 -32.19
C THR F 52 5.73 46.23 -32.43
N ASN F 53 5.10 45.32 -31.70
CA ASN F 53 3.72 44.93 -32.00
C ASN F 53 2.75 46.00 -31.50
N LEU F 54 1.97 46.57 -32.41
CA LEU F 54 0.95 47.54 -32.03
C LEU F 54 -0.15 46.87 -31.22
N VAL F 55 -0.60 47.57 -30.17
CA VAL F 55 -1.76 47.10 -29.40
C VAL F 55 -3.02 47.28 -30.25
N ASP F 56 -3.95 46.35 -30.09
CA ASP F 56 -5.22 46.42 -30.80
C ASP F 56 -5.92 47.74 -30.52
N GLY F 57 -6.18 48.50 -31.58
CA GLY F 57 -6.84 49.79 -31.48
C GLY F 57 -5.92 50.97 -31.74
N VAL F 58 -4.61 50.76 -31.72
CA VAL F 58 -3.67 51.86 -31.91
C VAL F 58 -3.61 52.20 -33.40
N PRO F 59 -3.66 53.48 -33.77
CA PRO F 59 -3.52 53.83 -35.18
C PRO F 59 -2.15 53.41 -35.72
N SER F 60 -2.12 53.08 -37.02
CA SER F 60 -0.90 52.58 -37.65
C SER F 60 0.19 53.63 -37.75
N ARG F 61 -0.04 54.88 -37.36
CA ARG F 61 1.00 55.89 -37.44
C ARG F 61 2.05 55.71 -36.35
N PHE F 62 1.73 54.98 -35.28
CA PHE F 62 2.72 54.63 -34.27
C PHE F 62 3.55 53.44 -34.74
N SER F 63 4.77 53.34 -34.21
CA SER F 63 5.65 52.26 -34.62
C SER F 63 6.81 52.16 -33.64
N GLY F 64 7.17 50.94 -33.27
CA GLY F 64 8.31 50.68 -32.41
C GLY F 64 9.46 50.00 -33.15
N SER F 65 10.67 50.14 -32.61
CA SER F 65 11.86 49.61 -33.26
C SER F 65 13.03 49.62 -32.29
N GLY F 66 14.08 48.88 -32.65
CA GLY F 66 15.30 48.80 -31.87
C GLY F 66 15.62 47.38 -31.49
N SER F 67 16.74 47.24 -30.76
CA SER F 67 17.18 45.94 -30.24
C SER F 67 18.31 46.21 -29.25
N GLY F 68 18.66 45.16 -28.50
CA GLY F 68 19.68 45.26 -27.48
C GLY F 68 19.24 46.05 -26.27
N ALA F 69 19.82 47.24 -26.08
CA ALA F 69 19.47 48.10 -24.96
C ALA F 69 19.09 49.50 -25.44
N ASP F 70 18.65 49.64 -26.69
CA ASP F 70 18.30 50.93 -27.28
C ASP F 70 17.09 50.74 -28.17
N TYR F 71 15.99 51.42 -27.84
CA TYR F 71 14.73 51.27 -28.53
C TYR F 71 14.13 52.64 -28.83
N SER F 72 13.17 52.65 -29.76
CA SER F 72 12.65 53.91 -30.30
C SER F 72 11.18 53.76 -30.63
N LEU F 73 10.37 54.66 -30.08
CA LEU F 73 9.00 54.89 -30.53
C LEU F 73 8.99 55.98 -31.59
N THR F 74 7.97 55.96 -32.44
CA THR F 74 7.92 56.87 -33.58
C THR F 74 6.48 57.15 -33.97
N ILE F 75 6.13 58.42 -34.10
CA ILE F 75 4.81 58.86 -34.51
C ILE F 75 4.98 59.71 -35.78
N SER F 76 4.56 59.16 -36.91
CA SER F 76 4.58 59.90 -38.18
C SER F 76 3.30 60.69 -38.33
N SER F 77 3.44 61.97 -38.72
CA SER F 77 2.31 62.88 -38.88
C SER F 77 1.50 62.99 -37.59
N LEU F 78 1.97 63.83 -36.66
CA LEU F 78 1.30 63.98 -35.38
C LEU F 78 -0.10 64.52 -35.56
N ASP F 79 -1.03 64.03 -34.74
CA ASP F 79 -2.39 64.52 -34.66
C ASP F 79 -2.57 65.28 -33.35
N SER F 80 -3.67 66.03 -33.27
CA SER F 80 -3.97 66.80 -32.07
C SER F 80 -4.05 65.91 -30.84
N GLU F 81 -4.58 64.69 -31.00
CA GLU F 81 -4.74 63.79 -29.86
C GLU F 81 -3.39 63.41 -29.26
N ASP F 82 -2.37 63.28 -30.11
CA ASP F 82 -1.10 62.70 -29.68
C ASP F 82 -0.36 63.56 -28.66
N PHE F 83 -0.73 64.83 -28.53
CA PHE F 83 -0.07 65.72 -27.57
C PHE F 83 -0.40 65.23 -26.17
N ALA F 84 0.49 64.45 -25.59
CA ALA F 84 0.25 63.84 -24.29
C ALA F 84 1.60 63.41 -23.72
N ASP F 85 1.57 62.55 -22.71
CA ASP F 85 2.78 61.98 -22.12
C ASP F 85 3.00 60.56 -22.66
N TYR F 86 4.26 60.13 -22.64
CA TYR F 86 4.64 58.81 -23.13
C TYR F 86 5.73 58.23 -22.23
N TYR F 87 5.60 56.94 -21.91
CA TYR F 87 6.53 56.25 -21.02
C TYR F 87 6.89 54.90 -21.61
N CYS F 88 8.16 54.51 -21.46
CA CYS F 88 8.61 53.16 -21.82
C CYS F 88 8.73 52.32 -20.55
N VAL F 89 8.38 51.04 -20.65
CA VAL F 89 8.41 50.11 -19.54
C VAL F 89 9.05 48.81 -20.02
N GLN F 90 9.94 48.26 -19.19
CA GLN F 90 10.55 46.96 -19.46
C GLN F 90 9.94 45.90 -18.56
N TYR F 91 9.91 44.66 -19.07
CA TYR F 91 9.49 43.53 -18.27
C TYR F 91 10.40 42.33 -18.51
N ALA F 92 11.65 42.58 -18.91
CA ALA F 92 12.62 41.50 -19.06
C ALA F 92 13.00 40.91 -17.71
N GLN F 93 12.96 41.72 -16.66
CA GLN F 93 13.26 41.25 -15.30
C GLN F 93 12.24 41.83 -14.33
N LEU F 94 12.13 41.18 -13.18
CA LEU F 94 11.39 41.75 -12.06
C LEU F 94 12.37 42.47 -11.13
N PRO F 95 12.00 43.63 -10.58
CA PRO F 95 10.72 44.34 -10.74
C PRO F 95 10.62 45.12 -12.05
N TYR F 96 9.41 45.26 -12.57
CA TYR F 96 9.21 46.08 -13.76
C TYR F 96 9.58 47.53 -13.46
N THR F 97 10.12 48.21 -14.46
CA THR F 97 10.57 49.59 -14.29
C THR F 97 10.12 50.44 -15.46
N PHE F 98 9.84 51.71 -15.19
CA PHE F 98 9.35 52.66 -16.16
C PHE F 98 10.40 53.73 -16.47
N GLY F 99 10.15 54.48 -17.55
CA GLY F 99 11.00 55.59 -17.93
C GLY F 99 10.63 56.88 -17.22
N GLY F 100 11.51 57.89 -17.37
CA GLY F 100 11.28 59.15 -16.70
C GLY F 100 10.11 59.93 -17.26
N GLY F 101 9.78 59.70 -18.52
CA GLY F 101 8.62 60.33 -19.11
C GLY F 101 9.00 61.39 -20.12
N THR F 102 8.21 61.49 -21.18
CA THR F 102 8.37 62.49 -22.23
C THR F 102 7.06 63.21 -22.43
N LYS F 103 7.12 64.54 -22.59
CA LYS F 103 5.94 65.37 -22.76
C LYS F 103 6.05 66.12 -24.09
N LEU F 104 5.09 65.86 -24.98
CA LEU F 104 5.04 66.52 -26.28
C LEU F 104 4.23 67.82 -26.15
N GLU F 105 4.84 68.93 -26.52
CA GLU F 105 4.24 70.24 -26.40
C GLU F 105 4.20 70.91 -27.78
N ILE F 106 3.25 71.83 -27.94
CA ILE F 106 3.03 72.49 -29.23
C ILE F 106 4.06 73.60 -29.41
N LYS F 107 4.76 73.56 -30.54
CA LYS F 107 5.71 74.62 -30.88
C LYS F 107 4.97 75.87 -31.35
N ARG F 108 5.50 77.03 -30.98
CA ARG F 108 4.93 78.31 -31.39
C ARG F 108 5.99 79.38 -31.20
N ALA F 109 5.62 80.61 -31.54
CA ALA F 109 6.54 81.74 -31.44
C ALA F 109 6.83 82.06 -29.98
N ASP F 110 8.06 82.54 -29.72
CA ASP F 110 8.46 82.92 -28.38
C ASP F 110 7.66 84.13 -27.92
N ALA F 111 7.17 84.08 -26.69
CA ALA F 111 6.33 85.13 -26.13
C ALA F 111 6.83 85.51 -24.75
N ALA F 112 6.90 86.82 -24.48
CA ALA F 112 7.35 87.33 -23.21
C ALA F 112 6.20 87.34 -22.19
N PRO F 113 6.50 87.10 -20.92
CA PRO F 113 5.43 87.01 -19.91
C PRO F 113 4.91 88.38 -19.49
N THR F 114 3.65 88.38 -19.06
CA THR F 114 2.97 89.60 -18.60
C THR F 114 2.98 89.58 -17.07
N VAL F 115 3.95 90.30 -16.49
CA VAL F 115 4.15 90.29 -15.04
C VAL F 115 3.16 91.24 -14.38
N SER F 116 2.65 90.85 -13.21
CA SER F 116 1.67 91.66 -12.49
C SER F 116 1.80 91.35 -11.01
N ILE F 117 2.30 92.32 -10.23
CA ILE F 117 2.46 92.14 -8.79
C ILE F 117 1.24 92.71 -8.08
N PHE F 118 0.84 92.06 -6.97
CA PHE F 118 -0.33 92.46 -6.20
C PHE F 118 -0.03 92.34 -4.71
N PRO F 119 -0.07 93.44 -3.96
CA PRO F 119 0.18 93.38 -2.52
C PRO F 119 -0.95 92.69 -1.78
N PRO F 120 -0.82 92.46 -0.47
CA PRO F 120 -1.89 91.79 0.26
C PRO F 120 -3.18 92.60 0.25
N SER F 121 -4.29 91.89 0.49
CA SER F 121 -5.60 92.53 0.60
C SER F 121 -5.80 93.03 2.03
N SER F 122 -6.92 93.74 2.24
CA SER F 122 -7.26 94.21 3.58
C SER F 122 -7.92 93.11 4.41
N GLU F 123 -8.70 92.23 3.78
CA GLU F 123 -9.29 91.10 4.49
C GLU F 123 -8.24 90.07 4.91
N GLN F 124 -7.03 90.11 4.35
CA GLN F 124 -5.96 89.20 4.70
C GLN F 124 -5.09 89.74 5.84
N LEU F 125 -4.63 90.99 5.73
CA LEU F 125 -3.86 91.62 6.79
C LEU F 125 -4.62 91.67 8.11
N THR F 126 -5.94 91.47 8.09
CA THR F 126 -6.73 91.45 9.32
C THR F 126 -6.62 90.11 10.05
N SER F 127 -6.39 89.02 9.32
CA SER F 127 -6.27 87.69 9.93
C SER F 127 -4.85 87.37 10.35
N GLY F 128 -4.02 88.39 10.60
CA GLY F 128 -2.65 88.19 11.03
C GLY F 128 -1.82 87.42 10.02
N GLY F 129 -1.79 87.89 8.78
CA GLY F 129 -1.03 87.24 7.73
C GLY F 129 -0.90 88.14 6.52
N ALA F 130 -0.13 87.67 5.55
CA ALA F 130 0.14 88.46 4.36
C ALA F 130 0.69 87.54 3.27
N SER F 131 0.25 87.78 2.03
CA SER F 131 0.72 87.01 0.87
C SER F 131 0.80 87.94 -0.32
N VAL F 132 1.98 88.01 -0.95
CA VAL F 132 2.21 88.82 -2.13
C VAL F 132 2.20 87.90 -3.35
N VAL F 133 1.27 88.14 -4.26
CA VAL F 133 1.12 87.34 -5.45
C VAL F 133 1.77 88.07 -6.63
N CYS F 134 2.19 87.31 -7.64
CA CYS F 134 2.91 87.87 -8.79
C CYS F 134 2.62 86.95 -9.98
N PHE F 135 1.71 87.38 -10.86
CA PHE F 135 1.25 86.57 -11.98
C PHE F 135 2.11 86.79 -13.22
N LEU F 136 2.36 85.71 -13.96
CA LEU F 136 3.12 85.73 -15.21
C LEU F 136 2.29 84.93 -16.23
N ASN F 137 1.41 85.62 -16.95
CA ASN F 137 0.44 84.98 -17.81
C ASN F 137 0.90 84.99 -19.27
N ASN F 138 0.63 83.89 -19.97
CA ASN F 138 0.82 83.78 -21.42
C ASN F 138 2.26 84.03 -21.86
N PHE F 139 3.08 82.99 -21.85
CA PHE F 139 4.46 83.10 -22.32
C PHE F 139 4.87 81.78 -22.95
N TYR F 140 6.04 81.77 -23.59
CA TYR F 140 6.56 80.59 -24.26
C TYR F 140 8.02 80.82 -24.57
N PRO F 141 8.90 79.82 -24.36
CA PRO F 141 8.64 78.48 -23.84
C PRO F 141 8.37 78.40 -22.33
N LYS F 142 8.11 77.19 -21.83
CA LYS F 142 7.70 77.01 -20.45
C LYS F 142 8.80 77.37 -19.45
N ASP F 143 10.06 77.36 -19.87
CA ASP F 143 11.17 77.59 -18.95
C ASP F 143 11.15 79.04 -18.46
N ILE F 144 11.09 79.22 -17.14
CA ILE F 144 11.05 80.55 -16.54
C ILE F 144 11.49 80.43 -15.09
N ASN F 145 12.14 81.49 -14.60
CA ASN F 145 12.65 81.53 -13.23
C ASN F 145 12.14 82.78 -12.54
N VAL F 146 11.50 82.61 -11.39
CA VAL F 146 11.01 83.72 -10.59
C VAL F 146 11.96 83.93 -9.41
N LYS F 147 12.19 85.18 -9.06
CA LYS F 147 13.10 85.55 -7.98
C LYS F 147 12.47 86.67 -7.16
N TRP F 148 12.60 86.59 -5.85
CA TRP F 148 12.02 87.56 -4.92
C TRP F 148 13.13 88.29 -4.19
N LYS F 149 12.98 89.61 -4.05
CA LYS F 149 13.99 90.47 -3.44
C LYS F 149 13.29 91.45 -2.49
N ILE F 150 13.41 91.21 -1.19
CA ILE F 150 12.91 92.14 -0.18
C ILE F 150 14.01 93.17 0.06
N ASP F 151 13.81 94.38 -0.49
CA ASP F 151 14.80 95.45 -0.43
C ASP F 151 16.14 95.01 -1.01
N GLY F 152 16.09 94.54 -2.27
CA GLY F 152 17.28 94.09 -2.96
C GLY F 152 17.80 92.75 -2.48
N SER F 153 17.45 92.35 -1.26
CA SER F 153 17.94 91.11 -0.68
C SER F 153 17.09 89.94 -1.16
N GLU F 154 17.75 88.91 -1.70
CA GLU F 154 17.05 87.78 -2.29
C GLU F 154 16.19 87.07 -1.23
N ARG F 155 15.11 86.46 -1.70
CA ARG F 155 14.17 85.74 -0.85
C ARG F 155 13.90 84.37 -1.44
N GLN F 156 14.12 83.32 -0.64
CA GLN F 156 13.80 81.97 -1.02
C GLN F 156 12.88 81.27 -0.02
N ASN F 157 12.50 81.95 1.06
CA ASN F 157 11.75 81.33 2.15
C ASN F 157 10.24 81.53 1.95
N GLY F 158 9.48 80.46 2.12
CA GLY F 158 8.04 80.54 2.11
C GLY F 158 7.43 80.91 0.76
N VAL F 159 7.90 80.25 -0.31
CA VAL F 159 7.44 80.53 -1.66
C VAL F 159 6.52 79.40 -2.10
N LEU F 160 5.47 79.73 -2.86
CA LEU F 160 4.48 78.77 -3.34
C LEU F 160 4.18 79.08 -4.80
N ASN F 161 4.79 78.32 -5.71
CA ASN F 161 4.62 78.52 -7.14
C ASN F 161 3.68 77.46 -7.73
N SER F 162 3.00 77.85 -8.82
CA SER F 162 2.05 76.96 -9.49
C SER F 162 2.06 77.25 -10.98
N TRP F 163 2.15 76.20 -11.78
CA TRP F 163 2.18 76.28 -13.24
C TRP F 163 0.91 75.70 -13.83
N THR F 164 0.37 76.38 -14.84
CA THR F 164 -0.71 75.83 -15.64
C THR F 164 -0.16 75.05 -16.82
N ASP F 165 -0.95 74.09 -17.31
CA ASP F 165 -0.58 73.38 -18.52
C ASP F 165 -0.68 74.32 -19.72
N GLN F 166 -0.09 73.88 -20.83
CA GLN F 166 -0.10 74.66 -22.06
C GLN F 166 -1.53 75.00 -22.47
N ASP F 167 -1.89 76.28 -22.39
CA ASP F 167 -3.26 76.71 -22.60
C ASP F 167 -3.74 76.30 -23.99
N SER F 168 -4.81 75.50 -24.04
CA SER F 168 -5.35 75.02 -25.31
C SER F 168 -5.77 76.16 -26.22
N LYS F 169 -6.09 77.33 -25.66
CA LYS F 169 -6.48 78.50 -26.43
C LYS F 169 -5.37 78.96 -27.37
N ASP F 170 -4.28 79.46 -26.80
CA ASP F 170 -3.19 80.08 -27.57
C ASP F 170 -1.85 79.37 -27.40
N SER F 171 -1.84 78.20 -26.75
CA SER F 171 -0.62 77.39 -26.59
C SER F 171 0.43 78.12 -25.76
N THR F 172 -0.01 78.83 -24.72
CA THR F 172 0.88 79.59 -23.86
C THR F 172 0.80 79.08 -22.42
N TYR F 173 1.90 79.23 -21.70
CA TYR F 173 1.98 78.81 -20.31
C TYR F 173 1.77 80.01 -19.40
N SER F 174 1.55 79.74 -18.12
CA SER F 174 1.32 80.78 -17.13
C SER F 174 1.86 80.32 -15.78
N MET F 175 2.26 81.28 -14.95
CA MET F 175 2.90 80.98 -13.68
C MET F 175 2.35 81.87 -12.57
N SER F 176 2.19 81.28 -11.39
CA SER F 176 1.76 81.99 -10.18
C SER F 176 2.82 81.82 -9.10
N SER F 177 2.89 82.81 -8.19
CA SER F 177 3.93 82.83 -7.16
C SER F 177 3.42 83.61 -5.95
N THR F 178 3.38 82.94 -4.80
CA THR F 178 2.82 83.51 -3.57
C THR F 178 3.86 83.46 -2.46
N LEU F 179 4.41 84.63 -2.13
CA LEU F 179 5.36 84.77 -1.02
C LEU F 179 4.57 85.10 0.24
N THR F 180 4.57 84.19 1.21
CA THR F 180 3.73 84.25 2.39
C THR F 180 4.57 84.46 3.64
N LEU F 181 4.04 85.24 4.57
CA LEU F 181 4.64 85.41 5.90
C LEU F 181 3.58 86.04 6.82
N THR F 182 4.00 86.30 8.05
CA THR F 182 3.14 86.87 9.08
C THR F 182 3.00 88.38 8.88
N LYS F 183 1.89 88.92 9.41
CA LYS F 183 1.66 90.37 9.35
C LYS F 183 2.75 91.15 10.07
N ASP F 184 3.30 90.59 11.16
CA ASP F 184 4.35 91.28 11.91
C ASP F 184 5.62 91.40 11.07
N GLU F 185 5.94 90.39 10.27
CA GLU F 185 7.14 90.41 9.44
C GLU F 185 6.95 91.27 8.19
N TYR F 186 5.71 91.38 7.70
CA TYR F 186 5.45 92.20 6.53
C TYR F 186 5.68 93.67 6.83
N GLU F 187 5.24 94.14 8.01
CA GLU F 187 5.43 95.53 8.43
C GLU F 187 6.84 95.81 8.93
N ARG F 188 7.84 95.29 8.23
CA ARG F 188 9.25 95.54 8.52
C ARG F 188 9.98 96.25 7.39
N HIS F 189 9.57 96.04 6.14
CA HIS F 189 10.26 96.57 4.97
C HIS F 189 9.32 97.45 4.16
N ASN F 190 9.78 97.87 2.99
CA ASN F 190 8.99 98.75 2.13
C ASN F 190 8.95 98.27 0.69
N SER F 191 10.12 98.16 0.06
CA SER F 191 10.20 97.75 -1.34
C SER F 191 10.18 96.24 -1.46
N TYR F 192 9.29 95.72 -2.31
CA TYR F 192 9.14 94.28 -2.53
C TYR F 192 9.21 94.03 -4.04
N THR F 193 10.37 93.55 -4.50
CA THR F 193 10.65 93.31 -5.90
C THR F 193 10.14 91.94 -6.34
N CYS F 194 9.95 91.77 -7.66
CA CYS F 194 9.51 90.50 -8.25
C CYS F 194 10.13 90.38 -9.64
N GLU F 195 11.28 89.70 -9.71
CA GLU F 195 12.01 89.50 -10.95
C GLU F 195 11.56 88.24 -11.66
N ALA F 196 11.98 88.10 -12.92
CA ALA F 196 11.60 86.95 -13.72
C ALA F 196 12.56 86.83 -14.90
N THR F 197 13.12 85.64 -15.10
CA THR F 197 14.08 85.37 -16.17
C THR F 197 13.40 84.63 -17.32
N HIS F 198 13.71 85.04 -18.54
CA HIS F 198 13.11 84.43 -19.73
C HIS F 198 14.06 84.59 -20.91
N LYS F 199 13.91 83.73 -21.92
CA LYS F 199 14.75 83.79 -23.10
C LYS F 199 14.36 84.93 -24.05
N THR F 200 13.11 85.38 -24.01
CA THR F 200 12.71 86.53 -24.82
C THR F 200 13.30 87.83 -24.29
N SER F 201 13.70 87.87 -23.03
CA SER F 201 14.18 89.08 -22.37
C SER F 201 15.61 88.85 -21.90
N THR F 202 16.58 89.49 -22.57
CA THR F 202 17.96 89.45 -22.10
C THR F 202 18.08 89.99 -20.68
N SER F 203 17.20 90.92 -20.30
CA SER F 203 17.15 91.51 -18.98
C SER F 203 15.95 90.99 -18.19
N PRO F 204 16.06 90.91 -16.87
CA PRO F 204 14.91 90.45 -16.05
C PRO F 204 13.85 91.54 -15.92
N ILE F 205 12.59 91.18 -16.23
CA ILE F 205 11.47 92.08 -16.02
C ILE F 205 11.21 92.20 -14.52
N VAL F 206 10.79 93.40 -14.08
CA VAL F 206 10.71 93.74 -12.66
C VAL F 206 9.37 94.41 -12.37
N LYS F 207 8.85 94.18 -11.16
CA LYS F 207 7.66 94.86 -10.65
C LYS F 207 7.84 95.06 -9.15
N SER F 208 7.77 96.30 -8.69
CA SER F 208 8.00 96.63 -7.28
C SER F 208 6.87 97.52 -6.76
N PHE F 209 6.88 97.73 -5.44
CA PHE F 209 5.90 98.58 -4.77
C PHE F 209 6.39 98.91 -3.37
N ASN F 210 5.88 100.02 -2.83
CA ASN F 210 6.14 100.44 -1.46
C ASN F 210 5.02 99.94 -0.55
N ARG F 211 5.39 99.52 0.66
CA ARG F 211 4.43 98.94 1.59
C ARG F 211 3.42 99.99 2.04
N ASN F 212 2.15 99.78 1.71
CA ASN F 212 1.06 100.68 2.08
C ASN F 212 1.35 102.09 1.61
N GLU F 213 1.13 102.33 0.32
CA GLU F 213 1.51 103.60 -0.31
C GLU F 213 0.38 104.63 -0.23
N CYS F 214 -0.75 104.32 -0.85
CA CYS F 214 -1.88 105.24 -0.94
C CYS F 214 -2.42 105.58 0.46
N GLU G 1 -15.20 -39.42 18.22
CA GLU G 1 -14.32 -40.51 18.64
C GLU G 1 -13.17 -40.68 17.67
N VAL G 2 -12.08 -41.27 18.14
CA VAL G 2 -10.89 -41.49 17.31
C VAL G 2 -11.01 -42.86 16.64
N GLN G 3 -10.88 -42.87 15.32
CA GLN G 3 -10.91 -44.11 14.54
C GLN G 3 -9.96 -43.99 13.38
N LEU G 4 -9.21 -45.07 13.12
CA LEU G 4 -8.24 -45.13 12.03
C LEU G 4 -8.73 -46.17 11.04
N GLN G 5 -9.18 -45.71 9.87
CA GLN G 5 -9.76 -46.58 8.85
C GLN G 5 -8.73 -46.78 7.75
N GLN G 6 -8.14 -47.97 7.72
CA GLN G 6 -7.07 -48.28 6.77
C GLN G 6 -7.65 -48.82 5.47
N SER G 7 -6.76 -49.02 4.49
CA SER G 7 -7.18 -49.50 3.18
C SER G 7 -7.56 -50.97 3.26
N GLY G 8 -8.19 -51.45 2.18
CA GLY G 8 -8.54 -52.84 2.09
C GLY G 8 -7.36 -53.73 1.79
N ALA G 9 -7.53 -55.02 2.07
CA ALA G 9 -6.46 -55.99 1.87
C ALA G 9 -5.96 -55.96 0.43
N GLU G 10 -4.65 -56.07 0.27
CA GLU G 10 -4.01 -56.04 -1.03
C GLU G 10 -3.46 -57.41 -1.38
N LEU G 11 -3.36 -57.67 -2.69
CA LEU G 11 -2.91 -58.96 -3.21
C LEU G 11 -2.06 -58.67 -4.45
N VAL G 12 -0.73 -58.64 -4.27
CA VAL G 12 0.19 -58.19 -5.29
C VAL G 12 1.28 -59.24 -5.49
N LYS G 13 2.09 -59.03 -6.56
CA LYS G 13 3.19 -59.85 -7.05
C LYS G 13 4.52 -59.34 -6.53
N PRO G 14 5.54 -60.20 -6.41
CA PRO G 14 6.85 -59.74 -5.97
C PRO G 14 7.48 -58.78 -6.98
N GLY G 15 8.32 -57.88 -6.46
CA GLY G 15 8.96 -56.86 -7.28
C GLY G 15 8.13 -55.62 -7.52
N ALA G 16 6.81 -55.68 -7.33
CA ALA G 16 5.92 -54.55 -7.56
C ALA G 16 5.86 -53.67 -6.32
N SER G 17 5.00 -52.66 -6.37
CA SER G 17 4.84 -51.71 -5.27
C SER G 17 3.38 -51.59 -4.89
N VAL G 18 3.14 -51.19 -3.65
CA VAL G 18 1.80 -51.03 -3.09
C VAL G 18 1.84 -49.83 -2.15
N LYS G 19 0.67 -49.23 -1.93
CA LYS G 19 0.57 -48.00 -1.12
C LYS G 19 -0.66 -48.11 -0.24
N LEU G 20 -0.45 -48.42 1.04
CA LEU G 20 -1.54 -48.54 1.99
C LEU G 20 -1.92 -47.16 2.53
N SER G 21 -3.21 -47.00 2.85
CA SER G 21 -3.71 -45.74 3.35
C SER G 21 -4.23 -45.90 4.79
N CYS G 22 -4.29 -44.78 5.50
CA CYS G 22 -4.76 -44.72 6.89
C CYS G 22 -5.49 -43.39 7.05
N THR G 23 -6.82 -43.44 7.05
CA THR G 23 -7.64 -42.24 7.02
C THR G 23 -8.18 -41.95 8.42
N ALA G 24 -8.09 -40.68 8.83
CA ALA G 24 -8.51 -40.28 10.17
C ALA G 24 -10.00 -40.00 10.19
N SER G 25 -10.65 -40.42 11.28
CA SER G 25 -12.09 -40.32 11.44
C SER G 25 -12.42 -39.76 12.82
N GLY G 26 -12.94 -38.53 12.85
CA GLY G 26 -13.27 -37.88 14.10
C GLY G 26 -12.16 -37.05 14.72
N PHE G 27 -11.13 -36.71 13.94
CA PHE G 27 -10.01 -35.90 14.40
C PHE G 27 -9.17 -35.56 13.18
N ASN G 28 -8.34 -34.53 13.32
CA ASN G 28 -7.44 -34.13 12.25
C ASN G 28 -6.18 -35.00 12.30
N ILE G 29 -5.82 -35.58 11.15
CA ILE G 29 -4.62 -36.42 11.07
C ILE G 29 -3.38 -35.63 11.46
N LYS G 30 -3.43 -34.31 11.32
CA LYS G 30 -2.29 -33.43 11.58
C LYS G 30 -1.95 -33.32 13.07
N ASP G 31 -2.82 -33.84 13.95
CA ASP G 31 -2.68 -33.56 15.38
C ASP G 31 -1.42 -34.19 15.97
N THR G 32 -1.22 -35.49 15.75
CA THR G 32 -0.18 -36.23 16.45
C THR G 32 0.79 -36.87 15.46
N TYR G 33 1.68 -37.69 15.99
CA TYR G 33 2.47 -38.60 15.17
C TYR G 33 1.58 -39.70 14.61
N VAL G 34 2.02 -40.31 13.51
CA VAL G 34 1.37 -41.49 12.94
C VAL G 34 2.46 -42.53 12.66
N HIS G 35 2.34 -43.68 13.31
CA HIS G 35 3.31 -44.76 13.16
C HIS G 35 2.75 -45.86 12.27
N TRP G 36 3.65 -46.71 11.77
CA TRP G 36 3.28 -47.91 11.04
C TRP G 36 3.95 -49.11 11.67
N VAL G 37 3.19 -50.19 11.87
CA VAL G 37 3.68 -51.39 12.51
C VAL G 37 3.39 -52.59 11.61
N LYS G 38 4.35 -53.52 11.56
CA LYS G 38 4.25 -54.72 10.75
C LYS G 38 4.09 -55.92 11.68
N GLN G 39 3.13 -56.81 11.37
CA GLN G 39 2.86 -57.96 12.22
C GLN G 39 2.91 -59.24 11.41
N ARG G 40 3.70 -60.20 11.90
CA ARG G 40 3.79 -61.55 11.37
C ARG G 40 3.64 -62.53 12.52
N PRO G 41 3.17 -63.74 12.25
CA PRO G 41 2.99 -64.71 13.36
C PRO G 41 4.31 -65.15 13.99
N GLU G 42 5.33 -65.45 13.19
CA GLU G 42 6.62 -65.87 13.74
C GLU G 42 7.40 -64.67 14.29
N GLN G 43 7.78 -63.75 13.42
CA GLN G 43 8.63 -62.63 13.82
C GLN G 43 7.93 -61.66 14.76
N GLY G 44 6.61 -61.72 14.86
CA GLY G 44 5.89 -60.85 15.78
C GLY G 44 5.71 -59.44 15.27
N LEU G 45 5.77 -58.48 16.17
CA LEU G 45 5.54 -57.08 15.85
C LEU G 45 6.85 -56.35 15.61
N GLU G 46 6.86 -55.48 14.60
CA GLU G 46 8.03 -54.69 14.25
C GLU G 46 7.58 -53.29 13.89
N TRP G 47 8.34 -52.30 14.35
CA TRP G 47 8.03 -50.90 14.09
C TRP G 47 8.69 -50.47 12.79
N ILE G 48 7.89 -49.91 11.88
CA ILE G 48 8.39 -49.46 10.59
C ILE G 48 8.92 -48.05 10.67
N GLY G 49 8.11 -47.12 11.16
CA GLY G 49 8.49 -45.73 11.23
C GLY G 49 7.32 -44.86 11.64
N ARG G 50 7.54 -43.55 11.57
CA ARG G 50 6.52 -42.58 11.96
C ARG G 50 6.59 -41.37 11.03
N ILE G 51 5.54 -40.55 11.08
CA ILE G 51 5.52 -39.28 10.36
C ILE G 51 4.74 -38.28 11.19
N ASP G 52 5.17 -37.02 11.11
CA ASP G 52 4.47 -35.88 11.69
C ASP G 52 3.73 -35.18 10.55
N PRO G 53 2.45 -35.50 10.31
CA PRO G 53 1.77 -34.98 9.12
C PRO G 53 1.67 -33.47 9.05
N ALA G 54 2.03 -32.75 10.12
CA ALA G 54 2.01 -31.29 10.06
C ALA G 54 3.16 -30.75 9.21
N ASN G 55 4.27 -31.47 9.17
CA ASN G 55 5.45 -31.02 8.43
C ASN G 55 6.03 -32.07 7.49
N GLY G 56 5.64 -33.34 7.62
CA GLY G 56 6.10 -34.39 6.74
C GLY G 56 7.36 -35.09 7.17
N TYR G 57 8.02 -34.64 8.23
CA TYR G 57 9.27 -35.26 8.65
C TYR G 57 9.02 -36.68 9.16
N THR G 58 9.97 -37.58 8.87
CA THR G 58 9.78 -38.99 9.12
C THR G 58 10.99 -39.58 9.83
N LYS G 59 10.78 -40.75 10.43
CA LYS G 59 11.83 -41.57 11.03
C LYS G 59 11.55 -43.02 10.69
N TYR G 60 12.62 -43.80 10.49
CA TYR G 60 12.48 -45.19 10.07
C TYR G 60 13.45 -46.08 10.84
N ASP G 61 13.00 -47.30 11.13
CA ASP G 61 13.91 -48.34 11.59
C ASP G 61 14.86 -48.68 10.45
N PRO G 62 16.18 -48.71 10.70
CA PRO G 62 17.15 -48.99 9.62
C PRO G 62 16.85 -50.25 8.82
N LYS G 63 16.09 -51.18 9.40
CA LYS G 63 15.79 -52.42 8.69
C LYS G 63 14.89 -52.19 7.48
N PHE G 64 13.98 -51.21 7.56
CA PHE G 64 13.02 -50.94 6.50
C PHE G 64 13.48 -49.84 5.55
N GLN G 65 14.64 -49.25 5.78
CA GLN G 65 15.12 -48.18 4.91
C GLN G 65 15.29 -48.70 3.50
N GLY G 66 14.49 -48.18 2.58
CA GLY G 66 14.51 -48.64 1.20
C GLY G 66 13.15 -49.14 0.75
N LYS G 67 12.52 -50.01 1.55
CA LYS G 67 11.22 -50.55 1.20
C LYS G 67 10.08 -49.66 1.67
N ALA G 68 10.13 -49.20 2.91
CA ALA G 68 9.07 -48.38 3.45
C ALA G 68 9.24 -46.93 3.04
N THR G 69 8.11 -46.26 2.79
CA THR G 69 8.09 -44.82 2.54
C THR G 69 6.76 -44.29 3.06
N ILE G 70 6.82 -43.44 4.09
CA ILE G 70 5.63 -42.95 4.78
C ILE G 70 5.38 -41.52 4.36
N THR G 71 4.14 -41.22 3.96
CA THR G 71 3.74 -39.89 3.52
C THR G 71 2.40 -39.53 4.14
N ALA G 72 1.98 -38.28 3.93
CA ALA G 72 0.75 -37.80 4.55
C ALA G 72 0.21 -36.61 3.78
N ASP G 73 -1.09 -36.62 3.49
CA ASP G 73 -1.78 -35.53 2.82
C ASP G 73 -2.88 -35.04 3.76
N THR G 74 -2.65 -33.88 4.39
CA THR G 74 -3.62 -33.36 5.35
C THR G 74 -4.97 -33.07 4.70
N SER G 75 -4.99 -32.82 3.39
CA SER G 75 -6.23 -32.53 2.69
C SER G 75 -7.24 -33.66 2.84
N SER G 76 -6.90 -34.84 2.33
CA SER G 76 -7.73 -36.02 2.52
C SER G 76 -7.61 -36.61 3.92
N ASN G 77 -6.81 -35.97 4.80
CA ASN G 77 -6.67 -36.39 6.20
C ASN G 77 -6.20 -37.83 6.32
N THR G 78 -5.36 -38.26 5.37
CA THR G 78 -4.93 -39.65 5.27
C THR G 78 -3.41 -39.72 5.29
N ALA G 79 -2.90 -40.79 5.91
CA ALA G 79 -1.48 -41.10 5.92
C ALA G 79 -1.25 -42.38 5.12
N TYR G 80 -0.14 -42.44 4.40
CA TYR G 80 0.13 -43.53 3.47
C TYR G 80 1.44 -44.23 3.81
N LEU G 81 1.50 -45.52 3.48
CA LEU G 81 2.70 -46.34 3.63
C LEU G 81 2.97 -47.03 2.30
N GLN G 82 4.06 -46.64 1.64
CA GLN G 82 4.42 -47.24 0.36
C GLN G 82 5.51 -48.30 0.56
N LEU G 83 5.34 -49.44 -0.08
CA LEU G 83 6.29 -50.53 -0.04
C LEU G 83 6.72 -50.87 -1.47
N SER G 84 8.01 -51.14 -1.65
CA SER G 84 8.59 -51.33 -2.97
C SER G 84 9.41 -52.61 -3.02
N SER G 85 9.55 -53.14 -4.24
CA SER G 85 10.25 -54.39 -4.51
C SER G 85 9.86 -55.46 -3.49
N LEU G 86 8.57 -55.78 -3.49
CA LEU G 86 7.98 -56.63 -2.47
C LEU G 86 8.53 -58.05 -2.57
N THR G 87 8.44 -58.76 -1.45
CA THR G 87 9.01 -60.10 -1.32
C THR G 87 8.09 -60.93 -0.43
N SER G 88 8.26 -62.26 -0.49
CA SER G 88 7.47 -63.15 0.34
C SER G 88 7.58 -62.82 1.81
N GLU G 89 8.69 -62.20 2.23
CA GLU G 89 8.84 -61.79 3.62
C GLU G 89 8.05 -60.55 3.96
N ASP G 90 7.61 -59.79 2.95
CA ASP G 90 6.75 -58.63 3.20
C ASP G 90 5.29 -59.02 3.39
N THR G 91 4.95 -60.30 3.25
CA THR G 91 3.60 -60.77 3.50
C THR G 91 3.30 -60.67 4.98
N ALA G 92 2.47 -59.71 5.37
CA ALA G 92 2.21 -59.43 6.77
C ALA G 92 0.98 -58.53 6.85
N VAL G 93 0.55 -58.28 8.09
CA VAL G 93 -0.50 -57.31 8.39
C VAL G 93 0.15 -56.02 8.83
N TYR G 94 -0.38 -54.89 8.35
CA TYR G 94 0.22 -53.57 8.57
C TYR G 94 -0.79 -52.68 9.26
N TYR G 95 -0.40 -52.13 10.42
CA TYR G 95 -1.24 -51.26 11.22
C TYR G 95 -0.66 -49.85 11.23
N CYS G 96 -1.53 -48.85 11.23
CA CYS G 96 -1.14 -47.48 11.53
C CYS G 96 -1.56 -47.17 12.96
N VAL G 97 -0.70 -46.42 13.68
CA VAL G 97 -0.86 -46.19 15.11
C VAL G 97 -0.69 -44.71 15.40
N ARG G 98 -1.35 -44.24 16.44
CA ARG G 98 -1.19 -42.89 16.97
C ARG G 98 -1.32 -42.95 18.48
N PRO G 99 -0.81 -41.94 19.19
CA PRO G 99 -0.95 -41.93 20.64
C PRO G 99 -2.21 -41.21 21.11
N LEU G 100 -2.56 -41.43 22.38
CA LEU G 100 -3.72 -40.79 22.98
C LEU G 100 -3.34 -39.41 23.52
N TYR G 101 -2.55 -39.38 24.59
CA TYR G 101 -2.07 -38.14 25.19
C TYR G 101 -0.57 -37.99 25.06
N ASP G 102 0.18 -38.97 25.59
CA ASP G 102 1.64 -38.95 25.50
C ASP G 102 2.08 -38.80 24.05
N TYR G 103 2.99 -37.85 23.81
CA TYR G 103 3.45 -37.59 22.44
C TYR G 103 4.07 -38.82 21.80
N TYR G 104 4.64 -39.71 22.61
CA TYR G 104 5.48 -40.79 22.10
C TYR G 104 4.86 -42.18 22.24
N ALA G 105 3.59 -42.26 22.64
CA ALA G 105 2.99 -43.55 22.96
C ALA G 105 2.36 -44.18 21.72
N MET G 106 1.77 -45.37 21.93
CA MET G 106 1.13 -46.15 20.86
C MET G 106 -0.15 -46.73 21.46
N ASP G 107 -1.26 -46.02 21.28
CA ASP G 107 -2.49 -46.35 22.00
C ASP G 107 -3.68 -46.60 21.09
N TYR G 108 -3.85 -45.83 20.03
CA TYR G 108 -4.95 -46.03 19.08
C TYR G 108 -4.44 -46.76 17.84
N TRP G 109 -5.17 -47.76 17.40
CA TRP G 109 -4.74 -48.63 16.32
C TRP G 109 -5.85 -48.79 15.29
N GLY G 110 -5.44 -48.89 14.02
CA GLY G 110 -6.38 -49.21 12.98
C GLY G 110 -6.70 -50.69 12.93
N GLN G 111 -7.67 -51.04 12.08
CA GLN G 111 -8.06 -52.45 11.95
C GLN G 111 -6.96 -53.28 11.31
N GLY G 112 -6.06 -52.66 10.54
CA GLY G 112 -4.99 -53.39 9.90
C GLY G 112 -5.28 -53.76 8.46
N THR G 113 -4.27 -53.67 7.60
CA THR G 113 -4.40 -54.01 6.20
C THR G 113 -3.60 -55.29 5.92
N SER G 114 -4.25 -56.26 5.27
CA SER G 114 -3.64 -57.56 5.00
C SER G 114 -2.96 -57.53 3.63
N VAL G 115 -1.69 -57.91 3.61
CA VAL G 115 -0.87 -57.88 2.40
C VAL G 115 -0.36 -59.30 2.13
N THR G 116 -0.57 -59.77 0.90
CA THR G 116 -0.10 -61.08 0.47
C THR G 116 0.67 -60.92 -0.82
N VAL G 117 1.92 -61.38 -0.82
CA VAL G 117 2.79 -61.33 -1.99
C VAL G 117 2.97 -62.74 -2.51
N SER G 118 2.67 -62.95 -3.78
CA SER G 118 2.76 -64.29 -4.37
C SER G 118 2.71 -64.16 -5.89
N SER G 119 3.46 -65.03 -6.57
CA SER G 119 3.42 -65.15 -8.02
C SER G 119 2.32 -66.10 -8.49
N ALA G 120 1.49 -66.59 -7.58
CA ALA G 120 0.46 -67.55 -7.95
C ALA G 120 -0.65 -66.90 -8.75
N LYS G 121 -1.25 -67.67 -9.65
CA LYS G 121 -2.41 -67.25 -10.41
C LYS G 121 -3.68 -67.76 -9.74
N THR G 122 -4.81 -67.27 -10.22
CA THR G 122 -6.11 -67.64 -9.65
C THR G 122 -6.41 -69.09 -9.98
N THR G 123 -6.30 -69.96 -8.98
CA THR G 123 -6.46 -71.40 -9.16
C THR G 123 -7.62 -71.89 -8.31
N ALA G 124 -8.45 -72.76 -8.90
CA ALA G 124 -9.60 -73.33 -8.22
C ALA G 124 -9.19 -74.49 -7.34
N PRO G 125 -9.90 -74.71 -6.23
CA PRO G 125 -9.50 -75.78 -5.29
C PRO G 125 -9.82 -77.17 -5.83
N SER G 126 -9.10 -78.15 -5.27
CA SER G 126 -9.30 -79.55 -5.57
C SER G 126 -9.87 -80.20 -4.32
N VAL G 127 -11.15 -80.59 -4.36
CA VAL G 127 -11.86 -81.10 -3.20
C VAL G 127 -11.87 -82.62 -3.26
N TYR G 128 -11.43 -83.26 -2.17
CA TYR G 128 -11.31 -84.71 -2.10
C TYR G 128 -12.04 -85.22 -0.86
N PRO G 129 -12.90 -86.23 -1.01
CA PRO G 129 -13.59 -86.78 0.16
C PRO G 129 -12.69 -87.71 0.96
N LEU G 130 -12.90 -87.69 2.28
CA LEU G 130 -12.08 -88.46 3.22
C LEU G 130 -12.99 -89.36 4.05
N ALA G 131 -13.10 -90.63 3.62
CA ALA G 131 -13.85 -91.71 4.27
C ALA G 131 -12.92 -92.61 5.06
N PRO G 132 -13.36 -93.10 6.23
CA PRO G 132 -12.48 -93.94 7.05
C PRO G 132 -12.19 -95.29 6.43
N VAL G 133 -11.41 -96.12 7.12
CA VAL G 133 -10.97 -97.40 6.59
C VAL G 133 -11.88 -98.50 7.12
N CYS G 134 -11.93 -99.61 6.38
CA CYS G 134 -12.71 -100.77 6.77
C CYS G 134 -12.27 -101.30 8.14
N THR G 138 -16.53 -98.68 13.33
CA THR G 138 -16.35 -99.85 14.17
C THR G 138 -16.59 -99.51 15.64
N GLY G 139 -16.44 -98.23 15.97
CA GLY G 139 -16.70 -97.72 17.29
C GLY G 139 -18.08 -97.10 17.39
N SER G 140 -18.28 -96.33 18.47
CA SER G 140 -19.54 -95.61 18.62
C SER G 140 -19.52 -94.28 17.90
N SER G 141 -18.36 -93.63 17.79
CA SER G 141 -18.21 -92.34 17.16
C SER G 141 -17.46 -92.49 15.84
N VAL G 142 -17.97 -91.87 14.79
CA VAL G 142 -17.34 -91.89 13.47
C VAL G 142 -16.85 -90.48 13.15
N THR G 143 -15.83 -90.40 12.30
CA THR G 143 -15.26 -89.11 11.91
C THR G 143 -14.98 -89.12 10.41
N LEU G 144 -15.43 -88.08 9.72
CA LEU G 144 -15.18 -87.90 8.30
C LEU G 144 -14.31 -86.67 8.08
N GLY G 145 -13.90 -86.48 6.81
CA GLY G 145 -13.00 -85.39 6.47
C GLY G 145 -13.20 -84.91 5.04
N CYS G 146 -12.57 -83.78 4.75
CA CYS G 146 -12.68 -83.12 3.45
C CYS G 146 -11.43 -82.28 3.23
N LEU G 147 -10.80 -82.45 2.07
CA LEU G 147 -9.51 -81.83 1.78
C LEU G 147 -9.65 -80.83 0.64
N VAL G 148 -9.27 -79.58 0.91
CA VAL G 148 -9.27 -78.51 -0.09
C VAL G 148 -7.82 -78.15 -0.36
N LYS G 149 -7.33 -78.49 -1.56
CA LYS G 149 -5.91 -78.41 -1.86
C LYS G 149 -5.66 -77.58 -3.11
N GLY G 150 -4.60 -76.78 -3.06
CA GLY G 150 -4.11 -76.06 -4.24
C GLY G 150 -5.03 -75.00 -4.80
N TYR G 151 -5.48 -74.08 -3.95
CA TYR G 151 -6.32 -72.97 -4.38
C TYR G 151 -5.65 -71.65 -4.04
N PHE G 152 -5.93 -70.63 -4.86
CA PHE G 152 -5.35 -69.32 -4.66
C PHE G 152 -6.22 -68.26 -5.31
N PRO G 153 -6.47 -67.13 -4.64
CA PRO G 153 -6.01 -66.83 -3.28
C PRO G 153 -7.00 -67.27 -2.21
N GLU G 154 -6.82 -66.75 -0.99
CA GLU G 154 -7.76 -66.97 0.10
C GLU G 154 -8.94 -66.03 -0.04
N PRO G 155 -10.06 -66.30 0.67
CA PRO G 155 -10.34 -67.47 1.50
C PRO G 155 -11.24 -68.51 0.83
N VAL G 156 -11.71 -69.46 1.62
CA VAL G 156 -12.69 -70.46 1.17
C VAL G 156 -13.68 -70.68 2.30
N THR G 157 -14.95 -70.81 1.94
CA THR G 157 -16.01 -71.08 2.90
C THR G 157 -16.41 -72.55 2.80
N LEU G 158 -16.48 -73.21 3.96
CA LEU G 158 -16.72 -74.65 4.00
C LEU G 158 -17.83 -74.97 4.99
N THR G 159 -18.78 -75.78 4.54
CA THR G 159 -19.93 -76.20 5.35
C THR G 159 -20.22 -77.67 5.07
N TRP G 160 -21.08 -78.25 5.90
CA TRP G 160 -21.50 -79.64 5.77
C TRP G 160 -23.01 -79.68 5.61
N ASN G 161 -23.48 -80.37 4.55
CA ASN G 161 -24.90 -80.44 4.21
C ASN G 161 -25.48 -79.05 3.96
N SER G 162 -24.67 -78.17 3.37
CA SER G 162 -25.05 -76.78 3.08
C SER G 162 -25.49 -76.07 4.35
N GLY G 163 -24.59 -76.05 5.33
CA GLY G 163 -24.82 -75.37 6.59
C GLY G 163 -25.63 -76.16 7.61
N SER G 164 -26.23 -77.29 7.23
CA SER G 164 -27.05 -78.06 8.16
C SER G 164 -26.21 -78.63 9.29
N LEU G 165 -25.19 -79.41 8.95
CA LEU G 165 -24.32 -80.03 9.94
C LEU G 165 -23.25 -79.02 10.37
N SER G 166 -23.47 -78.38 11.51
CA SER G 166 -22.58 -77.35 12.02
C SER G 166 -21.85 -77.74 13.30
N SER G 167 -22.55 -78.36 14.26
CA SER G 167 -21.93 -78.74 15.52
C SER G 167 -21.14 -80.03 15.38
N GLY G 168 -20.09 -80.16 16.19
CA GLY G 168 -19.18 -81.29 16.07
C GLY G 168 -18.30 -81.22 14.84
N VAL G 169 -17.76 -80.04 14.53
CA VAL G 169 -16.99 -79.79 13.32
C VAL G 169 -15.73 -79.01 13.68
N HIS G 170 -14.65 -79.28 12.95
CA HIS G 170 -13.38 -78.57 13.10
C HIS G 170 -12.83 -78.28 11.72
N THR G 171 -12.91 -77.02 11.31
CA THR G 171 -12.32 -76.57 10.06
C THR G 171 -11.01 -75.86 10.36
N PHE G 172 -9.92 -76.37 9.79
CA PHE G 172 -8.59 -75.92 10.15
C PHE G 172 -8.14 -74.73 9.29
N PRO G 173 -7.27 -73.88 9.83
CA PRO G 173 -6.77 -72.74 9.06
C PRO G 173 -5.99 -73.19 7.84
N ALA G 174 -6.11 -72.41 6.76
CA ALA G 174 -5.41 -72.69 5.53
C ALA G 174 -3.90 -72.58 5.73
N VAL G 175 -3.15 -73.30 4.90
CA VAL G 175 -1.70 -73.37 4.98
C VAL G 175 -1.12 -73.22 3.58
N LEU G 176 -0.01 -72.49 3.47
CA LEU G 176 0.62 -72.25 2.18
C LEU G 176 1.50 -73.43 1.82
N GLN G 177 1.19 -74.08 0.69
CA GLN G 177 1.96 -75.22 0.18
C GLN G 177 2.48 -74.86 -1.21
N SER G 178 3.68 -74.31 -1.27
CA SER G 178 4.35 -73.93 -2.53
C SER G 178 3.45 -73.00 -3.36
N ASP G 179 3.21 -71.83 -2.77
CA ASP G 179 2.47 -70.74 -3.37
C ASP G 179 1.00 -71.07 -3.63
N LEU G 180 0.51 -72.20 -3.10
CA LEU G 180 -0.89 -72.57 -3.21
C LEU G 180 -1.38 -73.01 -1.84
N TYR G 181 -2.63 -72.68 -1.52
CA TYR G 181 -3.15 -72.96 -0.19
C TYR G 181 -3.70 -74.37 -0.10
N THR G 182 -3.78 -74.86 1.14
CA THR G 182 -4.29 -76.19 1.46
C THR G 182 -5.05 -76.13 2.77
N LEU G 183 -6.24 -76.73 2.78
CA LEU G 183 -7.13 -76.65 3.94
C LEU G 183 -7.83 -77.99 4.13
N SER G 184 -8.29 -78.24 5.35
CA SER G 184 -8.98 -79.47 5.66
C SER G 184 -10.02 -79.20 6.74
N SER G 185 -11.03 -80.08 6.81
CA SER G 185 -12.10 -79.96 7.78
C SER G 185 -12.62 -81.34 8.16
N SER G 186 -12.92 -81.51 9.45
CA SER G 186 -13.41 -82.77 9.99
C SER G 186 -14.79 -82.59 10.58
N VAL G 187 -15.47 -83.72 10.79
CA VAL G 187 -16.81 -83.73 11.38
C VAL G 187 -17.04 -85.09 12.03
N THR G 188 -17.73 -85.09 13.17
CA THR G 188 -17.89 -86.28 13.99
C THR G 188 -19.34 -86.42 14.43
N VAL G 189 -19.91 -87.60 14.19
CA VAL G 189 -21.27 -87.93 14.63
C VAL G 189 -21.29 -89.34 15.20
N THR G 190 -22.48 -89.90 15.35
CA THR G 190 -22.63 -91.28 15.79
C THR G 190 -22.58 -92.24 14.60
N SER G 191 -22.36 -93.52 14.91
CA SER G 191 -22.28 -94.55 13.88
C SER G 191 -23.61 -94.79 13.19
N SER G 192 -24.73 -94.55 13.89
CA SER G 192 -26.06 -94.71 13.30
C SER G 192 -26.39 -93.63 12.28
N THR G 193 -25.62 -92.54 12.24
CA THR G 193 -25.91 -91.46 11.30
C THR G 193 -25.30 -91.69 9.92
N TRP G 194 -24.15 -92.36 9.86
CA TRP G 194 -23.43 -92.56 8.61
C TRP G 194 -23.06 -94.03 8.47
N PRO G 195 -23.10 -94.59 7.24
CA PRO G 195 -23.54 -93.97 5.99
C PRO G 195 -25.06 -93.91 5.86
N SER G 196 -25.77 -94.03 6.99
CA SER G 196 -27.22 -94.00 6.99
C SER G 196 -27.75 -92.70 6.38
N GLN G 197 -27.09 -91.58 6.67
CA GLN G 197 -27.51 -90.28 6.18
C GLN G 197 -26.40 -89.67 5.33
N SER G 198 -26.77 -89.18 4.15
CA SER G 198 -25.80 -88.59 3.23
C SER G 198 -25.17 -87.34 3.84
N ILE G 199 -23.84 -87.26 3.75
CA ILE G 199 -23.07 -86.13 4.26
C ILE G 199 -22.27 -85.55 3.12
N THR G 200 -22.38 -84.23 2.93
CA THR G 200 -21.76 -83.54 1.80
C THR G 200 -20.87 -82.41 2.30
N CYS G 201 -19.76 -82.21 1.59
CA CYS G 201 -18.79 -81.16 1.90
C CYS G 201 -18.93 -80.07 0.83
N ASN G 202 -19.51 -78.93 1.21
CA ASN G 202 -19.75 -77.82 0.29
C ASN G 202 -18.63 -76.80 0.42
N VAL G 203 -17.92 -76.58 -0.70
CA VAL G 203 -16.76 -75.70 -0.72
C VAL G 203 -16.98 -74.61 -1.76
N ALA G 204 -16.75 -73.36 -1.36
CA ALA G 204 -16.92 -72.20 -2.23
C ALA G 204 -15.62 -71.39 -2.23
N HIS G 205 -15.15 -71.05 -3.43
CA HIS G 205 -13.96 -70.24 -3.63
C HIS G 205 -14.35 -69.05 -4.51
N PRO G 206 -14.88 -67.97 -3.90
CA PRO G 206 -15.43 -66.85 -4.67
C PRO G 206 -14.46 -66.22 -5.67
N ALA G 207 -13.16 -66.41 -5.48
CA ALA G 207 -12.18 -65.80 -6.37
C ALA G 207 -12.34 -66.32 -7.80
N SER G 208 -12.18 -67.63 -7.99
CA SER G 208 -12.43 -68.24 -9.29
C SER G 208 -13.91 -68.53 -9.53
N SER G 209 -14.77 -68.28 -8.54
CA SER G 209 -16.22 -68.49 -8.64
C SER G 209 -16.52 -69.96 -8.95
N THR G 210 -16.26 -70.79 -7.94
CA THR G 210 -16.49 -72.24 -8.03
C THR G 210 -17.08 -72.71 -6.71
N LYS G 211 -18.23 -73.38 -6.77
CA LYS G 211 -18.89 -73.95 -5.59
C LYS G 211 -19.09 -75.44 -5.84
N VAL G 212 -18.04 -76.22 -5.58
CA VAL G 212 -18.08 -77.67 -5.75
C VAL G 212 -18.58 -78.31 -4.45
N ASP G 213 -19.22 -79.46 -4.59
CA ASP G 213 -19.69 -80.26 -3.46
C ASP G 213 -19.41 -81.73 -3.73
N LYS G 214 -18.80 -82.40 -2.75
CA LYS G 214 -18.46 -83.81 -2.86
C LYS G 214 -19.12 -84.58 -1.73
N LYS G 215 -19.87 -85.62 -2.10
CA LYS G 215 -20.50 -86.49 -1.11
C LYS G 215 -19.53 -87.57 -0.67
N ILE G 216 -19.50 -87.83 0.63
CA ILE G 216 -18.56 -88.78 1.21
C ILE G 216 -19.11 -90.20 1.02
N GLU G 217 -18.33 -91.04 0.34
CA GLU G 217 -18.69 -92.42 0.08
C GLU G 217 -17.70 -93.34 0.76
N PRO G 218 -18.16 -94.38 1.49
CA PRO G 218 -17.22 -95.27 2.18
C PRO G 218 -16.39 -96.11 1.24
N ARG G 219 -15.66 -97.07 1.80
CA ARG G 219 -14.72 -97.87 1.03
C ARG G 219 -15.09 -99.36 1.06
N ASP H 1 19.63 -51.60 19.15
CA ASP H 1 18.22 -51.51 19.51
C ASP H 1 17.94 -52.21 20.83
N ILE H 2 16.87 -51.80 21.50
CA ILE H 2 16.51 -52.34 22.81
C ILE H 2 15.69 -53.61 22.63
N LEU H 3 16.13 -54.69 23.27
CA LEU H 3 15.44 -55.97 23.22
C LEU H 3 14.43 -56.08 24.36
N MET H 4 13.20 -56.43 24.03
CA MET H 4 12.10 -56.53 24.99
C MET H 4 11.77 -58.00 25.19
N THR H 5 12.25 -58.57 26.29
CA THR H 5 11.98 -59.96 26.63
C THR H 5 10.71 -60.03 27.46
N GLN H 6 9.66 -60.61 26.90
CA GLN H 6 8.35 -60.72 27.54
C GLN H 6 8.14 -62.15 27.99
N SER H 7 7.70 -62.33 29.23
CA SER H 7 7.53 -63.65 29.81
C SER H 7 6.28 -63.68 30.69
N PRO H 8 5.53 -64.79 30.68
CA PRO H 8 5.78 -66.01 29.92
C PRO H 8 5.26 -65.96 28.49
N SER H 9 5.53 -66.99 27.69
CA SER H 9 5.00 -67.05 26.34
C SER H 9 3.49 -67.31 26.34
N SER H 10 2.99 -68.04 27.33
CA SER H 10 1.58 -68.34 27.44
C SER H 10 1.30 -68.86 28.85
N MET H 11 0.04 -68.79 29.26
CA MET H 11 -0.37 -69.27 30.57
C MET H 11 -1.82 -69.73 30.50
N SER H 12 -2.09 -70.84 31.19
CA SER H 12 -3.44 -71.39 31.29
C SER H 12 -3.99 -71.06 32.67
N VAL H 13 -5.06 -70.28 32.70
CA VAL H 13 -5.66 -69.79 33.93
C VAL H 13 -7.18 -69.83 33.81
N SER H 14 -7.86 -69.45 34.87
CA SER H 14 -9.31 -69.53 34.95
C SER H 14 -9.89 -68.14 35.26
N LEU H 15 -11.20 -68.01 35.05
CA LEU H 15 -11.89 -66.77 35.34
C LEU H 15 -11.71 -66.39 36.81
N GLY H 16 -11.59 -65.09 37.07
CA GLY H 16 -11.41 -64.59 38.41
C GLY H 16 -10.01 -64.71 38.96
N ASP H 17 -9.08 -65.31 38.23
CA ASP H 17 -7.71 -65.40 38.69
C ASP H 17 -7.01 -64.06 38.56
N THR H 18 -5.95 -63.89 39.35
CA THR H 18 -5.14 -62.67 39.36
C THR H 18 -3.76 -63.02 38.79
N VAL H 19 -3.53 -62.63 37.55
CA VAL H 19 -2.33 -63.01 36.81
C VAL H 19 -1.47 -61.79 36.56
N SER H 20 -0.18 -62.04 36.29
CA SER H 20 0.79 -60.97 36.11
C SER H 20 1.72 -61.33 34.96
N ILE H 21 1.73 -60.48 33.93
CA ILE H 21 2.69 -60.57 32.83
C ILE H 21 3.85 -59.63 33.13
N THR H 22 5.06 -60.02 32.73
CA THR H 22 6.25 -59.22 32.94
C THR H 22 6.93 -58.93 31.61
N CYS H 23 7.85 -57.96 31.64
CA CYS H 23 8.55 -57.50 30.45
C CYS H 23 9.89 -56.94 30.91
N HIS H 24 10.99 -57.49 30.36
CA HIS H 24 12.34 -57.14 30.77
C HIS H 24 13.10 -56.54 29.60
N ALA H 25 13.78 -55.43 29.85
CA ALA H 25 14.46 -54.67 28.80
C ALA H 25 15.97 -54.81 28.92
N SER H 26 16.66 -54.66 27.79
CA SER H 26 18.12 -54.74 27.77
C SER H 26 18.79 -53.59 28.51
N GLN H 27 18.04 -52.56 28.90
CA GLN H 27 18.56 -51.41 29.62
C GLN H 27 17.37 -50.65 30.20
N GLY H 28 17.67 -49.63 31.00
CA GLY H 28 16.62 -48.85 31.61
C GLY H 28 15.84 -48.03 30.58
N ILE H 29 14.55 -47.85 30.85
CA ILE H 29 13.68 -47.12 29.93
C ILE H 29 12.78 -46.17 30.71
N SER H 30 12.95 -46.13 32.03
CA SER H 30 12.27 -45.20 32.94
C SER H 30 10.78 -45.05 32.60
N SER H 31 10.06 -46.17 32.67
CA SER H 31 8.60 -46.21 32.60
C SER H 31 8.04 -45.75 31.26
N ASN H 32 8.87 -45.69 30.21
CA ASN H 32 8.38 -45.31 28.88
C ASN H 32 7.93 -46.55 28.11
N ILE H 33 6.91 -47.22 28.66
CA ILE H 33 6.47 -48.51 28.17
C ILE H 33 4.95 -48.53 28.07
N GLY H 34 4.43 -49.28 27.10
CA GLY H 34 3.01 -49.43 26.93
C GLY H 34 2.62 -50.89 26.87
N TRP H 35 1.32 -51.13 27.07
CA TRP H 35 0.76 -52.48 27.06
C TRP H 35 -0.42 -52.54 26.09
N LEU H 36 -0.51 -53.63 25.35
CA LEU H 36 -1.47 -53.76 24.25
C LEU H 36 -2.28 -55.04 24.40
N GLN H 37 -3.44 -55.05 23.74
CA GLN H 37 -4.35 -56.19 23.76
C GLN H 37 -4.90 -56.41 22.36
N GLN H 38 -4.77 -57.64 21.87
CA GLN H 38 -5.30 -58.04 20.57
C GLN H 38 -6.20 -59.25 20.79
N LYS H 39 -7.50 -59.02 20.79
CA LYS H 39 -8.46 -60.11 20.89
C LYS H 39 -8.40 -60.96 19.61
N PRO H 40 -8.67 -62.26 19.72
CA PRO H 40 -8.44 -63.18 18.59
C PRO H 40 -9.05 -62.68 17.30
N GLY H 41 -8.24 -62.67 16.25
CA GLY H 41 -8.70 -62.26 14.94
C GLY H 41 -9.20 -60.84 14.86
N LYS H 42 -8.60 -59.93 15.63
CA LYS H 42 -9.02 -58.54 15.66
C LYS H 42 -7.78 -57.66 15.76
N SER H 43 -7.99 -56.37 15.99
CA SER H 43 -6.90 -55.40 15.98
C SER H 43 -6.40 -55.18 17.41
N PHE H 44 -5.66 -54.09 17.65
CA PHE H 44 -5.06 -53.80 18.93
C PHE H 44 -5.81 -52.69 19.66
N MET H 45 -5.86 -52.80 20.98
CA MET H 45 -6.46 -51.80 21.85
C MET H 45 -5.44 -51.40 22.89
N GLY H 46 -5.26 -50.09 23.10
CA GLY H 46 -4.29 -49.62 24.07
C GLY H 46 -4.78 -49.85 25.48
N LEU H 47 -3.90 -50.39 26.33
CA LEU H 47 -4.19 -50.62 27.74
C LEU H 47 -3.50 -49.61 28.65
N ILE H 48 -2.17 -49.54 28.58
CA ILE H 48 -1.37 -48.69 29.46
C ILE H 48 -0.42 -47.86 28.62
N TYR H 49 -0.10 -46.66 29.10
CA TYR H 49 1.00 -45.88 28.58
C TYR H 49 1.74 -45.25 29.76
N TYR H 50 3.02 -44.97 29.54
CA TYR H 50 3.92 -44.46 30.58
C TYR H 50 3.90 -45.35 31.82
N GLY H 51 3.95 -46.66 31.58
CA GLY H 51 4.16 -47.62 32.64
C GLY H 51 2.95 -47.89 33.54
N THR H 52 2.20 -46.84 33.90
CA THR H 52 1.12 -46.99 34.87
C THR H 52 -0.20 -46.38 34.46
N ASN H 53 -0.23 -45.45 33.51
CA ASN H 53 -1.44 -44.70 33.21
C ASN H 53 -2.38 -45.49 32.32
N LEU H 54 -3.67 -45.45 32.65
CA LEU H 54 -4.68 -46.20 31.92
C LEU H 54 -5.16 -45.43 30.68
N VAL H 55 -5.26 -46.14 29.57
CA VAL H 55 -5.88 -45.58 28.37
C VAL H 55 -7.36 -45.37 28.63
N ASP H 56 -7.92 -44.29 28.09
CA ASP H 56 -9.31 -43.96 28.32
C ASP H 56 -10.22 -45.07 27.81
N GLY H 57 -11.14 -45.51 28.69
CA GLY H 57 -12.08 -46.57 28.38
C GLY H 57 -11.74 -47.91 28.99
N VAL H 58 -10.46 -48.14 29.29
CA VAL H 58 -10.01 -49.45 29.79
C VAL H 58 -10.50 -49.64 31.22
N PRO H 59 -10.96 -50.84 31.60
CA PRO H 59 -11.38 -51.07 32.99
C PRO H 59 -10.22 -50.90 33.97
N SER H 60 -10.59 -50.77 35.24
CA SER H 60 -9.63 -50.54 36.31
C SER H 60 -9.01 -51.82 36.85
N ARG H 61 -9.51 -52.99 36.44
CA ARG H 61 -8.88 -54.24 36.85
C ARG H 61 -7.50 -54.42 36.23
N PHE H 62 -7.25 -53.78 35.10
CA PHE H 62 -5.90 -53.72 34.55
C PHE H 62 -5.07 -52.71 35.35
N SER H 63 -3.77 -52.98 35.45
CA SER H 63 -2.87 -52.08 36.16
C SER H 63 -1.41 -52.40 35.84
N GLY H 64 -0.64 -51.37 35.49
CA GLY H 64 0.77 -51.53 35.18
C GLY H 64 1.65 -51.01 36.30
N SER H 65 2.80 -51.65 36.47
CA SER H 65 3.76 -51.26 37.50
C SER H 65 5.17 -51.61 37.03
N GLY H 66 6.15 -51.21 37.81
CA GLY H 66 7.54 -51.49 37.53
C GLY H 66 8.34 -50.22 37.34
N SER H 67 9.65 -50.41 37.19
CA SER H 67 10.58 -49.31 37.00
C SER H 67 11.88 -49.87 36.44
N GLY H 68 12.80 -48.97 36.11
CA GLY H 68 14.09 -49.34 35.57
C GLY H 68 14.01 -50.14 34.29
N ALA H 69 14.23 -51.46 34.37
CA ALA H 69 14.17 -52.33 33.21
C ALA H 69 13.30 -53.56 33.44
N ASP H 70 12.34 -53.47 34.37
CA ASP H 70 11.46 -54.59 34.69
C ASP H 70 10.09 -54.04 35.03
N TYR H 71 9.09 -54.41 34.24
CA TYR H 71 7.74 -53.88 34.35
C TYR H 71 6.75 -55.04 34.37
N SER H 72 5.50 -54.73 34.68
CA SER H 72 4.51 -55.77 34.90
C SER H 72 3.12 -55.28 34.54
N LEU H 73 2.32 -56.17 33.96
CA LEU H 73 0.91 -55.95 33.70
C LEU H 73 0.11 -56.97 34.50
N THR H 74 -0.82 -56.48 35.32
CA THR H 74 -1.58 -57.34 36.22
C THR H 74 -3.07 -57.17 35.95
N ILE H 75 -3.80 -58.29 35.94
CA ILE H 75 -5.24 -58.31 35.73
C ILE H 75 -5.86 -58.99 36.94
N SER H 76 -6.61 -58.23 37.73
CA SER H 76 -7.31 -58.77 38.89
C SER H 76 -8.71 -59.22 38.47
N SER H 77 -9.06 -60.46 38.82
CA SER H 77 -10.35 -61.06 38.47
C SER H 77 -10.57 -61.06 36.97
N LEU H 78 -10.09 -62.11 36.29
CA LEU H 78 -10.18 -62.18 34.84
C LEU H 78 -11.63 -62.22 34.39
N ASP H 79 -11.91 -61.58 33.25
CA ASP H 79 -13.20 -61.64 32.60
C ASP H 79 -13.11 -62.55 31.38
N SER H 80 -14.28 -62.98 30.87
CA SER H 80 -14.31 -63.86 29.71
C SER H 80 -13.74 -63.21 28.46
N GLU H 81 -13.71 -61.87 28.41
CA GLU H 81 -13.13 -61.17 27.26
C GLU H 81 -11.62 -61.03 27.35
N ASP H 82 -11.05 -61.17 28.55
CA ASP H 82 -9.62 -60.92 28.75
C ASP H 82 -8.72 -61.98 28.12
N PHE H 83 -9.28 -63.10 27.65
CA PHE H 83 -8.48 -64.16 27.06
C PHE H 83 -8.06 -63.72 25.65
N ALA H 84 -6.84 -63.21 25.53
CA ALA H 84 -6.35 -62.69 24.25
C ALA H 84 -4.83 -62.57 24.34
N ASP H 85 -4.24 -61.99 23.29
CA ASP H 85 -2.80 -61.78 23.22
C ASP H 85 -2.44 -60.42 23.82
N TYR H 86 -1.28 -60.36 24.48
CA TYR H 86 -0.82 -59.14 25.13
C TYR H 86 0.64 -58.91 24.79
N TYR H 87 0.97 -57.68 24.38
CA TYR H 87 2.31 -57.29 24.02
C TYR H 87 2.75 -56.07 24.81
N CYS H 88 4.04 -56.00 25.14
CA CYS H 88 4.64 -54.78 25.64
C CYS H 88 5.44 -54.10 24.54
N VAL H 89 5.56 -52.78 24.66
CA VAL H 89 6.29 -51.97 23.68
C VAL H 89 6.99 -50.85 24.41
N GLN H 90 8.28 -50.67 24.13
CA GLN H 90 9.04 -49.57 24.70
C GLN H 90 9.15 -48.45 23.68
N TYR H 91 9.05 -47.21 24.16
CA TYR H 91 9.32 -46.04 23.33
C TYR H 91 10.32 -45.11 24.01
N ALA H 92 11.23 -45.68 24.79
CA ALA H 92 12.32 -44.88 25.37
C ALA H 92 13.29 -44.43 24.29
N GLN H 93 13.58 -45.28 23.32
CA GLN H 93 14.49 -44.95 22.24
C GLN H 93 13.89 -45.36 20.90
N LEU H 94 14.34 -44.70 19.85
CA LEU H 94 14.00 -45.11 18.49
C LEU H 94 15.08 -46.06 17.97
N PRO H 95 14.72 -47.17 17.33
CA PRO H 95 13.34 -47.55 16.97
C PRO H 95 12.55 -48.17 18.12
N TYR H 96 11.25 -47.92 18.17
CA TYR H 96 10.39 -48.63 19.11
C TYR H 96 10.49 -50.13 18.87
N THR H 97 10.48 -50.91 19.95
CA THR H 97 10.58 -52.35 19.84
C THR H 97 9.57 -53.01 20.77
N PHE H 98 9.04 -54.15 20.34
CA PHE H 98 7.97 -54.85 21.01
C PHE H 98 8.48 -56.10 21.73
N GLY H 99 7.57 -56.70 22.51
CA GLY H 99 7.86 -57.98 23.13
C GLY H 99 7.34 -59.15 22.32
N GLY H 100 7.74 -60.35 22.72
CA GLY H 100 7.38 -61.53 21.95
C GLY H 100 5.90 -61.83 21.96
N GLY H 101 5.21 -61.43 23.01
CA GLY H 101 3.77 -61.64 23.08
C GLY H 101 3.43 -62.70 24.11
N THR H 102 2.24 -62.54 24.71
CA THR H 102 1.76 -63.46 25.73
C THR H 102 0.28 -63.73 25.49
N LYS H 103 -0.08 -65.00 25.45
CA LYS H 103 -1.46 -65.41 25.20
C LYS H 103 -2.06 -66.02 26.46
N LEU H 104 -3.25 -65.55 26.83
CA LEU H 104 -3.98 -66.08 27.97
C LEU H 104 -4.99 -67.11 27.46
N GLU H 105 -4.89 -68.34 27.97
CA GLU H 105 -5.68 -69.46 27.49
C GLU H 105 -6.54 -70.01 28.62
N ILE H 106 -7.73 -70.49 28.28
CA ILE H 106 -8.63 -71.07 29.26
C ILE H 106 -8.08 -72.40 29.74
N LYS H 107 -7.98 -72.54 31.06
CA LYS H 107 -7.52 -73.80 31.64
C LYS H 107 -8.69 -74.77 31.79
N ARG H 108 -8.38 -76.06 31.66
CA ARG H 108 -9.39 -77.10 31.82
C ARG H 108 -8.68 -78.43 32.09
N ALA H 109 -9.49 -79.44 32.37
CA ALA H 109 -8.95 -80.76 32.67
C ALA H 109 -8.33 -81.37 31.42
N ASP H 110 -7.21 -82.08 31.63
CA ASP H 110 -6.52 -82.74 30.52
C ASP H 110 -7.47 -83.70 29.80
N ALA H 111 -7.21 -83.90 28.51
CA ALA H 111 -8.09 -84.71 27.68
C ALA H 111 -7.30 -85.27 26.51
N ALA H 112 -7.38 -86.59 26.31
CA ALA H 112 -6.69 -87.28 25.24
C ALA H 112 -7.36 -87.01 23.90
N PRO H 113 -6.61 -87.00 22.81
CA PRO H 113 -7.18 -86.69 21.49
C PRO H 113 -7.87 -87.89 20.86
N THR H 114 -8.80 -87.58 19.97
CA THR H 114 -9.51 -88.58 19.17
C THR H 114 -8.86 -88.62 17.80
N VAL H 115 -7.94 -89.57 17.61
CA VAL H 115 -7.19 -89.68 16.37
C VAL H 115 -8.05 -90.35 15.31
N SER H 116 -7.76 -90.02 14.04
CA SER H 116 -8.49 -90.59 12.91
C SER H 116 -7.65 -90.42 11.66
N ILE H 117 -7.34 -91.52 10.98
CA ILE H 117 -6.49 -91.49 9.80
C ILE H 117 -7.35 -91.73 8.56
N PHE H 118 -6.93 -91.13 7.44
CA PHE H 118 -7.70 -91.18 6.20
C PHE H 118 -6.79 -91.35 4.99
N PRO H 119 -6.96 -92.44 4.23
CA PRO H 119 -6.12 -92.66 3.04
C PRO H 119 -6.51 -91.71 1.92
N PRO H 120 -5.71 -91.64 0.85
CA PRO H 120 -6.07 -90.78 -0.27
C PRO H 120 -7.41 -91.17 -0.87
N SER H 121 -8.13 -90.16 -1.37
CA SER H 121 -9.36 -90.43 -2.08
C SER H 121 -9.05 -91.05 -3.45
N SER H 122 -10.09 -91.59 -4.08
CA SER H 122 -9.93 -92.09 -5.44
C SER H 122 -9.75 -90.95 -6.43
N GLU H 123 -10.40 -89.81 -6.19
CA GLU H 123 -10.27 -88.66 -7.07
C GLU H 123 -8.82 -88.20 -7.16
N GLN H 124 -8.16 -88.05 -6.01
CA GLN H 124 -6.78 -87.58 -6.00
C GLN H 124 -5.84 -88.57 -6.66
N LEU H 125 -6.05 -89.87 -6.41
CA LEU H 125 -5.15 -90.88 -6.96
C LEU H 125 -5.21 -90.92 -8.48
N THR H 126 -6.35 -90.59 -9.07
CA THR H 126 -6.49 -90.58 -10.52
C THR H 126 -5.84 -89.35 -11.17
N SER H 127 -5.39 -88.38 -10.36
CA SER H 127 -4.79 -87.17 -10.89
C SER H 127 -3.27 -87.13 -10.78
N GLY H 128 -2.66 -88.05 -10.02
CA GLY H 128 -1.21 -88.15 -9.92
C GLY H 128 -0.66 -87.86 -8.55
N GLY H 129 -1.49 -87.62 -7.55
CA GLY H 129 -1.02 -87.37 -6.20
C GLY H 129 -1.65 -88.31 -5.20
N ALA H 130 -1.27 -88.13 -3.94
CA ALA H 130 -1.77 -88.97 -2.85
C ALA H 130 -1.50 -88.31 -1.49
N SER H 131 -2.56 -88.03 -0.73
CA SER H 131 -2.45 -87.34 0.55
C SER H 131 -3.16 -88.16 1.63
N VAL H 132 -2.38 -88.68 2.57
CA VAL H 132 -2.93 -89.23 3.80
C VAL H 132 -3.21 -88.07 4.76
N VAL H 133 -4.29 -88.18 5.52
CA VAL H 133 -4.68 -87.16 6.48
C VAL H 133 -4.81 -87.81 7.84
N CYS H 134 -4.33 -87.11 8.88
CA CYS H 134 -4.39 -87.61 10.26
C CYS H 134 -4.95 -86.50 11.13
N PHE H 135 -6.22 -86.65 11.56
CA PHE H 135 -6.88 -85.69 12.43
C PHE H 135 -6.63 -86.05 13.89
N LEU H 136 -6.50 -85.03 14.73
CA LEU H 136 -6.30 -85.20 16.17
C LEU H 136 -7.16 -84.14 16.86
N ASN H 137 -8.35 -84.53 17.29
CA ASN H 137 -9.40 -83.60 17.69
C ASN H 137 -9.62 -83.60 19.20
N ASN H 138 -9.99 -82.44 19.72
CA ASN H 138 -10.47 -82.24 21.09
C ASN H 138 -9.48 -82.78 22.12
N PHE H 139 -8.49 -81.97 22.48
CA PHE H 139 -7.51 -82.39 23.48
C PHE H 139 -7.01 -81.18 24.24
N TYR H 140 -6.44 -81.45 25.42
CA TYR H 140 -5.85 -80.43 26.28
C TYR H 140 -4.78 -81.14 27.10
N PRO H 141 -3.60 -80.51 27.31
CA PRO H 141 -3.21 -79.18 26.85
C PRO H 141 -2.78 -79.15 25.38
N LYS H 142 -2.28 -77.99 24.94
CA LYS H 142 -2.00 -77.77 23.53
C LYS H 142 -0.71 -78.45 23.07
N ASP H 143 0.11 -78.96 23.98
CA ASP H 143 1.44 -79.45 23.66
C ASP H 143 1.34 -80.87 23.12
N ILE H 144 1.57 -81.04 21.81
CA ILE H 144 1.39 -82.33 21.15
C ILE H 144 2.42 -82.45 20.03
N ASN H 145 2.83 -83.69 19.74
CA ASN H 145 3.86 -83.99 18.75
C ASN H 145 3.40 -85.12 17.85
N VAL H 146 3.15 -84.81 16.57
CA VAL H 146 2.72 -85.80 15.59
C VAL H 146 3.95 -86.40 14.92
N LYS H 147 3.86 -87.68 14.56
CA LYS H 147 4.97 -88.40 13.94
C LYS H 147 4.40 -89.34 12.89
N TRP H 148 4.86 -89.20 11.65
CA TRP H 148 4.42 -90.04 10.55
C TRP H 148 5.41 -91.18 10.33
N LYS H 149 4.88 -92.37 10.07
CA LYS H 149 5.69 -93.56 9.84
C LYS H 149 5.20 -94.29 8.60
N ILE H 150 6.10 -94.48 7.63
CA ILE H 150 5.84 -95.29 6.44
C ILE H 150 6.58 -96.61 6.60
N ASP H 151 5.84 -97.71 6.57
CA ASP H 151 6.41 -99.04 6.83
C ASP H 151 7.23 -99.05 8.12
N GLY H 152 6.70 -98.36 9.15
CA GLY H 152 7.34 -98.29 10.45
C GLY H 152 8.45 -97.28 10.59
N SER H 153 8.90 -96.66 9.49
CA SER H 153 10.03 -95.74 9.53
C SER H 153 9.56 -94.30 9.46
N GLU H 154 10.16 -93.45 10.28
CA GLU H 154 9.73 -92.06 10.39
C GLU H 154 9.91 -91.33 9.06
N ARG H 155 9.04 -90.35 8.82
CA ARG H 155 9.08 -89.54 7.61
C ARG H 155 8.83 -88.08 8.00
N GLN H 156 9.70 -87.18 7.53
CA GLN H 156 9.61 -85.76 7.85
C GLN H 156 9.48 -84.86 6.64
N ASN H 157 9.75 -85.36 5.43
CA ASN H 157 9.71 -84.56 4.22
C ASN H 157 8.32 -84.68 3.58
N GLY H 158 7.62 -83.56 3.45
CA GLY H 158 6.30 -83.55 2.87
C GLY H 158 5.15 -83.52 3.86
N VAL H 159 5.37 -83.05 5.08
CA VAL H 159 4.35 -82.97 6.11
C VAL H 159 3.82 -81.55 6.17
N LEU H 160 2.52 -81.41 6.48
CA LEU H 160 1.86 -80.10 6.49
C LEU H 160 0.87 -80.09 7.65
N ASN H 161 1.24 -79.43 8.73
CA ASN H 161 0.45 -79.39 9.96
C ASN H 161 -0.37 -78.12 10.04
N SER H 162 -1.42 -78.16 10.85
CA SER H 162 -2.30 -77.02 11.05
C SER H 162 -3.08 -77.22 12.34
N TRP H 163 -3.15 -76.16 13.15
CA TRP H 163 -3.80 -76.20 14.45
C TRP H 163 -4.94 -75.19 14.50
N THR H 164 -5.83 -75.38 15.46
CA THR H 164 -6.91 -74.43 15.72
C THR H 164 -6.64 -73.66 17.01
N ASP H 165 -7.31 -72.53 17.14
CA ASP H 165 -7.32 -71.83 18.41
C ASP H 165 -8.19 -72.60 19.40
N GLN H 166 -8.13 -72.18 20.66
CA GLN H 166 -8.92 -72.81 21.71
C GLN H 166 -10.40 -72.73 21.35
N ASP H 167 -11.08 -73.88 21.41
CA ASP H 167 -12.48 -73.94 21.02
C ASP H 167 -13.35 -73.17 22.01
N SER H 168 -14.40 -72.52 21.47
CA SER H 168 -15.26 -71.70 22.30
C SER H 168 -16.05 -72.53 23.29
N LYS H 169 -16.50 -73.72 22.88
CA LYS H 169 -17.37 -74.54 23.72
C LYS H 169 -16.58 -75.25 24.83
N ASP H 170 -15.87 -76.31 24.48
CA ASP H 170 -15.18 -77.17 25.44
C ASP H 170 -13.77 -76.69 25.79
N SER H 171 -13.29 -75.64 25.13
CA SER H 171 -11.97 -75.06 25.41
C SER H 171 -10.85 -76.09 25.22
N THR H 172 -10.91 -76.79 24.09
CA THR H 172 -9.87 -77.73 23.70
C THR H 172 -9.23 -77.27 22.38
N TYR H 173 -8.24 -78.03 21.94
CA TYR H 173 -7.51 -77.74 20.70
C TYR H 173 -7.64 -78.93 19.76
N SER H 174 -7.18 -78.73 18.53
CA SER H 174 -7.25 -79.76 17.50
C SER H 174 -6.12 -79.53 16.51
N MET H 175 -5.83 -80.56 15.71
CA MET H 175 -4.68 -80.54 14.82
C MET H 175 -4.93 -81.38 13.59
N SER H 176 -4.45 -80.90 12.44
CA SER H 176 -4.58 -81.58 11.16
C SER H 176 -3.18 -81.76 10.56
N SER H 177 -2.73 -82.99 10.45
CA SER H 177 -1.46 -83.32 9.80
C SER H 177 -1.75 -83.98 8.46
N THR H 178 -1.06 -83.53 7.42
CA THR H 178 -1.30 -83.99 6.05
C THR H 178 0.03 -84.32 5.39
N LEU H 179 0.25 -85.61 5.12
CA LEU H 179 1.44 -86.09 4.44
C LEU H 179 1.13 -86.25 2.95
N THR H 180 1.88 -85.55 2.11
CA THR H 180 1.63 -85.52 0.67
C THR H 180 2.79 -86.17 -0.07
N LEU H 181 2.47 -87.16 -0.90
CA LEU H 181 3.43 -87.84 -1.75
C LEU H 181 2.92 -87.85 -3.18
N THR H 182 3.79 -88.27 -4.10
CA THR H 182 3.35 -88.56 -5.45
C THR H 182 2.62 -89.91 -5.46
N LYS H 183 1.86 -90.14 -6.54
CA LYS H 183 1.17 -91.42 -6.69
C LYS H 183 2.17 -92.57 -6.81
N ASP H 184 3.22 -92.38 -7.62
CA ASP H 184 4.23 -93.41 -7.81
C ASP H 184 4.89 -93.81 -6.50
N GLU H 185 5.20 -92.81 -5.66
CA GLU H 185 5.87 -93.09 -4.40
C GLU H 185 4.92 -93.61 -3.34
N TYR H 186 3.62 -93.35 -3.47
CA TYR H 186 2.66 -93.84 -2.50
C TYR H 186 2.51 -95.36 -2.57
N GLU H 187 2.68 -95.93 -3.76
CA GLU H 187 2.49 -97.37 -3.95
C GLU H 187 3.75 -98.18 -3.74
N ARG H 188 4.92 -97.53 -3.58
CA ARG H 188 6.12 -98.25 -3.22
C ARG H 188 6.03 -98.87 -1.83
N HIS H 189 5.13 -98.36 -0.98
CA HIS H 189 5.04 -98.78 0.41
C HIS H 189 3.60 -99.20 0.71
N ASN H 190 3.42 -99.87 1.85
CA ASN H 190 2.15 -100.50 2.17
C ASN H 190 1.51 -99.97 3.45
N SER H 191 2.28 -99.76 4.52
CA SER H 191 1.74 -99.37 5.82
C SER H 191 1.96 -97.89 6.07
N TYR H 192 0.89 -97.21 6.48
CA TYR H 192 0.93 -95.78 6.78
C TYR H 192 0.37 -95.53 8.17
N THR H 193 1.14 -94.82 8.99
CA THR H 193 0.83 -94.64 10.40
C THR H 193 1.07 -93.18 10.81
N CYS H 194 0.34 -92.73 11.83
CA CYS H 194 0.64 -91.45 12.47
C CYS H 194 0.57 -91.63 13.98
N GLU H 195 1.69 -91.39 14.66
CA GLU H 195 1.79 -91.53 16.11
C GLU H 195 1.62 -90.17 16.78
N ALA H 196 0.87 -90.17 17.88
CA ALA H 196 0.58 -88.96 18.64
C ALA H 196 1.20 -89.05 20.02
N THR H 197 1.88 -87.98 20.42
CA THR H 197 2.59 -87.93 21.70
C THR H 197 1.98 -86.83 22.57
N HIS H 198 1.23 -87.23 23.59
CA HIS H 198 0.56 -86.30 24.49
C HIS H 198 0.87 -86.66 25.93
N LYS H 199 0.78 -85.67 26.83
CA LYS H 199 1.07 -85.91 28.24
C LYS H 199 0.01 -86.78 28.91
N THR H 200 -1.09 -87.09 28.24
CA THR H 200 -2.13 -87.93 28.80
C THR H 200 -1.78 -89.41 28.79
N SER H 201 -0.86 -89.84 27.93
CA SER H 201 -0.55 -91.25 27.78
C SER H 201 0.93 -91.42 27.49
N THR H 202 1.64 -92.17 28.34
CA THR H 202 3.04 -92.48 28.09
C THR H 202 3.21 -93.24 26.78
N SER H 203 2.24 -94.09 26.44
CA SER H 203 2.26 -94.81 25.17
C SER H 203 1.66 -93.92 24.08
N PRO H 204 2.35 -93.75 22.95
CA PRO H 204 1.80 -92.91 21.87
C PRO H 204 0.53 -93.55 21.29
N ILE H 205 -0.49 -92.73 21.12
CA ILE H 205 -1.72 -93.20 20.49
C ILE H 205 -1.46 -93.40 19.00
N VAL H 206 -1.71 -94.62 18.52
CA VAL H 206 -1.34 -95.03 17.17
C VAL H 206 -2.61 -95.31 16.37
N LYS H 207 -2.63 -94.83 15.14
CA LYS H 207 -3.67 -95.18 14.17
C LYS H 207 -3.03 -95.31 12.80
N SER H 208 -3.42 -96.34 12.06
CA SER H 208 -2.75 -96.66 10.81
C SER H 208 -3.68 -97.45 9.92
N PHE H 209 -3.21 -97.70 8.69
CA PHE H 209 -3.93 -98.52 7.72
C PHE H 209 -2.91 -99.14 6.77
N ASN H 210 -3.40 -100.03 5.90
CA ASN H 210 -2.57 -100.68 4.91
C ASN H 210 -3.18 -100.48 3.52
N ARG H 211 -2.35 -100.07 2.57
CA ARG H 211 -2.79 -99.87 1.19
C ARG H 211 -3.32 -101.18 0.62
N ASN H 212 -4.17 -101.05 -0.42
CA ASN H 212 -4.81 -102.17 -1.10
C ASN H 212 -5.78 -102.91 -0.17
N GLU H 213 -5.29 -103.27 1.01
CA GLU H 213 -6.11 -103.99 1.98
C GLU H 213 -7.22 -103.09 2.55
N CYS H 214 -8.44 -103.62 2.62
CA CYS H 214 -9.53 -102.97 3.34
C CYS H 214 -10.57 -104.01 3.79
C1 NAG I . 4.27 7.54 10.79
C2 NAG I . 3.75 6.13 10.49
C3 NAG I . 2.83 6.12 9.27
C4 NAG I . 1.77 7.23 9.34
C5 NAG I . 2.45 8.56 9.64
C6 NAG I . 1.48 9.70 9.81
C7 NAG I . 5.37 4.43 11.22
C8 NAG I . 6.51 3.55 10.80
N2 NAG I . 4.87 5.22 10.27
O3 NAG I . 2.18 4.86 9.20
O4 NAG I . 1.13 7.31 8.08
O5 NAG I . 3.19 8.45 10.86
O6 NAG I . 0.65 9.51 10.95
O7 NAG I . 4.93 4.41 12.36
C1 NAG I . -0.29 7.14 8.22
C2 NAG I . -0.92 7.86 7.02
C3 NAG I . -2.44 7.72 7.07
C4 NAG I . -2.85 6.26 7.21
C5 NAG I . -2.10 5.58 8.35
C6 NAG I . -2.34 4.09 8.42
C7 NAG I . 0.43 9.74 6.20
C8 NAG I . 0.71 11.21 6.31
N2 NAG I . -0.53 9.26 7.00
O3 NAG I . -2.98 8.28 5.87
O4 NAG I . -4.25 6.18 7.48
O5 NAG I . -0.68 5.77 8.19
O6 NAG I . -1.75 3.42 7.31
O7 NAG I . 1.05 9.01 5.42
C1 BMA I . -4.98 5.97 6.26
C2 BMA I . -6.16 5.07 6.57
C3 BMA I . -6.97 4.82 5.30
C4 BMA I . -7.26 6.12 4.50
C5 BMA I . -6.00 7.06 4.42
C6 BMA I . -6.34 8.46 3.89
O2 BMA I . -7.05 5.72 7.48
O3 BMA I . -8.20 4.15 5.61
O4 BMA I . -7.69 5.79 3.18
O5 BMA I . -5.43 7.20 5.71
O6 BMA I . -5.16 9.27 3.91
C1 MAN I . -8.10 2.74 5.31
C2 MAN I . -9.54 2.15 5.30
C3 MAN I . -10.11 2.15 6.72
C4 MAN I . -9.13 1.50 7.71
C5 MAN I . -7.76 2.16 7.62
C6 MAN I . -6.71 1.51 8.51
O2 MAN I . -9.56 0.77 4.88
O3 MAN I . -11.38 1.50 6.79
O4 MAN I . -9.63 1.64 9.04
O5 MAN I . -7.29 2.08 6.25
O6 MAN I . -5.48 2.22 8.31
C1 MAN I . -5.25 10.21 2.81
C2 MAN I . -4.45 9.63 1.58
C3 MAN I . -2.95 9.75 1.78
C4 MAN I . -2.57 11.20 2.12
C5 MAN I . -3.31 11.64 3.40
C6 MAN I . -3.02 13.09 3.77
O2 MAN I . -4.74 10.37 0.39
O3 MAN I . -2.22 9.31 0.64
O4 MAN I . -1.17 11.30 2.32
O5 MAN I . -4.76 11.51 3.22
O6 MAN I . -1.69 13.17 4.29
C1 NAG J . 3.59 43.87 17.25
C2 NAG J . 3.59 44.91 18.39
C3 NAG J . 2.25 45.64 18.47
C4 NAG J . 1.80 46.13 17.09
C5 NAG J . 1.84 44.98 16.09
C6 NAG J . 1.47 45.39 14.70
C7 NAG J . 5.14 44.14 20.14
C8 NAG J . 5.27 43.46 21.46
N2 NAG J . 3.89 44.28 19.66
O3 NAG J . 2.41 46.75 19.34
O4 NAG J . 0.47 46.62 17.17
O5 NAG J . 3.17 44.47 16.04
O6 NAG J . 1.26 44.26 13.86
O7 NAG J . 6.11 44.56 19.51
C1 NAG J . 0.47 48.05 16.98
C2 NAG J . -0.94 48.51 17.38
C3 NAG J . -1.05 50.04 17.30
C4 NAG J . 0.08 50.69 18.08
C5 NAG J . 1.42 50.15 17.61
C6 NAG J . 2.60 50.71 18.37
C7 NAG J . -2.72 46.88 16.89
C8 NAG J . -2.54 46.40 18.31
N2 NAG J . -1.93 47.89 16.51
O3 NAG J . -2.32 50.43 17.83
O4 NAG J . 0.05 52.11 17.89
O5 NAG J . 1.44 48.73 17.79
O6 NAG J . 2.78 52.09 18.12
O7 NAG J . -3.55 46.37 16.15
C1 NAG K . -13.69 -6.60 -13.83
C2 NAG K . -13.91 -5.12 -13.54
C3 NAG K . -15.19 -4.91 -12.73
C4 NAG K . -16.36 -5.64 -13.37
C5 NAG K . -16.00 -7.09 -13.67
C6 NAG K . -17.06 -7.83 -14.45
C7 NAG K . -12.10 -3.49 -13.24
C8 NAG K . -10.94 -3.07 -12.38
N2 NAG K . -12.76 -4.57 -12.83
O3 NAG K . -15.46 -3.51 -12.66
O4 NAG K . -17.46 -5.62 -12.45
O5 NAG K . -14.82 -7.13 -14.48
O6 NAG K . -17.37 -7.13 -15.65
O7 NAG K . -12.39 -2.90 -14.27
C1 NAG K . -18.67 -5.12 -13.09
C2 NAG K . -19.81 -5.45 -12.14
C3 NAG K . -21.13 -4.94 -12.72
C4 NAG K . -21.04 -3.48 -13.11
C5 NAG K . -19.80 -3.21 -13.97
C6 NAG K . -19.54 -1.75 -14.23
C7 NAG K . -19.46 -7.45 -10.76
C8 NAG K . -19.60 -8.95 -10.68
N2 NAG K . -19.87 -6.88 -11.89
O3 NAG K . -22.14 -5.11 -11.72
O4 NAG K . -22.19 -3.12 -13.89
O5 NAG K . -18.62 -3.73 -13.32
O6 NAG K . -18.99 -1.08 -13.10
O7 NAG K . -19.00 -6.79 -9.83
C1 BMA K . -23.16 -2.45 -13.06
C2 BMA K . -23.94 -1.49 -13.95
C3 BMA K . -25.01 -0.77 -13.13
C4 BMA K . -25.89 -1.76 -12.34
C5 BMA K . -25.01 -2.77 -11.57
C6 BMA K . -25.84 -3.89 -10.92
O2 BMA K . -24.64 -2.21 -14.96
O3 BMA K . -25.81 0.10 -13.95
O4 BMA K . -26.70 -1.03 -11.42
O5 BMA K . -24.06 -3.38 -12.45
O6 BMA K . -26.66 -3.30 -9.92
C1 MAN K . -25.53 1.49 -13.64
C2 MAN K . -26.57 2.38 -14.37
C3 MAN K . -26.38 2.30 -15.90
C4 MAN K . -24.90 2.50 -16.31
C5 MAN K . -23.94 1.67 -15.44
C6 MAN K . -22.48 2.01 -15.65
O2 MAN K . -26.42 3.77 -14.05
O3 MAN K . -27.19 3.25 -16.57
O4 MAN K . -24.74 2.11 -17.68
O5 MAN K . -24.23 1.85 -14.03
O6 MAN K . -21.76 1.39 -14.60
C1 NAG L . -20.48 -40.82 -21.87
C2 NAG L . -20.21 -42.15 -22.60
C3 NAG L . -21.42 -42.60 -23.41
C4 NAG L . -22.69 -42.53 -22.60
C5 NAG L . -22.82 -41.15 -21.97
C6 NAG L . -24.07 -40.97 -21.13
C7 NAG L . -17.84 -42.47 -23.14
C8 NAG L . -16.76 -42.24 -24.15
N2 NAG L . -19.05 -42.01 -23.46
O3 NAG L . -21.18 -43.94 -23.83
O4 NAG L . -23.80 -42.77 -23.47
O5 NAG L . -21.69 -40.93 -21.12
O6 NAG L . -23.88 -41.50 -19.81
O7 NAG L . -17.63 -43.04 -22.08
C1 NAG L . -24.25 -44.12 -23.18
C2 NAG L . -25.70 -44.18 -23.65
C3 NAG L . -26.27 -45.57 -23.37
C4 NAG L . -25.41 -46.63 -24.04
C5 NAG L . -23.93 -46.46 -23.63
C6 NAG L . -23.00 -47.38 -24.39
C7 NAG L . -26.87 -42.02 -23.59
C8 NAG L . -26.44 -41.85 -25.02
N2 NAG L . -26.50 -43.15 -22.99
O3 NAG L . -27.60 -45.64 -23.86
O4 NAG L . -25.85 -47.93 -23.66
O5 NAG L . -23.49 -45.12 -23.89
O6 NAG L . -22.65 -46.85 -25.66
O7 NAG L . -27.52 -41.17 -23.01
S SO4 M . 0.11 -1.35 56.48
O1 SO4 M . 0.14 0.00 57.04
O2 SO4 M . -0.65 -2.23 57.38
O3 SO4 M . -0.52 -1.30 55.16
O4 SO4 M . 1.46 -1.89 56.34
S SO4 N . -19.86 14.28 35.26
O1 SO4 N . -20.96 14.42 36.20
O2 SO4 N . -18.73 13.67 35.96
O3 SO4 N . -19.45 15.59 34.74
O4 SO4 N . -20.27 13.45 34.13
CA CA O . -21.10 -14.16 20.72
CA CA P . -23.23 -1.24 26.81
CA CA Q . -23.26 2.15 39.42
CA CA R . -19.33 -6.40 50.12
S SO4 S . -8.41 -1.76 10.36
O1 SO4 S . -7.50 -0.93 11.15
O2 SO4 S . -9.20 -2.62 11.25
O3 SO4 S . -9.32 -0.92 9.59
O4 SO4 S . -7.65 -2.61 9.44
S SO4 T . -4.69 -9.59 8.03
O1 SO4 T . -4.88 -8.22 8.51
O2 SO4 T . -4.10 -10.41 9.10
O3 SO4 T . -5.96 -10.19 7.64
O4 SO4 T . -3.78 -9.57 6.88
MN MN U . 19.88 -5.80 15.39
MN MN V . 22.02 -3.97 8.76
MN MN W . 16.68 -7.05 20.36
C1 NAG X . 8.86 50.41 22.53
C2 NAG X . 10.40 50.49 22.32
C3 NAG X . 10.78 51.69 21.42
C4 NAG X . 9.90 51.78 20.18
C5 NAG X . 8.44 51.81 20.60
C6 NAG X . 7.47 51.93 19.45
C7 NAG X . 12.17 49.98 23.99
C8 NAG X . 12.65 50.26 25.38
N2 NAG X . 11.05 50.61 23.62
O3 NAG X . 12.14 51.58 21.05
O4 NAG X . 10.22 52.95 19.43
O5 NAG X . 8.18 50.57 21.26
O6 NAG X . 7.51 50.79 18.60
O7 NAG X . 12.75 49.20 23.23
C10 N9U Y . 20.35 -9.07 15.82
C13 N9U Y . 17.98 -9.63 15.50
O11 N9U Y . 21.30 -9.55 16.56
O12 N9U Y . 20.23 -7.78 15.70
C22 N9U Y . 12.13 -12.00 12.48
C23 N9U Y . 10.74 -12.78 12.40
C24 N9U Y . 9.56 -12.06 12.23
C25 N9U Y . 8.34 -12.73 12.16
C26 N9U Y . 10.71 -14.17 12.49
C27 N9U Y . 9.51 -14.84 12.41
C28 N9U Y . 8.31 -14.12 12.25
C15 N9U Y . 16.17 -10.69 14.13
C17 N9U Y . 15.18 -11.84 13.92
C18 N9U Y . 14.23 -11.53 12.92
C29 N9U Y . 6.99 -14.85 12.17
C19 N9U Y . 13.24 -12.63 12.77
C01 N9U Y . 19.02 -8.90 9.81
C02 N9U Y . 19.49 -10.29 10.17
C03 N9U Y . 19.82 -10.40 11.63
C04 N9U Y . 19.94 -11.88 12.15
C06 N9U Y . 20.12 -12.29 14.54
C09 N9U Y . 19.39 -10.00 15.13
N08 N9U Y . 19.67 -11.35 15.49
N14 N9U Y . 17.06 -10.71 15.30
N21 N9U Y . 12.12 -10.57 12.72
N30 N9U Y . 5.98 -14.42 11.23
N31 N9U Y . 6.74 -15.88 12.97
O05 N9U Y . 20.74 -11.84 13.33
O07 N9U Y . 20.00 -13.50 14.75
O16 N9U Y . 16.23 -9.74 13.33
O20 N9U Y . 13.37 -10.33 13.33
S SO4 Z . 13.11 15.34 -27.00
O1 SO4 Z . 12.17 14.36 -26.46
O2 SO4 Z . 14.30 15.40 -26.14
O3 SO4 Z . 12.50 16.67 -27.04
O4 SO4 Z . 13.49 14.94 -28.35
S SO4 AA . -26.44 -7.68 -45.61
O1 SO4 AA . -26.97 -6.80 -44.58
O2 SO4 AA . -26.17 -8.99 -45.02
O3 SO4 AA . -27.41 -7.80 -46.70
O4 SO4 AA . -25.20 -7.14 -46.16
S SO4 BA . -18.53 12.06 -13.41
O1 SO4 BA . -19.62 12.98 -13.76
O2 SO4 BA . -18.12 12.23 -12.01
O3 SO4 BA . -18.95 10.68 -13.63
O4 SO4 BA . -17.38 12.35 -14.25
CL CL CA . 4.14 1.10 -56.11
CL CL DA . -8.22 13.26 -63.81
CA CA EA . -25.98 20.97 -31.72
CA CA FA . -28.84 8.62 -39.05
CA CA GA . -24.15 5.02 -50.83
CA CA HA . -14.03 11.69 -57.99
S SO4 IA . -23.17 5.80 -17.78
O1 SO4 IA . -24.54 5.94 -17.27
O2 SO4 IA . -22.31 5.33 -16.69
O3 SO4 IA . -22.71 7.10 -18.25
O4 SO4 IA . -23.18 4.84 -18.88
MN MN JA . 4.87 2.55 -9.93
MN MN KA . 5.67 -1.05 -1.97
MN MN LA . 4.61 4.33 -15.65
C1 NAG MA . -16.11 -48.67 -24.63
C2 NAG MA . -14.99 -49.30 -23.78
C3 NAG MA . -15.50 -50.55 -23.07
C4 NAG MA . -16.75 -50.24 -22.26
C5 NAG MA . -17.80 -49.58 -23.15
C6 NAG MA . -19.02 -49.11 -22.39
C7 NAG MA . -12.58 -49.30 -24.27
C8 NAG MA . -11.52 -49.73 -25.24
N2 NAG MA . -13.83 -49.62 -24.61
O3 NAG MA . -14.48 -51.05 -22.21
O4 NAG MA . -17.30 -51.42 -21.69
O5 NAG MA . -17.25 -48.42 -23.79
O6 NAG MA . -19.69 -48.06 -23.09
O7 NAG MA . -12.30 -48.70 -23.23
CL CL NA . 3.19 -30.37 -15.53
C10 N9U OA . 6.45 5.50 -9.84
C13 N9U OA . 4.24 6.49 -10.46
O11 N9U OA . 7.71 5.81 -9.80
O12 N9U OA . 6.10 4.30 -10.17
C22 N9U OA . -1.51 10.47 -10.44
C23 N9U OA . -2.65 11.52 -10.77
C24 N9U OA . -3.98 11.09 -10.92
C25 N9U OA . -4.97 12.01 -11.23
C26 N9U OA . -2.34 12.88 -10.93
C27 N9U OA . -3.34 13.78 -11.22
C28 N9U OA . -4.66 13.36 -11.37
C15 N9U OA . 2.36 8.11 -10.05
C17 N9U OA . 1.73 9.48 -10.24
C18 N9U OA . 0.36 9.53 -9.82
C29 N9U OA . -5.77 14.36 -11.70
C19 N9U OA . -0.29 10.82 -10.15
C01 N9U OA . 2.12 6.68 -4.67
C02 N9U OA . 2.98 7.82 -5.12
C03 N9U OA . 4.03 7.38 -6.11
C04 N9U OA . 4.79 8.59 -6.75
C06 N9U OA . 6.57 8.42 -8.39
C09 N9U OA . 5.41 6.54 -9.50
N08 N9U OA . 5.96 7.87 -9.53
N14 N9U OA . 3.66 7.79 -10.65
N21 N9U OA . -1.73 9.08 -10.74
N30 N9U OA . -7.15 14.06 -11.38
N31 N9U OA . -5.47 15.52 -12.29
O05 N9U OA . 6.10 8.13 -7.08
O07 N9U OA . 7.55 9.18 -8.53
O16 N9U OA . 1.77 7.23 -9.38
O20 N9U OA . -0.47 8.48 -10.59
S SO4 PA . 13.50 -45.37 36.60
O1 SO4 PA . 12.84 -44.12 36.25
O2 SO4 PA . 13.75 -45.38 38.05
O3 SO4 PA . 12.64 -46.50 36.26
O4 SO4 PA . 14.75 -45.48 35.86
#